data_9DL3
#
_entry.id   9DL3
#
_cell.length_a   100.961
_cell.length_b   102.330
_cell.length_c   127.061
_cell.angle_alpha   90.00
_cell.angle_beta   105.96
_cell.angle_gamma   90.00
#
_symmetry.space_group_name_H-M   'P 1 21 1'
#
loop_
_entity.id
_entity.type
_entity.pdbx_description
1 polymer 'Bifunctional protein PutA'
2 non-polymer 'FLAVIN-ADENINE DINUCLEOTIDE'
3 non-polymer 'TRIETHYLENE GLYCOL'
4 non-polymer 'quinoline-2-carboxylic acid'
5 non-polymer DI(HYDROXYETHYL)ETHER
6 non-polymer 'FORMIC ACID'
7 non-polymer 'SULFATE ION'
8 non-polymer 'MAGNESIUM ION'
9 non-polymer 'TETRAETHYLENE GLYCOL'
10 water water
#
_entity_poly.entity_id   1
_entity_poly.type   'polypeptide(L)'
_entity_poly.pdbx_seq_one_letter_code
;SMMSPNPLQKPAIDAAPAPFADFAPPVRPQSTLRRAITAAYRRPETECLPPLVEAATQSKEIRDAAASTARKLIEALRGK
HSGSGVEGLVQEYSLSSQEGVALMCLAEALLRIPDTATRDALIRDKIADGNWKSHLGGSRSLFVNAATWGLVVTGKLTST
VNDRSLAAALTRLISRCGEPVIRRGVDMAMRMMGEQFVTGETIREALKRSKELEEKGFSYSYDMLGEAATTAADAERYYR
DYESAIHAIGKASAGRGIYEGPGISIKLSALHPRYSRAQAARVMGELLPRVKALALLAKNYDIGLNIDAEEADRLELSLD
LLEVLCLDGDLSGWNGMGFVVQAYGKRCPFVLDFIIDLARRSGRRIMVRLVKGAYWDAEIKRAQLDGLADFPVFTRKIHT
DVSYIACAAKLLAATDVVFPQFATHNAQTLAAIYHMAGKDFHVGKYEFQCLHGMGEPLYEEVVGRGKLDRPCRIYAPVGT
HETLLAYLVRRLLENGANSSFVHRINDPKVSIDELIADPVEVVRAMPVVGAKHDRIALPAELFGDARTNSAGLDLSNEET
LASLTEALRESAAMKWTALPQLATGPAAGETRTVLNPGDHRDVVGSVTETSEEDARRAVRLAADAAPDWAAVPPSERAAC
LDRAAELMQARMPTLLGLIIREAGKSALNAIAEVREAIDFLRYYAEQTRRTLGPGHGPLGPIVCISPWNFPLAIFTGQIA
AALVAGNPVLAKPAEETPLIAAEGVRILREAGIPASALQLLPGDGRVGAALVAAAETAGVMFTGSTEVARLIQAQLADRL
SPAGRPIPLIAETGGQNAMIVDSSALAEQVVGDVITSAFDSAGQRCSALRVLCLQEDVADRILTMLKGALHELHIGRTDR
LSVDVGPVITSEAKDNIEKHIERMRGLGRKVEQIGLASETGVGTFVPPTIIELEKLSDLQREVFGPVLHVIRYRRDDLDR
LVDDVNATGYGLTFGLHTRLDETIAHVTSRIKAGNLYINRNIIGAVVGVQPFGGRGLSGTGPKAGGPLYLGRLVTTAPVP
PQHSSVHTDPVLLDFAKWLDGKGARAEAEAARNAGSSSALGLDLELPGPVGERNLYTLHARGRILLVPATESGLYHQLAA
ALATGNSVAIDAASGLQASLKNLPQTVGLRVSWSKDWAADGPFAGALVEGDAERIRAVNKAIAALPGPLLLVQAASSGEI
ARNPDAYCLNWLVEEVSASINTAAAGGNASLMAIG
;
_entity_poly.pdbx_strand_id   A,B
#
loop_
_chem_comp.id
_chem_comp.type
_chem_comp.name
_chem_comp.formula
FAD non-polymer 'FLAVIN-ADENINE DINUCLEOTIDE' 'C27 H33 N9 O15 P2'
FMT non-polymer 'FORMIC ACID' 'C H2 O2'
MG non-polymer 'MAGNESIUM ION' 'Mg 2'
PEG non-polymer DI(HYDROXYETHYL)ETHER 'C4 H10 O3'
PG4 non-polymer 'TETRAETHYLENE GLYCOL' 'C8 H18 O5'
PGE non-polymer 'TRIETHYLENE GLYCOL' 'C6 H14 O4'
QNC non-polymer 'quinoline-2-carboxylic acid' 'C10 H7 N O2'
SO4 non-polymer 'SULFATE ION' 'O4 S -2'
#
# COMPACT_ATOMS: atom_id res chain seq x y z
N ALA A 16 -3.64 -54.78 26.09
CA ALA A 16 -3.36 -53.42 25.64
C ALA A 16 -1.93 -53.30 25.11
N PRO A 17 -1.77 -52.80 23.88
CA PRO A 17 -0.43 -52.51 23.36
C PRO A 17 0.31 -51.58 24.31
N ALA A 18 1.62 -51.77 24.40
CA ALA A 18 2.44 -50.87 25.20
C ALA A 18 2.46 -49.48 24.57
N PRO A 19 2.32 -48.42 25.37
CA PRO A 19 2.26 -47.07 24.79
C PRO A 19 3.49 -46.75 23.95
N PHE A 20 3.24 -46.34 22.71
CA PHE A 20 4.26 -45.89 21.75
C PHE A 20 5.16 -47.00 21.26
N ALA A 21 4.84 -48.27 21.54
CA ALA A 21 5.66 -49.38 21.05
C ALA A 21 5.65 -49.49 19.53
N ASP A 22 4.63 -48.95 18.88
CA ASP A 22 4.55 -48.93 17.41
C ASP A 22 4.32 -47.52 16.91
N PHE A 23 4.96 -46.53 17.52
CA PHE A 23 4.67 -45.14 17.19
C PHE A 23 4.92 -44.84 15.71
N ALA A 24 6.13 -45.14 15.22
CA ALA A 24 6.49 -44.78 13.86
C ALA A 24 7.68 -45.61 13.37
N PRO A 25 7.57 -46.94 13.38
CA PRO A 25 8.71 -47.76 12.96
C PRO A 25 9.02 -47.51 11.50
N PRO A 26 10.30 -47.39 11.15
CA PRO A 26 10.65 -47.14 9.75
C PRO A 26 10.24 -48.32 8.87
N VAL A 27 10.04 -48.03 7.59
CA VAL A 27 9.73 -49.07 6.61
C VAL A 27 10.78 -50.18 6.65
N ARG A 28 12.04 -49.80 6.81
CA ARG A 28 13.17 -50.73 6.79
C ARG A 28 14.27 -50.15 7.67
N PRO A 29 15.18 -50.98 8.17
CA PRO A 29 16.33 -50.45 8.90
C PRO A 29 17.09 -49.49 8.01
N GLN A 30 17.54 -48.38 8.60
CA GLN A 30 18.15 -47.31 7.83
C GLN A 30 19.62 -47.66 7.59
N SER A 31 19.98 -47.87 6.33
CA SER A 31 21.36 -48.16 5.97
C SER A 31 22.23 -46.94 6.21
N THR A 32 23.55 -47.16 6.11
CA THR A 32 24.51 -46.06 6.16
C THR A 32 24.19 -45.00 5.12
N LEU A 33 23.90 -45.41 3.88
CA LEU A 33 23.58 -44.43 2.84
C LEU A 33 22.28 -43.69 3.13
N ARG A 34 21.26 -44.42 3.61
CA ARG A 34 20.01 -43.74 3.93
C ARG A 34 20.19 -42.77 5.09
N ARG A 35 21.01 -43.15 6.07
CA ARG A 35 21.25 -42.25 7.21
C ARG A 35 21.94 -40.98 6.78
N ALA A 36 22.85 -41.07 5.79
CA ALA A 36 23.52 -39.86 5.33
C ALA A 36 22.55 -38.91 4.62
N ILE A 37 21.50 -39.45 3.98
CA ILE A 37 20.45 -38.60 3.42
C ILE A 37 19.73 -37.87 4.54
N THR A 38 19.22 -38.61 5.50
CA THR A 38 18.44 -38.02 6.59
C THR A 38 19.26 -36.96 7.31
N ALA A 39 20.54 -37.23 7.52
CA ALA A 39 21.40 -36.31 8.26
C ALA A 39 21.56 -34.97 7.55
N ALA A 40 21.30 -34.92 6.24
CA ALA A 40 21.47 -33.70 5.47
C ALA A 40 20.18 -32.90 5.32
N TYR A 41 19.06 -33.42 5.86
CA TYR A 41 17.73 -32.90 5.54
C TYR A 41 17.65 -31.38 5.67
N ARG A 42 18.15 -30.84 6.78
CA ARG A 42 18.07 -29.40 6.99
C ARG A 42 19.44 -28.85 7.37
N ARG A 43 20.48 -29.44 6.80
CA ARG A 43 21.85 -29.01 7.04
C ARG A 43 22.01 -27.53 6.72
N PRO A 44 22.73 -26.77 7.54
CA PRO A 44 22.90 -25.33 7.25
C PRO A 44 23.49 -25.13 5.87
N GLU A 45 22.99 -24.10 5.19
CA GLU A 45 23.38 -23.84 3.82
C GLU A 45 24.89 -23.63 3.69
N THR A 46 25.53 -23.07 4.73
CA THR A 46 26.97 -22.88 4.68
C THR A 46 27.73 -24.19 4.77
N GLU A 47 27.13 -25.24 5.34
CA GLU A 47 27.80 -26.53 5.35
C GLU A 47 27.56 -27.28 4.05
N CYS A 48 26.44 -27.03 3.38
CA CYS A 48 26.13 -27.73 2.15
C CYS A 48 27.04 -27.31 1.00
N LEU A 49 27.28 -26.02 0.86
CA LEU A 49 27.83 -25.53 -0.40
C LEU A 49 29.31 -25.87 -0.66
N PRO A 50 30.21 -25.89 0.32
CA PRO A 50 31.65 -26.10 0.00
C PRO A 50 31.93 -27.41 -0.73
N PRO A 51 31.38 -28.56 -0.31
CA PRO A 51 31.62 -29.76 -1.11
C PRO A 51 30.92 -29.74 -2.46
N LEU A 52 29.81 -29.03 -2.61
CA LEU A 52 29.22 -28.90 -3.95
C LEU A 52 30.09 -28.05 -4.85
N VAL A 53 30.63 -26.94 -4.32
CA VAL A 53 31.56 -26.12 -5.10
C VAL A 53 32.75 -26.95 -5.55
N GLU A 54 33.30 -27.77 -4.65
CA GLU A 54 34.46 -28.58 -5.00
C GLU A 54 34.11 -29.60 -6.09
N ALA A 55 32.99 -30.30 -5.90
CA ALA A 55 32.55 -31.28 -6.89
C ALA A 55 32.25 -30.65 -8.24
N ALA A 56 31.79 -29.39 -8.26
CA ALA A 56 31.39 -28.69 -9.48
C ALA A 56 32.55 -28.00 -10.16
N THR A 57 33.73 -28.02 -9.56
CA THR A 57 34.87 -27.29 -10.07
C THR A 57 35.39 -27.95 -11.34
N GLN A 58 35.63 -27.15 -12.37
CA GLN A 58 36.13 -27.60 -13.66
C GLN A 58 37.31 -26.73 -14.06
N SER A 59 38.11 -27.24 -15.00
CA SER A 59 39.30 -26.53 -15.43
C SER A 59 38.96 -25.18 -16.05
N LYS A 60 39.94 -24.29 -16.06
CA LYS A 60 39.80 -23.03 -16.77
C LYS A 60 39.46 -23.25 -18.25
N GLU A 61 40.11 -24.24 -18.88
CA GLU A 61 39.84 -24.50 -20.30
C GLU A 61 38.38 -24.91 -20.50
N ILE A 62 37.87 -25.79 -19.63
CA ILE A 62 36.48 -26.21 -19.77
C ILE A 62 35.54 -25.05 -19.50
N ARG A 63 35.82 -24.26 -18.45
CA ARG A 63 34.95 -23.14 -18.12
C ARG A 63 34.91 -22.13 -19.26
N ASP A 64 36.04 -21.91 -19.93
CA ASP A 64 36.06 -21.04 -21.10
C ASP A 64 35.21 -21.61 -22.22
N ALA A 65 35.38 -22.90 -22.50
CA ALA A 65 34.62 -23.51 -23.59
C ALA A 65 33.13 -23.54 -23.28
N ALA A 66 32.79 -23.78 -22.01
CA ALA A 66 31.38 -23.79 -21.64
C ALA A 66 30.75 -22.41 -21.79
N ALA A 67 31.45 -21.36 -21.38
CA ALA A 67 30.90 -20.02 -21.54
C ALA A 67 30.70 -19.68 -23.00
N SER A 68 31.60 -20.17 -23.86
CA SER A 68 31.46 -19.92 -25.29
C SER A 68 30.28 -20.67 -25.89
N THR A 69 30.12 -21.93 -25.52
CA THR A 69 28.96 -22.70 -25.94
C THR A 69 27.66 -22.10 -25.41
N ALA A 70 27.67 -21.65 -24.14
CA ALA A 70 26.50 -21.01 -23.58
C ALA A 70 26.16 -19.71 -24.31
N ARG A 71 27.18 -18.89 -24.59
CA ARG A 71 26.94 -17.68 -25.37
C ARG A 71 26.34 -18.00 -26.73
N LYS A 72 26.85 -19.01 -27.41
CA LYS A 72 26.35 -19.35 -28.74
C LYS A 72 24.89 -19.81 -28.67
N LEU A 73 24.54 -20.58 -27.64
CA LEU A 73 23.17 -21.02 -27.47
C LEU A 73 22.24 -19.83 -27.21
N ILE A 74 22.65 -18.94 -26.31
CA ILE A 74 21.83 -17.78 -25.97
C ILE A 74 21.71 -16.85 -27.17
N GLU A 75 22.80 -16.68 -27.94
CA GLU A 75 22.72 -15.84 -29.13
C GLU A 75 21.76 -16.41 -30.15
N ALA A 76 21.79 -17.73 -30.33
CA ALA A 76 20.81 -18.37 -31.22
C ALA A 76 19.39 -18.19 -30.70
N LEU A 77 19.19 -18.33 -29.38
CA LEU A 77 17.88 -18.12 -28.80
C LEU A 77 17.39 -16.70 -29.03
N ARG A 78 18.22 -15.70 -28.70
CA ARG A 78 17.83 -14.31 -28.88
C ARG A 78 17.75 -13.89 -30.34
N GLY A 79 18.22 -14.73 -31.27
CA GLY A 79 18.06 -14.48 -32.69
C GLY A 79 16.77 -14.98 -33.29
N LYS A 80 15.93 -15.65 -32.50
CA LYS A 80 14.65 -16.17 -32.98
C LYS A 80 13.50 -15.25 -32.54
N GLY A 85 3.19 -13.98 -29.50
CA GLY A 85 1.82 -14.47 -29.65
C GLY A 85 0.82 -13.59 -28.94
N VAL A 86 0.74 -13.75 -27.61
CA VAL A 86 -0.12 -12.88 -26.83
C VAL A 86 0.33 -11.43 -26.95
N GLU A 87 1.65 -11.20 -27.07
CA GLU A 87 2.14 -9.84 -27.23
C GLU A 87 1.68 -9.24 -28.56
N GLY A 88 1.64 -10.06 -29.61
CA GLY A 88 1.18 -9.55 -30.90
C GLY A 88 -0.29 -9.20 -30.87
N LEU A 89 -1.09 -10.00 -30.15
CA LEU A 89 -2.51 -9.70 -30.00
C LEU A 89 -2.70 -8.42 -29.19
N VAL A 90 -1.95 -8.26 -28.10
CA VAL A 90 -2.04 -7.06 -27.28
C VAL A 90 -1.69 -5.83 -28.09
N GLN A 91 -0.64 -5.90 -28.90
CA GLN A 91 -0.23 -4.73 -29.68
C GLN A 91 -1.22 -4.45 -30.79
N GLU A 92 -1.73 -5.50 -31.45
CA GLU A 92 -2.60 -5.26 -32.61
C GLU A 92 -3.88 -4.53 -32.22
N TYR A 93 -4.45 -4.86 -31.07
CA TYR A 93 -5.72 -4.28 -30.65
C TYR A 93 -5.57 -3.28 -29.52
N SER A 94 -4.33 -2.86 -29.20
CA SER A 94 -4.09 -1.86 -28.16
C SER A 94 -4.73 -2.27 -26.83
N LEU A 95 -4.53 -3.53 -26.45
CA LEU A 95 -5.08 -4.02 -25.21
C LEU A 95 -4.26 -3.57 -24.02
N SER A 96 -4.96 -3.15 -22.96
CA SER A 96 -4.32 -3.07 -21.66
C SER A 96 -4.03 -4.48 -21.17
N SER A 97 -3.21 -4.58 -20.12
CA SER A 97 -2.97 -5.89 -19.51
C SER A 97 -4.27 -6.52 -19.05
N GLN A 98 -5.14 -5.74 -18.40
CA GLN A 98 -6.37 -6.33 -17.91
C GLN A 98 -7.26 -6.76 -19.07
N GLU A 99 -7.26 -6.00 -20.17
CA GLU A 99 -8.04 -6.42 -21.33
C GLU A 99 -7.48 -7.71 -21.93
N GLY A 100 -6.15 -7.83 -22.00
CA GLY A 100 -5.55 -9.08 -22.44
C GLY A 100 -6.01 -10.25 -21.58
N VAL A 101 -5.87 -10.13 -20.26
CA VAL A 101 -6.28 -11.20 -19.34
C VAL A 101 -7.76 -11.52 -19.54
N ALA A 102 -8.60 -10.47 -19.59
CA ALA A 102 -10.03 -10.68 -19.73
C ALA A 102 -10.35 -11.37 -21.05
N LEU A 103 -9.71 -10.93 -22.13
CA LEU A 103 -9.90 -11.59 -23.42
C LEU A 103 -9.58 -13.09 -23.33
N MET A 104 -8.43 -13.42 -22.73
CA MET A 104 -8.05 -14.83 -22.62
C MET A 104 -9.04 -15.61 -21.77
N CYS A 105 -9.56 -14.99 -20.71
CA CYS A 105 -10.60 -15.64 -19.91
C CYS A 105 -11.85 -15.87 -20.75
N LEU A 106 -12.23 -14.89 -21.57
CA LEU A 106 -13.37 -15.06 -22.46
C LEU A 106 -13.11 -16.20 -23.43
N ALA A 107 -11.94 -16.19 -24.07
CA ALA A 107 -11.59 -17.26 -24.99
C ALA A 107 -11.66 -18.62 -24.30
N GLU A 108 -11.14 -18.72 -23.08
CA GLU A 108 -11.19 -19.96 -22.32
C GLU A 108 -12.63 -20.46 -22.19
N ALA A 109 -13.54 -19.56 -21.81
CA ALA A 109 -14.93 -19.95 -21.64
C ALA A 109 -15.58 -20.30 -22.97
N LEU A 110 -15.21 -19.60 -24.04
CA LEU A 110 -15.73 -19.92 -25.36
C LEU A 110 -15.27 -21.29 -25.83
N LEU A 111 -14.07 -21.71 -25.43
CA LEU A 111 -13.58 -23.04 -25.79
C LEU A 111 -14.25 -24.15 -24.98
N ARG A 112 -14.99 -23.81 -23.92
CA ARG A 112 -15.79 -24.81 -23.22
C ARG A 112 -17.05 -25.17 -23.98
N ILE A 113 -17.49 -24.34 -24.90
CA ILE A 113 -18.55 -24.69 -25.84
C ILE A 113 -17.93 -25.67 -26.83
N PRO A 114 -18.27 -26.96 -26.77
CA PRO A 114 -17.52 -27.93 -27.57
C PRO A 114 -17.83 -27.87 -29.05
N ASP A 115 -19.09 -27.68 -29.40
CA ASP A 115 -19.49 -27.62 -30.81
C ASP A 115 -19.03 -26.31 -31.42
N THR A 116 -18.12 -26.40 -32.40
CA THR A 116 -17.56 -25.20 -33.02
C THR A 116 -18.63 -24.30 -33.62
N ALA A 117 -19.68 -24.90 -34.17
CA ALA A 117 -20.72 -24.11 -34.82
C ALA A 117 -21.51 -23.27 -33.82
N THR A 118 -21.88 -23.86 -32.68
CA THR A 118 -22.61 -23.11 -31.67
C THR A 118 -21.76 -21.98 -31.10
N ARG A 119 -20.46 -22.19 -30.98
CA ARG A 119 -19.55 -21.18 -30.45
C ARG A 119 -19.43 -19.98 -31.40
N ASP A 120 -19.02 -20.25 -32.65
CA ASP A 120 -18.90 -19.17 -33.62
C ASP A 120 -20.22 -18.43 -33.78
N ALA A 121 -21.33 -19.17 -33.69
CA ALA A 121 -22.64 -18.54 -33.69
C ALA A 121 -22.77 -17.58 -32.50
N LEU A 122 -22.48 -18.07 -31.30
CA LEU A 122 -22.61 -17.26 -30.09
C LEU A 122 -21.72 -16.02 -30.16
N ILE A 123 -20.52 -16.17 -30.73
CA ILE A 123 -19.63 -15.02 -30.88
C ILE A 123 -20.25 -13.96 -31.77
N ARG A 124 -20.51 -14.31 -33.04
CA ARG A 124 -20.99 -13.33 -34.00
C ARG A 124 -22.31 -12.72 -33.56
N ASP A 125 -23.22 -13.53 -33.02
CA ASP A 125 -24.58 -13.06 -32.80
C ASP A 125 -24.77 -12.38 -31.44
N LYS A 126 -24.17 -12.91 -30.38
CA LYS A 126 -24.47 -12.45 -29.03
C LYS A 126 -23.28 -11.77 -28.35
N ILE A 127 -22.09 -12.38 -28.39
CA ILE A 127 -20.98 -11.88 -27.60
C ILE A 127 -20.39 -10.62 -28.20
N ALA A 128 -20.23 -10.58 -29.53
CA ALA A 128 -19.80 -9.34 -30.17
C ALA A 128 -20.82 -8.23 -29.97
N ASP A 129 -22.10 -8.60 -29.87
CA ASP A 129 -23.17 -7.63 -29.68
C ASP A 129 -23.07 -6.91 -28.33
N GLY A 130 -22.35 -7.48 -27.36
CA GLY A 130 -22.09 -6.76 -26.13
C GLY A 130 -22.26 -7.58 -24.87
N ASN A 131 -23.50 -7.97 -24.57
CA ASN A 131 -23.82 -8.68 -23.33
C ASN A 131 -23.20 -10.08 -23.39
N TRP A 132 -22.02 -10.22 -22.78
CA TRP A 132 -21.27 -11.47 -22.85
C TRP A 132 -21.57 -12.37 -21.66
N ARG A 140 -20.69 -19.60 -12.88
CA ARG A 140 -19.25 -19.58 -12.61
C ARG A 140 -18.60 -18.37 -13.28
N SER A 141 -17.75 -17.67 -12.54
CA SER A 141 -17.15 -16.46 -13.06
C SER A 141 -16.34 -16.77 -14.31
N LEU A 142 -16.45 -15.88 -15.30
CA LEU A 142 -15.58 -15.99 -16.47
C LEU A 142 -14.11 -15.98 -16.09
N PHE A 143 -13.78 -15.44 -14.93
CA PHE A 143 -12.41 -15.09 -14.58
C PHE A 143 -11.83 -16.01 -13.53
N VAL A 144 -12.37 -17.22 -13.37
CA VAL A 144 -11.87 -18.13 -12.34
CA VAL A 144 -11.87 -18.13 -12.34
C VAL A 144 -10.38 -18.40 -12.52
N ASN A 145 -9.93 -18.49 -13.76
CA ASN A 145 -8.52 -18.80 -14.02
C ASN A 145 -7.71 -17.57 -14.44
N ALA A 146 -8.18 -16.38 -14.07
CA ALA A 146 -7.51 -15.17 -14.54
C ALA A 146 -6.09 -15.04 -14.00
N ALA A 147 -5.81 -15.58 -12.80
CA ALA A 147 -4.44 -15.51 -12.29
C ALA A 147 -3.48 -16.21 -13.23
N THR A 148 -3.93 -17.32 -13.84
CA THR A 148 -3.11 -18.01 -14.83
C THR A 148 -2.93 -17.16 -16.09
N TRP A 149 -4.04 -16.62 -16.62
CA TRP A 149 -3.91 -15.77 -17.80
C TRP A 149 -3.15 -14.48 -17.47
N GLY A 150 -3.21 -14.02 -16.23
CA GLY A 150 -2.43 -12.87 -15.84
C GLY A 150 -0.93 -13.12 -15.89
N LEU A 151 -0.52 -14.33 -15.48
CA LEU A 151 0.88 -14.71 -15.61
C LEU A 151 1.27 -14.82 -17.08
N VAL A 152 0.37 -15.34 -17.92
CA VAL A 152 0.64 -15.44 -19.35
C VAL A 152 0.75 -14.05 -19.98
N VAL A 153 -0.13 -13.13 -19.60
CA VAL A 153 -0.16 -11.83 -20.27
C VAL A 153 0.90 -10.89 -19.68
N THR A 154 1.10 -10.92 -18.37
CA THR A 154 1.96 -9.95 -17.72
C THR A 154 3.22 -10.52 -17.09
N GLY A 155 3.36 -11.84 -17.02
CA GLY A 155 4.44 -12.42 -16.25
C GLY A 155 4.34 -12.24 -14.75
N LYS A 156 3.29 -11.59 -14.26
CA LYS A 156 3.08 -11.38 -12.83
C LYS A 156 1.98 -12.31 -12.34
N LEU A 157 2.12 -12.79 -11.10
CA LEU A 157 1.15 -13.67 -10.48
C LEU A 157 0.46 -12.95 -9.34
N THR A 158 -0.87 -13.06 -9.29
CA THR A 158 -1.69 -12.58 -8.19
C THR A 158 -2.38 -13.78 -7.56
N SER A 159 -2.58 -13.74 -6.25
CA SER A 159 -3.26 -14.84 -5.59
C SER A 159 -4.74 -14.86 -5.95
N THR A 160 -5.36 -13.69 -6.05
CA THR A 160 -6.78 -13.58 -6.34
C THR A 160 -6.99 -12.67 -7.53
N VAL A 161 -8.24 -12.65 -7.99
CA VAL A 161 -8.65 -12.08 -9.26
C VAL A 161 -9.53 -10.86 -9.00
N ASN A 162 -9.20 -9.73 -9.61
CA ASN A 162 -10.09 -8.57 -9.56
C ASN A 162 -11.10 -8.74 -10.68
N ASP A 163 -12.18 -9.46 -10.36
CA ASP A 163 -13.16 -9.78 -11.40
C ASP A 163 -13.95 -8.57 -11.84
N ARG A 164 -14.06 -7.53 -11.01
CA ARG A 164 -14.76 -6.32 -11.48
C ARG A 164 -13.92 -5.56 -12.48
N SER A 165 -12.61 -5.48 -12.26
CA SER A 165 -11.73 -4.86 -13.23
C SER A 165 -11.75 -5.63 -14.55
N LEU A 166 -11.72 -6.96 -14.46
CA LEU A 166 -11.70 -7.77 -15.67
C LEU A 166 -13.02 -7.66 -16.42
N ALA A 167 -14.14 -7.60 -15.69
CA ALA A 167 -15.43 -7.43 -16.36
C ALA A 167 -15.49 -6.09 -17.10
N ALA A 168 -15.05 -5.02 -16.43
CA ALA A 168 -14.96 -3.73 -17.08
C ALA A 168 -14.07 -3.80 -18.31
N ALA A 169 -12.91 -4.46 -18.19
CA ALA A 169 -11.99 -4.56 -19.32
C ALA A 169 -12.60 -5.35 -20.47
N LEU A 170 -13.30 -6.43 -20.15
CA LEU A 170 -13.88 -7.25 -21.21
C LEU A 170 -14.94 -6.45 -21.96
N THR A 171 -15.82 -5.76 -21.23
CA THR A 171 -16.80 -4.90 -21.88
C THR A 171 -16.12 -3.85 -22.74
N ARG A 172 -15.07 -3.24 -22.23
CA ARG A 172 -14.41 -2.16 -22.96
C ARG A 172 -13.83 -2.68 -24.28
N LEU A 173 -13.09 -3.78 -24.21
CA LEU A 173 -12.39 -4.25 -25.41
C LEU A 173 -13.40 -4.76 -26.45
N ILE A 174 -14.47 -5.41 -26.01
CA ILE A 174 -15.46 -5.89 -26.97
C ILE A 174 -16.14 -4.72 -27.66
N SER A 175 -16.58 -3.72 -26.86
CA SER A 175 -17.24 -2.57 -27.46
C SER A 175 -16.29 -1.80 -28.36
N ARG A 176 -14.98 -1.86 -28.09
CA ARG A 176 -14.03 -1.11 -28.89
C ARG A 176 -13.60 -1.88 -30.14
N CYS A 177 -13.49 -3.20 -30.05
CA CYS A 177 -12.89 -3.98 -31.11
C CYS A 177 -13.80 -5.07 -31.67
N GLY A 178 -14.86 -5.45 -30.98
CA GLY A 178 -15.86 -6.31 -31.59
C GLY A 178 -15.42 -7.74 -31.86
N GLU A 179 -16.15 -8.39 -32.78
CA GLU A 179 -15.87 -9.78 -33.11
C GLU A 179 -14.41 -10.07 -33.48
N PRO A 180 -13.71 -9.23 -34.26
CA PRO A 180 -12.34 -9.61 -34.65
C PRO A 180 -11.39 -9.89 -33.49
N VAL A 181 -11.48 -9.16 -32.38
CA VAL A 181 -10.56 -9.45 -31.29
C VAL A 181 -10.99 -10.70 -30.53
N ILE A 182 -12.30 -10.98 -30.45
CA ILE A 182 -12.76 -12.21 -29.83
C ILE A 182 -12.27 -13.41 -30.62
N ARG A 183 -12.31 -13.30 -31.95
CA ARG A 183 -11.83 -14.38 -32.82
C ARG A 183 -10.35 -14.63 -32.60
N ARG A 184 -9.55 -13.56 -32.56
CA ARG A 184 -8.11 -13.71 -32.32
C ARG A 184 -7.84 -14.31 -30.95
N GLY A 185 -8.56 -13.86 -29.93
CA GLY A 185 -8.38 -14.43 -28.61
C GLY A 185 -8.71 -15.90 -28.57
N VAL A 186 -9.82 -16.30 -29.21
CA VAL A 186 -10.23 -17.70 -29.22
C VAL A 186 -9.17 -18.57 -29.91
N ASP A 187 -8.67 -18.11 -31.05
CA ASP A 187 -7.66 -18.90 -31.77
C ASP A 187 -6.35 -18.96 -30.99
N MET A 188 -5.98 -17.86 -30.33
CA MET A 188 -4.78 -17.86 -29.51
C MET A 188 -4.91 -18.82 -28.35
N ALA A 189 -6.01 -18.73 -27.60
CA ALA A 189 -6.21 -19.63 -26.46
C ALA A 189 -6.32 -21.08 -26.92
N MET A 190 -6.91 -21.31 -28.09
CA MET A 190 -7.00 -22.67 -28.62
C MET A 190 -5.62 -23.25 -28.86
N ARG A 191 -4.74 -22.48 -29.52
CA ARG A 191 -3.37 -22.91 -29.74
C ARG A 191 -2.66 -23.15 -28.42
N MET A 192 -2.73 -22.18 -27.51
CA MET A 192 -1.98 -22.31 -26.25
C MET A 192 -2.47 -23.50 -25.43
N MET A 193 -3.78 -23.65 -25.30
CA MET A 193 -4.25 -24.72 -24.41
C MET A 193 -4.22 -26.09 -25.07
N GLY A 194 -4.27 -26.16 -26.40
CA GLY A 194 -4.29 -27.45 -27.05
C GLY A 194 -2.95 -27.91 -27.60
N GLU A 195 -1.98 -26.99 -27.73
CA GLU A 195 -0.75 -27.29 -28.45
C GLU A 195 0.52 -26.86 -27.71
N GLN A 196 0.44 -25.81 -26.90
CA GLN A 196 1.63 -25.25 -26.28
C GLN A 196 1.77 -25.67 -24.82
N PHE A 197 0.69 -25.58 -24.05
CA PHE A 197 0.73 -25.98 -22.65
C PHE A 197 0.66 -27.50 -22.50
N VAL A 198 0.03 -28.19 -23.44
CA VAL A 198 0.00 -29.65 -23.45
C VAL A 198 0.46 -30.12 -24.83
N THR A 199 1.09 -31.29 -24.85
CA THR A 199 1.42 -31.88 -26.14
C THR A 199 0.16 -32.34 -26.85
N GLY A 200 -0.84 -32.79 -26.08
CA GLY A 200 -2.11 -33.20 -26.65
C GLY A 200 -3.13 -33.33 -25.56
N GLU A 201 -4.40 -33.30 -25.96
CA GLU A 201 -5.47 -33.49 -24.98
C GLU A 201 -5.53 -34.92 -24.47
N THR A 202 -5.21 -35.88 -25.33
CA THR A 202 -5.20 -37.30 -25.00
C THR A 202 -3.83 -37.87 -25.35
N ILE A 203 -3.52 -39.04 -24.80
CA ILE A 203 -2.24 -39.66 -25.10
C ILE A 203 -2.13 -40.00 -26.58
N ARG A 204 -3.24 -40.44 -27.19
CA ARG A 204 -3.26 -40.68 -28.64
C ARG A 204 -2.87 -39.45 -29.44
N GLU A 205 -3.48 -38.31 -29.11
CA GLU A 205 -3.16 -37.08 -29.82
C GLU A 205 -1.74 -36.65 -29.54
N ALA A 206 -1.29 -36.71 -28.28
CA ALA A 206 0.08 -36.35 -27.97
C ALA A 206 1.05 -37.27 -28.69
N LEU A 207 0.72 -38.57 -28.76
CA LEU A 207 1.57 -39.50 -29.49
C LEU A 207 1.66 -39.13 -30.96
N LYS A 208 0.53 -38.75 -31.57
CA LYS A 208 0.55 -38.36 -32.97
C LYS A 208 1.43 -37.13 -33.16
N ARG A 209 1.31 -36.15 -32.27
CA ARG A 209 2.04 -34.90 -32.40
C ARG A 209 3.51 -35.02 -32.05
N SER A 210 3.95 -36.14 -31.48
CA SER A 210 5.34 -36.30 -31.09
C SER A 210 6.24 -36.76 -32.23
N LYS A 211 5.65 -37.24 -33.34
CA LYS A 211 6.47 -37.87 -34.38
C LYS A 211 7.41 -36.86 -35.03
N GLU A 212 7.02 -35.59 -35.11
CA GLU A 212 7.83 -34.60 -35.82
C GLU A 212 9.18 -34.40 -35.14
N LEU A 213 9.19 -34.16 -33.81
CA LEU A 213 10.47 -33.96 -33.15
C LEU A 213 11.21 -35.27 -32.94
N GLU A 214 10.48 -36.39 -32.83
CA GLU A 214 11.15 -37.68 -32.77
C GLU A 214 11.97 -37.91 -34.03
N GLU A 215 11.44 -37.54 -35.19
CA GLU A 215 12.20 -37.69 -36.43
C GLU A 215 13.49 -36.89 -36.39
N LYS A 216 13.49 -35.77 -35.66
CA LYS A 216 14.66 -34.91 -35.55
C LYS A 216 15.61 -35.33 -34.43
N GLY A 217 15.28 -36.39 -33.67
CA GLY A 217 16.17 -36.91 -32.65
C GLY A 217 15.77 -36.63 -31.22
N PHE A 218 14.64 -35.98 -30.97
CA PHE A 218 14.13 -35.90 -29.62
C PHE A 218 13.46 -37.21 -29.23
N SER A 219 13.26 -37.38 -27.93
CA SER A 219 12.43 -38.43 -27.36
C SER A 219 11.38 -37.79 -26.47
N TYR A 220 10.51 -38.61 -25.89
CA TYR A 220 9.42 -38.07 -25.10
C TYR A 220 9.24 -38.82 -23.80
N SER A 221 8.75 -38.11 -22.79
CA SER A 221 8.20 -38.69 -21.58
C SER A 221 6.89 -37.97 -21.30
N TYR A 222 5.80 -38.73 -21.22
CA TYR A 222 4.47 -38.14 -21.13
C TYR A 222 4.05 -37.98 -19.68
N ASP A 223 3.52 -36.82 -19.37
CA ASP A 223 3.09 -36.46 -18.03
C ASP A 223 1.56 -36.35 -18.10
N MET A 224 0.87 -37.37 -17.61
CA MET A 224 -0.58 -37.36 -17.59
C MET A 224 -1.00 -36.43 -16.48
N LEU A 225 -1.28 -35.18 -16.85
CA LEU A 225 -1.55 -34.11 -15.88
C LEU A 225 -2.50 -34.60 -14.80
N GLY A 226 -1.98 -34.75 -13.60
CA GLY A 226 -2.67 -35.43 -12.52
C GLY A 226 -1.77 -35.71 -11.33
N GLU A 227 -2.24 -35.31 -10.15
CA GLU A 227 -1.51 -35.53 -8.91
C GLU A 227 -2.49 -35.35 -7.77
N ALA A 228 -2.01 -35.61 -6.56
CA ALA A 228 -2.76 -35.39 -5.33
C ALA A 228 -4.16 -36.00 -5.43
N ALA A 229 -4.17 -37.33 -5.44
CA ALA A 229 -5.42 -38.04 -5.23
C ALA A 229 -6.00 -37.67 -3.88
N THR A 230 -7.28 -37.35 -3.86
CA THR A 230 -8.00 -36.99 -2.64
C THR A 230 -8.81 -38.14 -2.08
N THR A 231 -9.28 -39.02 -2.94
CA THR A 231 -10.16 -40.12 -2.59
C THR A 231 -9.59 -41.41 -3.18
N ALA A 232 -10.13 -42.54 -2.72
CA ALA A 232 -9.78 -43.81 -3.33
C ALA A 232 -10.19 -43.84 -4.81
N ALA A 233 -11.37 -43.29 -5.13
CA ALA A 233 -11.82 -43.30 -6.52
C ALA A 233 -10.93 -42.45 -7.39
N ASP A 234 -10.40 -41.34 -6.86
CA ASP A 234 -9.47 -40.52 -7.61
C ASP A 234 -8.19 -41.28 -7.93
N ALA A 235 -7.62 -41.94 -6.91
CA ALA A 235 -6.44 -42.75 -7.11
C ALA A 235 -6.71 -43.84 -8.14
N GLU A 236 -7.85 -44.51 -8.05
CA GLU A 236 -8.18 -45.54 -9.03
C GLU A 236 -8.29 -44.94 -10.42
N ARG A 237 -8.84 -43.73 -10.54
CA ARG A 237 -8.93 -43.07 -11.83
CA ARG A 237 -8.92 -43.09 -11.85
C ARG A 237 -7.54 -42.79 -12.39
N TYR A 238 -6.64 -42.25 -11.56
CA TYR A 238 -5.29 -41.98 -12.03
C TYR A 238 -4.57 -43.28 -12.41
N TYR A 239 -4.79 -44.34 -11.63
CA TYR A 239 -4.21 -45.63 -11.97
C TYR A 239 -4.65 -46.07 -13.36
N ARG A 240 -5.95 -46.10 -13.63
CA ARG A 240 -6.33 -46.61 -14.94
C ARG A 240 -5.95 -45.63 -16.06
N ASP A 241 -5.78 -44.34 -15.74
CA ASP A 241 -5.22 -43.42 -16.73
C ASP A 241 -3.78 -43.79 -17.05
N TYR A 242 -2.95 -44.01 -16.02
CA TYR A 242 -1.57 -44.43 -16.25
C TYR A 242 -1.52 -45.79 -16.96
N GLU A 243 -2.36 -46.73 -16.53
CA GLU A 243 -2.39 -48.04 -17.18
C GLU A 243 -2.71 -47.91 -18.66
N SER A 244 -3.75 -47.16 -18.99
CA SER A 244 -4.10 -47.02 -20.40
C SER A 244 -3.01 -46.26 -21.15
N ALA A 245 -2.42 -45.25 -20.51
CA ALA A 245 -1.37 -44.49 -21.18
C ALA A 245 -0.14 -45.36 -21.46
N ILE A 246 0.25 -46.22 -20.52
CA ILE A 246 1.41 -47.09 -20.75
C ILE A 246 1.18 -47.99 -21.95
N HIS A 247 0.00 -48.61 -22.04
CA HIS A 247 -0.34 -49.40 -23.22
C HIS A 247 -0.20 -48.55 -24.48
N ALA A 248 -0.75 -47.33 -24.48
CA ALA A 248 -0.70 -46.52 -25.68
C ALA A 248 0.73 -46.12 -26.03
N ILE A 249 1.53 -45.80 -25.01
CA ILE A 249 2.91 -45.39 -25.24
C ILE A 249 3.75 -46.58 -25.66
N GLY A 250 3.55 -47.72 -24.99
CA GLY A 250 4.28 -48.93 -25.36
C GLY A 250 3.95 -49.41 -26.76
N LYS A 251 2.67 -49.36 -27.14
CA LYS A 251 2.29 -49.68 -28.50
C LYS A 251 3.02 -48.79 -29.50
N ALA A 252 3.01 -47.48 -29.25
CA ALA A 252 3.66 -46.53 -30.14
C ALA A 252 5.17 -46.69 -30.13
N SER A 253 5.75 -47.01 -28.96
CA SER A 253 7.20 -47.18 -28.88
C SER A 253 7.69 -48.26 -29.85
N ALA A 254 6.91 -49.33 -30.00
CA ALA A 254 7.18 -50.33 -31.02
C ALA A 254 8.60 -50.88 -30.91
N GLY A 255 9.03 -51.17 -29.69
CA GLY A 255 10.33 -51.80 -29.51
C GLY A 255 11.51 -50.89 -29.69
N ARG A 256 11.31 -49.58 -29.73
CA ARG A 256 12.47 -48.69 -29.81
C ARG A 256 13.30 -48.68 -28.53
N GLY A 257 12.77 -49.18 -27.42
CA GLY A 257 13.55 -49.28 -26.20
C GLY A 257 13.48 -48.03 -25.35
N ILE A 258 14.16 -48.07 -24.20
CA ILE A 258 13.93 -47.05 -23.19
C ILE A 258 14.69 -45.76 -23.45
N TYR A 259 15.68 -45.78 -24.35
CA TYR A 259 16.42 -44.55 -24.66
C TYR A 259 15.86 -43.85 -25.89
N GLU A 260 15.69 -44.56 -27.00
CA GLU A 260 15.15 -43.92 -28.19
C GLU A 260 13.63 -43.74 -28.11
N GLY A 261 12.95 -44.67 -27.45
CA GLY A 261 11.52 -44.68 -27.42
C GLY A 261 10.94 -43.86 -26.30
N PRO A 262 9.65 -43.61 -26.36
CA PRO A 262 8.99 -42.77 -25.35
C PRO A 262 8.83 -43.50 -24.02
N GLY A 263 8.57 -42.71 -23.00
CA GLY A 263 8.27 -43.27 -21.69
C GLY A 263 7.18 -42.47 -21.02
N ILE A 264 6.88 -42.82 -19.77
CA ILE A 264 5.86 -42.15 -19.01
C ILE A 264 6.48 -41.66 -17.71
N SER A 265 5.91 -40.58 -17.18
CA SER A 265 6.25 -40.08 -15.86
C SER A 265 5.01 -40.14 -14.98
N ILE A 266 5.17 -40.58 -13.74
CA ILE A 266 4.05 -40.71 -12.81
C ILE A 266 4.38 -39.94 -11.54
N LYS A 267 3.33 -39.52 -10.84
CA LYS A 267 3.47 -38.98 -9.49
C LYS A 267 2.87 -39.97 -8.50
N LEU A 268 3.66 -40.33 -7.48
CA LEU A 268 3.15 -41.24 -6.47
C LEU A 268 1.92 -40.67 -5.76
N SER A 269 1.87 -39.36 -5.57
CA SER A 269 0.69 -38.79 -4.91
C SER A 269 -0.59 -38.98 -5.73
N ALA A 270 -0.49 -39.25 -7.04
CA ALA A 270 -1.70 -39.54 -7.81
C ALA A 270 -2.23 -40.92 -7.52
N LEU A 271 -1.40 -41.84 -7.02
CA LEU A 271 -1.81 -43.24 -6.95
C LEU A 271 -2.34 -43.65 -5.59
N HIS A 272 -2.33 -42.75 -4.62
CA HIS A 272 -2.85 -43.04 -3.30
C HIS A 272 -3.26 -41.74 -2.61
N PRO A 273 -4.43 -41.70 -1.98
CA PRO A 273 -4.87 -40.46 -1.31
C PRO A 273 -4.15 -40.15 -0.01
N ARG A 274 -3.36 -41.08 0.54
CA ARG A 274 -2.64 -40.85 1.79
C ARG A 274 -1.16 -41.15 1.59
N TYR A 275 -0.56 -40.49 0.62
CA TYR A 275 0.86 -40.70 0.32
C TYR A 275 1.69 -39.81 1.24
N SER A 276 2.11 -40.37 2.37
CA SER A 276 2.92 -39.62 3.32
C SER A 276 3.64 -40.57 4.25
N ARG A 277 4.66 -40.04 4.91
CA ARG A 277 5.42 -40.84 5.86
C ARG A 277 4.55 -41.31 7.02
N ALA A 278 3.65 -40.43 7.49
CA ALA A 278 2.74 -40.84 8.57
C ALA A 278 1.92 -42.07 8.19
N GLN A 279 1.65 -42.26 6.89
CA GLN A 279 0.88 -43.40 6.42
C GLN A 279 1.76 -44.43 5.71
N ALA A 280 3.02 -44.57 6.17
CA ALA A 280 4.01 -45.39 5.46
C ALA A 280 3.53 -46.82 5.26
N ALA A 281 2.87 -47.40 6.27
CA ALA A 281 2.43 -48.79 6.12
C ALA A 281 1.40 -48.92 5.00
N ARG A 282 0.46 -47.98 4.91
CA ARG A 282 -0.51 -48.02 3.82
C ARG A 282 0.15 -47.77 2.47
N VAL A 283 1.15 -46.89 2.45
CA VAL A 283 1.86 -46.61 1.19
C VAL A 283 2.56 -47.88 0.70
N MET A 284 3.26 -48.57 1.61
CA MET A 284 3.95 -49.80 1.21
C MET A 284 2.96 -50.93 0.91
N GLY A 285 1.83 -50.96 1.60
CA GLY A 285 0.88 -52.04 1.40
C GLY A 285 -0.04 -51.85 0.22
N GLU A 286 -0.35 -50.61 -0.13
CA GLU A 286 -1.38 -50.30 -1.11
C GLU A 286 -0.88 -49.52 -2.31
N LEU A 287 -0.01 -48.55 -2.11
CA LEU A 287 0.49 -47.78 -3.25
C LEU A 287 1.59 -48.54 -4.00
N LEU A 288 2.56 -49.10 -3.28
CA LEU A 288 3.65 -49.85 -3.91
C LEU A 288 3.15 -50.95 -4.85
N PRO A 289 2.18 -51.79 -4.49
CA PRO A 289 1.74 -52.81 -5.47
C PRO A 289 1.19 -52.20 -6.75
N ARG A 290 0.55 -51.03 -6.67
CA ARG A 290 0.07 -50.36 -7.88
C ARG A 290 1.23 -49.91 -8.75
N VAL A 291 2.28 -49.35 -8.13
CA VAL A 291 3.44 -48.98 -8.93
C VAL A 291 4.06 -50.21 -9.57
N LYS A 292 4.18 -51.30 -8.82
CA LYS A 292 4.76 -52.52 -9.38
C LYS A 292 3.97 -52.99 -10.60
N ALA A 293 2.64 -52.96 -10.51
CA ALA A 293 1.82 -53.40 -11.63
C ALA A 293 2.04 -52.53 -12.87
N LEU A 294 2.08 -51.20 -12.70
CA LEU A 294 2.38 -50.31 -13.82
C LEU A 294 3.77 -50.56 -14.36
N ALA A 295 4.75 -50.77 -13.46
CA ALA A 295 6.11 -51.06 -13.88
C ALA A 295 6.20 -52.37 -14.66
N LEU A 296 5.46 -53.41 -14.23
CA LEU A 296 5.42 -54.65 -15.00
C LEU A 296 4.90 -54.40 -16.42
N LEU A 297 3.94 -53.49 -16.56
CA LEU A 297 3.41 -53.18 -17.89
C LEU A 297 4.46 -52.43 -18.72
N ALA A 298 5.14 -51.46 -18.12
CA ALA A 298 6.20 -50.74 -18.82
C ALA A 298 7.33 -51.69 -19.21
N LYS A 299 7.64 -52.66 -18.34
CA LYS A 299 8.60 -53.69 -18.68
C LYS A 299 8.18 -54.48 -19.92
N ASN A 300 6.91 -54.87 -19.99
CA ASN A 300 6.42 -55.63 -21.14
C ASN A 300 6.69 -54.91 -22.45
N TYR A 301 6.49 -53.59 -22.47
CA TYR A 301 6.71 -52.81 -23.67
C TYR A 301 8.12 -52.26 -23.77
N ASP A 302 8.91 -52.39 -22.70
CA ASP A 302 10.26 -51.83 -22.63
C ASP A 302 10.26 -50.32 -22.85
N ILE A 303 9.49 -49.64 -22.01
CA ILE A 303 9.48 -48.17 -22.01
C ILE A 303 9.96 -47.66 -20.66
N GLY A 304 10.36 -46.40 -20.64
CA GLY A 304 10.72 -45.77 -19.38
C GLY A 304 9.49 -45.49 -18.53
N LEU A 305 9.64 -45.69 -17.21
CA LEU A 305 8.63 -45.30 -16.24
C LEU A 305 9.34 -44.50 -15.18
N ASN A 306 9.09 -43.20 -15.15
CA ASN A 306 9.82 -42.29 -14.28
C ASN A 306 8.93 -41.88 -13.12
N ILE A 307 9.49 -41.94 -11.91
CA ILE A 307 8.78 -41.48 -10.71
C ILE A 307 9.16 -40.03 -10.47
N ASP A 308 8.19 -39.12 -10.65
CA ASP A 308 8.48 -37.69 -10.45
C ASP A 308 8.70 -37.40 -8.98
N ALA A 309 9.49 -36.36 -8.68
CA ALA A 309 9.77 -36.00 -7.30
C ALA A 309 8.82 -34.88 -6.87
N GLU A 310 8.40 -34.94 -5.61
CA GLU A 310 7.37 -34.03 -5.10
C GLU A 310 7.88 -33.23 -3.90
N GLU A 311 7.05 -33.06 -2.88
CA GLU A 311 7.45 -32.25 -1.73
C GLU A 311 8.60 -32.92 -0.96
N ALA A 312 9.36 -32.08 -0.23
CA ALA A 312 10.55 -32.56 0.47
C ALA A 312 10.22 -33.67 1.45
N ASP A 313 9.05 -33.59 2.10
CA ASP A 313 8.72 -34.61 3.09
C ASP A 313 8.26 -35.90 2.45
N ARG A 314 8.31 -36.03 1.13
CA ARG A 314 8.01 -37.31 0.47
C ARG A 314 9.23 -37.95 -0.15
N LEU A 315 10.35 -37.23 -0.21
CA LEU A 315 11.56 -37.74 -0.86
C LEU A 315 11.97 -39.09 -0.27
N GLU A 316 12.26 -39.12 1.02
CA GLU A 316 12.80 -40.35 1.60
C GLU A 316 11.79 -41.48 1.55
N LEU A 317 10.50 -41.18 1.71
CA LEU A 317 9.49 -42.23 1.56
C LEU A 317 9.55 -42.86 0.19
N SER A 318 9.67 -42.04 -0.85
CA SER A 318 9.72 -42.57 -2.21
C SER A 318 10.91 -43.49 -2.40
N LEU A 319 11.98 -43.29 -1.64
CA LEU A 319 13.16 -44.15 -1.77
C LEU A 319 12.85 -45.58 -1.32
N ASP A 320 11.97 -45.73 -0.34
CA ASP A 320 11.59 -47.07 0.08
C ASP A 320 10.84 -47.80 -1.02
N LEU A 321 10.04 -47.08 -1.80
CA LEU A 321 9.39 -47.71 -2.94
C LEU A 321 10.39 -48.04 -4.03
N LEU A 322 11.31 -47.12 -4.30
CA LEU A 322 12.30 -47.36 -5.34
C LEU A 322 13.13 -48.58 -5.02
N GLU A 323 13.49 -48.72 -3.74
CA GLU A 323 14.29 -49.86 -3.28
C GLU A 323 13.56 -51.17 -3.52
N VAL A 324 12.30 -51.27 -3.07
CA VAL A 324 11.56 -52.52 -3.27
C VAL A 324 11.41 -52.82 -4.76
N LEU A 325 11.08 -51.81 -5.55
CA LEU A 325 10.89 -52.05 -6.99
C LEU A 325 12.17 -52.55 -7.64
N CYS A 326 13.30 -51.90 -7.34
CA CYS A 326 14.55 -52.29 -7.97
C CYS A 326 15.06 -53.64 -7.50
N LEU A 327 14.63 -54.11 -6.33
CA LEU A 327 15.02 -55.42 -5.84
C LEU A 327 14.01 -56.51 -6.20
N ASP A 328 12.88 -56.15 -6.79
CA ASP A 328 11.82 -57.10 -7.13
C ASP A 328 12.23 -57.86 -8.39
N GLY A 329 12.44 -59.17 -8.24
CA GLY A 329 12.84 -59.99 -9.38
C GLY A 329 11.83 -60.04 -10.51
N ASP A 330 10.55 -59.75 -10.24
CA ASP A 330 9.59 -59.72 -11.34
C ASP A 330 9.87 -58.59 -12.34
N LEU A 331 10.63 -57.59 -11.94
CA LEU A 331 10.92 -56.48 -12.83
C LEU A 331 12.30 -56.58 -13.44
N SER A 332 13.01 -57.68 -13.19
CA SER A 332 14.36 -57.84 -13.71
C SER A 332 14.30 -57.93 -15.23
N GLY A 333 15.42 -57.56 -15.87
CA GLY A 333 15.50 -57.52 -17.32
C GLY A 333 15.08 -56.23 -17.95
N TRP A 334 14.59 -55.27 -17.17
CA TRP A 334 14.11 -54.00 -17.69
C TRP A 334 14.85 -52.88 -16.96
N ASN A 335 15.42 -51.95 -17.73
CA ASN A 335 16.16 -50.83 -17.16
C ASN A 335 15.38 -49.54 -17.26
N GLY A 336 14.06 -49.62 -17.47
CA GLY A 336 13.27 -48.42 -17.68
C GLY A 336 12.86 -47.67 -16.43
N MET A 337 13.05 -48.23 -15.25
CA MET A 337 12.64 -47.54 -14.03
CA MET A 337 12.64 -47.54 -14.03
C MET A 337 13.44 -46.25 -13.86
N GLY A 338 12.74 -45.13 -13.70
CA GLY A 338 13.37 -43.83 -13.57
C GLY A 338 12.96 -43.11 -12.30
N PHE A 339 13.77 -42.14 -11.88
CA PHE A 339 13.56 -41.47 -10.59
C PHE A 339 14.14 -40.07 -10.65
N VAL A 340 13.35 -39.08 -10.23
CA VAL A 340 13.79 -37.69 -10.26
C VAL A 340 14.52 -37.37 -8.97
N VAL A 341 15.58 -36.57 -9.05
CA VAL A 341 16.18 -36.01 -7.85
C VAL A 341 16.28 -34.50 -8.03
N GLN A 342 15.97 -33.77 -6.97
CA GLN A 342 15.82 -32.31 -7.03
C GLN A 342 17.08 -31.65 -6.49
N ALA A 343 17.81 -30.96 -7.37
CA ALA A 343 19.08 -30.40 -6.95
C ALA A 343 18.91 -29.18 -6.06
N TYR A 344 17.72 -28.60 -5.98
CA TYR A 344 17.56 -27.55 -4.98
C TYR A 344 17.46 -28.10 -3.57
N GLY A 345 17.46 -29.42 -3.43
CA GLY A 345 17.36 -30.03 -2.11
C GLY A 345 18.73 -30.33 -1.52
N LYS A 346 18.85 -30.10 -0.22
CA LYS A 346 20.14 -30.31 0.43
C LYS A 346 20.55 -31.77 0.46
N ARG A 347 19.61 -32.70 0.30
CA ARG A 347 19.92 -34.12 0.34
C ARG A 347 20.37 -34.67 -1.00
N CYS A 348 20.24 -33.89 -2.07
CA CYS A 348 20.42 -34.39 -3.44
C CYS A 348 21.66 -35.25 -3.64
N PRO A 349 22.88 -34.82 -3.31
CA PRO A 349 24.05 -35.69 -3.56
C PRO A 349 24.02 -36.98 -2.77
N PHE A 350 23.48 -36.96 -1.54
CA PHE A 350 23.37 -38.18 -0.76
C PHE A 350 22.27 -39.09 -1.31
N VAL A 351 21.19 -38.51 -1.81
CA VAL A 351 20.19 -39.31 -2.52
C VAL A 351 20.80 -40.01 -3.73
N LEU A 352 21.62 -39.28 -4.50
CA LEU A 352 22.27 -39.89 -5.65
C LEU A 352 23.22 -41.01 -5.23
N ASP A 353 23.98 -40.80 -4.15
CA ASP A 353 24.85 -41.88 -3.65
C ASP A 353 24.03 -43.11 -3.37
N PHE A 354 22.87 -42.92 -2.72
CA PHE A 354 21.99 -44.04 -2.42
C PHE A 354 21.50 -44.70 -3.70
N ILE A 355 21.05 -43.90 -4.68
CA ILE A 355 20.49 -44.47 -5.90
C ILE A 355 21.55 -45.21 -6.70
N ILE A 356 22.72 -44.59 -6.84
CA ILE A 356 23.80 -45.23 -7.58
C ILE A 356 24.17 -46.56 -6.95
N ASP A 357 24.24 -46.59 -5.61
CA ASP A 357 24.51 -47.84 -4.92
C ASP A 357 23.39 -48.85 -5.16
N LEU A 358 22.14 -48.41 -5.08
CA LEU A 358 21.02 -49.32 -5.33
C LEU A 358 21.07 -49.88 -6.75
N ALA A 359 21.46 -49.04 -7.72
CA ALA A 359 21.63 -49.53 -9.08
C ALA A 359 22.72 -50.61 -9.14
N ARG A 360 23.78 -50.47 -8.35
CA ARG A 360 24.81 -51.51 -8.33
C ARG A 360 24.31 -52.79 -7.69
N ARG A 361 23.67 -52.67 -6.51
CA ARG A 361 23.13 -53.85 -5.83
C ARG A 361 22.11 -54.57 -6.69
N SER A 362 21.20 -53.83 -7.33
CA SER A 362 20.14 -54.46 -8.12
C SER A 362 20.58 -54.84 -9.51
N GLY A 363 21.65 -54.22 -10.02
CA GLY A 363 21.98 -54.44 -11.42
C GLY A 363 21.07 -53.75 -12.39
N ARG A 364 20.21 -52.83 -11.92
CA ARG A 364 19.31 -52.06 -12.77
C ARG A 364 19.96 -50.72 -13.08
N ARG A 365 20.00 -50.37 -14.36
CA ARG A 365 20.57 -49.07 -14.72
C ARG A 365 19.47 -48.04 -14.54
N ILE A 366 19.38 -47.49 -13.33
CA ILE A 366 18.28 -46.60 -12.98
C ILE A 366 18.40 -45.31 -13.79
N MET A 367 17.30 -44.89 -14.41
CA MET A 367 17.29 -43.62 -15.14
C MET A 367 17.09 -42.49 -14.15
N VAL A 368 18.05 -41.58 -14.04
CA VAL A 368 18.00 -40.56 -13.00
C VAL A 368 17.77 -39.21 -13.66
N ARG A 369 16.61 -38.61 -13.42
CA ARG A 369 16.34 -37.29 -13.92
C ARG A 369 16.79 -36.27 -12.89
N LEU A 370 17.78 -35.47 -13.25
CA LEU A 370 18.26 -34.42 -12.38
C LEU A 370 17.51 -33.13 -12.75
N VAL A 371 16.75 -32.61 -11.81
CA VAL A 371 15.99 -31.38 -11.98
C VAL A 371 16.44 -30.42 -10.90
N LYS A 372 16.04 -29.16 -11.03
CA LYS A 372 16.34 -28.27 -9.93
C LYS A 372 15.27 -28.42 -8.84
N GLY A 373 14.01 -28.19 -9.19
CA GLY A 373 12.92 -28.43 -8.25
C GLY A 373 11.77 -27.46 -8.41
N ALA A 374 10.53 -27.94 -8.24
CA ALA A 374 9.35 -27.20 -8.65
C ALA A 374 8.52 -26.66 -7.50
N TYR A 375 8.92 -26.90 -6.25
CA TYR A 375 8.10 -26.57 -5.10
C TYR A 375 8.75 -25.54 -4.17
N TRP A 376 9.60 -24.67 -4.70
CA TRP A 376 10.47 -23.88 -3.83
C TRP A 376 9.68 -22.99 -2.89
N ASP A 377 8.75 -22.19 -3.43
CA ASP A 377 7.94 -21.30 -2.59
C ASP A 377 7.26 -22.06 -1.47
N ALA A 378 6.68 -23.22 -1.80
CA ALA A 378 5.93 -24.00 -0.83
C ALA A 378 6.85 -24.58 0.25
N GLU A 379 8.06 -24.98 -0.13
CA GLU A 379 8.98 -25.51 0.87
C GLU A 379 9.39 -24.42 1.85
N ILE A 380 9.60 -23.20 1.38
CA ILE A 380 9.96 -22.12 2.29
C ILE A 380 8.83 -21.88 3.29
N LYS A 381 7.61 -21.75 2.79
CA LYS A 381 6.47 -21.51 3.67
C LYS A 381 6.25 -22.65 4.65
N ARG A 382 6.35 -23.90 4.17
CA ARG A 382 6.08 -25.03 5.05
C ARG A 382 7.07 -25.07 6.21
N ALA A 383 8.36 -24.87 5.92
CA ALA A 383 9.37 -24.92 6.98
C ALA A 383 9.17 -23.81 8.00
N GLN A 384 8.75 -22.63 7.55
CA GLN A 384 8.46 -21.53 8.47
C GLN A 384 7.26 -21.85 9.33
N LEU A 385 6.16 -22.28 8.71
CA LEU A 385 4.98 -22.68 9.48
C LEU A 385 5.30 -23.72 10.53
N ASP A 386 6.14 -24.70 10.17
CA ASP A 386 6.38 -25.81 11.06
C ASP A 386 7.47 -25.51 12.07
N GLY A 387 8.07 -24.32 12.02
CA GLY A 387 9.10 -23.92 12.97
C GLY A 387 10.30 -24.86 12.98
N LEU A 388 10.71 -25.33 11.80
CA LEU A 388 11.77 -26.33 11.77
C LEU A 388 13.13 -25.64 11.72
N ALA A 389 14.19 -26.44 11.87
CA ALA A 389 15.51 -25.86 12.12
C ALA A 389 15.99 -25.06 10.91
N ASP A 390 15.66 -25.51 9.70
CA ASP A 390 16.18 -24.88 8.51
C ASP A 390 15.32 -25.34 7.35
N PHE A 391 15.61 -24.89 6.20
CA PHE A 391 14.88 -25.32 5.02
C PHE A 391 15.48 -26.59 4.45
N PRO A 392 14.67 -27.40 3.76
CA PRO A 392 15.20 -28.58 3.07
C PRO A 392 15.64 -28.28 1.64
N VAL A 393 15.57 -27.01 1.25
CA VAL A 393 16.00 -26.54 -0.04
C VAL A 393 16.94 -25.36 0.18
N PHE A 394 17.77 -25.08 -0.82
CA PHE A 394 18.61 -23.89 -0.74
C PHE A 394 17.75 -22.64 -0.82
N THR A 395 18.31 -21.51 -0.38
CA THR A 395 17.56 -20.26 -0.37
C THR A 395 18.07 -19.25 -1.39
N ARG A 396 19.22 -19.48 -2.01
CA ARG A 396 19.69 -18.66 -3.12
C ARG A 396 19.67 -19.51 -4.38
N LYS A 397 19.11 -18.96 -5.47
CA LYS A 397 19.02 -19.72 -6.70
C LYS A 397 20.39 -20.18 -7.18
N ILE A 398 21.42 -19.40 -6.90
CA ILE A 398 22.76 -19.74 -7.40
C ILE A 398 23.29 -20.98 -6.68
N HIS A 399 22.89 -21.23 -5.44
CA HIS A 399 23.26 -22.46 -4.75
C HIS A 399 22.65 -23.68 -5.44
N THR A 400 21.38 -23.57 -5.85
CA THR A 400 20.77 -24.67 -6.59
C THR A 400 21.54 -24.95 -7.88
N ASP A 401 22.01 -23.92 -8.58
CA ASP A 401 22.77 -24.14 -9.79
C ASP A 401 24.08 -24.87 -9.51
N VAL A 402 24.77 -24.48 -8.43
CA VAL A 402 26.02 -25.17 -8.07
C VAL A 402 25.72 -26.61 -7.68
N SER A 403 24.69 -26.80 -6.87
CA SER A 403 24.26 -28.13 -6.50
C SER A 403 23.98 -28.96 -7.74
N TYR A 404 23.31 -28.37 -8.73
CA TYR A 404 22.95 -29.11 -9.93
C TYR A 404 24.19 -29.57 -10.68
N ILE A 405 25.12 -28.66 -10.91
CA ILE A 405 26.35 -29.02 -11.61
C ILE A 405 27.17 -30.02 -10.80
N ALA A 406 27.20 -29.84 -9.47
CA ALA A 406 27.91 -30.80 -8.63
C ALA A 406 27.29 -32.19 -8.71
N CYS A 407 25.96 -32.25 -8.69
CA CYS A 407 25.30 -33.54 -8.81
C CYS A 407 25.45 -34.12 -10.22
N ALA A 408 25.52 -33.26 -11.25
CA ALA A 408 25.78 -33.79 -12.58
C ALA A 408 27.14 -34.48 -12.65
N ALA A 409 28.15 -33.92 -11.96
CA ALA A 409 29.46 -34.56 -11.96
C ALA A 409 29.39 -35.94 -11.32
N LYS A 410 28.66 -36.07 -10.22
CA LYS A 410 28.50 -37.36 -9.58
C LYS A 410 27.81 -38.36 -10.51
N LEU A 411 26.78 -37.91 -11.22
CA LEU A 411 26.07 -38.78 -12.16
C LEU A 411 26.94 -39.17 -13.35
N LEU A 412 27.70 -38.22 -13.89
CA LEU A 412 28.56 -38.52 -15.03
C LEU A 412 29.66 -39.48 -14.66
N ALA A 413 30.04 -39.56 -13.40
CA ALA A 413 31.00 -40.55 -12.93
C ALA A 413 30.39 -41.94 -12.81
N ALA A 414 29.08 -42.07 -13.01
CA ALA A 414 28.39 -43.33 -12.77
C ALA A 414 27.53 -43.75 -13.96
N THR A 415 27.88 -43.30 -15.16
CA THR A 415 27.06 -43.66 -16.32
C THR A 415 27.10 -45.16 -16.61
N ASP A 416 28.03 -45.90 -16.01
CA ASP A 416 28.00 -47.33 -16.18
C ASP A 416 26.81 -47.97 -15.45
N VAL A 417 26.36 -47.38 -14.34
CA VAL A 417 25.29 -48.01 -13.56
C VAL A 417 24.00 -47.20 -13.53
N VAL A 418 24.01 -45.90 -13.83
CA VAL A 418 22.79 -45.12 -13.95
C VAL A 418 22.78 -44.40 -15.29
N PHE A 419 21.60 -43.95 -15.68
CA PHE A 419 21.42 -43.23 -16.94
C PHE A 419 21.04 -41.80 -16.60
N PRO A 420 21.98 -40.84 -16.64
CA PRO A 420 21.66 -39.47 -16.22
C PRO A 420 20.82 -38.74 -17.26
N GLN A 421 19.86 -37.97 -16.76
CA GLN A 421 18.91 -37.23 -17.59
C GLN A 421 18.87 -35.81 -17.06
N PHE A 422 19.51 -34.90 -17.78
CA PHE A 422 19.77 -33.55 -17.26
C PHE A 422 18.66 -32.63 -17.74
N ALA A 423 17.62 -32.50 -16.91
CA ALA A 423 16.49 -31.66 -17.25
C ALA A 423 16.83 -30.22 -16.86
N THR A 424 17.02 -29.37 -17.87
CA THR A 424 17.24 -27.95 -17.60
C THR A 424 16.92 -27.14 -18.85
N HIS A 425 16.47 -25.91 -18.62
CA HIS A 425 16.33 -24.93 -19.68
C HIS A 425 17.40 -23.87 -19.62
N ASN A 426 18.36 -24.02 -18.73
CA ASN A 426 19.38 -23.00 -18.48
C ASN A 426 20.58 -23.31 -19.38
N ALA A 427 20.81 -22.44 -20.37
CA ALA A 427 21.87 -22.69 -21.33
C ALA A 427 23.25 -22.73 -20.66
N GLN A 428 23.42 -22.00 -19.56
CA GLN A 428 24.69 -22.04 -18.86
C GLN A 428 24.88 -23.41 -18.20
N THR A 429 23.86 -23.87 -17.47
CA THR A 429 23.88 -25.22 -16.90
C THR A 429 24.15 -26.27 -17.97
N LEU A 430 23.41 -26.20 -19.08
CA LEU A 430 23.55 -27.15 -20.18
C LEU A 430 24.98 -27.19 -20.69
N ALA A 431 25.55 -26.02 -21.00
CA ALA A 431 26.89 -25.97 -21.56
C ALA A 431 27.92 -26.54 -20.59
N ALA A 432 27.76 -26.24 -19.30
CA ALA A 432 28.70 -26.75 -18.31
C ALA A 432 28.72 -28.28 -18.32
N ILE A 433 27.53 -28.89 -18.35
CA ILE A 433 27.45 -30.35 -18.35
C ILE A 433 27.92 -30.92 -19.67
N TYR A 434 27.53 -30.30 -20.78
CA TYR A 434 27.98 -30.75 -22.10
C TYR A 434 29.49 -30.89 -22.16
N HIS A 435 30.22 -29.87 -21.70
CA HIS A 435 31.67 -29.97 -21.70
C HIS A 435 32.19 -30.86 -20.58
N MET A 436 31.51 -30.88 -19.43
CA MET A 436 31.87 -31.81 -18.37
C MET A 436 31.80 -33.25 -18.86
N ALA A 437 30.79 -33.58 -19.66
CA ALA A 437 30.62 -34.94 -20.15
C ALA A 437 31.71 -35.35 -21.13
N GLY A 438 32.25 -34.41 -21.91
CA GLY A 438 33.34 -34.71 -22.80
C GLY A 438 32.88 -35.18 -24.17
N LYS A 439 33.87 -35.55 -24.99
CA LYS A 439 33.64 -35.81 -26.40
C LYS A 439 33.06 -37.20 -26.68
N ASP A 440 33.34 -38.18 -25.84
CA ASP A 440 32.87 -39.54 -26.08
C ASP A 440 31.38 -39.62 -25.74
N PHE A 441 30.56 -39.96 -26.73
CA PHE A 441 29.13 -40.06 -26.49
C PHE A 441 28.52 -41.20 -27.29
N HIS A 442 27.55 -41.87 -26.68
CA HIS A 442 26.73 -42.81 -27.40
C HIS A 442 25.33 -42.69 -26.83
N VAL A 443 24.33 -42.97 -27.68
CA VAL A 443 22.96 -42.96 -27.20
C VAL A 443 22.83 -43.97 -26.09
N GLY A 444 22.21 -43.56 -24.99
CA GLY A 444 22.15 -44.36 -23.79
C GLY A 444 23.19 -44.00 -22.74
N LYS A 445 24.17 -43.17 -23.07
CA LYS A 445 25.13 -42.74 -22.07
C LYS A 445 24.49 -41.75 -21.11
N TYR A 446 23.94 -40.67 -21.64
CA TYR A 446 23.13 -39.74 -20.86
C TYR A 446 22.25 -38.99 -21.85
N GLU A 447 21.35 -38.17 -21.32
CA GLU A 447 20.54 -37.33 -22.19
C GLU A 447 20.21 -36.05 -21.45
N PHE A 448 19.78 -35.06 -22.21
CA PHE A 448 19.14 -33.87 -21.67
C PHE A 448 17.64 -34.03 -21.70
N GLN A 449 16.95 -33.16 -20.96
CA GLN A 449 15.50 -33.15 -20.97
C GLN A 449 15.00 -31.71 -20.93
N CYS A 450 13.82 -31.51 -21.48
CA CYS A 450 13.21 -30.18 -21.46
C CYS A 450 11.69 -30.32 -21.39
N LEU A 451 11.03 -29.19 -21.17
CA LEU A 451 9.58 -29.17 -21.14
C LEU A 451 9.02 -28.89 -22.54
N HIS A 452 7.96 -29.60 -22.89
CA HIS A 452 7.25 -29.33 -24.13
C HIS A 452 6.88 -27.85 -24.23
N GLY A 453 7.08 -27.29 -25.42
CA GLY A 453 6.76 -25.90 -25.68
C GLY A 453 7.92 -25.02 -25.26
N MET A 454 8.25 -25.13 -23.97
CA MET A 454 9.22 -24.23 -23.34
C MET A 454 10.63 -24.47 -23.84
N GLY A 455 11.05 -25.74 -23.92
CA GLY A 455 12.45 -26.05 -24.09
C GLY A 455 12.91 -26.30 -25.51
N GLU A 456 11.99 -26.44 -26.45
CA GLU A 456 12.39 -26.75 -27.82
C GLU A 456 13.29 -25.70 -28.47
N PRO A 457 13.06 -24.39 -28.30
CA PRO A 457 14.00 -23.41 -28.90
C PRO A 457 15.44 -23.64 -28.49
N LEU A 458 15.68 -23.91 -27.21
CA LEU A 458 17.05 -24.17 -26.77
C LEU A 458 17.56 -25.48 -27.36
N TYR A 459 16.78 -26.56 -27.24
CA TYR A 459 17.34 -27.85 -27.59
C TYR A 459 17.34 -28.13 -29.08
N GLU A 460 16.62 -27.34 -29.89
CA GLU A 460 16.88 -27.45 -31.31
C GLU A 460 18.26 -26.90 -31.67
N GLU A 461 18.95 -26.27 -30.74
CA GLU A 461 20.35 -25.93 -30.89
C GLU A 461 21.29 -26.96 -30.29
N VAL A 462 20.75 -28.08 -29.82
CA VAL A 462 21.52 -29.14 -29.16
C VAL A 462 21.39 -30.46 -29.89
N VAL A 463 20.16 -30.89 -30.16
CA VAL A 463 19.94 -32.19 -30.80
C VAL A 463 20.39 -32.15 -32.25
N GLY A 464 21.00 -33.23 -32.71
CA GLY A 464 21.29 -33.37 -34.12
C GLY A 464 22.77 -33.19 -34.42
N ARG A 465 23.23 -33.90 -35.46
CA ARG A 465 24.65 -33.87 -35.82
C ARG A 465 25.10 -32.47 -36.23
N GLY A 466 24.19 -31.61 -36.69
CA GLY A 466 24.60 -30.25 -36.98
C GLY A 466 24.72 -29.34 -35.76
N LYS A 467 24.23 -29.77 -34.61
CA LYS A 467 24.28 -28.98 -33.39
C LYS A 467 25.30 -29.60 -32.44
N LEU A 468 24.96 -29.90 -31.19
CA LEU A 468 25.86 -30.55 -30.25
C LEU A 468 25.77 -32.06 -30.29
N ASP A 469 24.81 -32.61 -31.05
CA ASP A 469 24.64 -34.05 -31.22
C ASP A 469 24.40 -34.74 -29.88
N ARG A 470 23.55 -34.14 -29.06
CA ARG A 470 23.12 -34.76 -27.83
C ARG A 470 21.60 -34.87 -27.82
N PRO A 471 21.06 -35.98 -27.32
CA PRO A 471 19.61 -36.17 -27.35
C PRO A 471 18.93 -35.41 -26.22
N CYS A 472 17.65 -35.13 -26.44
CA CYS A 472 16.82 -34.45 -25.45
C CYS A 472 15.48 -35.15 -25.39
N ARG A 473 15.04 -35.46 -24.17
CA ARG A 473 13.71 -36.02 -23.94
C ARG A 473 12.77 -34.90 -23.53
N ILE A 474 11.64 -34.81 -24.24
CA ILE A 474 10.65 -33.77 -24.00
C ILE A 474 9.64 -34.29 -22.99
N TYR A 475 9.51 -33.58 -21.88
CA TYR A 475 8.49 -33.85 -20.88
C TYR A 475 7.18 -33.25 -21.38
N ALA A 476 6.24 -34.13 -21.69
CA ALA A 476 5.09 -33.78 -22.53
C ALA A 476 3.81 -33.89 -21.72
N PRO A 477 3.26 -32.77 -21.27
CA PRO A 477 1.99 -32.82 -20.54
C PRO A 477 0.86 -33.25 -21.45
N VAL A 478 -0.04 -34.05 -20.90
CA VAL A 478 -1.17 -34.59 -21.63
C VAL A 478 -2.42 -34.37 -20.77
N GLY A 479 -3.42 -33.69 -21.34
CA GLY A 479 -4.68 -33.52 -20.64
C GLY A 479 -5.54 -32.45 -21.28
N THR A 480 -6.80 -32.43 -20.82
CA THR A 480 -7.77 -31.46 -21.30
C THR A 480 -7.50 -30.07 -20.73
N HIS A 481 -8.27 -29.09 -21.20
CA HIS A 481 -8.14 -27.72 -20.72
C HIS A 481 -8.33 -27.63 -19.21
N GLU A 482 -9.43 -28.20 -18.72
CA GLU A 482 -9.71 -28.15 -17.28
C GLU A 482 -8.54 -28.70 -16.48
N THR A 483 -8.06 -29.89 -16.87
CA THR A 483 -6.91 -30.50 -16.20
C THR A 483 -5.68 -29.62 -16.30
N LEU A 484 -5.42 -29.10 -17.49
CA LEU A 484 -4.26 -28.25 -17.69
C LEU A 484 -4.29 -27.03 -16.78
N LEU A 485 -5.44 -26.35 -16.72
CA LEU A 485 -5.58 -25.14 -15.92
C LEU A 485 -5.46 -25.40 -14.43
N ALA A 486 -5.47 -26.67 -13.99
CA ALA A 486 -5.48 -26.98 -12.57
C ALA A 486 -4.17 -26.57 -11.89
N TYR A 487 -3.02 -26.84 -12.52
CA TYR A 487 -1.75 -26.49 -11.88
C TYR A 487 -0.78 -25.83 -12.86
N LEU A 488 -1.31 -25.07 -13.83
CA LEU A 488 -0.42 -24.41 -14.80
C LEU A 488 0.39 -23.27 -14.17
N VAL A 489 -0.08 -22.71 -13.05
CA VAL A 489 0.64 -21.60 -12.42
C VAL A 489 2.03 -22.05 -11.99
N ARG A 490 2.10 -23.16 -11.23
CA ARG A 490 3.38 -23.66 -10.75
C ARG A 490 4.34 -23.96 -11.90
N ARG A 491 3.83 -24.55 -12.98
CA ARG A 491 4.69 -24.87 -14.11
C ARG A 491 5.24 -23.61 -14.78
N LEU A 492 4.52 -22.50 -14.70
CA LEU A 492 4.98 -21.26 -15.31
C LEU A 492 5.97 -20.51 -14.44
N LEU A 493 5.85 -20.60 -13.11
CA LEU A 493 6.82 -19.97 -12.22
C LEU A 493 8.22 -20.57 -12.38
N GLU A 494 8.32 -21.79 -12.92
CA GLU A 494 9.59 -22.49 -13.05
C GLU A 494 10.54 -21.78 -14.00
N ALA A 497 9.31 -16.07 -12.90
CA ALA A 497 10.05 -15.55 -11.76
C ALA A 497 11.30 -14.81 -12.23
N ASN A 498 11.61 -13.68 -11.57
CA ASN A 498 12.71 -12.83 -12.03
C ASN A 498 14.06 -13.54 -12.02
N SER A 499 14.22 -14.58 -11.19
CA SER A 499 15.47 -15.33 -11.14
C SER A 499 15.50 -16.52 -12.10
N SER A 500 14.38 -16.92 -12.67
CA SER A 500 14.37 -18.04 -13.60
C SER A 500 15.09 -17.66 -14.90
N PHE A 501 15.67 -18.67 -15.54
CA PHE A 501 16.49 -18.42 -16.73
C PHE A 501 15.63 -17.94 -17.90
N VAL A 502 14.47 -18.58 -18.11
CA VAL A 502 13.65 -18.26 -19.28
C VAL A 502 13.11 -16.84 -19.18
N HIS A 503 12.86 -16.35 -17.95
CA HIS A 503 12.50 -14.95 -17.78
C HIS A 503 13.67 -14.04 -18.13
N ARG A 504 14.86 -14.37 -17.64
CA ARG A 504 16.01 -13.48 -17.81
C ARG A 504 16.48 -13.41 -19.25
N ILE A 505 16.34 -14.50 -20.02
CA ILE A 505 16.78 -14.47 -21.41
C ILE A 505 15.90 -13.55 -22.25
N ASN A 506 14.63 -13.40 -21.86
CA ASN A 506 13.70 -12.50 -22.53
C ASN A 506 13.73 -11.08 -21.94
N ASP A 507 14.52 -10.86 -20.89
CA ASP A 507 14.73 -9.53 -20.33
C ASP A 507 15.87 -8.87 -21.11
N PRO A 508 15.59 -7.86 -21.95
CA PRO A 508 16.68 -7.23 -22.71
C PRO A 508 17.67 -6.48 -21.85
N LYS A 509 17.32 -6.14 -20.61
CA LYS A 509 18.27 -5.51 -19.70
C LYS A 509 19.31 -6.48 -19.15
N VAL A 510 19.10 -7.78 -19.33
CA VAL A 510 20.05 -8.80 -18.90
C VAL A 510 20.94 -9.14 -20.09
N SER A 511 22.24 -8.86 -19.97
CA SER A 511 23.18 -9.16 -21.04
C SER A 511 23.46 -10.65 -21.11
N ILE A 512 24.14 -11.05 -22.19
CA ILE A 512 24.56 -12.45 -22.32
C ILE A 512 25.68 -12.75 -21.33
N ASP A 513 26.60 -11.81 -21.12
CA ASP A 513 27.63 -12.01 -20.11
C ASP A 513 27.03 -12.36 -18.76
N GLU A 514 25.89 -11.74 -18.41
CA GLU A 514 25.22 -12.10 -17.16
C GLU A 514 24.70 -13.53 -17.20
N LEU A 515 24.15 -13.93 -18.35
CA LEU A 515 23.54 -15.25 -18.45
C LEU A 515 24.57 -16.37 -18.42
N ILE A 516 25.79 -16.10 -18.87
CA ILE A 516 26.82 -17.14 -18.91
C ILE A 516 27.74 -17.08 -17.71
N ALA A 517 27.46 -16.20 -16.75
CA ALA A 517 28.22 -16.15 -15.51
C ALA A 517 28.22 -17.52 -14.84
N ASP A 518 29.41 -17.99 -14.49
CA ASP A 518 29.56 -19.31 -13.87
C ASP A 518 29.11 -19.26 -12.42
N PRO A 519 28.01 -19.91 -12.05
CA PRO A 519 27.58 -19.86 -10.64
C PRO A 519 28.59 -20.47 -9.69
N VAL A 520 29.37 -21.46 -10.13
CA VAL A 520 30.33 -22.11 -9.25
C VAL A 520 31.39 -21.12 -8.79
N GLU A 521 31.90 -20.32 -9.71
CA GLU A 521 32.93 -19.35 -9.34
C GLU A 521 32.35 -18.17 -8.59
N VAL A 522 31.11 -17.77 -8.91
CA VAL A 522 30.47 -16.71 -8.15
C VAL A 522 30.32 -17.11 -6.69
N VAL A 523 29.81 -18.33 -6.45
CA VAL A 523 29.64 -18.80 -5.08
C VAL A 523 30.99 -18.97 -4.39
N ARG A 524 32.01 -19.43 -5.13
CA ARG A 524 33.30 -19.67 -4.50
C ARG A 524 33.91 -18.37 -3.95
N ALA A 525 33.62 -17.24 -4.59
CA ALA A 525 34.21 -15.96 -4.25
C ALA A 525 33.27 -15.07 -3.45
N MET A 526 32.14 -15.59 -2.98
CA MET A 526 31.31 -14.80 -2.09
C MET A 526 31.96 -14.73 -0.71
N PRO A 527 31.66 -13.67 0.06
CA PRO A 527 32.30 -13.52 1.38
C PRO A 527 32.14 -14.74 2.28
N VAL A 528 30.92 -15.21 2.49
CA VAL A 528 30.65 -16.46 3.20
C VAL A 528 30.06 -17.44 2.19
N VAL A 529 30.74 -18.57 1.99
CA VAL A 529 30.29 -19.55 1.01
C VAL A 529 29.01 -20.22 1.51
N GLY A 530 27.95 -20.14 0.73
CA GLY A 530 26.72 -20.82 1.07
C GLY A 530 25.83 -20.08 2.06
N ALA A 531 25.99 -18.78 2.20
CA ALA A 531 25.18 -18.04 3.16
C ALA A 531 23.72 -18.04 2.76
N LYS A 532 22.84 -18.19 3.76
CA LYS A 532 21.41 -18.09 3.54
C LYS A 532 21.08 -16.79 2.82
N HIS A 533 20.02 -16.82 2.02
CA HIS A 533 19.51 -15.60 1.42
C HIS A 533 19.12 -14.60 2.50
N ASP A 534 19.51 -13.35 2.27
CA ASP A 534 19.35 -12.29 3.27
C ASP A 534 17.89 -11.98 3.58
N ARG A 535 16.99 -12.12 2.62
CA ARG A 535 15.61 -11.69 2.76
C ARG A 535 14.66 -12.83 3.08
N ILE A 536 15.18 -13.99 3.49
CA ILE A 536 14.35 -15.11 3.90
C ILE A 536 14.70 -15.43 5.35
N ALA A 537 13.70 -15.36 6.22
CA ALA A 537 13.91 -15.65 7.62
C ALA A 537 13.93 -17.15 7.87
N LEU A 538 14.92 -17.60 8.62
CA LEU A 538 14.84 -18.92 9.21
C LEU A 538 13.56 -19.01 10.03
N PRO A 539 12.95 -20.19 10.14
CA PRO A 539 11.75 -20.32 10.97
C PRO A 539 11.88 -19.72 12.36
N ALA A 540 13.02 -19.91 13.02
CA ALA A 540 13.21 -19.37 14.37
C ALA A 540 13.23 -17.85 14.39
N GLU A 541 13.50 -17.20 13.27
CA GLU A 541 13.66 -15.76 13.21
C GLU A 541 12.45 -15.06 12.58
N LEU A 542 11.29 -15.73 12.51
CA LEU A 542 10.12 -15.16 11.84
C LEU A 542 9.74 -13.82 12.44
N PHE A 543 9.96 -13.62 13.72
CA PHE A 543 9.53 -12.41 14.40
C PHE A 543 10.68 -11.45 14.68
N GLY A 544 11.86 -11.71 14.12
CA GLY A 544 12.95 -10.76 14.23
C GLY A 544 13.30 -10.52 15.68
N ASP A 545 13.53 -9.24 16.01
CA ASP A 545 13.98 -8.88 17.35
C ASP A 545 12.90 -9.00 18.40
N ALA A 546 11.62 -9.08 18.01
CA ALA A 546 10.56 -9.05 19.00
C ALA A 546 10.60 -10.27 19.91
N ARG A 547 10.74 -11.46 19.33
CA ARG A 547 10.79 -12.68 20.13
C ARG A 547 11.26 -13.83 19.26
N THR A 548 11.67 -14.90 19.93
CA THR A 548 12.16 -16.09 19.26
C THR A 548 10.99 -17.03 19.01
N ASN A 549 10.81 -17.41 17.74
CA ASN A 549 9.73 -18.32 17.41
C ASN A 549 9.95 -19.68 18.08
N SER A 550 8.87 -20.32 18.49
CA SER A 550 8.97 -21.69 18.98
C SER A 550 9.49 -22.60 17.87
N ALA A 551 10.16 -23.67 18.26
CA ALA A 551 10.63 -24.67 17.32
C ALA A 551 9.71 -25.89 17.35
N GLY A 552 9.43 -26.44 16.18
CA GLY A 552 8.67 -27.66 16.07
C GLY A 552 9.57 -28.87 15.90
N LEU A 553 8.98 -29.94 15.39
CA LEU A 553 9.68 -31.20 15.20
C LEU A 553 9.21 -31.75 13.88
N ASP A 554 10.14 -32.34 13.11
CA ASP A 554 9.84 -32.82 11.76
C ASP A 554 9.48 -34.30 11.82
N LEU A 555 8.18 -34.60 11.70
CA LEU A 555 7.73 -35.99 11.76
C LEU A 555 7.96 -36.75 10.44
N SER A 556 8.65 -36.16 9.48
CA SER A 556 9.11 -36.91 8.31
C SER A 556 10.57 -37.27 8.39
N ASN A 557 11.26 -36.87 9.47
CA ASN A 557 12.67 -37.11 9.66
C ASN A 557 12.85 -38.38 10.49
N GLU A 558 13.56 -39.37 9.95
CA GLU A 558 13.66 -40.63 10.66
C GLU A 558 14.46 -40.49 11.95
N GLU A 559 15.46 -39.61 11.99
CA GLU A 559 16.17 -39.40 13.26
C GLU A 559 15.22 -38.82 14.31
N THR A 560 14.40 -37.86 13.91
CA THR A 560 13.44 -37.28 14.82
C THR A 560 12.45 -38.33 15.31
N LEU A 561 11.94 -39.15 14.39
CA LEU A 561 10.98 -40.18 14.78
C LEU A 561 11.62 -41.22 15.71
N ALA A 562 12.85 -41.64 15.41
CA ALA A 562 13.54 -42.61 16.28
C ALA A 562 13.78 -42.03 17.66
N SER A 563 14.25 -40.79 17.73
CA SER A 563 14.49 -40.15 19.02
C SER A 563 13.17 -39.92 19.77
N LEU A 564 12.14 -39.48 19.03
CA LEU A 564 10.85 -39.24 19.65
CA LEU A 564 10.84 -39.25 19.65
C LEU A 564 10.23 -40.53 20.16
N THR A 565 10.40 -41.62 19.41
CA THR A 565 9.87 -42.91 19.87
C THR A 565 10.37 -43.23 21.27
N GLU A 566 11.66 -42.99 21.53
CA GLU A 566 12.21 -43.34 22.85
C GLU A 566 11.72 -42.36 23.91
N ALA A 567 11.77 -41.06 23.61
CA ALA A 567 11.27 -40.09 24.57
C ALA A 567 9.80 -40.32 24.89
N LEU A 568 8.99 -40.70 23.89
CA LEU A 568 7.57 -40.93 24.15
C LEU A 568 7.37 -42.18 25.00
N ARG A 569 8.07 -43.28 24.68
CA ARG A 569 7.99 -44.46 25.54
C ARG A 569 8.41 -44.15 26.96
N GLU A 570 9.48 -43.37 27.11
CA GLU A 570 9.93 -43.00 28.45
C GLU A 570 8.87 -42.17 29.17
N SER A 571 8.21 -41.26 28.45
CA SER A 571 7.16 -40.48 29.08
C SER A 571 6.03 -41.37 29.58
N ALA A 572 5.75 -42.46 28.88
CA ALA A 572 4.64 -43.34 29.23
C ALA A 572 4.94 -44.21 30.44
N ALA A 573 6.19 -44.29 30.84
CA ALA A 573 6.58 -45.03 32.03
C ALA A 573 6.59 -44.18 33.28
N MET A 574 6.47 -42.85 33.16
CA MET A 574 6.56 -41.98 34.32
C MET A 574 5.27 -42.01 35.11
N LYS A 575 5.41 -41.92 36.44
CA LYS A 575 4.24 -41.93 37.33
C LYS A 575 3.74 -40.49 37.51
N TRP A 576 3.11 -39.98 36.44
CA TRP A 576 2.64 -38.61 36.47
C TRP A 576 1.64 -38.41 37.59
N THR A 577 1.76 -37.27 38.28
CA THR A 577 0.84 -36.93 39.34
C THR A 577 0.50 -35.44 39.23
N ALA A 578 -0.66 -35.10 39.77
CA ALA A 578 -1.08 -33.73 39.96
C ALA A 578 -1.64 -33.63 41.37
N LEU A 579 -1.19 -32.64 42.13
CA LEU A 579 -1.64 -32.42 43.49
C LEU A 579 -2.10 -30.98 43.66
N PRO A 580 -2.87 -30.68 44.72
CA PRO A 580 -3.12 -29.28 45.06
C PRO A 580 -1.84 -28.67 45.58
N GLN A 581 -1.30 -27.73 44.83
CA GLN A 581 0.01 -27.16 45.11
C GLN A 581 -0.22 -25.76 45.65
N LEU A 582 -0.34 -25.65 46.97
CA LEU A 582 -0.61 -24.36 47.57
C LEU A 582 0.70 -23.66 47.92
N ALA A 583 0.60 -22.38 48.29
CA ALA A 583 1.77 -21.60 48.67
C ALA A 583 2.56 -22.31 49.77
N THR A 584 1.88 -23.08 50.61
CA THR A 584 2.47 -23.73 51.76
C THR A 584 2.95 -25.15 51.47
N GLY A 585 2.78 -25.64 50.25
CA GLY A 585 3.19 -26.98 49.91
C GLY A 585 2.03 -27.79 49.35
N PRO A 586 2.30 -29.02 48.94
CA PRO A 586 1.22 -29.86 48.41
C PRO A 586 0.24 -30.23 49.50
N ALA A 587 -1.04 -30.22 49.14
CA ALA A 587 -2.11 -30.50 50.08
C ALA A 587 -2.63 -31.93 49.92
N ALA A 588 -3.33 -32.40 50.94
CA ALA A 588 -3.99 -33.69 50.89
C ALA A 588 -5.34 -33.57 50.19
N GLY A 589 -5.79 -34.68 49.62
CA GLY A 589 -7.11 -34.72 49.03
C GLY A 589 -7.46 -36.12 48.58
N GLU A 590 -8.60 -36.23 47.89
CA GLU A 590 -8.99 -37.50 47.30
C GLU A 590 -8.22 -37.70 46.00
N THR A 591 -7.80 -38.94 45.76
CA THR A 591 -6.94 -39.26 44.63
C THR A 591 -7.64 -40.26 43.72
N ARG A 592 -7.51 -40.05 42.41
CA ARG A 592 -8.05 -40.98 41.43
C ARG A 592 -7.12 -41.01 40.25
N THR A 593 -7.29 -42.01 39.40
CA THR A 593 -6.40 -42.18 38.28
C THR A 593 -6.88 -41.35 37.09
N VAL A 594 -5.92 -40.95 36.26
CA VAL A 594 -6.20 -40.27 35.00
C VAL A 594 -6.01 -41.28 33.89
N LEU A 595 -6.99 -41.39 33.00
CA LEU A 595 -7.03 -42.43 32.00
C LEU A 595 -6.88 -41.85 30.60
N ASN A 596 -6.25 -42.64 29.73
CA ASN A 596 -6.13 -42.31 28.30
C ASN A 596 -7.50 -42.35 27.66
N PRO A 597 -8.02 -41.24 27.11
CA PRO A 597 -9.35 -41.29 26.49
C PRO A 597 -9.43 -42.22 25.30
N GLY A 598 -8.29 -42.57 24.70
CA GLY A 598 -8.27 -43.53 23.61
C GLY A 598 -8.19 -44.98 24.02
N ASP A 599 -7.97 -45.22 25.31
CA ASP A 599 -7.85 -46.57 25.86
C ASP A 599 -7.87 -46.48 27.38
N HIS A 600 -9.03 -46.68 27.99
CA HIS A 600 -9.15 -46.50 29.43
C HIS A 600 -8.33 -47.52 30.22
N ARG A 601 -7.83 -48.56 29.56
CA ARG A 601 -6.89 -49.46 30.22
C ARG A 601 -5.53 -48.81 30.45
N ASP A 602 -5.19 -47.77 29.69
CA ASP A 602 -3.90 -47.10 29.79
C ASP A 602 -4.01 -46.02 30.88
N VAL A 603 -3.48 -46.33 32.07
CA VAL A 603 -3.47 -45.36 33.16
C VAL A 603 -2.33 -44.39 32.92
N VAL A 604 -2.63 -43.10 32.91
CA VAL A 604 -1.62 -42.09 32.64
C VAL A 604 -1.01 -41.55 33.92
N GLY A 605 -1.80 -41.41 34.97
CA GLY A 605 -1.27 -40.88 36.22
C GLY A 605 -2.34 -40.83 37.27
N SER A 606 -2.07 -40.03 38.30
CA SER A 606 -2.95 -39.90 39.46
C SER A 606 -3.14 -38.44 39.78
N VAL A 607 -4.39 -38.02 39.99
CA VAL A 607 -4.69 -36.66 40.41
C VAL A 607 -5.24 -36.71 41.83
N THR A 608 -4.68 -35.89 42.69
CA THR A 608 -5.25 -35.60 44.01
C THR A 608 -6.03 -34.30 43.89
N GLU A 609 -7.32 -34.34 44.13
CA GLU A 609 -8.13 -33.17 43.86
C GLU A 609 -8.28 -32.29 45.10
N THR A 610 -8.57 -31.03 44.85
CA THR A 610 -8.53 -30.00 45.88
C THR A 610 -9.83 -29.97 46.64
N SER A 611 -9.75 -29.96 47.98
CA SER A 611 -10.94 -29.72 48.77
C SER A 611 -11.36 -28.27 48.60
N GLU A 612 -12.65 -28.00 48.76
CA GLU A 612 -13.11 -26.62 48.70
C GLU A 612 -12.44 -25.77 49.78
N GLU A 613 -12.21 -26.35 50.97
CA GLU A 613 -11.51 -25.60 52.02
C GLU A 613 -10.14 -25.13 51.54
N ASP A 614 -9.36 -26.03 50.94
CA ASP A 614 -8.03 -25.67 50.48
C ASP A 614 -8.10 -24.74 49.27
N ALA A 615 -9.17 -24.82 48.47
CA ALA A 615 -9.32 -23.85 47.38
C ALA A 615 -9.52 -22.45 47.92
N ARG A 616 -10.38 -22.30 48.92
CA ARG A 616 -10.56 -20.99 49.55
C ARG A 616 -9.30 -20.55 50.26
N ARG A 617 -8.59 -21.49 50.90
CA ARG A 617 -7.32 -21.18 51.53
C ARG A 617 -6.32 -20.65 50.50
N ALA A 618 -6.26 -21.29 49.33
CA ALA A 618 -5.30 -20.87 48.31
C ALA A 618 -5.52 -19.42 47.89
N VAL A 619 -6.78 -19.00 47.78
CA VAL A 619 -7.05 -17.62 47.40
C VAL A 619 -6.54 -16.66 48.47
N ARG A 620 -6.78 -16.96 49.75
CA ARG A 620 -6.23 -16.10 50.81
C ARG A 620 -4.71 -16.04 50.74
N LEU A 621 -4.07 -17.19 50.51
CA LEU A 621 -2.62 -17.23 50.36
C LEU A 621 -2.16 -16.39 49.17
N ALA A 622 -2.87 -16.48 48.04
CA ALA A 622 -2.55 -15.62 46.90
C ALA A 622 -2.67 -14.15 47.28
N ALA A 623 -3.74 -13.79 48.01
CA ALA A 623 -3.93 -12.39 48.40
C ALA A 623 -2.80 -11.92 49.29
N ASP A 624 -2.36 -12.76 50.24
CA ASP A 624 -1.26 -12.36 51.12
C ASP A 624 0.04 -12.16 50.36
N ALA A 625 0.26 -12.94 49.30
CA ALA A 625 1.51 -12.85 48.56
C ALA A 625 1.44 -11.87 47.39
N ALA A 626 0.25 -11.31 47.11
CA ALA A 626 0.10 -10.42 45.97
C ALA A 626 1.09 -9.26 45.97
N PRO A 627 1.32 -8.54 47.07
CA PRO A 627 2.26 -7.42 46.99
C PRO A 627 3.69 -7.83 46.67
N ASP A 628 4.14 -8.98 47.17
CA ASP A 628 5.50 -9.40 46.89
C ASP A 628 5.68 -9.77 45.41
N TRP A 629 4.68 -10.39 44.81
CA TRP A 629 4.79 -10.68 43.39
C TRP A 629 4.66 -9.41 42.54
N ALA A 630 3.72 -8.53 42.87
CA ALA A 630 3.59 -7.28 42.12
C ALA A 630 4.86 -6.46 42.20
N ALA A 631 5.62 -6.62 43.28
CA ALA A 631 6.86 -5.86 43.47
C ALA A 631 8.02 -6.41 42.64
N VAL A 632 7.92 -7.62 42.12
CA VAL A 632 8.92 -8.08 41.15
C VAL A 632 8.81 -7.24 39.88
N PRO A 633 9.90 -6.64 39.41
CA PRO A 633 9.79 -5.74 38.27
C PRO A 633 9.25 -6.47 37.04
N PRO A 634 8.50 -5.77 36.19
CA PRO A 634 7.93 -6.41 35.00
C PRO A 634 8.95 -7.16 34.16
N SER A 635 10.15 -6.60 33.97
CA SER A 635 11.17 -7.28 33.18
C SER A 635 11.60 -8.58 33.82
N GLU A 636 11.66 -8.64 35.16
CA GLU A 636 12.02 -9.90 35.79
C GLU A 636 10.86 -10.89 35.74
N ARG A 637 9.62 -10.41 35.82
CA ARG A 637 8.49 -11.32 35.61
C ARG A 637 8.48 -11.85 34.18
N ALA A 638 8.77 -10.96 33.22
CA ALA A 638 8.91 -11.42 31.84
C ALA A 638 10.05 -12.41 31.69
N ALA A 639 11.14 -12.25 32.44
CA ALA A 639 12.25 -13.19 32.33
C ALA A 639 11.87 -14.57 32.84
N CYS A 640 11.00 -14.65 33.86
CA CYS A 640 10.48 -15.95 34.28
C CYS A 640 9.74 -16.63 33.14
N LEU A 641 8.88 -15.87 32.45
CA LEU A 641 8.17 -16.44 31.31
C LEU A 641 9.12 -16.93 30.23
N ASP A 642 10.15 -16.13 29.91
CA ASP A 642 11.11 -16.54 28.89
C ASP A 642 11.86 -17.80 29.30
N ARG A 643 12.23 -17.89 30.58
CA ARG A 643 12.91 -19.09 31.06
C ARG A 643 12.00 -20.30 30.98
N ALA A 644 10.73 -20.14 31.35
CA ALA A 644 9.78 -21.25 31.23
C ALA A 644 9.64 -21.67 29.77
N ALA A 645 9.71 -20.71 28.85
CA ALA A 645 9.62 -21.06 27.44
C ALA A 645 10.79 -21.94 27.02
N GLU A 646 12.01 -21.60 27.48
CA GLU A 646 13.18 -22.44 27.21
C GLU A 646 12.99 -23.83 27.78
N LEU A 647 12.44 -23.92 28.99
CA LEU A 647 12.23 -25.23 29.61
C LEU A 647 11.20 -26.04 28.84
N MET A 648 10.10 -25.43 28.41
CA MET A 648 9.11 -26.19 27.65
C MET A 648 9.65 -26.62 26.30
N GLN A 649 10.45 -25.76 25.66
CA GLN A 649 11.08 -26.16 24.41
C GLN A 649 11.98 -27.37 24.61
N ALA A 650 12.80 -27.35 25.67
CA ALA A 650 13.71 -28.47 25.89
C ALA A 650 12.95 -29.75 26.24
N ARG A 651 11.83 -29.61 26.94
CA ARG A 651 11.04 -30.74 27.43
C ARG A 651 9.93 -31.14 26.47
N MET A 652 9.90 -30.55 25.27
CA MET A 652 8.79 -30.81 24.35
C MET A 652 8.53 -32.29 24.10
N PRO A 653 9.53 -33.13 23.82
CA PRO A 653 9.20 -34.55 23.58
C PRO A 653 8.40 -35.18 24.70
N THR A 654 8.82 -34.96 25.95
CA THR A 654 8.09 -35.51 27.10
C THR A 654 6.71 -34.88 27.23
N LEU A 655 6.61 -33.55 27.07
CA LEU A 655 5.30 -32.93 27.14
C LEU A 655 4.39 -33.49 26.06
N LEU A 656 4.95 -33.76 24.88
CA LEU A 656 4.18 -34.36 23.80
C LEU A 656 3.52 -35.65 24.23
N GLY A 657 4.30 -36.55 24.81
CA GLY A 657 3.78 -37.87 25.17
C GLY A 657 2.69 -37.79 26.21
N LEU A 658 2.85 -36.86 27.16
CA LEU A 658 1.81 -36.69 28.18
C LEU A 658 0.53 -36.16 27.54
N ILE A 659 0.64 -35.15 26.69
CA ILE A 659 -0.54 -34.59 26.02
C ILE A 659 -1.21 -35.65 25.16
N ILE A 660 -0.40 -36.46 24.46
CA ILE A 660 -0.95 -37.50 23.61
C ILE A 660 -1.83 -38.44 24.43
N ARG A 661 -1.31 -38.91 25.56
CA ARG A 661 -2.02 -39.94 26.30
C ARG A 661 -3.07 -39.38 27.24
N GLU A 662 -2.83 -38.19 27.83
CA GLU A 662 -3.83 -37.68 28.76
C GLU A 662 -4.98 -37.00 28.03
N ALA A 663 -4.65 -36.27 26.97
CA ALA A 663 -5.65 -35.47 26.28
C ALA A 663 -6.16 -36.13 25.02
N GLY A 664 -5.60 -37.28 24.62
CA GLY A 664 -6.09 -37.97 23.44
C GLY A 664 -5.68 -37.32 22.14
N LYS A 665 -4.59 -36.56 22.12
CA LYS A 665 -4.17 -35.83 20.93
C LYS A 665 -3.16 -36.61 20.11
N SER A 666 -3.15 -36.32 18.82
CA SER A 666 -2.12 -36.81 17.92
C SER A 666 -0.81 -36.07 18.18
N ALA A 667 0.29 -36.72 17.79
CA ALA A 667 1.61 -36.13 17.98
C ALA A 667 1.73 -34.78 17.29
N LEU A 668 1.22 -34.67 16.05
CA LEU A 668 1.29 -33.42 15.32
C LEU A 668 0.58 -32.32 16.08
N ASN A 669 -0.60 -32.61 16.62
CA ASN A 669 -1.34 -31.60 17.37
C ASN A 669 -0.67 -31.31 18.71
N ALA A 670 -0.03 -32.30 19.33
CA ALA A 670 0.63 -32.06 20.60
C ALA A 670 1.86 -31.18 20.39
N ILE A 671 2.55 -31.36 19.26
CA ILE A 671 3.67 -30.48 18.96
C ILE A 671 3.19 -29.05 18.85
N ALA A 672 2.10 -28.85 18.10
CA ALA A 672 1.59 -27.50 17.91
C ALA A 672 1.14 -26.92 19.23
N GLU A 673 0.60 -27.75 20.11
CA GLU A 673 0.17 -27.25 21.40
C GLU A 673 1.35 -26.80 22.26
N VAL A 674 2.44 -27.59 22.29
CA VAL A 674 3.59 -27.16 23.08
C VAL A 674 4.20 -25.90 22.48
N ARG A 675 4.23 -25.80 21.14
CA ARG A 675 4.72 -24.60 20.50
C ARG A 675 3.91 -23.40 20.94
N GLU A 676 2.59 -23.56 20.96
CA GLU A 676 1.72 -22.46 21.34
C GLU A 676 1.97 -22.01 22.78
N ALA A 677 2.18 -22.96 23.69
CA ALA A 677 2.53 -22.61 25.07
C ALA A 677 3.82 -21.80 25.11
N ILE A 678 4.84 -22.25 24.38
CA ILE A 678 6.08 -21.50 24.26
C ILE A 678 5.83 -20.10 23.70
N ASP A 679 5.02 -20.02 22.62
CA ASP A 679 4.73 -18.73 22.00
C ASP A 679 4.00 -17.80 22.95
N PHE A 680 3.01 -18.30 23.70
CA PHE A 680 2.32 -17.47 24.68
C PHE A 680 3.31 -16.88 25.67
N LEU A 681 4.22 -17.72 26.19
CA LEU A 681 5.16 -17.27 27.23
C LEU A 681 6.05 -16.17 26.68
N ARG A 682 6.63 -16.39 25.49
CA ARG A 682 7.51 -15.38 24.93
C ARG A 682 6.74 -14.17 24.46
N TYR A 683 5.51 -14.34 23.99
CA TYR A 683 4.74 -13.22 23.49
C TYR A 683 4.33 -12.30 24.63
N TYR A 684 3.77 -12.87 25.70
CA TYR A 684 3.38 -12.02 26.83
C TYR A 684 4.60 -11.41 27.52
N ALA A 685 5.74 -12.11 27.51
CA ALA A 685 6.97 -11.53 28.04
C ALA A 685 7.40 -10.31 27.22
N GLU A 686 7.39 -10.43 25.90
CA GLU A 686 7.73 -9.28 25.07
C GLU A 686 6.73 -8.15 25.25
N GLN A 687 5.43 -8.46 25.23
CA GLN A 687 4.41 -7.43 25.38
C GLN A 687 4.58 -6.69 26.70
N THR A 688 4.95 -7.43 27.74
CA THR A 688 5.21 -6.81 29.05
C THR A 688 6.38 -5.83 28.96
N ARG A 689 7.48 -6.29 28.37
CA ARG A 689 8.66 -5.43 28.20
C ARG A 689 8.30 -4.18 27.39
N ARG A 690 7.29 -4.26 26.53
CA ARG A 690 6.93 -3.10 25.73
C ARG A 690 6.01 -2.15 26.47
N THR A 691 5.36 -2.60 27.55
CA THR A 691 4.24 -1.79 28.05
C THR A 691 4.26 -1.52 29.54
N LEU A 692 4.59 -2.49 30.39
CA LEU A 692 4.19 -2.38 31.79
C LEU A 692 5.17 -1.55 32.62
N GLY A 693 4.62 -0.57 33.33
CA GLY A 693 5.36 0.19 34.31
C GLY A 693 4.61 0.25 35.64
N PRO A 694 5.12 1.08 36.57
CA PRO A 694 4.55 1.09 37.93
C PRO A 694 3.09 1.49 38.00
N GLY A 695 2.66 2.43 37.16
CA GLY A 695 1.26 2.84 37.20
C GLY A 695 0.27 1.79 36.74
N HIS A 696 0.75 0.67 36.20
CA HIS A 696 -0.14 -0.39 35.71
C HIS A 696 -0.24 -1.45 36.80
N GLY A 697 -1.03 -1.13 37.83
CA GLY A 697 -1.14 -1.97 38.99
C GLY A 697 -1.88 -3.27 38.70
N PRO A 698 -1.45 -4.36 39.33
CA PRO A 698 -2.15 -5.63 39.13
C PRO A 698 -3.54 -5.60 39.75
N LEU A 699 -4.40 -6.46 39.20
CA LEU A 699 -5.71 -6.65 39.80
C LEU A 699 -5.62 -7.28 41.18
N GLY A 700 -4.77 -8.28 41.33
CA GLY A 700 -4.77 -9.10 42.52
C GLY A 700 -4.87 -10.55 42.11
N PRO A 701 -5.26 -11.43 43.04
CA PRO A 701 -5.36 -12.86 42.70
C PRO A 701 -6.28 -13.08 41.52
N ILE A 702 -5.80 -13.82 40.53
CA ILE A 702 -6.56 -14.14 39.33
C ILE A 702 -6.77 -15.64 39.29
N VAL A 703 -8.01 -16.05 39.06
CA VAL A 703 -8.34 -17.45 38.90
C VAL A 703 -8.32 -17.77 37.41
N CYS A 704 -7.48 -18.71 37.02
CA CYS A 704 -7.31 -19.12 35.63
C CYS A 704 -7.90 -20.51 35.49
N ILE A 705 -8.99 -20.63 34.74
CA ILE A 705 -9.69 -21.87 34.52
C ILE A 705 -9.48 -22.25 33.07
N SER A 706 -8.85 -23.40 32.84
CA SER A 706 -8.45 -23.79 31.50
C SER A 706 -9.23 -25.02 31.03
N PRO A 707 -9.27 -25.27 29.72
CA PRO A 707 -10.09 -26.39 29.20
C PRO A 707 -9.28 -27.66 28.97
N TRP A 708 -9.97 -28.78 28.70
CA TRP A 708 -9.26 -30.03 28.45
C TRP A 708 -8.78 -30.14 27.01
N ASN A 709 -9.26 -29.28 26.10
CA ASN A 709 -8.94 -29.46 24.70
C ASN A 709 -7.61 -28.82 24.32
N PHE A 710 -7.13 -27.84 25.09
CA PHE A 710 -5.76 -27.34 24.99
C PHE A 710 -5.19 -27.29 26.41
N PRO A 711 -4.87 -28.46 26.96
CA PRO A 711 -4.60 -28.53 28.41
C PRO A 711 -3.26 -27.97 28.81
N LEU A 712 -2.38 -27.68 27.86
CA LEU A 712 -1.13 -26.98 28.14
C LEU A 712 -1.13 -25.57 27.60
N ALA A 713 -1.53 -25.38 26.33
CA ALA A 713 -1.38 -24.09 25.67
C ALA A 713 -2.27 -23.02 26.30
N ILE A 714 -3.57 -23.27 26.39
CA ILE A 714 -4.46 -22.27 26.97
C ILE A 714 -4.22 -22.16 28.46
N PHE A 715 -3.94 -23.30 29.09
CA PHE A 715 -3.50 -23.32 30.49
C PHE A 715 -2.35 -22.34 30.69
N THR A 716 -1.31 -22.49 29.87
CA THR A 716 -0.12 -21.66 30.02
C THR A 716 -0.41 -20.21 29.65
N GLY A 717 -1.12 -20.00 28.55
CA GLY A 717 -1.36 -18.63 28.10
C GLY A 717 -2.05 -17.79 29.16
N GLN A 718 -3.16 -18.29 29.71
CA GLN A 718 -3.89 -17.47 30.68
C GLN A 718 -3.03 -17.22 31.91
N ILE A 719 -2.32 -18.26 32.38
CA ILE A 719 -1.51 -18.15 33.58
C ILE A 719 -0.34 -17.21 33.34
N ALA A 720 0.33 -17.36 32.20
CA ALA A 720 1.47 -16.51 31.90
C ALA A 720 1.07 -15.04 31.86
N ALA A 721 -0.03 -14.74 31.17
CA ALA A 721 -0.50 -13.36 31.08
C ALA A 721 -0.79 -12.79 32.45
N ALA A 722 -1.57 -13.51 33.26
CA ALA A 722 -1.92 -13.01 34.58
C ALA A 722 -0.67 -12.80 35.43
N LEU A 723 0.25 -13.76 35.44
CA LEU A 723 1.48 -13.62 36.22
C LEU A 723 2.33 -12.46 35.75
N VAL A 724 2.54 -12.34 34.43
CA VAL A 724 3.49 -11.33 33.99
C VAL A 724 2.91 -9.93 34.20
N ALA A 725 1.58 -9.82 34.20
CA ALA A 725 0.93 -8.56 34.57
C ALA A 725 1.03 -8.28 36.08
N GLY A 726 1.67 -9.16 36.84
CA GLY A 726 1.93 -8.88 38.26
C GLY A 726 0.90 -9.42 39.22
N ASN A 727 0.03 -10.36 38.78
CA ASN A 727 -1.02 -10.97 39.59
C ASN A 727 -0.62 -12.36 40.01
N PRO A 728 -0.82 -12.75 41.28
CA PRO A 728 -0.67 -14.16 41.64
C PRO A 728 -1.83 -14.94 41.04
N VAL A 729 -1.60 -16.22 40.80
CA VAL A 729 -2.55 -17.03 40.04
C VAL A 729 -2.99 -18.25 40.82
N LEU A 730 -4.30 -18.50 40.78
CA LEU A 730 -4.89 -19.78 41.17
C LEU A 730 -5.23 -20.51 39.87
N ALA A 731 -4.50 -21.57 39.60
CA ALA A 731 -4.59 -22.29 38.34
C ALA A 731 -5.51 -23.49 38.52
N LYS A 732 -6.69 -23.45 37.89
CA LYS A 732 -7.67 -24.51 38.00
C LYS A 732 -7.76 -25.23 36.65
N PRO A 733 -7.10 -26.37 36.48
CA PRO A 733 -7.16 -27.05 35.18
C PRO A 733 -8.43 -27.86 35.04
N ALA A 734 -8.77 -28.16 33.79
CA ALA A 734 -9.89 -29.06 33.52
C ALA A 734 -9.71 -30.36 34.29
N GLU A 735 -10.80 -30.87 34.86
CA GLU A 735 -10.69 -32.08 35.66
C GLU A 735 -10.19 -33.25 34.82
N GLU A 736 -10.43 -33.23 33.51
CA GLU A 736 -9.99 -34.32 32.65
C GLU A 736 -8.49 -34.33 32.40
N THR A 737 -7.80 -33.18 32.51
CA THR A 737 -6.40 -33.07 32.10
C THR A 737 -5.53 -32.38 33.16
N PRO A 738 -5.47 -32.92 34.36
CA PRO A 738 -4.64 -32.27 35.41
C PRO A 738 -3.13 -32.50 35.32
N LEU A 739 -2.68 -33.60 34.72
CA LEU A 739 -1.27 -33.97 34.80
C LEU A 739 -0.40 -33.00 34.03
N ILE A 740 -0.78 -32.69 32.78
CA ILE A 740 0.02 -31.75 32.01
C ILE A 740 -0.01 -30.37 32.65
N ALA A 741 -1.12 -30.04 33.31
CA ALA A 741 -1.18 -28.76 34.03
C ALA A 741 -0.22 -28.75 35.22
N ALA A 742 -0.19 -29.84 36.00
CA ALA A 742 0.79 -29.94 37.08
C ALA A 742 2.21 -29.82 36.56
N GLU A 743 2.47 -30.37 35.38
CA GLU A 743 3.81 -30.27 34.80
C GLU A 743 4.08 -28.84 34.32
N GLY A 744 3.07 -28.17 33.75
CA GLY A 744 3.24 -26.77 33.41
C GLY A 744 3.57 -25.91 34.62
N VAL A 745 2.87 -26.13 35.73
CA VAL A 745 3.15 -25.38 36.96
C VAL A 745 4.55 -25.70 37.47
N ARG A 746 4.94 -26.97 37.44
CA ARG A 746 6.30 -27.32 37.84
C ARG A 746 7.33 -26.56 37.01
N ILE A 747 7.10 -26.45 35.71
CA ILE A 747 8.06 -25.77 34.84
C ILE A 747 8.07 -24.27 35.13
N LEU A 748 6.89 -23.65 35.29
CA LEU A 748 6.83 -22.24 35.65
C LEU A 748 7.51 -21.99 36.99
N ARG A 749 7.28 -22.86 37.97
CA ARG A 749 7.97 -22.69 39.25
C ARG A 749 9.47 -22.84 39.08
N GLU A 750 9.91 -23.82 38.28
CA GLU A 750 11.36 -23.96 38.07
C GLU A 750 11.93 -22.70 37.43
N ALA A 751 11.17 -22.07 36.54
CA ALA A 751 11.59 -20.84 35.86
C ALA A 751 11.67 -19.64 36.80
N GLY A 752 11.20 -19.74 38.03
CA GLY A 752 11.31 -18.67 39.00
C GLY A 752 10.01 -18.09 39.50
N ILE A 753 8.85 -18.56 39.03
CA ILE A 753 7.58 -18.12 39.61
C ILE A 753 7.50 -18.71 41.01
N PRO A 754 7.38 -17.88 42.05
CA PRO A 754 7.33 -18.42 43.41
C PRO A 754 6.04 -19.19 43.64
N ALA A 755 6.12 -20.14 44.58
CA ALA A 755 4.98 -21.00 44.89
C ALA A 755 3.76 -20.17 45.30
N SER A 756 3.98 -19.04 45.98
CA SER A 756 2.86 -18.24 46.43
C SER A 756 2.20 -17.46 45.29
N ALA A 757 2.91 -17.27 44.17
CA ALA A 757 2.37 -16.58 43.01
C ALA A 757 1.67 -17.53 42.03
N LEU A 758 1.94 -18.83 42.11
CA LEU A 758 1.29 -19.78 41.20
C LEU A 758 0.94 -21.04 41.98
N GLN A 759 -0.34 -21.21 42.29
CA GLN A 759 -0.83 -22.37 43.00
C GLN A 759 -1.71 -23.19 42.07
N LEU A 760 -1.61 -24.52 42.17
CA LEU A 760 -2.34 -25.44 41.32
C LEU A 760 -3.45 -26.11 42.13
N LEU A 761 -4.69 -26.01 41.62
CA LEU A 761 -5.88 -26.54 42.31
C LEU A 761 -6.61 -27.50 41.37
N PRO A 762 -6.15 -28.75 41.27
CA PRO A 762 -6.88 -29.72 40.45
C PRO A 762 -8.24 -30.03 41.07
N GLY A 763 -9.21 -30.34 40.21
CA GLY A 763 -10.48 -30.87 40.69
C GLY A 763 -11.61 -30.59 39.72
N ASP A 764 -12.84 -30.77 40.22
CA ASP A 764 -14.03 -30.66 39.40
C ASP A 764 -14.58 -29.23 39.47
N GLY A 765 -15.80 -29.03 38.95
CA GLY A 765 -16.36 -27.68 38.85
C GLY A 765 -16.57 -27.01 40.20
N ARG A 766 -16.73 -27.80 41.26
CA ARG A 766 -16.94 -27.23 42.58
C ARG A 766 -15.70 -26.50 43.07
N VAL A 767 -14.52 -27.03 42.72
CA VAL A 767 -13.25 -26.34 43.02
C VAL A 767 -13.20 -25.00 42.30
N GLY A 768 -13.49 -25.00 41.00
CA GLY A 768 -13.49 -23.76 40.25
C GLY A 768 -14.50 -22.76 40.78
N ALA A 769 -15.68 -23.23 41.19
CA ALA A 769 -16.68 -22.33 41.74
C ALA A 769 -16.21 -21.72 43.04
N ALA A 770 -15.56 -22.51 43.89
CA ALA A 770 -15.03 -22.00 45.14
C ALA A 770 -14.00 -20.92 44.88
N LEU A 771 -13.13 -21.14 43.90
CA LEU A 771 -12.12 -20.15 43.56
C LEU A 771 -12.77 -18.87 43.06
N VAL A 772 -13.74 -19.00 42.16
CA VAL A 772 -14.39 -17.84 41.58
C VAL A 772 -15.14 -17.05 42.64
N ALA A 773 -15.72 -17.76 43.62
CA ALA A 773 -16.55 -17.11 44.63
C ALA A 773 -15.75 -16.43 45.72
N ALA A 774 -14.48 -16.81 45.88
CA ALA A 774 -13.69 -16.32 47.00
C ALA A 774 -13.58 -14.80 46.97
N ALA A 775 -13.64 -14.18 48.15
CA ALA A 775 -13.71 -12.73 48.22
C ALA A 775 -12.45 -12.06 47.69
N GLU A 776 -11.29 -12.71 47.80
CA GLU A 776 -10.03 -12.10 47.38
C GLU A 776 -9.72 -12.33 45.89
N THR A 777 -10.57 -13.07 45.19
CA THR A 777 -10.38 -13.25 43.75
C THR A 777 -10.66 -11.94 43.02
N ALA A 778 -9.66 -11.44 42.31
CA ALA A 778 -9.73 -10.11 41.72
C ALA A 778 -9.97 -10.15 40.21
N GLY A 779 -9.95 -11.33 39.61
CA GLY A 779 -10.20 -11.47 38.19
C GLY A 779 -10.29 -12.93 37.85
N VAL A 780 -10.98 -13.22 36.75
CA VAL A 780 -11.14 -14.59 36.28
C VAL A 780 -10.82 -14.65 34.80
N MET A 781 -9.98 -15.63 34.43
CA MET A 781 -9.71 -15.96 33.04
C MET A 781 -10.28 -17.35 32.78
N PHE A 782 -11.26 -17.42 31.89
CA PHE A 782 -12.00 -18.65 31.67
C PHE A 782 -12.03 -18.99 30.19
N THR A 783 -11.71 -20.23 29.85
CA THR A 783 -11.89 -20.77 28.51
C THR A 783 -12.61 -22.10 28.67
N GLY A 784 -13.78 -22.21 28.05
CA GLY A 784 -14.59 -23.42 28.19
C GLY A 784 -15.98 -23.24 27.64
N SER A 785 -16.93 -23.95 28.22
CA SER A 785 -18.30 -23.97 27.74
C SER A 785 -19.03 -22.67 28.07
N THR A 786 -20.02 -22.34 27.21
CA THR A 786 -20.90 -21.22 27.49
C THR A 786 -21.59 -21.38 28.85
N GLU A 787 -22.03 -22.60 29.16
CA GLU A 787 -22.73 -22.87 30.40
C GLU A 787 -21.91 -22.45 31.62
N VAL A 788 -20.65 -22.88 31.68
CA VAL A 788 -19.84 -22.53 32.84
C VAL A 788 -19.49 -21.04 32.81
N ALA A 789 -19.25 -20.50 31.62
CA ALA A 789 -18.98 -19.06 31.52
C ALA A 789 -20.13 -18.26 32.12
N ARG A 790 -21.38 -18.65 31.85
CA ARG A 790 -22.51 -17.91 32.38
C ARG A 790 -22.62 -18.07 33.90
N LEU A 791 -22.31 -19.26 34.43
CA LEU A 791 -22.27 -19.45 35.87
C LEU A 791 -21.22 -18.58 36.53
N ILE A 792 -20.04 -18.46 35.89
CA ILE A 792 -18.99 -17.62 36.44
C ILE A 792 -19.40 -16.15 36.41
N GLN A 793 -19.96 -15.72 35.29
CA GLN A 793 -20.43 -14.35 35.16
C GLN A 793 -21.45 -14.02 36.24
N ALA A 794 -22.39 -14.93 36.49
CA ALA A 794 -23.39 -14.68 37.53
C ALA A 794 -22.75 -14.59 38.90
N GLN A 795 -21.79 -15.47 39.21
CA GLN A 795 -21.16 -15.41 40.53
C GLN A 795 -20.34 -14.14 40.70
N LEU A 796 -19.54 -13.76 39.70
CA LEU A 796 -18.77 -12.53 39.81
C LEU A 796 -19.66 -11.33 40.01
N ALA A 797 -20.82 -11.31 39.35
CA ALA A 797 -21.73 -10.17 39.43
C ALA A 797 -22.27 -9.98 40.84
N ASP A 798 -22.16 -10.99 41.69
CA ASP A 798 -22.59 -10.87 43.09
CA ASP A 798 -22.61 -10.84 43.07
C ASP A 798 -21.63 -10.05 43.92
N ARG A 799 -20.42 -9.79 43.45
CA ARG A 799 -19.45 -9.06 44.25
C ARG A 799 -18.80 -7.95 43.44
N LEU A 800 -18.06 -7.11 44.15
CA LEU A 800 -17.27 -6.04 43.55
C LEU A 800 -15.87 -6.08 44.13
N SER A 801 -14.94 -5.45 43.43
CA SER A 801 -13.59 -5.27 43.96
C SER A 801 -13.62 -4.33 45.15
N PRO A 802 -12.59 -4.35 46.00
CA PRO A 802 -12.57 -3.43 47.13
C PRO A 802 -12.76 -1.98 46.70
N ALA A 803 -12.32 -1.63 45.49
CA ALA A 803 -12.53 -0.32 44.91
C ALA A 803 -13.95 -0.11 44.39
N GLY A 804 -14.82 -1.12 44.47
CA GLY A 804 -16.21 -0.94 44.10
C GLY A 804 -16.52 -1.11 42.63
N ARG A 805 -15.70 -1.86 41.90
CA ARG A 805 -15.86 -2.04 40.46
C ARG A 805 -16.05 -3.51 40.12
N PRO A 806 -16.62 -3.82 38.95
CA PRO A 806 -16.83 -5.23 38.59
C PRO A 806 -15.52 -6.01 38.51
N ILE A 807 -15.59 -7.28 38.90
CA ILE A 807 -14.46 -8.20 38.79
C ILE A 807 -14.27 -8.52 37.31
N PRO A 808 -13.13 -8.22 36.70
CA PRO A 808 -12.96 -8.50 35.27
C PRO A 808 -13.06 -9.99 34.99
N LEU A 809 -13.74 -10.32 33.89
CA LEU A 809 -13.85 -11.69 33.39
C LEU A 809 -13.44 -11.70 31.93
N ILE A 810 -12.45 -12.51 31.60
CA ILE A 810 -12.18 -12.88 30.22
C ILE A 810 -12.75 -14.28 30.02
N ALA A 811 -13.73 -14.39 29.12
CA ALA A 811 -14.43 -15.64 28.90
C ALA A 811 -14.42 -15.94 27.41
N GLU A 812 -13.85 -17.07 27.04
CA GLU A 812 -13.78 -17.47 25.64
C GLU A 812 -14.46 -18.81 25.51
N THR A 813 -15.41 -18.89 24.58
CA THR A 813 -16.32 -20.02 24.49
C THR A 813 -16.34 -20.53 23.05
N GLY A 814 -17.37 -21.30 22.70
CA GLY A 814 -17.39 -21.98 21.42
C GLY A 814 -17.83 -21.08 20.28
N GLY A 815 -17.88 -21.68 19.10
CA GLY A 815 -18.39 -21.00 17.93
C GLY A 815 -19.09 -21.99 17.04
N GLN A 816 -20.01 -21.47 16.24
CA GLN A 816 -20.64 -22.28 15.20
C GLN A 816 -19.99 -21.90 13.87
N ASN A 817 -18.75 -22.34 13.72
CA ASN A 817 -17.86 -21.78 12.72
C ASN A 817 -18.25 -22.29 11.34
N ALA A 818 -18.31 -21.37 10.38
CA ALA A 818 -18.71 -21.71 9.03
C ALA A 818 -17.56 -21.46 8.06
N MET A 819 -17.65 -22.11 6.91
CA MET A 819 -16.80 -21.82 5.77
C MET A 819 -17.70 -21.71 4.55
N ILE A 820 -17.45 -20.71 3.72
CA ILE A 820 -18.19 -20.50 2.49
C ILE A 820 -17.25 -20.77 1.32
N VAL A 821 -17.70 -21.58 0.37
CA VAL A 821 -16.92 -22.00 -0.78
C VAL A 821 -17.73 -21.68 -2.03
N ASP A 822 -17.14 -20.94 -2.95
CA ASP A 822 -17.87 -20.68 -4.19
C ASP A 822 -17.26 -21.51 -5.33
N SER A 823 -17.82 -21.33 -6.53
CA SER A 823 -17.43 -22.15 -7.67
C SER A 823 -16.05 -21.78 -8.23
N SER A 824 -15.42 -20.74 -7.73
CA SER A 824 -14.06 -20.43 -8.16
C SER A 824 -12.98 -21.14 -7.33
N ALA A 825 -13.34 -21.70 -6.17
CA ALA A 825 -12.35 -22.36 -5.33
C ALA A 825 -11.83 -23.64 -5.99
N LEU A 826 -10.63 -24.04 -5.59
CA LEU A 826 -10.07 -25.31 -6.04
C LEU A 826 -10.58 -26.42 -5.11
N ALA A 827 -11.34 -27.35 -5.68
CA ALA A 827 -11.98 -28.40 -4.88
C ALA A 827 -10.99 -29.16 -3.98
N GLU A 828 -9.85 -29.58 -4.54
CA GLU A 828 -8.87 -30.35 -3.77
C GLU A 828 -8.36 -29.56 -2.57
N GLN A 829 -8.14 -28.27 -2.75
CA GLN A 829 -7.67 -27.45 -1.64
C GLN A 829 -8.78 -27.28 -0.61
N VAL A 830 -10.00 -27.03 -1.08
CA VAL A 830 -11.15 -26.94 -0.17
C VAL A 830 -11.26 -28.22 0.66
N VAL A 831 -11.18 -29.37 0.01
CA VAL A 831 -11.45 -30.62 0.73
C VAL A 831 -10.38 -30.83 1.80
N GLY A 832 -9.10 -30.59 1.46
CA GLY A 832 -8.05 -30.70 2.46
C GLY A 832 -8.27 -29.77 3.64
N ASP A 833 -8.66 -28.53 3.37
CA ASP A 833 -8.85 -27.57 4.44
C ASP A 833 -10.09 -27.89 5.28
N VAL A 834 -11.10 -28.49 4.65
CA VAL A 834 -12.32 -28.84 5.37
C VAL A 834 -12.09 -30.07 6.25
N ILE A 835 -11.47 -31.11 5.68
CA ILE A 835 -11.17 -32.30 6.47
C ILE A 835 -10.36 -31.92 7.70
N THR A 836 -9.32 -31.10 7.49
CA THR A 836 -8.51 -30.63 8.61
C THR A 836 -9.34 -29.79 9.59
N SER A 837 -10.07 -28.80 9.08
CA SER A 837 -10.73 -27.87 9.99
C SER A 837 -11.85 -28.54 10.79
N ALA A 838 -12.52 -29.52 10.21
CA ALA A 838 -13.65 -30.16 10.88
C ALA A 838 -13.21 -31.29 11.80
N PHE A 839 -12.18 -32.03 11.42
CA PHE A 839 -11.92 -33.30 12.08
C PHE A 839 -10.60 -33.37 12.84
N ASP A 840 -9.69 -32.43 12.60
CA ASP A 840 -8.49 -32.33 13.42
C ASP A 840 -8.86 -32.26 14.89
N SER A 841 -8.12 -32.99 15.72
CA SER A 841 -8.36 -33.01 17.16
C SER A 841 -9.77 -33.48 17.47
N ALA A 842 -10.29 -34.37 16.63
CA ALA A 842 -11.66 -34.89 16.73
C ALA A 842 -12.69 -33.76 16.79
N GLY A 843 -12.41 -32.65 16.12
CA GLY A 843 -13.34 -31.52 16.15
C GLY A 843 -13.43 -30.85 17.50
N GLN A 844 -12.45 -31.07 18.38
CA GLN A 844 -12.49 -30.49 19.70
C GLN A 844 -11.69 -29.18 19.79
N ARG A 845 -11.67 -28.40 18.72
CA ARG A 845 -11.15 -27.05 18.77
C ARG A 845 -12.32 -26.10 18.81
N CYS A 846 -12.17 -25.01 19.56
CA CYS A 846 -13.21 -23.97 19.54
C CYS A 846 -13.37 -23.39 18.14
N SER A 847 -12.30 -23.43 17.36
CA SER A 847 -12.27 -22.92 16.00
C SER A 847 -12.73 -23.92 14.95
N ALA A 848 -13.09 -25.15 15.35
CA ALA A 848 -13.35 -26.22 14.38
C ALA A 848 -14.48 -25.85 13.45
N LEU A 849 -14.36 -26.32 12.20
CA LEU A 849 -15.37 -26.03 11.19
C LEU A 849 -16.62 -26.85 11.47
N ARG A 850 -17.74 -26.15 11.70
CA ARG A 850 -18.99 -26.83 12.02
C ARG A 850 -19.96 -26.87 10.84
N VAL A 851 -19.92 -25.87 9.97
CA VAL A 851 -20.88 -25.70 8.89
C VAL A 851 -20.13 -25.33 7.63
N LEU A 852 -20.17 -26.19 6.63
CA LEU A 852 -19.59 -25.89 5.32
C LEU A 852 -20.71 -25.51 4.37
N CYS A 853 -20.54 -24.38 3.68
CA CYS A 853 -21.56 -23.83 2.78
C CYS A 853 -21.00 -23.89 1.36
N LEU A 854 -21.61 -24.70 0.52
CA LEU A 854 -21.11 -25.00 -0.82
C LEU A 854 -22.03 -24.37 -1.86
N GLN A 855 -21.45 -23.59 -2.77
CA GLN A 855 -22.28 -23.04 -3.85
C GLN A 855 -22.88 -24.18 -4.66
N GLU A 856 -24.14 -24.02 -5.04
CA GLU A 856 -24.91 -25.14 -5.58
C GLU A 856 -24.21 -25.79 -6.77
N ASP A 857 -23.55 -24.98 -7.62
CA ASP A 857 -22.99 -25.50 -8.86
C ASP A 857 -21.81 -26.43 -8.64
N VAL A 858 -21.10 -26.32 -7.52
CA VAL A 858 -19.97 -27.20 -7.23
C VAL A 858 -20.24 -28.13 -6.05
N ALA A 859 -21.44 -28.08 -5.47
CA ALA A 859 -21.70 -28.78 -4.21
C ALA A 859 -21.55 -30.29 -4.35
N ASP A 860 -22.10 -30.87 -5.42
CA ASP A 860 -22.09 -32.33 -5.51
C ASP A 860 -20.69 -32.87 -5.71
N ARG A 861 -19.89 -32.22 -6.55
CA ARG A 861 -18.53 -32.67 -6.78
C ARG A 861 -17.68 -32.53 -5.52
N ILE A 862 -17.80 -31.41 -4.81
CA ILE A 862 -17.02 -31.24 -3.58
C ILE A 862 -17.50 -32.23 -2.50
N LEU A 863 -18.82 -32.43 -2.38
CA LEU A 863 -19.34 -33.38 -1.40
C LEU A 863 -18.83 -34.79 -1.68
N THR A 864 -18.88 -35.21 -2.94
CA THR A 864 -18.33 -36.52 -3.31
C THR A 864 -16.86 -36.64 -2.87
N MET A 865 -16.05 -35.62 -3.18
CA MET A 865 -14.65 -35.63 -2.79
CA MET A 865 -14.64 -35.64 -2.80
C MET A 865 -14.50 -35.65 -1.28
N LEU A 866 -15.34 -34.87 -0.59
CA LEU A 866 -15.23 -34.77 0.85
C LEU A 866 -15.53 -36.11 1.51
N LYS A 867 -16.54 -36.81 1.02
CA LYS A 867 -16.89 -38.10 1.59
C LYS A 867 -15.80 -39.13 1.32
N GLY A 868 -15.20 -39.08 0.13
CA GLY A 868 -14.09 -40.00 -0.14
C GLY A 868 -12.90 -39.71 0.75
N ALA A 869 -12.65 -38.44 1.02
CA ALA A 869 -11.54 -38.09 1.90
C ALA A 869 -11.82 -38.55 3.32
N LEU A 870 -13.07 -38.40 3.76
CA LEU A 870 -13.46 -38.85 5.10
C LEU A 870 -13.02 -40.28 5.38
N HIS A 871 -13.23 -41.18 4.41
CA HIS A 871 -12.96 -42.59 4.65
C HIS A 871 -11.48 -42.94 4.59
N GLU A 872 -10.59 -41.99 4.32
CA GLU A 872 -9.16 -42.24 4.36
C GLU A 872 -8.54 -41.85 5.69
N LEU A 873 -9.34 -41.37 6.63
CA LEU A 873 -8.82 -41.00 7.94
C LEU A 873 -8.67 -42.24 8.80
N HIS A 874 -7.59 -42.28 9.58
CA HIS A 874 -7.35 -43.38 10.50
C HIS A 874 -7.69 -42.89 11.90
N ILE A 875 -8.64 -43.57 12.54
CA ILE A 875 -9.11 -43.17 13.86
C ILE A 875 -8.62 -44.22 14.86
N GLY A 876 -7.97 -43.78 15.93
CA GLY A 876 -7.50 -44.76 16.90
C GLY A 876 -6.74 -44.10 18.03
N ARG A 877 -6.25 -44.94 18.93
CA ARG A 877 -5.45 -44.44 20.04
C ARG A 877 -4.22 -43.71 19.50
N THR A 878 -3.93 -42.54 20.06
CA THR A 878 -3.07 -41.58 19.36
C THR A 878 -1.59 -41.80 19.58
N ASP A 879 -1.19 -42.92 20.18
CA ASP A 879 0.25 -43.20 20.31
C ASP A 879 0.80 -43.91 19.07
N ARG A 880 0.16 -43.68 17.93
CA ARG A 880 0.67 -44.12 16.63
C ARG A 880 0.67 -42.94 15.68
N LEU A 881 1.79 -42.73 15.00
CA LEU A 881 1.91 -41.64 14.05
C LEU A 881 0.85 -41.74 12.96
N SER A 882 0.39 -42.93 12.64
CA SER A 882 -0.55 -43.11 11.55
C SER A 882 -1.96 -42.68 11.90
N VAL A 883 -2.23 -42.33 13.15
CA VAL A 883 -3.59 -41.97 13.55
C VAL A 883 -3.84 -40.51 13.18
N ASP A 884 -4.91 -40.27 12.42
CA ASP A 884 -5.29 -38.90 12.06
C ASP A 884 -6.19 -38.27 13.09
N VAL A 885 -7.11 -39.04 13.64
CA VAL A 885 -8.14 -38.52 14.53
C VAL A 885 -8.18 -39.42 15.76
N GLY A 886 -7.99 -38.83 16.92
CA GLY A 886 -8.07 -39.57 18.15
C GLY A 886 -9.46 -39.58 18.74
N PRO A 887 -9.54 -39.91 20.03
CA PRO A 887 -10.83 -40.03 20.70
C PRO A 887 -11.38 -38.66 21.09
N VAL A 888 -12.65 -38.65 21.47
CA VAL A 888 -13.18 -37.48 22.16
C VAL A 888 -12.85 -37.64 23.63
N ILE A 889 -13.01 -36.57 24.42
CA ILE A 889 -12.33 -36.52 25.71
C ILE A 889 -12.96 -37.47 26.73
N THR A 890 -14.29 -37.66 26.67
CA THR A 890 -14.98 -38.43 27.71
C THR A 890 -16.10 -39.25 27.09
N SER A 891 -16.65 -40.18 27.89
CA SER A 891 -17.85 -40.90 27.49
C SER A 891 -19.05 -39.96 27.36
N GLU A 892 -19.17 -38.98 28.26
CA GLU A 892 -20.27 -38.03 28.18
C GLU A 892 -20.17 -37.20 26.90
N ALA A 893 -18.96 -36.76 26.56
CA ALA A 893 -18.80 -36.08 25.27
C ALA A 893 -19.24 -36.98 24.13
N LYS A 894 -18.79 -38.24 24.15
CA LYS A 894 -19.14 -39.16 23.08
C LYS A 894 -20.64 -39.35 22.97
N ASP A 895 -21.32 -39.52 24.11
CA ASP A 895 -22.76 -39.74 24.09
C ASP A 895 -23.50 -38.52 23.58
N ASN A 896 -23.06 -37.33 24.02
CA ASN A 896 -23.69 -36.07 23.60
C ASN A 896 -23.56 -35.88 22.10
N ILE A 897 -22.37 -36.17 21.55
CA ILE A 897 -22.16 -36.00 20.13
C ILE A 897 -22.97 -37.01 19.34
N GLU A 898 -22.93 -38.28 19.76
CA GLU A 898 -23.64 -39.31 19.00
C GLU A 898 -25.14 -39.11 19.09
N LYS A 899 -25.65 -38.55 20.19
CA LYS A 899 -27.07 -38.27 20.27
C LYS A 899 -27.47 -37.24 19.21
N HIS A 900 -26.60 -36.26 18.95
CA HIS A 900 -26.89 -35.30 17.89
C HIS A 900 -26.92 -35.98 16.52
N ILE A 901 -25.92 -36.82 16.25
CA ILE A 901 -25.85 -37.51 14.97
C ILE A 901 -27.11 -38.31 14.73
N GLU A 902 -27.55 -39.06 15.76
CA GLU A 902 -28.72 -39.93 15.60
C GLU A 902 -30.00 -39.14 15.42
N ARG A 903 -30.11 -37.98 16.08
CA ARG A 903 -31.28 -37.14 15.86
C ARG A 903 -31.32 -36.65 14.41
N MET A 904 -30.19 -36.15 13.91
CA MET A 904 -30.11 -35.74 12.51
C MET A 904 -30.48 -36.89 11.58
N ARG A 905 -29.94 -38.08 11.84
CA ARG A 905 -30.25 -39.22 11.00
C ARG A 905 -31.72 -39.57 11.07
N GLY A 906 -32.32 -39.40 12.24
CA GLY A 906 -33.73 -39.72 12.40
C GLY A 906 -34.65 -38.72 11.72
N LEU A 907 -34.21 -37.48 11.60
CA LEU A 907 -34.91 -36.47 10.82
C LEU A 907 -34.75 -36.64 9.32
N GLY A 908 -34.04 -37.68 8.88
CA GLY A 908 -33.92 -37.94 7.47
C GLY A 908 -32.71 -37.33 6.79
N ARG A 909 -31.84 -36.65 7.54
CA ARG A 909 -30.66 -36.03 6.94
CA ARG A 909 -30.66 -36.03 6.94
C ARG A 909 -29.66 -37.09 6.49
N LYS A 910 -28.97 -36.82 5.38
CA LYS A 910 -27.95 -37.74 4.92
C LYS A 910 -26.74 -37.65 5.84
N VAL A 911 -26.32 -38.81 6.37
CA VAL A 911 -25.24 -38.87 7.34
C VAL A 911 -24.18 -39.81 6.80
N GLU A 912 -22.96 -39.32 6.62
CA GLU A 912 -21.83 -40.14 6.21
C GLU A 912 -20.91 -40.33 7.40
N GLN A 913 -20.49 -41.56 7.65
CA GLN A 913 -19.59 -41.82 8.77
C GLN A 913 -18.53 -42.83 8.40
N ILE A 914 -17.32 -42.60 8.91
CA ILE A 914 -16.26 -43.60 8.81
C ILE A 914 -16.60 -44.75 9.75
N GLY A 915 -16.38 -45.99 9.29
CA GLY A 915 -16.55 -47.13 10.17
C GLY A 915 -15.32 -47.29 11.06
N LEU A 916 -15.54 -47.40 12.36
CA LEU A 916 -14.42 -47.45 13.29
C LEU A 916 -13.92 -48.88 13.48
N ALA A 917 -12.63 -48.99 13.78
CA ALA A 917 -12.04 -50.28 14.11
C ALA A 917 -12.51 -50.77 15.48
N SER A 918 -12.49 -52.09 15.66
CA SER A 918 -12.94 -52.66 16.93
C SER A 918 -12.06 -52.23 18.08
N GLU A 919 -10.79 -51.91 17.81
CA GLU A 919 -9.88 -51.47 18.86
C GLU A 919 -10.34 -50.16 19.52
N THR A 920 -11.19 -49.39 18.87
CA THR A 920 -11.65 -48.14 19.47
C THR A 920 -12.59 -48.37 20.66
N GLY A 921 -13.13 -49.58 20.80
CA GLY A 921 -14.07 -49.86 21.87
C GLY A 921 -13.52 -49.64 23.27
N VAL A 922 -12.19 -49.68 23.43
CA VAL A 922 -11.62 -49.47 24.75
C VAL A 922 -11.52 -48.00 25.12
N GLY A 923 -11.74 -47.10 24.17
CA GLY A 923 -11.75 -45.69 24.48
C GLY A 923 -13.08 -45.06 24.13
N THR A 924 -13.10 -43.73 24.02
CA THR A 924 -14.34 -43.00 23.75
C THR A 924 -14.12 -42.30 22.41
N PHE A 925 -14.54 -42.95 21.33
CA PHE A 925 -14.36 -42.40 19.99
C PHE A 925 -15.69 -42.09 19.35
N VAL A 926 -15.69 -41.03 18.54
CA VAL A 926 -16.78 -40.69 17.65
C VAL A 926 -16.23 -40.71 16.24
N PRO A 927 -16.84 -41.40 15.29
CA PRO A 927 -16.32 -41.38 13.92
C PRO A 927 -16.54 -40.03 13.29
N PRO A 928 -15.55 -39.47 12.58
CA PRO A 928 -15.81 -38.28 11.79
C PRO A 928 -17.05 -38.49 10.92
N THR A 929 -17.88 -37.46 10.89
CA THR A 929 -19.23 -37.56 10.39
C THR A 929 -19.53 -36.34 9.54
N ILE A 930 -20.20 -36.55 8.42
CA ILE A 930 -20.68 -35.48 7.56
C ILE A 930 -22.21 -35.54 7.54
N ILE A 931 -22.86 -34.41 7.85
CA ILE A 931 -24.31 -34.35 7.92
C ILE A 931 -24.80 -33.29 6.95
N GLU A 932 -25.63 -33.68 6.00
CA GLU A 932 -26.19 -32.74 5.03
C GLU A 932 -27.48 -32.13 5.55
N LEU A 933 -27.49 -30.81 5.68
CA LEU A 933 -28.64 -30.08 6.20
C LEU A 933 -29.34 -29.31 5.08
N GLU A 934 -30.64 -29.07 5.27
CA GLU A 934 -31.38 -28.26 4.31
C GLU A 934 -31.01 -26.78 4.44
N LYS A 935 -31.02 -26.27 5.68
CA LYS A 935 -30.78 -24.86 5.96
C LYS A 935 -29.87 -24.75 7.16
N LEU A 936 -29.11 -23.64 7.24
CA LEU A 936 -28.22 -23.45 8.38
C LEU A 936 -28.98 -23.50 9.71
N SER A 937 -30.25 -23.09 9.70
CA SER A 937 -31.06 -23.11 10.92
C SER A 937 -31.41 -24.51 11.39
N ASP A 938 -31.15 -25.54 10.59
CA ASP A 938 -31.37 -26.91 11.05
C ASP A 938 -30.41 -27.29 12.17
N LEU A 939 -29.31 -26.55 12.34
CA LEU A 939 -28.32 -26.82 13.37
C LEU A 939 -28.57 -25.85 14.52
N GLN A 940 -28.94 -26.39 15.69
CA GLN A 940 -29.46 -25.57 16.77
C GLN A 940 -28.66 -25.65 18.06
N ARG A 941 -27.60 -26.45 18.11
CA ARG A 941 -26.78 -26.57 19.30
C ARG A 941 -25.33 -26.77 18.88
N GLU A 942 -24.41 -26.37 19.75
CA GLU A 942 -23.00 -26.60 19.51
C GLU A 942 -22.71 -28.08 19.67
N VAL A 943 -22.04 -28.68 18.70
CA VAL A 943 -21.73 -30.11 18.75
C VAL A 943 -20.22 -30.19 18.69
N PHE A 944 -19.61 -30.40 19.85
CA PHE A 944 -18.18 -30.22 20.03
C PHE A 944 -17.47 -31.55 19.76
N GLY A 945 -17.51 -31.96 18.49
CA GLY A 945 -16.93 -33.21 18.06
C GLY A 945 -16.68 -33.24 16.57
N PRO A 946 -16.26 -34.39 16.04
CA PRO A 946 -15.89 -34.44 14.61
C PRO A 946 -17.11 -34.58 13.73
N VAL A 947 -17.93 -33.53 13.67
CA VAL A 947 -19.19 -33.60 12.95
C VAL A 947 -19.30 -32.33 12.11
N LEU A 948 -19.20 -32.52 10.79
CA LEU A 948 -19.30 -31.43 9.85
C LEU A 948 -20.69 -31.41 9.24
N HIS A 949 -21.34 -30.26 9.27
CA HIS A 949 -22.62 -30.07 8.61
C HIS A 949 -22.40 -29.34 7.30
N VAL A 950 -23.13 -29.75 6.26
CA VAL A 950 -22.96 -29.18 4.93
C VAL A 950 -24.30 -28.63 4.45
N ILE A 951 -24.28 -27.39 3.96
CA ILE A 951 -25.44 -26.79 3.31
C ILE A 951 -25.02 -26.28 1.94
N ARG A 952 -26.02 -26.05 1.10
CA ARG A 952 -25.84 -25.62 -0.28
C ARG A 952 -26.49 -24.25 -0.45
N TYR A 953 -25.95 -23.42 -1.34
CA TYR A 953 -26.54 -22.11 -1.54
C TYR A 953 -26.41 -21.72 -3.01
N ARG A 954 -27.42 -20.99 -3.49
CA ARG A 954 -27.34 -20.41 -4.83
C ARG A 954 -26.50 -19.14 -4.76
N ARG A 955 -25.73 -18.90 -5.83
CA ARG A 955 -24.82 -17.75 -5.85
C ARG A 955 -25.53 -16.46 -5.47
N ASP A 956 -26.72 -16.21 -6.03
CA ASP A 956 -27.42 -14.95 -5.74
C ASP A 956 -27.80 -14.81 -4.28
N ASP A 957 -27.82 -15.90 -3.51
CA ASP A 957 -28.20 -15.86 -2.10
C ASP A 957 -27.00 -15.74 -1.18
N LEU A 958 -25.82 -15.44 -1.72
CA LEU A 958 -24.63 -15.35 -0.89
C LEU A 958 -24.81 -14.36 0.25
N ASP A 959 -25.40 -13.20 -0.05
CA ASP A 959 -25.55 -12.19 1.00
C ASP A 959 -26.50 -12.68 2.10
N ARG A 960 -27.61 -13.30 1.72
CA ARG A 960 -28.53 -13.85 2.72
C ARG A 960 -27.85 -14.96 3.52
N LEU A 961 -26.97 -15.74 2.87
CA LEU A 961 -26.24 -16.77 3.59
C LEU A 961 -25.39 -16.16 4.69
N VAL A 962 -24.68 -15.08 4.36
CA VAL A 962 -23.86 -14.42 5.37
C VAL A 962 -24.75 -13.92 6.51
N ASP A 963 -25.92 -13.38 6.19
CA ASP A 963 -26.91 -13.05 7.21
C ASP A 963 -27.23 -14.26 8.08
N ASP A 964 -27.42 -15.41 7.44
CA ASP A 964 -27.76 -16.62 8.17
C ASP A 964 -26.62 -17.05 9.10
N VAL A 965 -25.38 -16.99 8.62
CA VAL A 965 -24.24 -17.33 9.48
C VAL A 965 -24.16 -16.36 10.65
N ASN A 966 -24.34 -15.06 10.39
CA ASN A 966 -24.29 -14.08 11.48
C ASN A 966 -25.42 -14.31 12.47
N ALA A 967 -26.52 -14.90 12.02
CA ALA A 967 -27.70 -14.98 12.86
C ALA A 967 -27.56 -15.99 13.99
N THR A 968 -26.55 -16.87 13.96
CA THR A 968 -26.39 -17.84 15.03
C THR A 968 -26.00 -17.18 16.35
N GLY A 969 -25.45 -15.97 16.32
CA GLY A 969 -24.95 -15.31 17.50
C GLY A 969 -23.49 -15.57 17.81
N TYR A 970 -22.91 -16.61 17.22
CA TYR A 970 -21.50 -16.85 17.40
C TYR A 970 -20.71 -15.94 16.46
N GLY A 971 -19.39 -15.91 16.65
CA GLY A 971 -18.51 -15.16 15.78
C GLY A 971 -17.07 -15.44 16.12
N LEU A 972 -16.68 -16.71 16.07
CA LEU A 972 -15.32 -17.11 16.39
C LEU A 972 -14.46 -17.16 15.13
N THR A 973 -14.54 -18.27 14.38
CA THR A 973 -13.77 -18.40 13.15
C THR A 973 -14.70 -18.49 11.95
N PHE A 974 -14.18 -18.02 10.81
CA PHE A 974 -14.93 -18.06 9.57
C PHE A 974 -13.93 -18.24 8.44
N GLY A 975 -14.29 -19.10 7.49
CA GLY A 975 -13.44 -19.38 6.34
C GLY A 975 -14.15 -19.04 5.04
N LEU A 976 -13.39 -18.53 4.09
CA LEU A 976 -13.89 -18.23 2.76
C LEU A 976 -12.90 -18.76 1.75
N HIS A 977 -13.38 -19.57 0.82
CA HIS A 977 -12.58 -20.07 -0.30
C HIS A 977 -13.18 -19.48 -1.57
N THR A 978 -12.43 -18.57 -2.19
CA THR A 978 -12.82 -17.97 -3.46
C THR A 978 -11.57 -17.37 -4.06
N ARG A 979 -11.55 -17.26 -5.38
CA ARG A 979 -10.50 -16.51 -6.05
C ARG A 979 -10.93 -15.11 -6.45
N LEU A 980 -12.16 -14.70 -6.14
CA LEU A 980 -12.73 -13.47 -6.69
C LEU A 980 -12.69 -12.33 -5.66
N ASP A 981 -11.99 -11.24 -6.02
CA ASP A 981 -11.89 -10.09 -5.12
C ASP A 981 -13.24 -9.54 -4.74
N GLU A 982 -14.20 -9.51 -5.67
CA GLU A 982 -15.50 -8.93 -5.33
C GLU A 982 -16.18 -9.76 -4.26
N THR A 983 -16.03 -11.09 -4.34
CA THR A 983 -16.61 -11.96 -3.31
C THR A 983 -15.88 -11.79 -1.99
N ILE A 984 -14.55 -11.68 -2.03
CA ILE A 984 -13.80 -11.47 -0.80
C ILE A 984 -14.25 -10.18 -0.12
N ALA A 985 -14.35 -9.11 -0.90
CA ALA A 985 -14.73 -7.82 -0.31
C ALA A 985 -16.12 -7.90 0.28
N HIS A 986 -17.05 -8.50 -0.45
CA HIS A 986 -18.43 -8.63 0.02
C HIS A 986 -18.48 -9.43 1.32
N VAL A 987 -17.98 -10.67 1.29
CA VAL A 987 -18.16 -11.58 2.43
C VAL A 987 -17.43 -11.05 3.66
N THR A 988 -16.18 -10.59 3.49
CA THR A 988 -15.43 -10.19 4.67
C THR A 988 -15.97 -8.90 5.26
N SER A 989 -16.61 -8.06 4.45
CA SER A 989 -17.19 -6.86 5.03
C SER A 989 -18.51 -7.17 5.74
N ARG A 990 -19.21 -8.23 5.36
CA ARG A 990 -20.52 -8.53 5.92
C ARG A 990 -20.48 -9.54 7.05
N ILE A 991 -19.54 -10.49 7.03
CA ILE A 991 -19.43 -11.48 8.09
C ILE A 991 -19.00 -10.82 9.40
N LYS A 992 -19.48 -11.35 10.53
CA LYS A 992 -19.14 -10.84 11.85
C LYS A 992 -18.43 -11.95 12.63
N ALA A 993 -17.11 -12.02 12.49
CA ALA A 993 -16.35 -13.05 13.18
C ALA A 993 -14.99 -12.50 13.53
N GLY A 994 -14.40 -13.01 14.62
CA GLY A 994 -13.16 -12.44 15.12
C GLY A 994 -11.93 -12.96 14.45
N ASN A 995 -12.00 -14.15 13.85
CA ASN A 995 -10.87 -14.75 13.17
C ASN A 995 -11.36 -15.16 11.79
N LEU A 996 -10.83 -14.52 10.76
CA LEU A 996 -11.22 -14.81 9.39
C LEU A 996 -10.04 -15.47 8.70
N TYR A 997 -10.35 -16.38 7.80
CA TYR A 997 -9.34 -17.12 7.07
C TYR A 997 -9.76 -17.20 5.61
N ILE A 998 -8.88 -16.81 4.71
CA ILE A 998 -9.18 -16.80 3.28
CA ILE A 998 -9.19 -16.82 3.29
C ILE A 998 -8.29 -17.82 2.60
N ASN A 999 -8.92 -18.80 1.94
CA ASN A 999 -8.23 -19.80 1.12
C ASN A 999 -7.24 -20.66 1.90
N ARG A 1000 -7.61 -20.99 3.14
CA ARG A 1000 -6.83 -21.87 3.98
C ARG A 1000 -7.77 -22.51 5.02
N ASN A 1001 -7.21 -23.34 5.90
CA ASN A 1001 -8.06 -23.90 6.94
C ASN A 1001 -8.37 -22.83 7.98
N ILE A 1002 -9.25 -23.13 8.92
CA ILE A 1002 -9.69 -22.12 9.88
C ILE A 1002 -9.21 -22.43 11.30
N ILE A 1003 -8.24 -23.32 11.47
CA ILE A 1003 -7.84 -23.74 12.80
C ILE A 1003 -6.37 -23.37 13.05
N GLY A 1004 -5.92 -23.58 14.28
CA GLY A 1004 -4.51 -23.39 14.60
C GLY A 1004 -4.04 -21.94 14.56
N ALA A 1005 -4.84 -21.02 15.06
CA ALA A 1005 -4.43 -19.62 15.17
C ALA A 1005 -3.10 -19.49 15.90
N VAL A 1006 -2.21 -18.68 15.35
CA VAL A 1006 -0.83 -18.57 15.82
C VAL A 1006 -0.69 -17.34 16.72
N VAL A 1007 -0.13 -17.52 17.91
CA VAL A 1007 0.08 -16.43 18.85
C VAL A 1007 0.80 -15.28 18.17
N GLY A 1008 0.26 -14.06 18.33
CA GLY A 1008 0.88 -12.86 17.80
C GLY A 1008 0.78 -12.69 16.30
N VAL A 1009 0.13 -13.62 15.61
CA VAL A 1009 -0.01 -13.59 14.15
C VAL A 1009 -1.48 -13.63 13.76
N GLN A 1010 -2.25 -14.56 14.33
CA GLN A 1010 -3.71 -14.50 14.36
C GLN A 1010 -4.13 -14.48 15.83
N PRO A 1011 -4.08 -13.32 16.49
CA PRO A 1011 -4.62 -13.24 17.85
C PRO A 1011 -6.01 -13.82 17.86
N PHE A 1012 -6.30 -14.61 18.87
CA PHE A 1012 -7.44 -15.51 18.80
C PHE A 1012 -8.51 -15.12 19.81
N GLY A 1013 -9.73 -14.99 19.33
CA GLY A 1013 -10.85 -14.59 20.14
C GLY A 1013 -11.97 -14.08 19.26
N GLY A 1014 -13.20 -14.42 19.61
CA GLY A 1014 -14.33 -13.99 18.81
C GLY A 1014 -15.27 -13.10 19.58
N ARG A 1015 -16.42 -12.82 18.98
CA ARG A 1015 -17.42 -11.89 19.51
C ARG A 1015 -18.71 -12.66 19.79
N GLY A 1016 -19.73 -11.94 20.24
CA GLY A 1016 -21.03 -12.56 20.45
C GLY A 1016 -20.94 -13.70 21.45
N LEU A 1017 -21.60 -14.82 21.10
CA LEU A 1017 -21.63 -16.00 21.98
C LEU A 1017 -20.27 -16.69 22.08
N SER A 1018 -19.25 -16.20 21.37
CA SER A 1018 -17.95 -16.86 21.33
C SER A 1018 -16.96 -16.32 22.34
N GLY A 1019 -17.14 -15.10 22.85
CA GLY A 1019 -16.23 -14.61 23.87
C GLY A 1019 -16.47 -13.15 24.23
N THR A 1020 -15.77 -12.72 25.28
CA THR A 1020 -15.73 -11.33 25.69
C THR A 1020 -14.56 -10.56 25.08
N GLY A 1021 -13.50 -11.25 24.71
CA GLY A 1021 -12.24 -10.58 24.44
C GLY A 1021 -11.65 -10.07 25.74
N PRO A 1022 -10.45 -9.47 25.68
CA PRO A 1022 -9.59 -9.30 24.50
C PRO A 1022 -9.02 -10.63 24.01
N LYS A 1023 -8.47 -10.60 22.80
CA LYS A 1023 -7.98 -11.81 22.17
C LYS A 1023 -6.73 -12.32 22.86
N ALA A 1024 -6.67 -13.63 23.06
CA ALA A 1024 -5.44 -14.27 23.50
C ALA A 1024 -4.36 -14.15 22.43
N GLY A 1025 -3.12 -14.01 22.88
CA GLY A 1025 -2.00 -13.83 21.96
C GLY A 1025 -2.10 -12.59 21.12
N GLY A 1026 -2.80 -11.58 21.62
CA GLY A 1026 -2.94 -10.29 20.97
C GLY A 1026 -2.53 -9.19 21.93
N PRO A 1027 -2.44 -7.96 21.41
CA PRO A 1027 -1.80 -6.88 22.17
C PRO A 1027 -2.67 -6.22 23.24
N LEU A 1028 -3.97 -6.50 23.27
CA LEU A 1028 -4.85 -5.91 24.28
C LEU A 1028 -4.99 -6.80 25.52
N TYR A 1029 -4.42 -8.00 25.48
CA TYR A 1029 -4.69 -9.01 26.50
C TYR A 1029 -4.18 -8.59 27.87
N LEU A 1030 -2.90 -8.20 27.94
CA LEU A 1030 -2.35 -7.88 29.26
C LEU A 1030 -3.06 -6.70 29.90
N GLY A 1031 -3.57 -5.77 29.07
CA GLY A 1031 -4.23 -4.59 29.59
C GLY A 1031 -5.48 -4.88 30.39
N ARG A 1032 -6.09 -6.04 30.15
CA ARG A 1032 -7.27 -6.44 30.91
C ARG A 1032 -6.92 -6.91 32.32
N LEU A 1033 -5.64 -7.22 32.58
CA LEU A 1033 -5.22 -7.86 33.82
C LEU A 1033 -4.50 -6.89 34.75
N VAL A 1034 -4.67 -5.59 34.52
CA VAL A 1034 -4.12 -4.55 35.39
C VAL A 1034 -5.23 -3.53 35.60
N THR A 1035 -5.08 -2.70 36.64
CA THR A 1035 -6.16 -1.79 36.94
C THR A 1035 -6.15 -0.54 36.06
N THR A 1036 -5.01 -0.19 35.50
CA THR A 1036 -4.90 0.89 34.53
C THR A 1036 -4.23 0.33 33.27
N ALA A 1037 -4.97 0.27 32.18
CA ALA A 1037 -4.44 -0.39 30.99
C ALA A 1037 -3.30 0.43 30.38
N PRO A 1038 -2.23 -0.22 29.95
CA PRO A 1038 -1.19 0.50 29.19
C PRO A 1038 -1.65 0.72 27.75
N VAL A 1039 -0.84 1.49 27.03
CA VAL A 1039 -1.02 1.69 25.60
C VAL A 1039 -0.26 0.56 24.88
N PRO A 1040 -0.95 -0.37 24.23
CA PRO A 1040 -0.23 -1.46 23.58
C PRO A 1040 0.65 -0.94 22.45
N PRO A 1041 1.66 -1.71 22.07
CA PRO A 1041 2.43 -1.35 20.87
C PRO A 1041 1.54 -1.14 19.65
N GLN A 1042 1.88 -0.12 18.88
CA GLN A 1042 1.22 0.18 17.60
C GLN A 1042 -0.27 0.47 17.75
N HIS A 1043 -0.75 0.70 18.97
CA HIS A 1043 -2.18 0.81 19.23
C HIS A 1043 -2.56 2.28 19.13
N SER A 1044 -3.04 2.68 17.96
CA SER A 1044 -3.56 4.03 17.75
C SER A 1044 -4.27 4.04 16.41
N SER A 1045 -4.94 5.15 16.11
CA SER A 1045 -5.58 5.31 14.82
C SER A 1045 -5.73 6.79 14.53
N VAL A 1046 -5.53 7.18 13.26
CA VAL A 1046 -5.71 8.57 12.87
C VAL A 1046 -7.14 8.88 12.46
N HIS A 1047 -8.01 7.87 12.46
CA HIS A 1047 -9.41 8.03 12.08
CA HIS A 1047 -9.40 8.08 12.08
C HIS A 1047 -10.23 8.50 13.29
N THR A 1048 -11.09 9.47 13.06
CA THR A 1048 -12.00 9.94 14.10
C THR A 1048 -13.41 9.62 13.66
N ASP A 1049 -14.16 8.98 14.52
CA ASP A 1049 -15.52 8.61 14.18
C ASP A 1049 -16.34 9.87 13.89
N PRO A 1050 -17.04 9.91 12.75
CA PRO A 1050 -17.75 11.15 12.39
C PRO A 1050 -18.96 11.41 13.28
N VAL A 1051 -19.60 10.36 13.79
CA VAL A 1051 -20.75 10.58 14.67
C VAL A 1051 -20.29 11.13 16.02
N LEU A 1052 -19.12 10.69 16.49
CA LEU A 1052 -18.51 11.29 17.67
C LEU A 1052 -18.30 12.79 17.47
N LEU A 1053 -17.74 13.18 16.32
CA LEU A 1053 -17.50 14.60 16.07
C LEU A 1053 -18.80 15.39 16.07
N ASP A 1054 -19.84 14.85 15.43
CA ASP A 1054 -21.15 15.49 15.46
C ASP A 1054 -21.65 15.61 16.88
N PHE A 1055 -21.40 14.59 17.70
CA PHE A 1055 -21.89 14.62 19.08
C PHE A 1055 -21.13 15.66 19.89
N ALA A 1056 -19.81 15.77 19.68
CA ALA A 1056 -19.03 16.80 20.35
C ALA A 1056 -19.52 18.20 20.01
N LYS A 1057 -19.85 18.44 18.74
CA LYS A 1057 -20.40 19.73 18.36
C LYS A 1057 -21.75 19.96 19.02
N TRP A 1058 -22.58 18.92 19.07
CA TRP A 1058 -23.88 19.04 19.74
C TRP A 1058 -23.70 19.37 21.22
N LEU A 1059 -22.76 18.70 21.90
CA LEU A 1059 -22.52 18.98 23.32
C LEU A 1059 -22.14 20.42 23.55
N ASP A 1060 -21.20 20.93 22.73
CA ASP A 1060 -20.83 22.34 22.82
C ASP A 1060 -22.02 23.24 22.58
N GLY A 1061 -22.89 22.90 21.63
CA GLY A 1061 -24.08 23.69 21.42
C GLY A 1061 -25.04 23.65 22.60
N LYS A 1062 -25.05 22.55 23.34
CA LYS A 1062 -25.87 22.42 24.55
C LYS A 1062 -25.25 23.09 25.76
N GLY A 1063 -24.03 23.63 25.64
CA GLY A 1063 -23.35 24.19 26.78
C GLY A 1063 -22.64 23.20 27.66
N ALA A 1064 -22.50 21.94 27.22
CA ALA A 1064 -21.82 20.90 28.01
C ALA A 1064 -20.34 20.88 27.59
N ARG A 1065 -19.61 21.86 28.11
CA ARG A 1065 -18.28 22.17 27.57
C ARG A 1065 -17.24 21.14 27.98
N ALA A 1066 -17.21 20.76 29.27
CA ALA A 1066 -16.31 19.70 29.70
C ALA A 1066 -16.61 18.38 28.98
N GLU A 1067 -17.89 18.07 28.77
CA GLU A 1067 -18.23 16.83 28.09
C GLU A 1067 -17.82 16.88 26.62
N ALA A 1068 -17.98 18.03 25.98
CA ALA A 1068 -17.52 18.18 24.60
C ALA A 1068 -16.03 17.93 24.50
N GLU A 1069 -15.26 18.50 25.44
CA GLU A 1069 -13.82 18.28 25.47
C GLU A 1069 -13.50 16.80 25.66
N ALA A 1070 -14.20 16.15 26.58
CA ALA A 1070 -13.99 14.73 26.81
C ALA A 1070 -14.33 13.91 25.57
N ALA A 1071 -15.38 14.31 24.85
CA ALA A 1071 -15.73 13.64 23.61
C ALA A 1071 -14.62 13.79 22.57
N ARG A 1072 -14.13 15.02 22.38
CA ARG A 1072 -13.03 15.22 21.45
C ARG A 1072 -11.82 14.39 21.85
N ASN A 1073 -11.51 14.33 23.14
CA ASN A 1073 -10.38 13.51 23.56
C ASN A 1073 -10.64 12.04 23.30
N ALA A 1074 -11.86 11.58 23.52
CA ALA A 1074 -12.20 10.19 23.23
C ALA A 1074 -12.06 9.90 21.74
N GLY A 1075 -12.48 10.86 20.90
CA GLY A 1075 -12.34 10.68 19.46
C GLY A 1075 -10.90 10.46 19.05
N SER A 1076 -9.98 11.20 19.65
CA SER A 1076 -8.56 11.04 19.33
C SER A 1076 -7.98 9.77 19.95
N SER A 1077 -8.34 9.49 21.20
CA SER A 1077 -7.75 8.34 21.90
CA SER A 1077 -7.78 8.34 21.92
C SER A 1077 -8.28 7.01 21.37
N SER A 1078 -9.46 6.98 20.76
CA SER A 1078 -9.99 5.74 20.21
C SER A 1078 -9.03 5.16 19.18
N ALA A 1079 -8.84 3.85 19.22
CA ALA A 1079 -8.03 3.18 18.22
C ALA A 1079 -8.89 2.53 17.15
N LEU A 1080 -10.18 2.84 17.12
CA LEU A 1080 -11.06 2.42 16.05
C LEU A 1080 -10.42 2.74 14.70
N GLY A 1081 -10.32 1.74 13.84
CA GLY A 1081 -9.75 1.94 12.52
C GLY A 1081 -8.30 1.52 12.39
N LEU A 1082 -7.66 1.14 13.50
CA LEU A 1082 -6.33 0.52 13.45
C LEU A 1082 -6.35 -0.60 12.41
N ASP A 1083 -5.32 -0.63 11.58
CA ASP A 1083 -5.29 -1.60 10.48
C ASP A 1083 -3.83 -1.98 10.29
N LEU A 1084 -3.44 -3.12 10.80
CA LEU A 1084 -2.05 -3.53 10.84
C LEU A 1084 -1.86 -4.86 10.13
N GLU A 1085 -0.68 -5.04 9.55
CA GLU A 1085 -0.24 -6.35 9.09
C GLU A 1085 0.80 -6.86 10.08
N LEU A 1086 0.60 -8.09 10.57
CA LEU A 1086 1.45 -8.73 11.57
C LEU A 1086 2.49 -9.63 10.90
N PRO A 1087 3.73 -9.59 11.40
CA PRO A 1087 4.78 -10.46 10.83
C PRO A 1087 4.39 -11.92 10.93
N GLY A 1088 4.65 -12.65 9.86
CA GLY A 1088 4.38 -14.07 9.85
C GLY A 1088 5.14 -14.80 8.77
N PRO A 1089 4.66 -15.96 8.39
CA PRO A 1089 5.33 -16.73 7.32
C PRO A 1089 5.08 -16.09 5.95
N VAL A 1090 5.99 -16.41 5.02
CA VAL A 1090 5.77 -16.04 3.63
C VAL A 1090 4.53 -16.76 3.10
N GLY A 1091 3.98 -16.20 2.03
CA GLY A 1091 2.81 -16.81 1.39
C GLY A 1091 1.56 -16.66 2.20
N GLU A 1092 1.53 -15.71 3.12
CA GLU A 1092 0.36 -15.48 3.94
C GLU A 1092 0.37 -14.00 4.34
N ARG A 1093 -0.81 -13.41 4.41
CA ARG A 1093 -0.96 -12.03 4.86
C ARG A 1093 -1.85 -12.08 6.10
N ASN A 1094 -1.33 -11.61 7.22
CA ASN A 1094 -2.03 -11.68 8.50
C ASN A 1094 -2.33 -10.27 8.97
N LEU A 1095 -3.60 -9.91 9.02
CA LEU A 1095 -4.06 -8.57 9.28
C LEU A 1095 -4.77 -8.50 10.62
N TYR A 1096 -4.64 -7.35 11.28
CA TYR A 1096 -5.22 -7.15 12.59
C TYR A 1096 -5.85 -5.77 12.57
N THR A 1097 -7.15 -5.71 12.85
CA THR A 1097 -7.90 -4.46 12.72
C THR A 1097 -8.82 -4.27 13.91
N LEU A 1098 -9.16 -3.01 14.19
CA LEU A 1098 -10.06 -2.68 15.30
C LEU A 1098 -11.31 -2.03 14.73
N HIS A 1099 -12.46 -2.64 15.03
CA HIS A 1099 -13.76 -2.23 14.54
C HIS A 1099 -14.66 -1.87 15.71
N ALA A 1100 -15.81 -1.30 15.39
CA ALA A 1100 -16.85 -1.10 16.40
C ALA A 1100 -17.27 -2.46 16.96
N ARG A 1101 -17.66 -2.46 18.24
CA ARG A 1101 -18.17 -3.71 18.81
C ARG A 1101 -19.60 -3.98 18.38
N GLY A 1102 -20.42 -2.95 18.27
CA GLY A 1102 -21.82 -3.11 17.94
C GLY A 1102 -22.64 -2.11 18.72
N ARG A 1103 -23.66 -2.58 19.42
CA ARG A 1103 -24.52 -1.71 20.23
C ARG A 1103 -24.16 -1.88 21.69
N ILE A 1104 -23.79 -0.80 22.35
CA ILE A 1104 -23.38 -0.83 23.75
C ILE A 1104 -24.58 -0.46 24.61
N LEU A 1105 -24.85 -1.28 25.63
CA LEU A 1105 -25.85 -0.92 26.63
C LEU A 1105 -25.29 0.17 27.54
N LEU A 1106 -25.98 1.30 27.60
CA LEU A 1106 -25.60 2.40 28.47
CA LEU A 1106 -25.60 2.40 28.48
C LEU A 1106 -26.57 2.45 29.64
N VAL A 1107 -26.04 2.40 30.86
CA VAL A 1107 -26.86 2.50 32.06
C VAL A 1107 -26.32 3.68 32.86
N PRO A 1108 -26.68 4.90 32.47
CA PRO A 1108 -26.19 6.08 33.18
C PRO A 1108 -26.99 6.34 34.45
N ALA A 1109 -26.39 7.14 35.33
CA ALA A 1109 -27.07 7.71 36.48
C ALA A 1109 -27.36 9.20 36.34
N THR A 1110 -26.44 9.95 35.73
CA THR A 1110 -26.54 11.40 35.63
C THR A 1110 -26.43 11.81 34.16
N GLU A 1111 -26.77 13.07 33.89
CA GLU A 1111 -26.66 13.58 32.53
C GLU A 1111 -25.22 13.63 32.07
N SER A 1112 -24.32 14.17 32.92
CA SER A 1112 -22.90 14.17 32.56
C SER A 1112 -22.39 12.76 32.34
N GLY A 1113 -22.77 11.84 33.22
CA GLY A 1113 -22.41 10.45 33.01
C GLY A 1113 -22.88 9.93 31.67
N LEU A 1114 -24.12 10.24 31.30
CA LEU A 1114 -24.65 9.78 30.02
C LEU A 1114 -23.82 10.35 28.87
N TYR A 1115 -23.50 11.64 28.93
CA TYR A 1115 -22.71 12.24 27.87
C TYR A 1115 -21.33 11.60 27.76
N HIS A 1116 -20.69 11.31 28.90
CA HIS A 1116 -19.39 10.66 28.86
C HIS A 1116 -19.48 9.25 28.29
N GLN A 1117 -20.51 8.51 28.68
CA GLN A 1117 -20.69 7.16 28.16
C GLN A 1117 -20.94 7.19 26.66
N LEU A 1118 -21.79 8.11 26.21
CA LEU A 1118 -22.06 8.26 24.79
C LEU A 1118 -20.80 8.61 24.04
N ALA A 1119 -20.01 9.54 24.58
CA ALA A 1119 -18.76 9.90 23.93
C ALA A 1119 -17.85 8.68 23.76
N ALA A 1120 -17.73 7.87 24.81
CA ALA A 1120 -16.85 6.70 24.74
C ALA A 1120 -17.36 5.70 23.72
N ALA A 1121 -18.67 5.44 23.72
CA ALA A 1121 -19.22 4.46 22.79
C ALA A 1121 -19.16 4.97 21.35
N LEU A 1122 -19.47 6.25 21.13
CA LEU A 1122 -19.48 6.79 19.78
C LEU A 1122 -18.07 6.90 19.20
N ALA A 1123 -17.10 7.29 20.05
CA ALA A 1123 -15.71 7.40 19.60
C ALA A 1123 -15.16 6.07 19.11
N THR A 1124 -15.72 4.96 19.58
CA THR A 1124 -15.29 3.63 19.18
C THR A 1124 -16.22 3.01 18.14
N GLY A 1125 -17.06 3.84 17.50
CA GLY A 1125 -17.85 3.45 16.34
C GLY A 1125 -19.15 2.76 16.65
N ASN A 1126 -19.52 2.66 17.94
CA ASN A 1126 -20.66 1.86 18.35
C ASN A 1126 -21.95 2.65 18.26
N SER A 1127 -23.06 1.92 18.20
CA SER A 1127 -24.36 2.49 18.53
C SER A 1127 -24.63 2.21 20.00
N VAL A 1128 -25.74 2.73 20.54
CA VAL A 1128 -26.02 2.54 21.95
C VAL A 1128 -27.50 2.21 22.16
N ALA A 1129 -27.76 1.52 23.27
CA ALA A 1129 -29.09 1.41 23.85
C ALA A 1129 -29.01 1.98 25.25
N ILE A 1130 -29.74 3.06 25.49
CA ILE A 1130 -29.69 3.75 26.77
C ILE A 1130 -30.84 3.26 27.63
N ASP A 1131 -30.53 2.93 28.89
CA ASP A 1131 -31.54 2.50 29.84
C ASP A 1131 -32.60 3.57 30.04
N ALA A 1132 -33.84 3.30 29.62
CA ALA A 1132 -34.93 4.23 29.85
C ALA A 1132 -35.17 4.49 31.33
N ALA A 1133 -34.83 3.52 32.19
CA ALA A 1133 -35.07 3.70 33.62
C ALA A 1133 -34.26 4.83 34.20
N SER A 1134 -33.21 5.30 33.51
CA SER A 1134 -32.45 6.44 33.97
C SER A 1134 -33.26 7.73 33.97
N GLY A 1135 -34.34 7.80 33.21
CA GLY A 1135 -35.11 9.03 33.11
C GLY A 1135 -34.38 10.20 32.49
N LEU A 1136 -33.37 9.96 31.66
CA LEU A 1136 -32.56 11.04 31.11
C LEU A 1136 -32.91 11.38 29.67
N GLN A 1137 -34.11 10.97 29.19
CA GLN A 1137 -34.51 11.27 27.81
C GLN A 1137 -34.40 12.75 27.49
N ALA A 1138 -34.76 13.61 28.45
CA ALA A 1138 -34.71 15.04 28.18
C ALA A 1138 -33.28 15.55 28.01
N SER A 1139 -32.26 14.77 28.34
CA SER A 1139 -30.88 15.22 28.19
C SER A 1139 -30.36 15.11 26.76
N LEU A 1140 -31.12 14.51 25.85
CA LEU A 1140 -30.70 14.31 24.46
C LEU A 1140 -31.66 14.98 23.48
N LYS A 1141 -32.13 16.18 23.83
CA LYS A 1141 -33.03 16.90 22.93
C LYS A 1141 -32.25 17.49 21.76
N ASN A 1142 -32.86 17.42 20.57
CA ASN A 1142 -32.32 18.05 19.36
C ASN A 1142 -30.98 17.45 18.95
N LEU A 1143 -30.86 16.13 19.02
CA LEU A 1143 -29.65 15.47 18.55
C LEU A 1143 -29.56 15.58 17.03
N PRO A 1144 -28.36 15.74 16.49
CA PRO A 1144 -28.20 15.59 15.04
C PRO A 1144 -28.68 14.22 14.59
N GLN A 1145 -29.25 14.17 13.39
CA GLN A 1145 -29.78 12.90 12.88
C GLN A 1145 -28.70 11.83 12.88
N THR A 1146 -27.45 12.20 12.56
CA THR A 1146 -26.36 11.24 12.55
C THR A 1146 -26.21 10.56 13.91
N VAL A 1147 -26.30 11.33 15.00
CA VAL A 1147 -26.17 10.76 16.32
C VAL A 1147 -27.44 10.01 16.70
N GLY A 1148 -28.60 10.62 16.41
CA GLY A 1148 -29.86 9.96 16.71
C GLY A 1148 -29.97 8.57 16.10
N LEU A 1149 -29.41 8.39 14.90
CA LEU A 1149 -29.44 7.09 14.25
C LEU A 1149 -28.69 6.03 15.03
N ARG A 1150 -27.74 6.41 15.88
CA ARG A 1150 -27.01 5.46 16.70
C ARG A 1150 -27.63 5.27 18.08
N VAL A 1151 -28.69 6.01 18.41
CA VAL A 1151 -29.21 6.05 19.77
C VAL A 1151 -30.59 5.43 19.80
N SER A 1152 -30.76 4.39 20.60
CA SER A 1152 -32.08 3.87 20.94
C SER A 1152 -32.22 3.83 22.46
N TRP A 1153 -33.46 3.69 22.92
CA TRP A 1153 -33.79 3.65 24.33
C TRP A 1153 -34.43 2.30 24.65
N SER A 1154 -33.98 1.66 25.73
CA SER A 1154 -34.44 0.33 26.08
C SER A 1154 -35.09 0.35 27.45
N LYS A 1155 -36.34 -0.10 27.51
CA LYS A 1155 -36.99 -0.38 28.79
C LYS A 1155 -36.85 -1.83 29.20
N ASP A 1156 -36.56 -2.73 28.26
CA ASP A 1156 -36.45 -4.17 28.49
C ASP A 1156 -35.13 -4.61 27.85
N TRP A 1157 -34.06 -4.69 28.64
CA TRP A 1157 -32.74 -4.93 28.07
C TRP A 1157 -32.68 -6.26 27.33
N ALA A 1158 -33.30 -7.30 27.89
CA ALA A 1158 -33.23 -8.62 27.27
C ALA A 1158 -33.93 -8.63 25.92
N ALA A 1159 -34.98 -7.82 25.78
CA ALA A 1159 -35.75 -7.79 24.54
C ALA A 1159 -35.05 -7.02 23.44
N ASP A 1160 -34.16 -6.09 23.78
CA ASP A 1160 -33.55 -5.21 22.80
C ASP A 1160 -32.12 -5.60 22.44
N GLY A 1161 -31.64 -6.74 22.93
CA GLY A 1161 -30.33 -7.19 22.59
C GLY A 1161 -30.25 -7.76 21.18
N PRO A 1162 -29.09 -8.31 20.83
CA PRO A 1162 -27.92 -8.50 21.67
C PRO A 1162 -27.09 -7.25 21.75
N PHE A 1163 -26.50 -6.98 22.90
CA PHE A 1163 -25.54 -5.89 23.01
C PHE A 1163 -24.13 -6.44 22.91
N ALA A 1164 -23.17 -5.54 22.79
CA ALA A 1164 -21.78 -5.92 22.59
C ALA A 1164 -20.89 -5.42 23.72
N GLY A 1165 -21.49 -4.95 24.80
CA GLY A 1165 -20.75 -4.44 25.94
C GLY A 1165 -21.66 -3.51 26.70
N ALA A 1166 -21.18 -3.06 27.85
CA ALA A 1166 -22.01 -2.16 28.64
C ALA A 1166 -21.16 -1.12 29.37
N LEU A 1167 -21.72 0.07 29.53
CA LEU A 1167 -21.15 1.12 30.37
C LEU A 1167 -22.16 1.46 31.45
N VAL A 1168 -21.71 1.45 32.70
CA VAL A 1168 -22.58 1.61 33.85
C VAL A 1168 -22.05 2.75 34.71
N GLU A 1169 -22.96 3.59 35.19
CA GLU A 1169 -22.64 4.66 36.13
C GLU A 1169 -23.50 4.46 37.39
N GLY A 1170 -22.87 4.52 38.54
CA GLY A 1170 -23.63 4.50 39.78
C GLY A 1170 -22.74 4.29 40.98
N ASP A 1171 -23.36 4.30 42.16
CA ASP A 1171 -22.67 3.90 43.36
C ASP A 1171 -22.49 2.39 43.37
N ALA A 1172 -21.78 1.88 44.38
CA ALA A 1172 -21.42 0.48 44.43
C ALA A 1172 -22.65 -0.41 44.45
N GLU A 1173 -23.68 -0.02 45.22
CA GLU A 1173 -24.92 -0.80 45.24
C GLU A 1173 -25.58 -0.82 43.86
N ARG A 1174 -25.62 0.33 43.18
CA ARG A 1174 -26.25 0.40 41.87
C ARG A 1174 -25.45 -0.40 40.85
N ILE A 1175 -24.12 -0.33 40.90
CA ILE A 1175 -23.29 -1.09 39.97
C ILE A 1175 -23.54 -2.58 40.13
N ARG A 1176 -23.56 -3.05 41.39
CA ARG A 1176 -23.78 -4.48 41.63
C ARG A 1176 -25.13 -4.91 41.08
N ALA A 1177 -26.18 -4.13 41.34
CA ALA A 1177 -27.51 -4.48 40.86
C ALA A 1177 -27.58 -4.49 39.34
N VAL A 1178 -26.95 -3.50 38.69
CA VAL A 1178 -26.93 -3.49 37.23
C VAL A 1178 -26.09 -4.66 36.70
N ASN A 1179 -24.94 -4.89 37.33
CA ASN A 1179 -24.07 -5.99 36.92
C ASN A 1179 -24.80 -7.32 37.00
N LYS A 1180 -25.59 -7.53 38.07
CA LYS A 1180 -26.37 -8.76 38.17
C LYS A 1180 -27.42 -8.84 37.07
N ALA A 1181 -28.07 -7.73 36.77
CA ALA A 1181 -29.06 -7.74 35.70
C ALA A 1181 -28.40 -8.03 34.36
N ILE A 1182 -27.23 -7.45 34.12
CA ILE A 1182 -26.53 -7.72 32.87
C ILE A 1182 -26.10 -9.19 32.80
N ALA A 1183 -25.64 -9.75 33.92
CA ALA A 1183 -25.21 -11.14 33.90
C ALA A 1183 -26.36 -12.06 33.54
N ALA A 1184 -27.59 -11.65 33.84
CA ALA A 1184 -28.74 -12.51 33.56
C ALA A 1184 -29.23 -12.40 32.13
N LEU A 1185 -28.71 -11.46 31.35
CA LEU A 1185 -29.21 -11.26 30.00
C LEU A 1185 -28.92 -12.50 29.16
N PRO A 1186 -29.86 -12.93 28.33
CA PRO A 1186 -29.57 -14.03 27.41
C PRO A 1186 -28.66 -13.54 26.30
N GLY A 1187 -27.96 -14.49 25.68
CA GLY A 1187 -27.07 -14.17 24.60
C GLY A 1187 -25.66 -13.98 25.10
N PRO A 1188 -24.94 -13.05 24.49
CA PRO A 1188 -23.50 -12.94 24.78
C PRO A 1188 -23.22 -12.42 26.18
N LEU A 1189 -22.10 -12.85 26.73
CA LEU A 1189 -21.60 -12.28 27.97
C LEU A 1189 -21.05 -10.88 27.70
N LEU A 1190 -21.65 -9.87 28.31
CA LEU A 1190 -21.21 -8.51 28.02
C LEU A 1190 -19.98 -8.16 28.84
N LEU A 1191 -19.02 -7.52 28.18
CA LEU A 1191 -17.92 -6.89 28.89
C LEU A 1191 -18.43 -5.57 29.46
N VAL A 1192 -18.54 -5.50 30.77
CA VAL A 1192 -19.12 -4.37 31.48
C VAL A 1192 -17.99 -3.52 32.05
N GLN A 1193 -18.12 -2.20 31.92
CA GLN A 1193 -17.27 -1.27 32.64
C GLN A 1193 -18.18 -0.38 33.48
N ALA A 1194 -17.81 -0.18 34.73
CA ALA A 1194 -18.63 0.61 35.63
C ALA A 1194 -17.76 1.70 36.26
N ALA A 1195 -18.40 2.82 36.59
CA ALA A 1195 -17.73 3.89 37.29
C ALA A 1195 -18.76 4.68 38.07
N SER A 1196 -18.35 5.23 39.21
CA SER A 1196 -19.21 6.17 39.91
C SER A 1196 -19.25 7.51 39.17
N SER A 1197 -20.27 8.31 39.46
CA SER A 1197 -20.31 9.67 38.93
C SER A 1197 -19.03 10.43 39.28
N GLY A 1198 -18.56 10.27 40.51
CA GLY A 1198 -17.33 10.93 40.90
C GLY A 1198 -16.13 10.46 40.11
N GLU A 1199 -16.08 9.15 39.82
CA GLU A 1199 -14.95 8.63 39.04
CA GLU A 1199 -14.95 8.64 39.06
C GLU A 1199 -14.96 9.20 37.64
N ILE A 1200 -16.16 9.33 37.04
CA ILE A 1200 -16.28 9.95 35.72
C ILE A 1200 -15.75 11.38 35.75
N ALA A 1201 -16.00 12.10 36.84
CA ALA A 1201 -15.55 13.48 36.96
C ALA A 1201 -14.05 13.58 37.19
N ARG A 1202 -13.46 12.64 37.94
CA ARG A 1202 -12.06 12.72 38.32
C ARG A 1202 -11.13 12.05 37.32
N ASN A 1203 -11.60 11.00 36.66
CA ASN A 1203 -10.71 10.13 35.89
C ASN A 1203 -11.12 10.12 34.42
N PRO A 1204 -10.32 10.72 33.53
CA PRO A 1204 -10.67 10.73 32.10
C PRO A 1204 -10.74 9.35 31.50
N ASP A 1205 -10.11 8.34 32.12
CA ASP A 1205 -10.15 6.99 31.62
C ASP A 1205 -11.03 6.09 32.49
N ALA A 1206 -12.02 6.69 33.16
CA ALA A 1206 -12.98 5.88 33.92
C ALA A 1206 -13.52 4.73 33.08
N TYR A 1207 -13.80 4.99 31.81
CA TYR A 1207 -14.16 3.96 30.85
C TYR A 1207 -13.01 3.80 29.88
N CYS A 1208 -12.59 2.56 29.67
CA CYS A 1208 -11.43 2.29 28.84
C CYS A 1208 -11.86 1.99 27.42
N LEU A 1209 -11.27 2.69 26.45
CA LEU A 1209 -11.69 2.54 25.06
C LEU A 1209 -11.18 1.24 24.47
N ASN A 1210 -10.18 0.60 25.10
CA ASN A 1210 -9.72 -0.72 24.68
C ASN A 1210 -10.88 -1.70 24.56
N TRP A 1211 -11.83 -1.64 25.50
CA TRP A 1211 -12.86 -2.66 25.60
C TRP A 1211 -14.13 -2.29 24.83
N LEU A 1212 -14.12 -1.18 24.09
CA LEU A 1212 -15.24 -0.74 23.28
C LEU A 1212 -15.00 -0.93 21.79
N VAL A 1213 -13.86 -1.51 21.41
CA VAL A 1213 -13.61 -1.91 20.03
C VAL A 1213 -13.55 -3.42 19.97
N GLU A 1214 -13.73 -3.97 18.79
CA GLU A 1214 -13.60 -5.39 18.55
C GLU A 1214 -12.36 -5.67 17.71
N GLU A 1215 -11.54 -6.61 18.15
CA GLU A 1215 -10.38 -7.04 17.38
C GLU A 1215 -10.80 -8.04 16.31
N VAL A 1216 -10.29 -7.86 15.10
CA VAL A 1216 -10.54 -8.80 14.03
C VAL A 1216 -9.21 -9.20 13.43
N SER A 1217 -8.95 -10.49 13.40
CA SER A 1217 -7.79 -11.05 12.74
C SER A 1217 -8.23 -11.67 11.41
N ALA A 1218 -7.47 -11.40 10.36
CA ALA A 1218 -7.75 -12.02 9.06
C ALA A 1218 -6.45 -12.59 8.53
N SER A 1219 -6.48 -13.84 8.10
CA SER A 1219 -5.32 -14.54 7.58
C SER A 1219 -5.63 -14.98 6.17
N ILE A 1220 -4.88 -14.46 5.20
CA ILE A 1220 -5.10 -14.74 3.79
C ILE A 1220 -3.93 -15.56 3.28
N ASN A 1221 -4.23 -16.75 2.76
CA ASN A 1221 -3.25 -17.59 2.09
C ASN A 1221 -3.01 -17.02 0.70
N THR A 1222 -1.87 -16.36 0.52
CA THR A 1222 -1.54 -15.77 -0.77
C THR A 1222 -0.72 -16.69 -1.66
N ALA A 1223 -0.46 -17.91 -1.22
CA ALA A 1223 0.23 -18.88 -2.06
C ALA A 1223 -0.80 -19.67 -2.87
N ALA B 16 2.24 55.02 -25.28
CA ALA B 16 2.25 53.60 -24.90
C ALA B 16 3.58 52.94 -25.28
N PRO B 17 4.21 52.23 -24.33
CA PRO B 17 5.41 51.48 -24.66
C PRO B 17 5.10 50.38 -25.66
N ALA B 18 6.02 50.16 -26.60
CA ALA B 18 5.84 49.11 -27.58
C ALA B 18 5.67 47.77 -26.88
N PRO B 19 4.79 46.90 -27.36
CA PRO B 19 4.58 45.62 -26.68
C PRO B 19 5.86 44.80 -26.66
N PHE B 20 6.21 44.31 -25.47
CA PHE B 20 7.34 43.40 -25.24
C PHE B 20 8.69 44.04 -25.49
N ALA B 21 8.73 45.38 -25.61
CA ALA B 21 10.01 46.07 -25.81
C ALA B 21 10.93 45.90 -24.59
N ASP B 22 10.34 45.73 -23.41
CA ASP B 22 11.10 45.56 -22.17
CA ASP B 22 11.08 45.57 -22.16
C ASP B 22 10.73 44.25 -21.49
N PHE B 23 10.52 43.19 -22.28
CA PHE B 23 10.00 41.94 -21.72
C PHE B 23 10.97 41.35 -20.70
N ALA B 24 12.21 41.08 -21.12
CA ALA B 24 13.13 40.44 -20.20
C ALA B 24 14.58 40.68 -20.63
N PRO B 25 15.03 41.92 -20.69
CA PRO B 25 16.40 42.18 -21.15
C PRO B 25 17.41 41.62 -20.18
N PRO B 26 18.50 41.03 -20.66
CA PRO B 26 19.48 40.44 -19.74
C PRO B 26 20.18 41.53 -18.94
N VAL B 27 20.66 41.16 -17.76
CA VAL B 27 21.42 42.10 -16.94
C VAL B 27 22.58 42.67 -17.73
N ARG B 28 23.24 41.83 -18.53
CA ARG B 28 24.35 42.29 -19.35
C ARG B 28 24.36 41.48 -20.63
N PRO B 29 24.99 41.99 -21.69
CA PRO B 29 25.15 41.18 -22.90
C PRO B 29 25.91 39.91 -22.56
N GLN B 30 25.48 38.80 -23.15
CA GLN B 30 25.99 37.49 -22.77
C GLN B 30 27.29 37.21 -23.50
N SER B 31 28.37 37.03 -22.74
CA SER B 31 29.65 36.69 -23.33
C SER B 31 29.65 35.24 -23.84
N THR B 32 30.66 34.93 -24.65
CA THR B 32 30.85 33.55 -25.12
C THR B 32 30.83 32.55 -23.96
N LEU B 33 31.51 32.89 -22.86
CA LEU B 33 31.55 31.96 -21.73
C LEU B 33 30.19 31.87 -21.04
N ARG B 34 29.50 33.00 -20.88
CA ARG B 34 28.15 32.94 -20.31
C ARG B 34 27.24 32.09 -21.19
N ARG B 35 27.34 32.24 -22.51
CA ARG B 35 26.50 31.48 -23.42
C ARG B 35 26.79 29.99 -23.35
N ALA B 36 28.05 29.59 -23.13
CA ALA B 36 28.32 28.16 -23.04
C ALA B 36 27.70 27.58 -21.78
N ILE B 37 27.57 28.38 -20.72
CA ILE B 37 26.83 27.93 -19.54
C ILE B 37 25.37 27.66 -19.89
N THR B 38 24.71 28.69 -20.43
CA THR B 38 23.29 28.56 -20.75
C THR B 38 23.04 27.40 -21.70
N ALA B 39 23.96 27.16 -22.64
CA ALA B 39 23.77 26.10 -23.61
C ALA B 39 23.71 24.72 -22.94
N ALA B 40 24.40 24.56 -21.81
CA ALA B 40 24.47 23.28 -21.11
C ALA B 40 23.33 23.07 -20.12
N TYR B 41 22.46 24.07 -19.92
CA TYR B 41 21.45 24.04 -18.88
C TYR B 41 20.75 22.68 -18.75
N ARG B 42 20.22 22.16 -19.86
CA ARG B 42 19.48 20.91 -19.80
C ARG B 42 20.02 19.95 -20.84
N ARG B 43 21.32 20.01 -21.05
CA ARG B 43 21.96 19.15 -22.04
C ARG B 43 21.68 17.70 -21.72
N PRO B 44 21.39 16.86 -22.72
CA PRO B 44 21.14 15.45 -22.43
C PRO B 44 22.28 14.82 -21.65
N GLU B 45 21.90 13.92 -20.74
CA GLU B 45 22.89 13.32 -19.84
C GLU B 45 23.94 12.54 -20.60
N THR B 46 23.55 11.87 -21.69
CA THR B 46 24.52 11.14 -22.51
C THR B 46 25.53 12.06 -23.17
N GLU B 47 25.18 13.34 -23.35
CA GLU B 47 26.15 14.26 -23.92
C GLU B 47 27.04 14.89 -22.87
N CYS B 48 26.55 15.00 -21.61
CA CYS B 48 27.36 15.62 -20.57
C CYS B 48 28.51 14.73 -20.12
N LEU B 49 28.28 13.42 -20.03
CA LEU B 49 29.19 12.57 -19.28
C LEU B 49 30.52 12.28 -19.98
N PRO B 50 30.56 12.01 -21.29
CA PRO B 50 31.82 11.60 -21.91
C PRO B 50 32.94 12.60 -21.67
N PRO B 51 32.70 13.92 -21.83
CA PRO B 51 33.80 14.86 -21.51
C PRO B 51 34.16 14.91 -20.03
N LEU B 52 33.21 14.66 -19.13
CA LEU B 52 33.56 14.60 -17.71
C LEU B 52 34.41 13.37 -17.41
N VAL B 53 34.03 12.22 -17.97
CA VAL B 53 34.84 11.02 -17.81
C VAL B 53 36.28 11.28 -18.24
N GLU B 54 36.45 11.92 -19.40
CA GLU B 54 37.80 12.21 -19.88
C GLU B 54 38.54 13.13 -18.93
N ALA B 55 37.88 14.20 -18.46
CA ALA B 55 38.55 15.13 -17.56
C ALA B 55 38.84 14.50 -16.19
N ALA B 56 38.04 13.52 -15.79
CA ALA B 56 38.18 12.87 -14.49
C ALA B 56 39.10 11.66 -14.54
N THR B 57 39.58 11.28 -15.71
CA THR B 57 40.43 10.10 -15.84
C THR B 57 41.79 10.33 -15.20
N GLN B 58 42.27 9.35 -14.44
CA GLN B 58 43.59 9.39 -13.84
C GLN B 58 44.33 8.10 -14.15
N SER B 59 45.65 8.15 -13.99
CA SER B 59 46.50 7.00 -14.28
C SER B 59 46.17 5.82 -13.38
N LYS B 60 46.56 4.63 -13.82
CA LYS B 60 46.37 3.44 -13.01
C LYS B 60 47.10 3.57 -11.67
N GLU B 61 48.26 4.23 -11.65
CA GLU B 61 49.02 4.36 -10.41
C GLU B 61 48.32 5.31 -9.45
N ILE B 62 47.76 6.41 -9.96
CA ILE B 62 47.02 7.32 -9.09
C ILE B 62 45.75 6.66 -8.58
N ARG B 63 45.03 5.93 -9.46
CA ARG B 63 43.80 5.26 -9.06
C ARG B 63 44.07 4.20 -8.00
N ASP B 64 45.15 3.44 -8.13
CA ASP B 64 45.51 2.47 -7.10
C ASP B 64 45.83 3.18 -5.78
N ALA B 65 46.67 4.22 -5.85
CA ALA B 65 47.00 4.97 -4.64
C ALA B 65 45.75 5.57 -4.01
N ALA B 66 44.84 6.09 -4.85
CA ALA B 66 43.61 6.69 -4.33
C ALA B 66 42.72 5.65 -3.66
N ALA B 67 42.60 4.46 -4.27
CA ALA B 67 41.79 3.41 -3.66
C ALA B 67 42.35 3.03 -2.29
N SER B 68 43.68 2.97 -2.18
CA SER B 68 44.32 2.64 -0.91
C SER B 68 44.04 3.74 0.13
N THR B 69 44.21 5.00 -0.26
CA THR B 69 43.91 6.10 0.66
C THR B 69 42.46 6.07 1.09
N ALA B 70 41.54 5.83 0.15
CA ALA B 70 40.13 5.78 0.51
C ALA B 70 39.85 4.64 1.47
N ARG B 71 40.42 3.47 1.20
CA ARG B 71 40.24 2.34 2.10
C ARG B 71 40.68 2.69 3.51
N LYS B 72 41.86 3.31 3.64
CA LYS B 72 42.35 3.71 4.94
C LYS B 72 41.40 4.69 5.63
N LEU B 73 40.90 5.68 4.88
CA LEU B 73 39.96 6.63 5.48
C LEU B 73 38.69 5.93 5.92
N ILE B 74 38.17 5.04 5.07
CA ILE B 74 36.89 4.40 5.37
C ILE B 74 37.01 3.46 6.55
N GLU B 75 38.11 2.70 6.60
CA GLU B 75 38.36 1.83 7.76
C GLU B 75 38.47 2.66 9.04
N ALA B 76 39.14 3.80 8.98
CA ALA B 76 39.19 4.70 10.14
C ALA B 76 37.78 5.15 10.53
N LEU B 77 36.97 5.55 9.56
CA LEU B 77 35.60 5.97 9.85
C LEU B 77 34.79 4.85 10.47
N ARG B 78 34.89 3.64 9.93
CA ARG B 78 34.08 2.55 10.46
C ARG B 78 34.60 2.05 11.80
N GLY B 79 35.91 2.21 12.06
CA GLY B 79 36.45 1.86 13.36
C GLY B 79 36.08 2.81 14.48
N LYS B 80 35.73 4.05 14.14
CA LYS B 80 35.36 5.07 15.10
C LYS B 80 33.88 4.98 15.46
N HIS B 81 33.57 5.36 16.71
CA HIS B 81 32.21 5.50 17.24
C HIS B 81 31.20 4.48 16.73
N GLY B 85 24.60 8.26 19.98
CA GLY B 85 23.82 9.06 20.91
C GLY B 85 22.37 8.62 21.01
N VAL B 86 21.62 8.86 19.94
CA VAL B 86 20.22 8.43 19.90
C VAL B 86 20.13 6.92 20.02
N GLU B 87 21.04 6.20 19.37
CA GLU B 87 20.98 4.74 19.39
C GLU B 87 21.22 4.18 20.80
N GLY B 88 22.13 4.79 21.56
CA GLY B 88 22.34 4.33 22.92
C GLY B 88 21.13 4.59 23.80
N LEU B 89 20.45 5.71 23.56
CA LEU B 89 19.23 6.00 24.28
C LEU B 89 18.14 4.99 23.92
N VAL B 90 18.02 4.66 22.63
CA VAL B 90 17.04 3.67 22.19
C VAL B 90 17.32 2.33 22.85
N GLN B 91 18.58 1.91 22.87
CA GLN B 91 18.92 0.63 23.48
C GLN B 91 18.63 0.62 24.98
N GLU B 92 19.08 1.66 25.69
CA GLU B 92 18.97 1.67 27.15
C GLU B 92 17.53 1.56 27.62
N TYR B 93 16.61 2.21 26.91
CA TYR B 93 15.22 2.26 27.34
C TYR B 93 14.32 1.37 26.50
N SER B 94 14.90 0.55 25.63
CA SER B 94 14.13 -0.36 24.78
C SER B 94 13.04 0.39 24.02
N LEU B 95 13.43 1.50 23.38
CA LEU B 95 12.46 2.32 22.66
C LEU B 95 12.20 1.76 21.26
N SER B 96 10.93 1.72 20.88
CA SER B 96 10.58 1.60 19.48
C SER B 96 11.03 2.85 18.75
N SER B 97 11.04 2.78 17.40
CA SER B 97 11.36 3.97 16.62
C SER B 97 10.38 5.10 16.91
N GLN B 98 9.09 4.78 17.00
CA GLN B 98 8.09 5.80 17.26
C GLN B 98 8.28 6.41 18.64
N GLU B 99 8.67 5.58 19.62
CA GLU B 99 8.96 6.11 20.96
C GLU B 99 10.18 7.02 20.95
N GLY B 100 11.24 6.63 20.23
CA GLY B 100 12.38 7.51 20.06
C GLY B 100 12.00 8.86 19.44
N VAL B 101 11.25 8.83 18.34
CA VAL B 101 10.79 10.08 17.73
C VAL B 101 9.95 10.89 18.72
N ALA B 102 9.00 10.22 19.38
CA ALA B 102 8.12 10.94 20.29
C ALA B 102 8.90 11.54 21.46
N LEU B 103 9.88 10.80 21.97
CA LEU B 103 10.71 11.32 23.05
C LEU B 103 11.48 12.56 22.62
N MET B 104 12.03 12.55 21.41
CA MET B 104 12.80 13.70 20.94
C MET B 104 11.88 14.90 20.73
N CYS B 105 10.66 14.66 20.24
CA CYS B 105 9.67 15.74 20.12
C CYS B 105 9.35 16.34 21.48
N LEU B 106 9.16 15.48 22.49
CA LEU B 106 8.94 15.97 23.85
C LEU B 106 10.13 16.78 24.32
N ALA B 107 11.34 16.23 24.16
CA ALA B 107 12.55 16.93 24.59
C ALA B 107 12.66 18.28 23.90
N GLU B 108 12.39 18.34 22.59
CA GLU B 108 12.36 19.62 21.87
C GLU B 108 11.38 20.59 22.52
N ALA B 109 10.17 20.14 22.84
CA ALA B 109 9.18 21.02 23.44
C ALA B 109 9.65 21.51 24.79
N LEU B 110 10.25 20.62 25.59
CA LEU B 110 10.71 21.02 26.91
C LEU B 110 11.83 22.06 26.81
N LEU B 111 12.61 22.00 25.74
CA LEU B 111 13.70 22.95 25.55
C LEU B 111 13.22 24.29 25.03
N ARG B 112 11.98 24.38 24.54
CA ARG B 112 11.35 25.68 24.29
C ARG B 112 11.13 26.47 25.57
N ILE B 113 11.15 25.81 26.72
CA ILE B 113 11.11 26.50 28.00
C ILE B 113 12.53 26.95 28.31
N PRO B 114 12.83 28.25 28.24
CA PRO B 114 14.24 28.67 28.32
C PRO B 114 14.86 28.53 29.70
N ASP B 115 14.08 28.68 30.78
CA ASP B 115 14.64 28.64 32.11
C ASP B 115 14.79 27.20 32.59
N THR B 116 16.00 26.81 32.98
CA THR B 116 16.30 25.44 33.34
C THR B 116 15.46 24.98 34.54
N ALA B 117 15.43 25.80 35.60
CA ALA B 117 14.71 25.38 36.81
C ALA B 117 13.24 25.16 36.51
N THR B 118 12.63 26.04 35.71
CA THR B 118 11.24 25.86 35.32
C THR B 118 11.06 24.56 34.54
N ARG B 119 11.96 24.30 33.60
CA ARG B 119 11.89 23.07 32.81
C ARG B 119 11.98 21.83 33.69
N ASP B 120 13.00 21.76 34.56
CA ASP B 120 13.20 20.60 35.41
C ASP B 120 12.01 20.38 36.34
N ALA B 121 11.33 21.44 36.76
CA ALA B 121 10.20 21.27 37.66
C ALA B 121 8.97 20.74 36.92
N LEU B 122 8.73 21.21 35.69
CA LEU B 122 7.63 20.67 34.91
C LEU B 122 7.85 19.19 34.63
N ILE B 123 9.12 18.80 34.41
CA ILE B 123 9.46 17.40 34.20
C ILE B 123 9.12 16.59 35.44
N ARG B 124 9.68 16.99 36.59
CA ARG B 124 9.45 16.24 37.83
C ARG B 124 7.99 16.26 38.23
N ASP B 125 7.35 17.44 38.21
CA ASP B 125 6.02 17.57 38.78
C ASP B 125 4.94 17.00 37.87
N LYS B 126 5.02 17.25 36.56
CA LYS B 126 3.88 16.99 35.67
C LYS B 126 4.19 16.00 34.57
N ILE B 127 5.29 16.18 33.82
CA ILE B 127 5.53 15.35 32.64
C ILE B 127 5.80 13.91 33.04
N ALA B 128 6.58 13.70 34.10
CA ALA B 128 6.92 12.35 34.52
C ALA B 128 5.71 11.56 34.97
N ASP B 129 4.66 12.25 35.44
CA ASP B 129 3.43 11.58 35.85
C ASP B 129 2.44 11.46 34.70
N GLY B 130 2.94 11.22 33.49
CA GLY B 130 2.09 10.98 32.34
C GLY B 130 1.41 12.22 31.78
N ASN B 131 0.93 13.08 32.68
CA ASN B 131 0.18 14.27 32.27
C ASN B 131 1.03 15.20 31.42
N TRP B 132 1.34 14.78 30.18
CA TRP B 132 2.09 15.64 29.27
C TRP B 132 1.21 16.43 28.31
N LYS B 133 0.00 15.93 28.03
CA LYS B 133 -0.88 16.63 27.10
C LYS B 133 -1.31 18.00 27.64
N SER B 134 -1.44 18.12 28.97
CA SER B 134 -1.87 19.38 29.58
C SER B 134 -0.90 20.51 29.22
N HIS B 135 0.25 20.57 29.89
CA HIS B 135 1.25 21.55 29.54
C HIS B 135 1.81 21.26 28.15
N LEU B 136 2.66 22.18 27.67
CA LEU B 136 3.26 22.07 26.34
C LEU B 136 2.19 22.05 25.25
N ARG B 140 -0.22 24.07 19.57
CA ARG B 140 0.75 23.47 18.65
C ARG B 140 1.08 22.05 19.07
N SER B 141 0.97 21.13 18.13
CA SER B 141 1.26 19.73 18.41
C SER B 141 2.69 19.58 18.91
N LEU B 142 2.87 18.69 19.89
CA LEU B 142 4.21 18.32 20.30
C LEU B 142 5.03 17.78 19.15
N PHE B 143 4.36 17.29 18.10
CA PHE B 143 4.99 16.50 17.05
C PHE B 143 5.14 17.25 15.74
N VAL B 144 5.05 18.59 15.77
CA VAL B 144 5.19 19.39 14.55
C VAL B 144 6.48 19.05 13.79
N ASN B 145 7.57 18.79 14.51
CA ASN B 145 8.84 18.50 13.87
C ASN B 145 9.20 17.03 13.90
N ALA B 146 8.21 16.15 14.04
CA ALA B 146 8.49 14.72 14.14
C ALA B 146 9.14 14.18 12.87
N ALA B 147 8.83 14.74 11.71
CA ALA B 147 9.50 14.26 10.49
C ALA B 147 11.02 14.43 10.61
N THR B 148 11.45 15.53 11.22
CA THR B 148 12.88 15.76 11.43
C THR B 148 13.46 14.75 12.42
N TRP B 149 12.84 14.59 13.59
CA TRP B 149 13.31 13.59 14.52
C TRP B 149 13.20 12.18 13.93
N GLY B 150 12.22 11.95 13.07
CA GLY B 150 12.14 10.65 12.39
C GLY B 150 13.38 10.37 11.57
N LEU B 151 13.87 11.39 10.86
CA LEU B 151 15.11 11.27 10.11
C LEU B 151 16.27 10.96 11.04
N VAL B 152 16.36 11.69 12.16
CA VAL B 152 17.40 11.42 13.15
C VAL B 152 17.30 9.99 13.66
N VAL B 153 16.10 9.55 14.05
CA VAL B 153 15.98 8.27 14.72
C VAL B 153 16.06 7.11 13.74
N THR B 154 15.45 7.25 12.56
CA THR B 154 15.31 6.11 11.65
C THR B 154 16.08 6.26 10.35
N GLY B 155 16.56 7.46 10.03
CA GLY B 155 17.16 7.69 8.72
C GLY B 155 16.16 7.77 7.60
N LYS B 156 14.87 7.72 7.89
CA LYS B 156 13.81 7.83 6.89
C LYS B 156 13.07 9.14 7.08
N LEU B 157 12.73 9.80 5.99
CA LEU B 157 11.95 11.02 6.03
C LEU B 157 10.55 10.74 5.53
N THR B 158 9.56 11.32 6.20
CA THR B 158 8.18 11.29 5.78
C THR B 158 7.71 12.71 5.60
N SER B 159 6.68 12.88 4.78
CA SER B 159 6.13 14.22 4.57
C SER B 159 5.31 14.67 5.77
N THR B 160 4.51 13.77 6.32
CA THR B 160 3.61 14.12 7.40
C THR B 160 3.81 13.16 8.56
N VAL B 161 3.19 13.50 9.69
CA VAL B 161 3.48 12.82 10.94
CA VAL B 161 3.46 12.91 10.99
C VAL B 161 2.23 12.13 11.45
N ASN B 162 2.41 10.88 11.87
CA ASN B 162 1.28 10.17 12.46
C ASN B 162 1.27 10.56 13.93
N ASP B 163 0.56 11.66 14.23
CA ASP B 163 0.59 12.21 15.57
C ASP B 163 -0.19 11.36 16.58
N ARG B 164 -1.13 10.52 16.13
CA ARG B 164 -1.78 9.61 17.07
C ARG B 164 -0.85 8.48 17.49
N SER B 165 -0.06 7.97 16.55
CA SER B 165 0.94 6.94 16.87
C SER B 165 2.01 7.51 17.80
N LEU B 166 2.44 8.75 17.55
CA LEU B 166 3.45 9.36 18.42
C LEU B 166 2.88 9.64 19.81
N ALA B 167 1.65 10.15 19.88
CA ALA B 167 1.00 10.36 21.19
C ALA B 167 0.91 9.06 21.97
N ALA B 168 0.47 8.00 21.30
CA ALA B 168 0.45 6.68 21.92
C ALA B 168 1.83 6.25 22.39
N ALA B 169 2.84 6.39 21.52
CA ALA B 169 4.20 6.01 21.89
C ALA B 169 4.74 6.84 23.05
N LEU B 170 4.43 8.14 23.07
CA LEU B 170 4.93 8.99 24.16
C LEU B 170 4.31 8.60 25.49
N THR B 171 3.00 8.36 25.51
CA THR B 171 2.36 7.86 26.72
C THR B 171 2.98 6.55 27.16
N ARG B 172 3.19 5.62 26.22
CA ARG B 172 3.75 4.32 26.56
C ARG B 172 5.14 4.48 27.18
N LEU B 173 6.04 5.23 26.54
CA LEU B 173 7.40 5.29 27.06
C LEU B 173 7.46 6.00 28.40
N ILE B 174 6.65 7.05 28.60
CA ILE B 174 6.67 7.71 29.91
C ILE B 174 6.11 6.80 30.98
N SER B 175 5.01 6.11 30.68
CA SER B 175 4.43 5.21 31.66
C SER B 175 5.37 4.05 31.94
N ARG B 176 6.20 3.66 30.97
CA ARG B 176 7.09 2.52 31.18
C ARG B 176 8.41 2.93 31.83
N CYS B 177 8.95 4.10 31.49
CA CYS B 177 10.30 4.47 31.92
C CYS B 177 10.36 5.72 32.79
N GLY B 178 9.34 6.56 32.79
CA GLY B 178 9.25 7.61 33.80
C GLY B 178 10.22 8.77 33.57
N GLU B 179 10.51 9.48 34.66
CA GLU B 179 11.39 10.64 34.58
C GLU B 179 12.75 10.36 33.96
N PRO B 180 13.45 9.26 34.29
CA PRO B 180 14.81 9.10 33.75
C PRO B 180 14.90 9.14 32.23
N VAL B 181 13.92 8.58 31.51
CA VAL B 181 14.01 8.64 30.05
C VAL B 181 13.71 10.06 29.55
N ILE B 182 12.84 10.81 30.24
CA ILE B 182 12.59 12.17 29.83
C ILE B 182 13.85 13.01 29.99
N ARG B 183 14.54 12.84 31.13
CA ARG B 183 15.77 13.59 31.38
C ARG B 183 16.85 13.25 30.36
N ARG B 184 17.01 11.96 30.06
CA ARG B 184 17.97 11.56 29.05
C ARG B 184 17.61 12.12 27.69
N GLY B 185 16.33 12.09 27.33
CA GLY B 185 15.91 12.67 26.06
C GLY B 185 16.18 14.16 25.98
N VAL B 186 15.87 14.90 27.06
CA VAL B 186 16.17 16.34 27.09
C VAL B 186 17.66 16.59 26.93
N ASP B 187 18.49 15.90 27.73
CA ASP B 187 19.93 16.10 27.62
C ASP B 187 20.44 15.76 26.22
N MET B 188 19.89 14.72 25.61
CA MET B 188 20.30 14.33 24.26
C MET B 188 19.93 15.40 23.24
N ALA B 189 18.66 15.84 23.26
CA ALA B 189 18.23 16.86 22.30
C ALA B 189 18.96 18.17 22.54
N MET B 190 19.26 18.51 23.79
CA MET B 190 20.03 19.71 24.06
C MET B 190 21.41 19.63 23.41
N ARG B 191 22.06 18.47 23.49
CA ARG B 191 23.37 18.30 22.88
C ARG B 191 23.29 18.38 21.36
N MET B 192 22.31 17.69 20.78
CA MET B 192 22.22 17.65 19.32
C MET B 192 21.88 19.02 18.75
N MET B 193 20.85 19.66 19.29
CA MET B 193 20.43 20.94 18.73
C MET B 193 21.43 22.04 19.06
N GLY B 194 22.07 21.96 20.21
CA GLY B 194 22.95 23.03 20.62
C GLY B 194 24.40 22.86 20.25
N GLU B 195 24.82 21.62 20.00
CA GLU B 195 26.26 21.38 19.83
C GLU B 195 26.60 20.63 18.55
N GLN B 196 25.66 19.84 18.03
CA GLN B 196 25.88 19.03 16.83
C GLN B 196 25.26 19.65 15.59
N PHE B 197 23.99 20.06 15.65
CA PHE B 197 23.33 20.64 14.49
C PHE B 197 23.82 22.06 14.21
N VAL B 198 24.24 22.78 15.24
CA VAL B 198 24.84 24.09 15.08
C VAL B 198 26.17 24.11 15.83
N THR B 199 27.08 24.95 15.36
CA THR B 199 28.32 25.12 16.09
C THR B 199 28.09 25.91 17.36
N GLY B 200 27.15 26.86 17.32
CA GLY B 200 26.74 27.61 18.48
C GLY B 200 25.44 28.29 18.15
N GLU B 201 24.76 28.76 19.20
CA GLU B 201 23.48 29.44 19.01
C GLU B 201 23.68 30.88 18.56
N THR B 202 24.82 31.45 18.90
CA THR B 202 25.18 32.81 18.56
C THR B 202 26.58 32.76 17.96
N ILE B 203 26.94 33.82 17.22
CA ILE B 203 28.26 33.81 16.58
C ILE B 203 29.36 33.82 17.62
N ARG B 204 29.18 34.56 18.73
CA ARG B 204 30.24 34.56 19.72
C ARG B 204 30.41 33.18 20.35
N GLU B 205 29.29 32.45 20.54
CA GLU B 205 29.40 31.09 21.03
C GLU B 205 30.06 30.18 20.01
N ALA B 206 29.63 30.25 18.75
CA ALA B 206 30.24 29.44 17.71
C ALA B 206 31.73 29.73 17.60
N LEU B 207 32.10 31.00 17.63
CA LEU B 207 33.51 31.38 17.57
C LEU B 207 34.27 30.85 18.77
N LYS B 208 33.68 30.96 19.97
CA LYS B 208 34.33 30.41 21.15
C LYS B 208 34.58 28.91 20.98
N ARG B 209 33.61 28.19 20.42
CA ARG B 209 33.72 26.75 20.31
C ARG B 209 34.60 26.31 19.14
N SER B 210 34.99 27.24 18.28
CA SER B 210 35.82 26.89 17.13
C SER B 210 37.29 26.80 17.47
N LYS B 211 37.71 27.32 18.62
CA LYS B 211 39.13 27.38 18.93
C LYS B 211 39.74 25.98 18.98
N GLU B 212 39.03 25.01 19.57
CA GLU B 212 39.57 23.66 19.70
C GLU B 212 40.03 23.09 18.36
N LEU B 213 39.15 23.07 17.36
CA LEU B 213 39.56 22.48 16.10
C LEU B 213 40.49 23.38 15.29
N GLU B 214 40.39 24.71 15.48
CA GLU B 214 41.36 25.57 14.84
C GLU B 214 42.77 25.25 15.29
N GLU B 215 42.94 24.89 16.57
CA GLU B 215 44.27 24.56 17.06
C GLU B 215 44.81 23.32 16.36
N LYS B 216 43.92 22.38 16.02
CA LYS B 216 44.27 21.16 15.31
C LYS B 216 44.44 21.36 13.81
N GLY B 217 44.20 22.57 13.30
CA GLY B 217 44.45 22.88 11.90
C GLY B 217 43.23 23.06 11.03
N PHE B 218 42.03 22.94 11.57
CA PHE B 218 40.83 23.27 10.82
C PHE B 218 40.66 24.77 10.72
N SER B 219 39.83 25.20 9.78
CA SER B 219 39.32 26.56 9.71
C SER B 219 37.80 26.52 9.67
N TYR B 220 37.17 27.71 9.64
CA TYR B 220 35.73 27.79 9.75
C TYR B 220 35.14 28.74 8.71
N SER B 221 33.93 28.41 8.28
CA SER B 221 33.05 29.32 7.55
C SER B 221 31.70 29.29 8.24
N TYR B 222 31.26 30.42 8.79
CA TYR B 222 30.05 30.45 9.58
C TYR B 222 28.84 30.69 8.69
N ASP B 223 27.80 29.91 8.91
CA ASP B 223 26.56 29.92 8.14
C ASP B 223 25.49 30.46 9.09
N MET B 224 25.16 31.73 8.95
CA MET B 224 24.15 32.34 9.81
C MET B 224 22.78 31.92 9.29
N LEU B 225 22.11 31.02 10.02
CA LEU B 225 20.76 30.60 9.68
C LEU B 225 19.76 31.55 10.34
N GLY B 226 18.70 31.88 9.62
CA GLY B 226 17.67 32.74 10.17
C GLY B 226 16.36 32.52 9.46
N GLU B 227 18.16 32.20 4.93
N GLU B 227 15.33 33.20 9.95
CA GLU B 227 17.67 31.67 3.66
CA GLU B 227 14.03 33.13 9.29
C GLU B 227 16.23 32.08 3.38
C GLU B 227 14.16 33.61 7.85
N ALA B 228 15.96 32.40 2.11
N ALA B 228 13.44 32.94 6.95
CA ALA B 228 14.61 32.58 1.57
CA ALA B 228 13.57 33.23 5.53
C ALA B 228 13.82 33.61 2.36
C ALA B 228 13.19 34.67 5.23
N ALA B 229 14.29 34.85 2.34
N ALA B 229 13.65 35.15 4.07
CA ALA B 229 13.54 35.95 2.93
CA ALA B 229 13.35 36.50 3.59
C ALA B 229 12.15 36.03 2.31
C ALA B 229 12.04 36.48 2.80
N THR B 230 11.15 36.33 3.16
N THR B 230 10.94 36.32 3.55
CA THR B 230 9.76 36.47 2.74
CA THR B 230 9.62 36.41 2.96
C THR B 230 9.32 37.92 2.64
C THR B 230 9.20 37.87 2.76
N THR B 231 9.70 38.75 3.60
CA THR B 231 9.33 40.15 3.61
C THR B 231 10.58 41.01 3.53
N ALA B 232 10.37 42.28 3.26
CA ALA B 232 11.50 43.21 3.23
C ALA B 232 12.15 43.30 4.60
N ALA B 233 11.35 43.25 5.67
CA ALA B 233 11.91 43.32 7.01
C ALA B 233 12.74 42.07 7.33
N ASP B 234 12.32 40.91 6.84
CA ASP B 234 13.14 39.71 6.97
C ASP B 234 14.49 39.87 6.30
N ALA B 235 14.49 40.38 5.05
CA ALA B 235 15.74 40.58 4.33
C ALA B 235 16.65 41.58 5.03
N GLU B 236 16.09 42.65 5.57
CA GLU B 236 16.92 43.64 6.26
C GLU B 236 17.52 43.07 7.53
N ARG B 237 16.74 42.26 8.26
CA ARG B 237 17.25 41.62 9.46
C ARG B 237 18.37 40.64 9.12
N TYR B 238 18.21 39.86 8.05
CA TYR B 238 19.25 38.92 7.67
CA TYR B 238 19.24 38.91 7.64
C TYR B 238 20.53 39.66 7.29
N TYR B 239 20.40 40.76 6.56
CA TYR B 239 21.55 41.61 6.29
C TYR B 239 22.25 42.03 7.59
N ARG B 240 21.49 42.54 8.55
CA ARG B 240 22.10 43.00 9.78
C ARG B 240 22.73 41.85 10.56
N ASP B 241 22.12 40.66 10.49
CA ASP B 241 22.70 39.51 11.15
C ASP B 241 24.02 39.13 10.51
N TYR B 242 24.09 39.17 9.16
CA TYR B 242 25.36 38.92 8.50
C TYR B 242 26.38 39.98 8.90
N GLU B 243 25.96 41.24 8.92
CA GLU B 243 26.87 42.34 9.23
C GLU B 243 27.47 42.17 10.63
N SER B 244 26.62 41.90 11.63
CA SER B 244 27.11 41.65 12.98
C SER B 244 28.06 40.46 13.03
N ALA B 245 27.69 39.38 12.35
CA ALA B 245 28.56 38.19 12.34
C ALA B 245 29.93 38.50 11.75
N ILE B 246 29.97 39.30 10.68
CA ILE B 246 31.24 39.65 10.06
C ILE B 246 32.13 40.43 11.02
N HIS B 247 31.54 41.35 11.79
CA HIS B 247 32.33 42.07 12.78
C HIS B 247 32.93 41.11 13.79
N ALA B 248 32.14 40.14 14.25
CA ALA B 248 32.64 39.20 15.25
C ALA B 248 33.68 38.28 14.64
N ILE B 249 33.38 37.69 13.47
CA ILE B 249 34.33 36.81 12.79
C ILE B 249 35.59 37.56 12.44
N GLY B 250 35.42 38.81 11.97
CA GLY B 250 36.57 39.60 11.58
C GLY B 250 37.46 39.94 12.75
N LYS B 251 36.86 40.32 13.89
CA LYS B 251 37.66 40.58 15.08
C LYS B 251 38.31 39.29 15.58
N ALA B 252 37.59 38.17 15.55
CA ALA B 252 38.17 36.90 15.95
C ALA B 252 39.30 36.47 15.01
N SER B 253 39.17 36.78 13.73
CA SER B 253 40.22 36.41 12.77
C SER B 253 41.54 37.06 13.15
N ALA B 254 41.51 38.34 13.49
CA ALA B 254 42.66 39.05 14.03
C ALA B 254 43.81 39.01 13.02
N GLY B 255 43.49 39.27 11.76
CA GLY B 255 44.50 39.32 10.71
C GLY B 255 45.09 37.99 10.27
N ARG B 256 44.45 36.87 10.61
CA ARG B 256 44.95 35.59 10.12
C ARG B 256 44.76 35.41 8.61
N GLY B 257 43.95 36.25 7.98
CA GLY B 257 43.78 36.17 6.54
C GLY B 257 42.73 35.16 6.15
N ILE B 258 42.51 35.07 4.84
CA ILE B 258 41.33 34.38 4.34
C ILE B 258 41.52 32.88 4.26
N TYR B 259 42.75 32.38 4.33
CA TYR B 259 43.00 30.95 4.27
C TYR B 259 43.08 30.33 5.67
N GLU B 260 43.87 30.91 6.56
CA GLU B 260 43.99 30.32 7.89
C GLU B 260 42.88 30.78 8.82
N GLY B 261 42.35 31.96 8.61
CA GLY B 261 41.33 32.50 9.48
C GLY B 261 39.93 32.19 9.00
N PRO B 262 38.95 32.48 9.84
CA PRO B 262 37.57 32.12 9.53
C PRO B 262 36.95 33.05 8.51
N GLY B 263 35.87 32.56 7.91
CA GLY B 263 35.07 33.37 7.00
C GLY B 263 33.59 33.20 7.27
N ILE B 264 32.77 33.74 6.38
CA ILE B 264 31.32 33.67 6.52
C ILE B 264 30.74 33.16 5.19
N SER B 265 29.60 32.49 5.28
CA SER B 265 28.85 32.12 4.09
C SER B 265 27.50 32.81 4.13
N ILE B 266 27.02 33.24 2.96
CA ILE B 266 25.73 33.92 2.87
C ILE B 266 24.93 33.25 1.78
N LYS B 267 23.63 33.46 1.83
CA LYS B 267 22.71 33.04 0.78
C LYS B 267 22.04 34.28 0.21
N LEU B 268 22.10 34.45 -1.10
CA LEU B 268 21.48 35.62 -1.71
C LEU B 268 19.97 35.64 -1.48
N SER B 269 19.33 34.47 -1.37
CA SER B 269 17.89 34.46 -1.09
C SER B 269 17.57 35.02 0.28
N ALA B 270 18.54 35.09 1.16
CA ALA B 270 18.31 35.70 2.47
C ALA B 270 18.27 37.21 2.40
N LEU B 271 18.79 37.81 1.34
CA LEU B 271 19.04 39.25 1.32
C LEU B 271 18.01 40.02 0.53
N HIS B 272 17.04 39.34 -0.07
CA HIS B 272 15.99 40.03 -0.81
C HIS B 272 14.80 39.11 -0.90
N PRO B 273 13.58 39.61 -0.74
CA PRO B 273 12.41 38.74 -0.81
C PRO B 273 12.05 38.29 -2.21
N ARG B 274 12.64 38.89 -3.26
CA ARG B 274 12.29 38.54 -4.64
C ARG B 274 13.54 38.22 -5.43
N TYR B 275 14.30 37.24 -4.95
CA TYR B 275 15.56 36.87 -5.60
C TYR B 275 15.24 35.85 -6.70
N SER B 276 15.06 36.35 -7.92
CA SER B 276 14.79 35.50 -9.08
C SER B 276 15.14 36.26 -10.35
N ARG B 277 15.39 35.48 -11.41
CA ARG B 277 15.61 36.06 -12.74
C ARG B 277 14.49 37.00 -13.15
N ALA B 278 13.23 36.62 -12.87
CA ALA B 278 12.12 37.46 -13.27
C ALA B 278 12.21 38.84 -12.63
N GLN B 279 12.84 38.95 -11.46
CA GLN B 279 13.00 40.21 -10.75
C GLN B 279 14.43 40.73 -10.83
N ALA B 280 15.11 40.46 -11.95
CA ALA B 280 16.54 40.73 -12.03
C ALA B 280 16.86 42.21 -11.81
N ALA B 281 16.02 43.12 -12.30
CA ALA B 281 16.28 44.54 -12.07
C ALA B 281 16.28 44.87 -10.58
N ARG B 282 15.31 44.34 -9.84
CA ARG B 282 15.28 44.57 -8.39
C ARG B 282 16.47 43.90 -7.71
N VAL B 283 16.86 42.71 -8.19
CA VAL B 283 18.01 42.02 -7.63
C VAL B 283 19.26 42.86 -7.78
N MET B 284 19.54 43.35 -9.00
CA MET B 284 20.74 44.14 -9.20
C MET B 284 20.68 45.50 -8.50
N GLY B 285 19.49 46.07 -8.39
CA GLY B 285 19.39 47.39 -7.78
C GLY B 285 19.33 47.35 -6.27
N GLU B 286 18.77 46.29 -5.70
CA GLU B 286 18.50 46.25 -4.27
C GLU B 286 19.28 45.16 -3.54
N LEU B 287 19.46 44.00 -4.16
CA LEU B 287 20.21 42.93 -3.49
C LEU B 287 21.71 43.17 -3.58
N LEU B 288 22.21 43.44 -4.80
CA LEU B 288 23.65 43.60 -5.00
C LEU B 288 24.29 44.65 -4.09
N PRO B 289 23.72 45.84 -3.86
CA PRO B 289 24.35 46.77 -2.91
C PRO B 289 24.50 46.20 -1.50
N ARG B 290 23.58 45.34 -1.06
CA ARG B 290 23.71 44.74 0.26
CA ARG B 290 23.70 44.72 0.26
C ARG B 290 24.88 43.77 0.31
N VAL B 291 25.01 42.92 -0.71
CA VAL B 291 26.16 42.02 -0.75
C VAL B 291 27.45 42.82 -0.82
N LYS B 292 27.45 43.89 -1.61
CA LYS B 292 28.65 44.72 -1.73
C LYS B 292 29.05 45.28 -0.37
N ALA B 293 28.07 45.78 0.39
CA ALA B 293 28.38 46.30 1.71
C ALA B 293 28.98 45.22 2.62
N LEU B 294 28.42 44.00 2.57
CA LEU B 294 28.97 42.91 3.38
C LEU B 294 30.37 42.54 2.93
N ALA B 295 30.59 42.50 1.61
CA ALA B 295 31.93 42.19 1.08
C ALA B 295 32.94 43.26 1.47
N LEU B 296 32.52 44.52 1.50
CA LEU B 296 33.41 45.59 1.93
C LEU B 296 33.81 45.39 3.40
N LEU B 297 32.88 44.96 4.23
CA LEU B 297 33.24 44.66 5.61
C LEU B 297 34.20 43.47 5.67
N ALA B 298 33.89 42.41 4.92
CA ALA B 298 34.79 41.27 4.85
C ALA B 298 36.16 41.66 4.34
N LYS B 299 36.22 42.57 3.36
CA LYS B 299 37.52 43.06 2.90
C LYS B 299 38.26 43.77 4.02
N ASN B 300 37.55 44.64 4.77
CA ASN B 300 38.19 45.40 5.84
C ASN B 300 38.81 44.49 6.90
N TYR B 301 38.16 43.36 7.21
CA TYR B 301 38.73 42.41 8.16
C TYR B 301 39.61 41.37 7.52
N ASP B 302 39.65 41.34 6.19
CA ASP B 302 40.34 40.33 5.39
C ASP B 302 39.92 38.91 5.77
N ILE B 303 38.60 38.69 5.70
CA ILE B 303 38.03 37.36 5.90
C ILE B 303 37.36 36.91 4.61
N GLY B 304 37.14 35.60 4.51
CA GLY B 304 36.40 35.07 3.38
C GLY B 304 34.91 35.36 3.49
N LEU B 305 34.29 35.59 2.34
CA LEU B 305 32.83 35.73 2.27
C LEU B 305 32.37 34.90 1.09
N ASN B 306 31.60 33.86 1.37
CA ASN B 306 31.21 32.90 0.36
C ASN B 306 29.73 33.05 0.01
N ILE B 307 29.43 33.00 -1.28
CA ILE B 307 28.06 33.00 -1.76
C ILE B 307 27.64 31.55 -1.97
N ASP B 308 26.72 31.07 -1.15
CA ASP B 308 26.23 29.71 -1.27
C ASP B 308 25.43 29.55 -2.56
N ALA B 309 25.46 28.33 -3.11
CA ALA B 309 24.70 28.04 -4.32
C ALA B 309 23.33 27.51 -3.94
N GLU B 310 22.29 27.93 -4.67
CA GLU B 310 20.95 27.54 -4.30
C GLU B 310 20.26 26.79 -5.45
N GLU B 311 19.02 27.16 -5.78
CA GLU B 311 18.28 26.44 -6.80
C GLU B 311 18.91 26.68 -8.18
N ALA B 312 18.67 25.72 -9.07
CA ALA B 312 19.26 25.80 -10.41
C ALA B 312 18.82 27.06 -11.15
N ASP B 313 17.58 27.51 -10.96
CA ASP B 313 17.17 28.71 -11.70
C ASP B 313 17.71 29.99 -11.09
N ARG B 314 18.57 29.91 -10.07
CA ARG B 314 19.26 31.08 -9.56
C ARG B 314 20.74 31.11 -9.92
N LEU B 315 21.26 30.04 -10.51
CA LEU B 315 22.70 29.95 -10.78
C LEU B 315 23.18 31.12 -11.64
N GLU B 316 22.59 31.27 -12.84
CA GLU B 316 23.16 32.26 -13.74
C GLU B 316 22.90 33.68 -13.26
N LEU B 317 21.77 33.93 -12.60
CA LEU B 317 21.55 35.25 -12.01
C LEU B 317 22.63 35.60 -10.99
N SER B 318 23.05 34.62 -10.19
CA SER B 318 24.09 34.89 -9.18
C SER B 318 25.41 35.27 -9.84
N LEU B 319 25.67 34.75 -11.05
CA LEU B 319 26.88 35.09 -11.77
C LEU B 319 26.93 36.58 -12.13
N ASP B 320 25.76 37.18 -12.39
CA ASP B 320 25.75 38.61 -12.65
C ASP B 320 26.15 39.40 -11.42
N LEU B 321 25.84 38.92 -10.22
CA LEU B 321 26.30 39.61 -9.02
C LEU B 321 27.78 39.37 -8.79
N LEU B 322 28.24 38.15 -9.00
CA LEU B 322 29.66 37.85 -8.89
C LEU B 322 30.48 38.72 -9.82
N GLU B 323 29.99 38.89 -11.06
CA GLU B 323 30.69 39.71 -12.05
C GLU B 323 30.90 41.11 -11.52
N VAL B 324 29.83 41.75 -11.04
CA VAL B 324 29.94 43.14 -10.60
C VAL B 324 30.83 43.26 -9.38
N LEU B 325 30.69 42.32 -8.43
CA LEU B 325 31.50 42.38 -7.22
C LEU B 325 32.97 42.22 -7.54
N CYS B 326 33.30 41.28 -8.43
CA CYS B 326 34.71 41.05 -8.72
C CYS B 326 35.34 42.19 -9.49
N LEU B 327 34.54 42.98 -10.19
CA LEU B 327 35.07 44.13 -10.90
C LEU B 327 34.97 45.42 -10.10
N ASP B 328 34.47 45.34 -8.86
CA ASP B 328 34.22 46.53 -8.05
C ASP B 328 35.54 46.99 -7.45
N GLY B 329 36.01 48.15 -7.88
CA GLY B 329 37.26 48.71 -7.37
C GLY B 329 37.28 48.91 -5.87
N ASP B 330 36.11 49.09 -5.24
CA ASP B 330 36.09 49.27 -3.80
C ASP B 330 36.58 48.04 -3.06
N LEU B 331 36.47 46.87 -3.70
CA LEU B 331 36.86 45.60 -3.11
C LEU B 331 38.27 45.20 -3.50
N SER B 332 39.06 46.14 -4.01
CA SER B 332 40.39 45.83 -4.51
C SER B 332 41.29 45.27 -3.43
N GLY B 333 42.15 44.32 -3.82
CA GLY B 333 43.15 43.79 -2.92
C GLY B 333 42.65 42.69 -2.02
N TRP B 334 41.38 42.32 -2.12
CA TRP B 334 40.77 41.36 -1.21
C TRP B 334 40.42 40.10 -2.01
N ASN B 335 41.02 38.98 -1.62
CA ASN B 335 40.76 37.72 -2.31
C ASN B 335 39.76 36.85 -1.58
N GLY B 336 38.98 37.41 -0.67
CA GLY B 336 38.06 36.62 0.12
C GLY B 336 36.73 36.32 -0.53
N MET B 337 36.44 36.86 -1.71
CA MET B 337 35.17 36.58 -2.37
C MET B 337 35.11 35.11 -2.77
N GLY B 338 34.09 34.42 -2.28
CA GLY B 338 33.91 33.01 -2.56
C GLY B 338 32.59 32.72 -3.22
N PHE B 339 32.53 31.60 -3.93
CA PHE B 339 31.37 31.26 -4.74
C PHE B 339 31.29 29.75 -4.83
N VAL B 340 30.12 29.20 -4.55
CA VAL B 340 29.88 27.76 -4.62
C VAL B 340 29.44 27.38 -6.03
N VAL B 341 29.95 26.26 -6.53
CA VAL B 341 29.40 25.69 -7.76
C VAL B 341 29.03 24.24 -7.48
N GLN B 342 27.92 23.79 -8.07
CA GLN B 342 27.30 22.51 -7.75
C GLN B 342 27.62 21.49 -8.84
N ALA B 343 28.42 20.48 -8.49
CA ALA B 343 28.82 19.49 -9.50
C ALA B 343 27.68 18.58 -9.91
N TYR B 344 26.57 18.54 -9.16
CA TYR B 344 25.45 17.77 -9.72
C TYR B 344 24.79 18.50 -10.88
N GLY B 345 25.20 19.74 -11.17
CA GLY B 345 24.60 20.50 -12.24
C GLY B 345 25.36 20.34 -13.55
N LYS B 346 24.58 20.25 -14.64
CA LYS B 346 25.18 20.07 -15.96
C LYS B 346 26.03 21.26 -16.40
N ARG B 347 25.78 22.44 -15.87
CA ARG B 347 26.55 23.61 -16.29
C ARG B 347 27.86 23.75 -15.54
N CYS B 348 28.14 22.90 -14.55
CA CYS B 348 29.24 23.13 -13.61
C CYS B 348 30.58 23.41 -14.28
N PRO B 349 31.08 22.59 -15.20
CA PRO B 349 32.40 22.91 -15.80
C PRO B 349 32.41 24.21 -16.58
N PHE B 350 31.28 24.59 -17.20
CA PHE B 350 31.23 25.85 -17.93
C PHE B 350 31.10 27.02 -16.98
N VAL B 351 30.40 26.84 -15.85
CA VAL B 351 30.41 27.87 -14.82
C VAL B 351 31.83 28.09 -14.32
N LEU B 352 32.58 27.01 -14.10
CA LEU B 352 33.97 27.13 -13.66
C LEU B 352 34.83 27.84 -14.71
N ASP B 353 34.69 27.50 -15.99
CA ASP B 353 35.39 28.25 -17.03
C ASP B 353 35.09 29.73 -16.91
N PHE B 354 33.83 30.07 -16.66
CA PHE B 354 33.46 31.48 -16.54
C PHE B 354 34.14 32.12 -15.33
N ILE B 355 34.07 31.46 -14.18
CA ILE B 355 34.64 32.02 -12.95
C ILE B 355 36.15 32.16 -13.07
N ILE B 356 36.81 31.13 -13.58
CA ILE B 356 38.26 31.20 -13.76
C ILE B 356 38.61 32.38 -14.64
N ASP B 357 37.85 32.59 -15.71
CA ASP B 357 38.13 33.72 -16.58
C ASP B 357 37.83 35.04 -15.89
N LEU B 358 36.75 35.08 -15.12
CA LEU B 358 36.44 36.28 -14.34
C LEU B 358 37.56 36.59 -13.36
N ALA B 359 38.12 35.56 -12.73
CA ALA B 359 39.25 35.78 -11.83
C ALA B 359 40.42 36.41 -12.56
N ARG B 360 40.74 35.91 -13.76
CA ARG B 360 41.85 36.47 -14.53
C ARG B 360 41.58 37.92 -14.93
N ARG B 361 40.40 38.21 -15.45
CA ARG B 361 40.27 39.60 -15.91
C ARG B 361 39.94 40.56 -14.78
N SER B 362 39.52 40.06 -13.61
CA SER B 362 39.27 40.96 -12.49
C SER B 362 40.50 41.16 -11.60
N GLY B 363 41.47 40.24 -11.65
CA GLY B 363 42.59 40.25 -10.73
C GLY B 363 42.31 39.65 -9.37
N ARG B 364 41.08 39.22 -9.10
CA ARG B 364 40.75 38.55 -7.86
C ARG B 364 41.15 37.09 -7.94
N ARG B 365 41.57 36.54 -6.81
CA ARG B 365 41.64 35.08 -6.66
C ARG B 365 40.35 34.61 -6.02
N ILE B 366 39.45 34.07 -6.82
CA ILE B 366 38.13 33.75 -6.32
C ILE B 366 38.20 32.41 -5.61
N MET B 367 37.68 32.37 -4.38
CA MET B 367 37.55 31.13 -3.62
C MET B 367 36.36 30.36 -4.18
N VAL B 368 36.56 29.14 -4.64
CA VAL B 368 35.49 28.40 -5.31
C VAL B 368 35.25 27.12 -4.53
N ARG B 369 34.07 27.02 -3.93
CA ARG B 369 33.70 25.82 -3.21
C ARG B 369 33.00 24.88 -4.17
N LEU B 370 33.61 23.73 -4.41
CA LEU B 370 32.99 22.71 -5.24
C LEU B 370 32.18 21.83 -4.30
N VAL B 371 30.86 21.76 -4.54
CA VAL B 371 29.98 20.86 -3.81
C VAL B 371 29.30 19.97 -4.82
N LYS B 372 28.62 18.95 -4.31
CA LYS B 372 27.79 18.18 -5.23
C LYS B 372 26.44 18.88 -5.42
N GLY B 373 25.69 19.08 -4.36
CA GLY B 373 24.50 19.91 -4.45
C GLY B 373 23.41 19.42 -3.52
N ALA B 374 22.65 20.37 -2.99
CA ALA B 374 21.74 20.14 -1.87
C ALA B 374 20.27 20.03 -2.26
N TYR B 375 19.91 20.29 -3.52
CA TYR B 375 18.51 20.46 -3.90
C TYR B 375 18.04 19.40 -4.89
N TRP B 376 18.66 18.22 -4.89
CA TRP B 376 18.47 17.29 -5.99
C TRP B 376 17.01 16.87 -6.13
N ASP B 377 16.40 16.38 -5.04
CA ASP B 377 14.99 15.98 -5.08
C ASP B 377 14.11 17.09 -5.64
N ALA B 378 14.35 18.33 -5.21
CA ALA B 378 13.50 19.44 -5.64
C ALA B 378 13.73 19.77 -7.10
N GLU B 379 14.95 19.57 -7.61
CA GLU B 379 15.20 19.89 -9.02
C GLU B 379 14.53 18.88 -9.93
N ILE B 380 14.51 17.59 -9.55
CA ILE B 380 13.79 16.61 -10.35
C ILE B 380 12.32 16.98 -10.43
N LYS B 381 11.71 17.26 -9.28
CA LYS B 381 10.29 17.55 -9.26
C LYS B 381 9.97 18.80 -10.08
N ARG B 382 10.77 19.86 -9.91
CA ARG B 382 10.44 21.11 -10.58
CA ARG B 382 10.46 21.13 -10.58
C ARG B 382 10.58 21.00 -12.10
N ALA B 383 11.58 20.26 -12.57
CA ALA B 383 11.71 20.11 -14.02
C ALA B 383 10.55 19.31 -14.59
N GLN B 384 10.09 18.30 -13.85
CA GLN B 384 8.92 17.54 -14.29
C GLN B 384 7.67 18.41 -14.29
N LEU B 385 7.44 19.17 -13.22
CA LEU B 385 6.25 20.01 -13.15
C LEU B 385 6.21 21.01 -14.28
N ASP B 386 7.37 21.58 -14.64
CA ASP B 386 7.42 22.61 -15.66
C ASP B 386 7.51 22.04 -17.07
N GLY B 387 7.55 20.73 -17.24
CA GLY B 387 7.58 20.16 -18.57
C GLY B 387 8.78 20.57 -19.39
N LEU B 388 9.93 20.73 -18.74
CA LEU B 388 11.10 21.26 -19.43
C LEU B 388 11.86 20.15 -20.14
N ALA B 389 12.83 20.55 -20.98
CA ALA B 389 13.41 19.61 -21.92
C ALA B 389 14.09 18.45 -21.20
N ASP B 390 14.71 18.74 -20.06
CA ASP B 390 15.52 17.76 -19.34
C ASP B 390 15.79 18.33 -17.97
N PHE B 391 16.49 17.57 -17.15
CA PHE B 391 16.85 18.05 -15.83
C PHE B 391 18.08 18.95 -15.89
N PRO B 392 18.18 19.93 -14.99
CA PRO B 392 19.40 20.74 -14.89
C PRO B 392 20.46 20.10 -14.00
N VAL B 393 20.19 18.89 -13.53
CA VAL B 393 21.09 18.11 -12.72
C VAL B 393 21.15 16.70 -13.28
N PHE B 394 22.18 15.96 -12.89
CA PHE B 394 22.26 14.56 -13.25
C PHE B 394 21.19 13.77 -12.50
N THR B 395 20.89 12.58 -13.02
CA THR B 395 19.88 11.70 -12.45
C THR B 395 20.45 10.42 -11.87
N ARG B 396 21.71 10.08 -12.16
CA ARG B 396 22.40 8.99 -11.48
C ARG B 396 23.45 9.60 -10.56
N LYS B 397 23.48 9.13 -9.31
CA LYS B 397 24.39 9.72 -8.33
C LYS B 397 25.86 9.59 -8.76
N ILE B 398 26.20 8.48 -9.42
CA ILE B 398 27.57 8.28 -9.88
C ILE B 398 27.94 9.31 -10.92
N HIS B 399 26.97 9.83 -11.68
CA HIS B 399 27.28 10.89 -12.63
C HIS B 399 27.75 12.15 -11.91
N THR B 400 27.09 12.48 -10.80
CA THR B 400 27.53 13.65 -10.04
C THR B 400 28.93 13.44 -9.48
N ASP B 401 29.24 12.21 -9.04
CA ASP B 401 30.58 11.91 -8.58
C ASP B 401 31.62 12.13 -9.69
N VAL B 402 31.32 11.68 -10.91
CA VAL B 402 32.26 11.88 -12.00
C VAL B 402 32.39 13.37 -12.32
N SER B 403 31.26 14.07 -12.38
CA SER B 403 31.26 15.52 -12.57
C SER B 403 32.15 16.20 -11.53
N TYR B 404 32.01 15.81 -10.28
CA TYR B 404 32.80 16.42 -9.21
C TYR B 404 34.29 16.25 -9.45
N ILE B 405 34.72 15.03 -9.78
CA ILE B 405 36.14 14.78 -9.98
C ILE B 405 36.64 15.52 -11.22
N ALA B 406 35.83 15.52 -12.28
CA ALA B 406 36.20 16.27 -13.48
C ALA B 406 36.31 17.76 -13.20
N CYS B 407 35.38 18.30 -12.41
CA CYS B 407 35.48 19.72 -12.09
C CYS B 407 36.64 19.99 -11.13
N ALA B 408 37.00 19.03 -10.28
CA ALA B 408 38.17 19.21 -9.41
C ALA B 408 39.44 19.33 -10.24
N ALA B 409 39.56 18.51 -11.30
CA ALA B 409 40.70 18.63 -12.19
C ALA B 409 40.78 20.01 -12.83
N LYS B 410 39.63 20.55 -13.27
CA LYS B 410 39.64 21.89 -13.85
C LYS B 410 40.11 22.90 -12.82
N LEU B 411 39.58 22.81 -11.60
CA LEU B 411 39.96 23.72 -10.52
C LEU B 411 41.44 23.59 -10.17
N LEU B 412 41.93 22.36 -10.06
CA LEU B 412 43.33 22.18 -9.71
C LEU B 412 44.26 22.72 -10.78
N ALA B 413 43.82 22.73 -12.04
CA ALA B 413 44.64 23.33 -13.08
C ALA B 413 44.69 24.84 -13.00
N ALA B 414 43.93 25.47 -12.09
CA ALA B 414 43.80 26.93 -12.09
C ALA B 414 44.08 27.56 -10.73
N THR B 415 44.88 26.91 -9.87
CA THR B 415 45.08 27.45 -8.53
C THR B 415 45.83 28.79 -8.53
N ASP B 416 46.38 29.22 -9.67
CA ASP B 416 46.98 30.55 -9.73
C ASP B 416 45.92 31.64 -9.59
N VAL B 417 44.70 31.40 -10.08
CA VAL B 417 43.68 32.45 -10.08
C VAL B 417 42.42 32.09 -9.31
N VAL B 418 42.21 30.84 -8.92
CA VAL B 418 41.10 30.48 -8.06
C VAL B 418 41.63 29.65 -6.91
N PHE B 419 40.92 29.68 -5.78
CA PHE B 419 41.27 28.88 -4.62
C PHE B 419 40.26 27.76 -4.47
N PRO B 420 40.59 26.53 -4.88
CA PRO B 420 39.59 25.45 -4.85
C PRO B 420 39.34 24.97 -3.43
N GLN B 421 38.08 24.77 -3.11
CA GLN B 421 37.62 24.34 -1.79
C GLN B 421 36.74 23.11 -2.01
N PHE B 422 37.26 21.92 -1.72
CA PHE B 422 36.55 20.69 -2.06
C PHE B 422 35.69 20.26 -0.88
N ALA B 423 34.40 20.59 -0.95
CA ALA B 423 33.45 20.24 0.09
C ALA B 423 32.88 18.85 -0.22
N THR B 424 33.24 17.87 0.60
CA THR B 424 32.66 16.54 0.44
C THR B 424 32.89 15.75 1.72
N HIS B 425 31.97 14.84 1.99
CA HIS B 425 32.15 13.87 3.05
C HIS B 425 32.47 12.49 2.50
N ASN B 426 32.62 12.38 1.19
CA ASN B 426 32.81 11.10 0.52
C ASN B 426 34.31 10.79 0.50
N ALA B 427 34.72 9.75 1.24
CA ALA B 427 36.13 9.41 1.33
C ALA B 427 36.72 9.03 -0.03
N GLN B 428 35.92 8.43 -0.91
CA GLN B 428 36.45 8.09 -2.23
C GLN B 428 36.67 9.35 -3.06
N THR B 429 35.73 10.28 -3.03
CA THR B 429 35.90 11.56 -3.71
C THR B 429 37.13 12.27 -3.17
N LEU B 430 37.24 12.33 -1.85
CA LEU B 430 38.34 13.02 -1.20
C LEU B 430 39.68 12.42 -1.62
N ALA B 431 39.78 11.09 -1.57
CA ALA B 431 41.04 10.42 -1.91
C ALA B 431 41.42 10.67 -3.36
N ALA B 432 40.45 10.62 -4.28
CA ALA B 432 40.73 10.85 -5.69
C ALA B 432 41.33 12.23 -5.91
N ILE B 433 40.82 13.23 -5.20
CA ILE B 433 41.29 14.59 -5.37
C ILE B 433 42.62 14.80 -4.70
N TYR B 434 42.79 14.22 -3.51
CA TYR B 434 44.05 14.30 -2.78
C TYR B 434 45.20 13.81 -3.66
N HIS B 435 45.01 12.68 -4.33
CA HIS B 435 46.06 12.16 -5.18
C HIS B 435 46.15 12.93 -6.49
N MET B 436 45.01 13.41 -6.99
CA MET B 436 45.02 14.23 -8.21
C MET B 436 45.85 15.49 -8.01
N ALA B 437 45.75 16.09 -6.83
CA ALA B 437 46.45 17.34 -6.54
C ALA B 437 47.96 17.18 -6.46
N GLY B 438 48.46 15.94 -6.34
CA GLY B 438 49.89 15.69 -6.34
C GLY B 438 50.58 16.09 -5.05
N LYS B 439 51.91 15.96 -5.06
CA LYS B 439 52.71 16.06 -3.84
C LYS B 439 52.98 17.51 -3.43
N ASP B 440 52.94 18.45 -4.35
CA ASP B 440 53.23 19.84 -4.04
C ASP B 440 52.04 20.47 -3.31
N PHE B 441 52.23 20.87 -2.06
CA PHE B 441 51.15 21.56 -1.36
C PHE B 441 51.69 22.74 -0.56
N HIS B 442 50.84 23.76 -0.41
CA HIS B 442 51.10 24.87 0.50
C HIS B 442 49.75 25.42 0.94
N VAL B 443 49.72 26.02 2.14
CA VAL B 443 48.46 26.58 2.61
C VAL B 443 48.04 27.69 1.66
N GLY B 444 46.80 27.65 1.23
CA GLY B 444 46.29 28.56 0.23
C GLY B 444 46.28 27.99 -1.17
N LYS B 445 46.89 26.82 -1.39
CA LYS B 445 46.81 26.19 -2.71
C LYS B 445 45.39 25.69 -2.97
N TYR B 446 44.86 24.89 -2.06
CA TYR B 446 43.45 24.49 -2.07
C TYR B 446 43.15 24.03 -0.66
N GLU B 447 41.88 23.70 -0.40
CA GLU B 447 41.53 23.11 0.88
C GLU B 447 40.37 22.16 0.66
N PHE B 448 40.08 21.35 1.66
CA PHE B 448 38.83 20.62 1.71
C PHE B 448 37.86 21.36 2.62
N GLN B 449 36.60 20.95 2.56
CA GLN B 449 35.59 21.52 3.43
C GLN B 449 34.64 20.43 3.88
N CYS B 450 34.03 20.64 5.05
CA CYS B 450 33.06 19.70 5.56
C CYS B 450 32.04 20.44 6.40
N LEU B 451 31.00 19.72 6.78
CA LEU B 451 29.93 20.26 7.61
C LEU B 451 30.22 19.98 9.08
N HIS B 452 30.01 21.00 9.92
CA HIS B 452 30.13 20.85 11.36
C HIS B 452 29.35 19.64 11.84
N GLY B 453 29.94 18.85 12.74
CA GLY B 453 29.22 17.73 13.33
C GLY B 453 28.84 16.63 12.37
N MET B 454 29.47 16.57 11.21
CA MET B 454 29.25 15.46 10.30
C MET B 454 30.59 15.05 9.71
N GLY B 455 31.38 16.04 9.32
CA GLY B 455 32.60 15.76 8.60
C GLY B 455 33.84 15.61 9.43
N GLU B 456 33.81 15.96 10.71
CA GLU B 456 35.02 15.88 11.51
C GLU B 456 35.60 14.48 11.61
N PRO B 457 34.82 13.40 11.82
CA PRO B 457 35.43 12.05 11.84
C PRO B 457 36.29 11.76 10.63
N LEU B 458 35.81 12.15 9.44
CA LEU B 458 36.61 11.95 8.24
C LEU B 458 37.83 12.86 8.22
N TYR B 459 37.64 14.15 8.47
CA TYR B 459 38.76 15.06 8.26
C TYR B 459 39.76 15.09 9.41
N GLU B 460 39.42 14.56 10.57
CA GLU B 460 40.49 14.41 11.54
C GLU B 460 41.46 13.31 11.12
N GLU B 461 41.12 12.53 10.09
CA GLU B 461 42.02 11.64 9.39
C GLU B 461 42.73 12.32 8.21
N VAL B 462 42.52 13.62 8.05
CA VAL B 462 43.05 14.37 6.91
C VAL B 462 43.95 15.52 7.37
N VAL B 463 43.43 16.37 8.25
CA VAL B 463 44.12 17.56 8.68
C VAL B 463 45.31 17.19 9.57
N GLY B 464 46.46 17.78 9.30
CA GLY B 464 47.53 17.67 10.26
C GLY B 464 48.70 16.86 9.73
N ARG B 465 49.90 17.18 10.24
CA ARG B 465 51.11 16.52 9.77
C ARG B 465 51.07 15.01 9.99
N GLY B 466 50.35 14.55 11.01
CA GLY B 466 50.22 13.13 11.22
C GLY B 466 49.26 12.43 10.28
N LYS B 467 48.50 13.17 9.48
CA LYS B 467 47.45 12.57 8.65
C LYS B 467 47.82 12.81 7.19
N LEU B 468 46.95 13.43 6.40
CA LEU B 468 47.28 13.78 5.04
C LEU B 468 47.86 15.18 4.92
N ASP B 469 47.89 15.94 6.02
CA ASP B 469 48.45 17.29 6.04
C ASP B 469 47.77 18.18 4.99
N ARG B 470 46.45 18.08 4.92
CA ARG B 470 45.67 18.99 4.10
C ARG B 470 44.63 19.69 4.98
N PRO B 471 44.44 20.99 4.80
CA PRO B 471 43.48 21.71 5.65
C PRO B 471 42.03 21.44 5.27
N CYS B 472 41.17 21.65 6.26
CA CYS B 472 39.74 21.51 6.07
C CYS B 472 39.04 22.70 6.73
N ARG B 473 38.14 23.34 5.99
CA ARG B 473 37.30 24.40 6.50
C ARG B 473 35.94 23.81 6.89
N ILE B 474 35.51 24.09 8.12
CA ILE B 474 34.26 23.57 8.63
C ILE B 474 33.14 24.58 8.37
N TYR B 475 32.10 24.14 7.68
CA TYR B 475 30.92 24.95 7.47
C TYR B 475 30.07 24.88 8.73
N ALA B 476 29.91 26.01 9.40
CA ALA B 476 29.48 26.01 10.81
C ALA B 476 28.15 26.74 10.95
N PRO B 477 27.04 26.02 11.05
CA PRO B 477 25.75 26.69 11.23
C PRO B 477 25.70 27.38 12.59
N VAL B 478 25.09 28.56 12.60
CA VAL B 478 24.93 29.38 13.78
C VAL B 478 23.49 29.85 13.84
N GLY B 479 22.79 29.52 14.92
CA GLY B 479 21.40 29.92 15.01
C GLY B 479 20.67 29.18 16.11
N THR B 480 19.45 29.62 16.36
CA THR B 480 18.63 29.08 17.45
C THR B 480 18.03 27.73 17.06
N HIS B 481 17.38 27.09 18.04
CA HIS B 481 16.70 25.81 17.79
C HIS B 481 15.64 25.95 16.71
N GLU B 482 14.86 27.04 16.74
CA GLU B 482 13.82 27.26 15.74
C GLU B 482 14.42 27.35 14.33
N THR B 483 15.51 28.10 14.19
CA THR B 483 16.11 28.27 12.86
C THR B 483 16.64 26.94 12.32
N LEU B 484 17.43 26.24 13.13
CA LEU B 484 18.08 25.01 12.67
C LEU B 484 17.07 23.98 12.18
N LEU B 485 16.05 23.69 13.00
CA LEU B 485 15.13 22.60 12.68
C LEU B 485 14.42 22.81 11.34
N ALA B 486 14.34 24.05 10.87
CA ALA B 486 13.69 24.40 9.62
C ALA B 486 14.46 23.94 8.38
N TYR B 487 15.64 23.32 8.53
CA TYR B 487 16.48 23.03 7.36
C TYR B 487 17.67 22.13 7.67
N LEU B 488 18.25 22.28 8.86
CA LEU B 488 19.63 21.84 9.07
C LEU B 488 19.73 20.32 9.12
N VAL B 489 18.76 19.65 9.75
CA VAL B 489 18.83 18.20 9.87
C VAL B 489 18.65 17.53 8.51
N ARG B 490 17.79 18.10 7.65
CA ARG B 490 17.65 17.58 6.29
C ARG B 490 18.95 17.73 5.52
N ARG B 491 19.62 18.87 5.68
CA ARG B 491 20.96 19.06 5.14
C ARG B 491 21.92 17.99 5.66
N LEU B 492 22.13 17.97 6.98
CA LEU B 492 23.18 17.12 7.55
C LEU B 492 22.96 15.65 7.21
N LEU B 493 21.69 15.21 7.17
CA LEU B 493 21.35 13.81 6.91
C LEU B 493 21.24 13.49 5.42
N GLU B 494 21.46 14.47 4.56
CA GLU B 494 21.34 14.29 3.10
C GLU B 494 19.98 13.72 2.75
N ASN B 495 18.93 14.26 3.37
CA ASN B 495 17.54 13.88 3.11
C ASN B 495 17.26 12.41 3.36
N GLY B 496 18.15 11.71 4.06
CA GLY B 496 17.96 10.29 4.31
C GLY B 496 18.09 9.41 3.09
N ALA B 497 18.90 9.81 2.12
CA ALA B 497 19.05 9.06 0.88
C ALA B 497 19.98 7.86 1.08
N ASN B 498 19.54 6.69 0.62
CA ASN B 498 20.38 5.50 0.71
C ASN B 498 21.55 5.53 -0.26
N SER B 499 21.54 6.42 -1.24
CA SER B 499 22.68 6.56 -2.14
C SER B 499 23.79 7.44 -1.57
N SER B 500 23.57 8.10 -0.43
CA SER B 500 24.55 9.02 0.10
C SER B 500 25.64 8.27 0.85
N PHE B 501 26.87 8.79 0.78
CA PHE B 501 27.98 8.20 1.53
C PHE B 501 27.69 8.18 3.02
N VAL B 502 27.01 9.23 3.52
CA VAL B 502 26.67 9.30 4.94
C VAL B 502 25.88 8.06 5.36
N HIS B 503 24.86 7.71 4.57
CA HIS B 503 24.11 6.50 4.86
C HIS B 503 24.96 5.25 4.66
N ARG B 504 25.66 5.16 3.53
CA ARG B 504 26.37 3.92 3.17
C ARG B 504 27.51 3.58 4.12
N ILE B 505 28.16 4.60 4.70
CA ILE B 505 29.27 4.30 5.62
C ILE B 505 28.76 3.53 6.84
N ASN B 506 27.50 3.74 7.23
CA ASN B 506 26.89 3.08 8.37
C ASN B 506 26.11 1.83 7.99
N ASP B 507 26.18 1.41 6.73
CA ASP B 507 25.42 0.24 6.30
C ASP B 507 26.34 -0.97 6.31
N PRO B 508 26.14 -1.93 7.20
CA PRO B 508 27.03 -3.10 7.25
C PRO B 508 26.97 -3.94 5.99
N LYS B 509 25.88 -3.87 5.23
CA LYS B 509 25.76 -4.62 3.99
C LYS B 509 26.61 -4.06 2.86
N VAL B 510 27.12 -2.83 2.99
CA VAL B 510 27.93 -2.20 1.96
C VAL B 510 29.39 -2.37 2.33
N SER B 511 30.15 -3.07 1.49
CA SER B 511 31.54 -3.33 1.79
C SER B 511 32.40 -2.12 1.47
N ILE B 512 33.63 -2.16 2.01
CA ILE B 512 34.61 -1.13 1.67
C ILE B 512 34.96 -1.19 0.18
N ASP B 513 34.95 -2.39 -0.40
CA ASP B 513 35.20 -2.51 -1.83
C ASP B 513 34.16 -1.74 -2.63
N GLU B 514 32.89 -1.79 -2.21
CA GLU B 514 31.87 -0.98 -2.88
C GLU B 514 32.12 0.50 -2.68
N LEU B 515 32.54 0.89 -1.46
CA LEU B 515 32.69 2.30 -1.14
C LEU B 515 33.88 2.93 -1.87
N ILE B 516 34.89 2.13 -2.23
CA ILE B 516 36.03 2.70 -2.94
C ILE B 516 35.95 2.50 -4.44
N ALA B 517 34.84 1.95 -4.94
CA ALA B 517 34.65 1.83 -6.38
C ALA B 517 34.82 3.19 -7.05
N ASP B 518 35.62 3.21 -8.11
CA ASP B 518 35.94 4.43 -8.82
C ASP B 518 34.77 4.80 -9.72
N PRO B 519 34.06 5.89 -9.44
CA PRO B 519 32.91 6.23 -10.29
C PRO B 519 33.32 6.49 -11.73
N VAL B 520 34.51 7.03 -11.96
CA VAL B 520 34.97 7.32 -13.31
C VAL B 520 35.03 6.04 -14.14
N GLU B 521 35.61 4.99 -13.57
CA GLU B 521 35.76 3.75 -14.33
C GLU B 521 34.46 2.98 -14.40
N VAL B 522 33.61 3.07 -13.38
CA VAL B 522 32.31 2.42 -13.45
C VAL B 522 31.48 3.03 -14.56
N VAL B 523 31.46 4.38 -14.64
CA VAL B 523 30.72 5.06 -15.69
C VAL B 523 31.30 4.75 -17.06
N ARG B 524 32.64 4.72 -17.17
CA ARG B 524 33.25 4.45 -18.46
C ARG B 524 32.86 3.08 -19.00
N ALA B 525 32.68 2.10 -18.11
CA ALA B 525 32.36 0.74 -18.55
C ALA B 525 30.88 0.51 -18.84
N MET B 526 30.03 1.51 -18.63
CA MET B 526 28.60 1.28 -18.83
CA MET B 526 28.59 1.30 -18.83
C MET B 526 28.28 1.08 -20.31
N PRO B 527 27.25 0.29 -20.62
CA PRO B 527 26.91 0.06 -22.03
C PRO B 527 26.58 1.34 -22.78
N VAL B 528 25.87 2.26 -22.14
CA VAL B 528 25.64 3.58 -22.71
C VAL B 528 26.10 4.60 -21.68
N VAL B 529 27.19 5.29 -21.97
CA VAL B 529 27.79 6.22 -21.02
C VAL B 529 26.84 7.38 -20.81
N GLY B 530 26.47 7.62 -19.55
CA GLY B 530 25.70 8.78 -19.21
C GLY B 530 24.22 8.63 -19.35
N ALA B 531 23.72 7.40 -19.51
CA ALA B 531 22.28 7.19 -19.62
C ALA B 531 21.57 7.73 -18.38
N LYS B 532 20.46 8.41 -18.63
CA LYS B 532 19.53 8.81 -17.58
C LYS B 532 19.23 7.64 -16.64
N HIS B 533 18.96 7.96 -15.39
CA HIS B 533 18.46 6.97 -14.44
C HIS B 533 17.24 6.26 -15.01
N ASP B 534 17.19 4.94 -14.82
CA ASP B 534 16.14 4.11 -15.39
C ASP B 534 14.78 4.43 -14.81
N ARG B 535 14.73 4.88 -13.57
CA ARG B 535 13.45 5.01 -12.88
C ARG B 535 13.03 6.46 -12.67
N ILE B 536 13.67 7.40 -13.36
CA ILE B 536 13.28 8.81 -13.31
C ILE B 536 12.82 9.21 -14.70
N ALA B 537 11.55 9.62 -14.81
CA ALA B 537 11.00 9.99 -16.10
C ALA B 537 11.46 11.39 -16.47
N LEU B 538 11.92 11.55 -17.70
CA LEU B 538 12.00 12.89 -18.26
C LEU B 538 10.64 13.56 -18.15
N PRO B 539 10.59 14.89 -18.04
CA PRO B 539 9.29 15.56 -18.03
C PRO B 539 8.38 15.15 -19.19
N ALA B 540 8.90 15.02 -20.41
CA ALA B 540 8.06 14.63 -21.54
C ALA B 540 7.47 13.25 -21.39
N GLU B 541 8.08 12.39 -20.56
CA GLU B 541 7.71 11.00 -20.46
C GLU B 541 6.94 10.68 -19.17
N LEU B 542 6.43 11.71 -18.48
CA LEU B 542 5.74 11.51 -17.21
C LEU B 542 4.62 10.50 -17.31
N PHE B 543 3.98 10.40 -18.47
CA PHE B 543 2.83 9.54 -18.63
C PHE B 543 3.15 8.29 -19.42
N GLY B 544 4.43 8.00 -19.65
CA GLY B 544 4.81 6.77 -20.33
C GLY B 544 4.17 6.66 -21.70
N ASP B 545 3.67 5.47 -22.02
CA ASP B 545 3.14 5.21 -23.36
C ASP B 545 1.74 5.78 -23.58
N ALA B 546 1.07 6.25 -22.52
CA ALA B 546 -0.28 6.76 -22.68
C ALA B 546 -0.31 8.01 -23.55
N ARG B 547 0.58 8.95 -23.29
CA ARG B 547 0.60 10.18 -24.06
C ARG B 547 1.88 10.94 -23.74
N THR B 548 2.22 11.86 -24.63
CA THR B 548 3.36 12.74 -24.44
C THR B 548 2.95 13.94 -23.62
N ASN B 549 3.67 14.19 -22.53
CA ASN B 549 3.43 15.37 -21.73
C ASN B 549 3.68 16.62 -22.57
N SER B 550 2.93 17.68 -22.28
CA SER B 550 3.24 18.95 -22.93
C SER B 550 4.58 19.48 -22.43
N ALA B 551 5.23 20.27 -23.29
CA ALA B 551 6.51 20.90 -22.99
C ALA B 551 6.28 22.36 -22.63
N GLY B 552 6.96 22.82 -21.59
CA GLY B 552 6.94 24.21 -21.20
C GLY B 552 8.12 24.96 -21.78
N LEU B 553 8.38 26.14 -21.21
CA LEU B 553 9.50 26.98 -21.56
C LEU B 553 10.17 27.48 -20.28
N ASP B 554 11.50 27.56 -20.30
CA ASP B 554 12.26 27.91 -19.10
C ASP B 554 12.52 29.42 -19.09
N LEU B 555 11.73 30.16 -18.29
CA LEU B 555 11.89 31.60 -18.19
C LEU B 555 13.08 32.01 -17.34
N SER B 556 13.93 31.06 -16.94
CA SER B 556 15.22 31.39 -16.33
C SER B 556 16.36 31.17 -17.31
N ASN B 557 16.05 30.70 -18.52
CA ASN B 557 17.05 30.40 -19.55
C ASN B 557 17.19 31.63 -20.45
N GLU B 558 18.40 32.21 -20.49
CA GLU B 558 18.61 33.45 -21.24
C GLU B 558 18.38 33.25 -22.73
N GLU B 559 18.78 32.11 -23.29
CA GLU B 559 18.47 31.84 -24.69
C GLU B 559 16.96 31.83 -24.90
N THR B 560 16.23 31.18 -23.99
CA THR B 560 14.80 31.13 -24.13
C THR B 560 14.20 32.52 -24.02
N LEU B 561 14.69 33.31 -23.09
CA LEU B 561 14.17 34.67 -22.93
C LEU B 561 14.47 35.51 -24.16
N ALA B 562 15.67 35.39 -24.73
CA ALA B 562 16.00 36.19 -25.91
C ALA B 562 15.14 35.76 -27.11
N SER B 563 15.01 34.44 -27.30
CA SER B 563 14.18 33.93 -28.39
C SER B 563 12.72 34.32 -28.18
N LEU B 564 12.21 34.13 -26.96
CA LEU B 564 10.84 34.52 -26.65
CA LEU B 564 10.84 34.51 -26.65
C LEU B 564 10.62 36.01 -26.86
N THR B 565 11.58 36.84 -26.45
CA THR B 565 11.44 38.28 -26.66
C THR B 565 11.13 38.60 -28.11
N GLU B 566 11.83 37.94 -29.03
CA GLU B 566 11.60 38.26 -30.43
C GLU B 566 10.28 37.68 -30.92
N ALA B 567 9.93 36.48 -30.45
CA ALA B 567 8.66 35.88 -30.88
C ALA B 567 7.48 36.68 -30.34
N LEU B 568 7.58 37.18 -29.11
CA LEU B 568 6.46 37.94 -28.56
C LEU B 568 6.32 39.28 -29.28
N ARG B 569 7.43 39.96 -29.55
CA ARG B 569 7.35 41.20 -30.33
C ARG B 569 6.71 40.92 -31.68
N GLU B 570 7.12 39.84 -32.33
CA GLU B 570 6.56 39.52 -33.63
C GLU B 570 5.07 39.23 -33.52
N SER B 571 4.64 38.55 -32.45
CA SER B 571 3.22 38.26 -32.29
C SER B 571 2.42 39.55 -32.13
N ALA B 572 2.99 40.55 -31.45
CA ALA B 572 2.29 41.81 -31.27
C ALA B 572 2.18 42.60 -32.56
N ALA B 573 3.03 42.32 -33.53
CA ALA B 573 2.99 42.97 -34.82
C ALA B 573 2.07 42.29 -35.82
N MET B 574 1.55 41.10 -35.48
CA MET B 574 0.70 40.39 -36.44
C MET B 574 -0.71 40.95 -36.45
N LYS B 575 -1.40 40.71 -37.57
CA LYS B 575 -2.82 41.04 -37.69
C LYS B 575 -3.64 39.87 -37.15
N TRP B 576 -4.26 40.08 -36.00
CA TRP B 576 -5.10 39.10 -35.34
C TRP B 576 -6.57 39.45 -35.57
N THR B 577 -7.31 38.52 -36.15
CA THR B 577 -8.74 38.73 -36.38
C THR B 577 -9.48 37.49 -35.90
N ALA B 578 -10.77 37.68 -35.62
CA ALA B 578 -11.69 36.60 -35.31
C ALA B 578 -12.98 36.91 -36.06
N LEU B 579 -13.44 35.95 -36.85
CA LEU B 579 -14.63 36.12 -37.67
C LEU B 579 -15.60 34.99 -37.35
N PRO B 580 -16.87 35.16 -37.68
CA PRO B 580 -17.77 34.00 -37.72
C PRO B 580 -17.31 33.07 -38.81
N GLN B 581 -16.78 31.92 -38.42
CA GLN B 581 -16.24 30.95 -39.37
C GLN B 581 -17.28 29.83 -39.48
N LEU B 582 -18.14 29.94 -40.48
CA LEU B 582 -19.17 28.94 -40.74
C LEU B 582 -18.62 27.84 -41.64
N ALA B 583 -19.40 26.76 -41.76
CA ALA B 583 -18.96 25.62 -42.55
C ALA B 583 -18.69 26.01 -43.98
N THR B 584 -19.38 27.04 -44.47
CA THR B 584 -19.29 27.52 -45.85
C THR B 584 -18.27 28.64 -46.03
N GLY B 585 -17.57 29.04 -44.97
CA GLY B 585 -16.65 30.16 -45.06
C GLY B 585 -17.03 31.27 -44.09
N PRO B 586 -16.28 32.36 -44.10
CA PRO B 586 -16.53 33.41 -43.11
C PRO B 586 -17.80 34.19 -43.45
N ALA B 587 -18.47 34.67 -42.41
CA ALA B 587 -19.63 35.52 -42.60
C ALA B 587 -19.29 36.95 -42.20
N ALA B 588 -20.12 37.87 -42.66
CA ALA B 588 -19.99 39.27 -42.27
C ALA B 588 -20.72 39.51 -40.95
N GLY B 589 -20.34 40.60 -40.30
CA GLY B 589 -20.98 40.94 -39.04
C GLY B 589 -20.47 42.27 -38.54
N GLU B 590 -20.85 42.60 -37.31
CA GLU B 590 -20.39 43.84 -36.69
C GLU B 590 -18.99 43.63 -36.13
N THR B 591 -18.08 44.56 -36.41
CA THR B 591 -16.67 44.44 -36.05
C THR B 591 -16.30 45.43 -34.95
N ARG B 592 -15.50 44.97 -33.97
CA ARG B 592 -14.97 45.85 -32.95
C ARG B 592 -13.51 45.50 -32.70
N THR B 593 -12.80 46.40 -32.04
CA THR B 593 -11.40 46.14 -31.74
C THR B 593 -11.32 45.43 -30.39
N VAL B 594 -10.32 44.56 -30.27
CA VAL B 594 -10.04 43.87 -29.02
C VAL B 594 -8.86 44.57 -28.37
N LEU B 595 -9.00 44.89 -27.10
CA LEU B 595 -8.04 45.74 -26.42
C LEU B 595 -7.31 44.95 -25.35
N ASN B 596 -6.09 45.37 -25.08
CA ASN B 596 -5.30 44.81 -24.01
C ASN B 596 -5.89 45.24 -22.66
N PRO B 597 -6.35 44.32 -21.82
CA PRO B 597 -6.92 44.73 -20.54
C PRO B 597 -5.93 45.50 -19.65
N GLY B 598 -4.63 45.31 -19.83
CA GLY B 598 -3.65 46.06 -19.04
C GLY B 598 -3.30 47.42 -19.60
N ASP B 599 -3.81 47.75 -20.79
CA ASP B 599 -3.53 49.01 -21.47
C ASP B 599 -4.48 49.15 -22.65
N HIS B 600 -5.58 49.87 -22.46
CA HIS B 600 -6.58 49.94 -23.53
C HIS B 600 -6.07 50.68 -24.76
N ARG B 601 -4.94 51.37 -24.67
CA ARG B 601 -4.32 51.93 -25.86
C ARG B 601 -3.72 50.86 -26.77
N ASP B 602 -3.40 49.70 -26.20
CA ASP B 602 -2.77 48.62 -26.95
C ASP B 602 -3.86 47.83 -27.66
N VAL B 603 -4.01 48.04 -28.96
CA VAL B 603 -5.02 47.35 -29.74
C VAL B 603 -4.46 45.99 -30.16
N VAL B 604 -5.14 44.93 -29.76
CA VAL B 604 -4.64 43.58 -30.04
C VAL B 604 -5.13 43.09 -31.39
N GLY B 605 -6.37 43.37 -31.74
CA GLY B 605 -6.91 42.82 -32.97
C GLY B 605 -8.33 43.24 -33.18
N SER B 606 -9.01 42.52 -34.07
CA SER B 606 -10.38 42.86 -34.46
CA SER B 606 -10.37 42.86 -34.47
C SER B 606 -11.22 41.60 -34.47
N VAL B 607 -12.44 41.72 -33.97
CA VAL B 607 -13.39 40.62 -33.94
C VAL B 607 -14.63 41.04 -34.72
N THR B 608 -15.08 40.17 -35.60
CA THR B 608 -16.36 40.32 -36.28
C THR B 608 -17.35 39.38 -35.60
N GLU B 609 -18.40 39.95 -35.01
CA GLU B 609 -19.25 39.11 -34.20
C GLU B 609 -20.41 38.57 -35.02
N THR B 610 -20.99 37.48 -34.52
CA THR B 610 -21.94 36.66 -35.26
C THR B 610 -23.35 37.21 -35.10
N SER B 611 -24.09 37.30 -36.19
CA SER B 611 -25.51 37.59 -36.09
C SER B 611 -26.26 36.38 -35.57
N GLU B 612 -27.41 36.63 -34.93
CA GLU B 612 -28.21 35.52 -34.44
C GLU B 612 -28.69 34.64 -35.58
N GLU B 613 -28.96 35.21 -36.75
CA GLU B 613 -29.31 34.40 -37.92
C GLU B 613 -28.17 33.45 -38.28
N ASP B 614 -26.96 33.97 -38.40
CA ASP B 614 -25.83 33.11 -38.75
C ASP B 614 -25.53 32.09 -37.66
N ALA B 615 -25.82 32.43 -36.40
CA ALA B 615 -25.67 31.44 -35.34
C ALA B 615 -26.61 30.26 -35.57
N ARG B 616 -27.88 30.55 -35.89
CA ARG B 616 -28.82 29.45 -36.13
CA ARG B 616 -28.83 29.47 -36.15
C ARG B 616 -28.48 28.70 -37.42
N ARG B 617 -27.93 29.39 -38.41
CA ARG B 617 -27.51 28.70 -39.63
C ARG B 617 -26.32 27.79 -39.37
N ALA B 618 -25.37 28.24 -38.53
CA ALA B 618 -24.23 27.40 -38.18
C ALA B 618 -24.70 26.07 -37.58
N VAL B 619 -25.68 26.11 -36.69
CA VAL B 619 -26.16 24.87 -36.09
C VAL B 619 -26.75 23.95 -37.15
N ARG B 620 -27.51 24.53 -38.10
CA ARG B 620 -28.07 23.73 -39.18
C ARG B 620 -26.99 23.11 -40.05
N LEU B 621 -25.94 23.88 -40.36
CA LEU B 621 -24.80 23.34 -41.10
C LEU B 621 -24.11 22.22 -40.31
N ALA B 622 -23.98 22.40 -39.00
CA ALA B 622 -23.40 21.36 -38.17
C ALA B 622 -24.26 20.09 -38.20
N ALA B 623 -25.59 20.25 -38.12
CA ALA B 623 -26.48 19.11 -38.23
C ALA B 623 -26.31 18.39 -39.56
N ASP B 624 -26.28 19.15 -40.66
CA ASP B 624 -26.10 18.53 -41.97
C ASP B 624 -24.80 17.76 -42.06
N ALA B 625 -23.76 18.24 -41.38
CA ALA B 625 -22.44 17.64 -41.43
C ALA B 625 -22.23 16.57 -40.37
N ALA B 626 -23.16 16.39 -39.44
CA ALA B 626 -22.95 15.50 -38.31
C ALA B 626 -22.66 14.06 -38.74
N PRO B 627 -23.40 13.45 -39.68
CA PRO B 627 -23.06 12.06 -40.05
C PRO B 627 -21.67 11.91 -40.59
N ASP B 628 -21.20 12.85 -41.42
CA ASP B 628 -19.88 12.71 -42.05
C ASP B 628 -18.79 12.69 -40.99
N TRP B 629 -18.89 13.59 -40.01
CA TRP B 629 -17.87 13.61 -38.96
C TRP B 629 -17.99 12.41 -38.03
N ALA B 630 -19.21 11.97 -37.74
CA ALA B 630 -19.38 10.79 -36.90
C ALA B 630 -18.75 9.56 -37.53
N ALA B 631 -18.72 9.52 -38.86
CA ALA B 631 -18.21 8.36 -39.59
C ALA B 631 -16.69 8.33 -39.63
N VAL B 632 -16.02 9.41 -39.23
CA VAL B 632 -14.56 9.39 -39.13
C VAL B 632 -14.22 8.47 -37.96
N PRO B 633 -13.42 7.44 -38.20
CA PRO B 633 -13.07 6.49 -37.12
C PRO B 633 -12.52 7.23 -35.92
N PRO B 634 -12.86 6.77 -34.72
CA PRO B 634 -12.35 7.42 -33.50
C PRO B 634 -10.85 7.64 -33.49
N SER B 635 -10.07 6.65 -33.92
CA SER B 635 -8.62 6.81 -33.90
CA SER B 635 -8.63 6.82 -33.90
C SER B 635 -8.17 7.92 -34.85
N GLU B 636 -8.90 8.12 -35.96
CA GLU B 636 -8.53 9.22 -36.86
C GLU B 636 -8.97 10.57 -36.32
N ARG B 637 -10.12 10.62 -35.64
CA ARG B 637 -10.48 11.85 -34.93
C ARG B 637 -9.44 12.19 -33.87
N ALA B 638 -9.00 11.19 -33.11
CA ALA B 638 -7.94 11.42 -32.13
C ALA B 638 -6.63 11.85 -32.78
N ALA B 639 -6.36 11.34 -33.98
CA ALA B 639 -5.18 11.79 -34.72
C ALA B 639 -5.22 13.28 -35.00
N CYS B 640 -6.41 13.82 -35.29
CA CYS B 640 -6.56 15.26 -35.49
C CYS B 640 -6.17 16.03 -34.24
N LEU B 641 -6.70 15.60 -33.09
CA LEU B 641 -6.33 16.23 -31.82
C LEU B 641 -4.83 16.18 -31.59
N ASP B 642 -4.21 15.02 -31.83
CA ASP B 642 -2.78 14.89 -31.61
C ASP B 642 -2.01 15.82 -32.55
N ARG B 643 -2.44 15.91 -33.82
CA ARG B 643 -1.78 16.83 -34.74
C ARG B 643 -1.93 18.27 -34.28
N ALA B 644 -3.11 18.63 -33.79
CA ALA B 644 -3.33 19.97 -33.27
C ALA B 644 -2.41 20.26 -32.07
N ALA B 645 -2.21 19.26 -31.21
CA ALA B 645 -1.32 19.46 -30.06
C ALA B 645 0.11 19.76 -30.53
N GLU B 646 0.58 19.07 -31.57
CA GLU B 646 1.91 19.35 -32.11
C GLU B 646 2.02 20.79 -32.60
N LEU B 647 0.99 21.27 -33.31
CA LEU B 647 1.03 22.64 -33.81
C LEU B 647 1.02 23.64 -32.68
N MET B 648 0.20 23.41 -31.64
CA MET B 648 0.21 24.30 -30.49
C MET B 648 1.54 24.27 -29.76
N GLN B 649 2.16 23.09 -29.67
CA GLN B 649 3.48 23.01 -29.03
C GLN B 649 4.49 23.82 -29.81
N ALA B 650 4.50 23.67 -31.13
CA ALA B 650 5.49 24.35 -31.96
C ALA B 650 5.26 25.85 -31.98
N ARG B 651 4.01 26.28 -31.94
CA ARG B 651 3.70 27.69 -32.04
C ARG B 651 3.46 28.33 -30.69
N MET B 652 3.85 27.66 -29.59
CA MET B 652 3.60 28.20 -28.26
C MET B 652 4.06 29.64 -28.10
N PRO B 653 5.28 30.03 -28.52
CA PRO B 653 5.70 31.44 -28.33
C PRO B 653 4.74 32.45 -28.92
N THR B 654 4.23 32.22 -30.13
CA THR B 654 3.28 33.16 -30.71
C THR B 654 1.96 33.14 -29.97
N LEU B 655 1.47 31.95 -29.61
CA LEU B 655 0.27 31.85 -28.79
C LEU B 655 0.43 32.59 -27.47
N LEU B 656 1.61 32.46 -26.84
CA LEU B 656 1.87 33.15 -25.58
C LEU B 656 1.62 34.63 -25.71
N GLY B 657 2.21 35.24 -26.75
CA GLY B 657 2.07 36.67 -26.93
C GLY B 657 0.64 37.10 -27.09
N LEU B 658 -0.18 36.28 -27.75
CA LEU B 658 -1.57 36.67 -27.91
C LEU B 658 -2.32 36.58 -26.59
N ILE B 659 -2.08 35.51 -25.82
CA ILE B 659 -2.75 35.30 -24.54
C ILE B 659 -2.35 36.40 -23.55
N ILE B 660 -1.07 36.76 -23.54
CA ILE B 660 -0.58 37.82 -22.65
C ILE B 660 -1.35 39.12 -22.91
N ARG B 661 -1.46 39.50 -24.19
CA ARG B 661 -2.04 40.80 -24.49
C ARG B 661 -3.57 40.77 -24.60
N GLU B 662 -4.16 39.69 -25.13
CA GLU B 662 -5.61 39.70 -25.23
C GLU B 662 -6.25 39.39 -23.88
N ALA B 663 -5.74 38.42 -23.15
CA ALA B 663 -6.37 38.01 -21.89
C ALA B 663 -5.72 38.64 -20.68
N GLY B 664 -4.63 39.39 -20.87
CA GLY B 664 -3.98 40.05 -19.74
C GLY B 664 -3.23 39.12 -18.82
N LYS B 665 -2.66 38.04 -19.34
CA LYS B 665 -1.98 37.06 -18.52
C LYS B 665 -0.48 37.29 -18.51
N SER B 666 0.16 36.82 -17.45
CA SER B 666 1.61 36.79 -17.42
C SER B 666 2.14 35.70 -18.34
N ALA B 667 3.38 35.87 -18.80
CA ALA B 667 4.03 34.85 -19.63
C ALA B 667 3.96 33.48 -18.98
N LEU B 668 4.27 33.43 -17.68
CA LEU B 668 4.27 32.15 -16.99
C LEU B 668 2.90 31.49 -17.05
N ASN B 669 1.85 32.27 -16.80
CA ASN B 669 0.51 31.69 -16.83
C ASN B 669 0.08 31.36 -18.25
N ALA B 670 0.59 32.11 -19.25
CA ALA B 670 0.22 31.80 -20.62
C ALA B 670 0.89 30.51 -21.08
N ILE B 671 2.13 30.25 -20.64
CA ILE B 671 2.79 28.97 -20.94
C ILE B 671 1.97 27.82 -20.40
N ALA B 672 1.55 27.92 -19.14
CA ALA B 672 0.72 26.88 -18.53
C ALA B 672 -0.58 26.72 -19.30
N GLU B 673 -1.16 27.81 -19.78
CA GLU B 673 -2.40 27.69 -20.52
C GLU B 673 -2.20 26.95 -21.83
N VAL B 674 -1.13 27.25 -22.57
CA VAL B 674 -0.92 26.53 -23.82
C VAL B 674 -0.61 25.06 -23.52
N ARG B 675 0.18 24.80 -22.48
CA ARG B 675 0.44 23.41 -22.09
C ARG B 675 -0.86 22.69 -21.79
N GLU B 676 -1.76 23.36 -21.05
CA GLU B 676 -3.04 22.73 -20.70
C GLU B 676 -3.85 22.41 -21.94
N ALA B 677 -3.86 23.30 -22.93
CA ALA B 677 -4.59 23.02 -24.17
C ALA B 677 -3.99 21.80 -24.87
N ILE B 678 -2.67 21.76 -24.98
CA ILE B 678 -1.97 20.59 -25.53
C ILE B 678 -2.34 19.33 -24.75
N ASP B 679 -2.31 19.43 -23.42
CA ASP B 679 -2.63 18.28 -22.59
C ASP B 679 -4.06 17.81 -22.81
N PHE B 680 -5.03 18.74 -22.92
CA PHE B 680 -6.40 18.33 -23.22
C PHE B 680 -6.46 17.57 -24.54
N LEU B 681 -5.79 18.10 -25.57
CA LEU B 681 -5.86 17.48 -26.88
C LEU B 681 -5.35 16.05 -26.81
N ARG B 682 -4.18 15.87 -26.19
CA ARG B 682 -3.56 14.56 -26.16
C ARG B 682 -4.27 13.63 -25.19
N TYR B 683 -4.80 14.18 -24.11
CA TYR B 683 -5.53 13.35 -23.15
C TYR B 683 -6.81 12.80 -23.76
N TYR B 684 -7.64 13.68 -24.33
CA TYR B 684 -8.88 13.18 -24.92
C TYR B 684 -8.60 12.30 -26.12
N ALA B 685 -7.51 12.56 -26.83
CA ALA B 685 -7.10 11.66 -27.91
C ALA B 685 -6.82 10.26 -27.37
N GLU B 686 -5.99 10.16 -26.32
CA GLU B 686 -5.69 8.84 -25.75
C GLU B 686 -6.94 8.19 -25.17
N GLN B 687 -7.72 8.96 -24.41
CA GLN B 687 -8.94 8.39 -23.85
C GLN B 687 -9.85 7.85 -24.96
N THR B 688 -9.90 8.53 -26.09
CA THR B 688 -10.68 8.02 -27.21
C THR B 688 -10.13 6.69 -27.68
N ARG B 689 -8.81 6.61 -27.86
CA ARG B 689 -8.22 5.37 -28.36
C ARG B 689 -8.47 4.21 -27.38
N ARG B 690 -8.63 4.52 -26.09
CA ARG B 690 -8.88 3.46 -25.12
C ARG B 690 -10.34 3.03 -25.06
N THR B 691 -11.29 3.82 -25.57
CA THR B 691 -12.68 3.54 -25.23
C THR B 691 -13.67 3.52 -26.40
N LEU B 692 -13.56 4.44 -27.36
CA LEU B 692 -14.69 4.67 -28.27
C LEU B 692 -14.77 3.62 -29.37
N GLY B 693 -15.95 3.02 -29.51
CA GLY B 693 -16.24 2.09 -30.57
C GLY B 693 -17.54 2.43 -31.28
N PRO B 694 -17.97 1.56 -32.20
CA PRO B 694 -19.15 1.89 -33.02
C PRO B 694 -20.44 2.07 -32.23
N GLY B 695 -20.61 1.38 -31.11
CA GLY B 695 -21.83 1.57 -30.35
C GLY B 695 -21.89 2.82 -29.50
N HIS B 696 -20.84 3.64 -29.48
CA HIS B 696 -20.80 4.86 -28.68
C HIS B 696 -21.11 6.02 -29.62
N GLY B 697 -22.39 6.14 -29.96
CA GLY B 697 -22.82 7.09 -30.97
C GLY B 697 -22.74 8.51 -30.48
N PRO B 698 -22.53 9.44 -31.41
CA PRO B 698 -22.44 10.85 -31.02
C PRO B 698 -23.80 11.44 -30.66
N LEU B 699 -23.75 12.51 -29.88
CA LEU B 699 -24.95 13.29 -29.60
C LEU B 699 -25.42 14.03 -30.85
N GLY B 700 -24.49 14.65 -31.57
CA GLY B 700 -24.80 15.57 -32.64
C GLY B 700 -24.15 16.91 -32.35
N PRO B 701 -24.64 17.99 -32.97
CA PRO B 701 -24.02 19.30 -32.77
C PRO B 701 -23.94 19.67 -31.29
N ILE B 702 -22.74 20.05 -30.87
CA ILE B 702 -22.50 20.45 -29.49
CA ILE B 702 -22.48 20.45 -29.49
C ILE B 702 -22.07 21.91 -29.50
N VAL B 703 -22.72 22.71 -28.68
CA VAL B 703 -22.38 24.11 -28.50
C VAL B 703 -21.40 24.19 -27.34
N CYS B 704 -20.19 24.67 -27.62
CA CYS B 704 -19.15 24.83 -26.61
C CYS B 704 -19.01 26.30 -26.31
N ILE B 705 -19.34 26.69 -25.09
CA ILE B 705 -19.27 28.08 -24.64
C ILE B 705 -18.15 28.18 -23.63
N SER B 706 -17.17 29.03 -23.90
CA SER B 706 -15.93 29.04 -23.15
C SER B 706 -15.70 30.39 -22.48
N PRO B 707 -14.89 30.43 -21.41
CA PRO B 707 -14.75 31.68 -20.65
C PRO B 707 -13.55 32.51 -21.08
N TRP B 708 -13.47 33.75 -20.59
CA TRP B 708 -12.34 34.60 -20.92
C TRP B 708 -11.11 34.31 -20.06
N ASN B 709 -11.25 33.61 -18.94
CA ASN B 709 -10.12 33.47 -18.02
C ASN B 709 -9.15 32.37 -18.43
N PHE B 710 -9.60 31.39 -19.20
CA PHE B 710 -8.73 30.38 -19.82
C PHE B 710 -9.14 30.30 -21.27
N PRO B 711 -8.84 31.34 -22.04
CA PRO B 711 -9.45 31.50 -23.36
C PRO B 711 -8.88 30.58 -24.42
N LEU B 712 -7.77 29.88 -24.15
CA LEU B 712 -7.30 28.81 -25.01
C LEU B 712 -7.50 27.43 -24.42
N ALA B 713 -7.19 27.22 -23.13
CA ALA B 713 -7.20 25.88 -22.57
C ALA B 713 -8.62 25.32 -22.45
N ILE B 714 -9.52 26.03 -21.78
CA ILE B 714 -10.87 25.52 -21.64
C ILE B 714 -11.58 25.54 -22.99
N PHE B 715 -11.35 26.59 -23.77
CA PHE B 715 -11.81 26.61 -25.15
C PHE B 715 -11.43 25.31 -25.87
N THR B 716 -10.15 24.95 -25.81
CA THR B 716 -9.68 23.78 -26.56
C THR B 716 -10.22 22.50 -25.95
N GLY B 717 -10.17 22.38 -24.62
CA GLY B 717 -10.61 21.16 -23.97
C GLY B 717 -12.04 20.78 -24.30
N GLN B 718 -12.98 21.72 -24.12
CA GLN B 718 -14.38 21.43 -24.42
C GLN B 718 -14.55 21.01 -25.87
N ILE B 719 -13.94 21.78 -26.78
CA ILE B 719 -14.11 21.53 -28.21
C ILE B 719 -13.48 20.20 -28.61
N ALA B 720 -12.28 19.92 -28.11
CA ALA B 720 -11.57 18.69 -28.49
C ALA B 720 -12.35 17.48 -28.03
N ALA B 721 -12.86 17.52 -26.79
CA ALA B 721 -13.63 16.39 -26.29
C ALA B 721 -14.87 16.17 -27.13
N ALA B 722 -15.63 17.24 -27.41
CA ALA B 722 -16.81 17.11 -28.24
C ALA B 722 -16.46 16.55 -29.62
N LEU B 723 -15.41 17.09 -30.24
CA LEU B 723 -15.02 16.64 -31.58
C LEU B 723 -14.62 15.17 -31.57
N VAL B 724 -13.75 14.79 -30.64
CA VAL B 724 -13.20 13.44 -30.71
C VAL B 724 -14.27 12.42 -30.38
N ALA B 725 -15.32 12.83 -29.65
CA ALA B 725 -16.46 11.96 -29.41
C ALA B 725 -17.35 11.82 -30.63
N GLY B 726 -17.00 12.48 -31.74
CA GLY B 726 -17.74 12.35 -32.97
C GLY B 726 -18.82 13.38 -33.21
N ASN B 727 -18.78 14.51 -32.50
CA ASN B 727 -19.78 15.55 -32.60
C ASN B 727 -19.21 16.77 -33.31
N PRO B 728 -19.94 17.34 -34.25
CA PRO B 728 -19.54 18.65 -34.77
C PRO B 728 -19.78 19.71 -33.70
N VAL B 729 -19.00 20.79 -33.76
CA VAL B 729 -18.92 21.76 -32.69
C VAL B 729 -19.25 23.15 -33.20
N LEU B 730 -20.04 23.87 -32.41
CA LEU B 730 -20.27 25.29 -32.56
C LEU B 730 -19.52 25.94 -31.42
N ALA B 731 -18.43 26.65 -31.72
CA ALA B 731 -17.56 27.18 -30.69
C ALA B 731 -17.90 28.65 -30.48
N LYS B 732 -18.41 28.98 -29.30
CA LYS B 732 -18.76 30.36 -28.97
C LYS B 732 -17.80 30.85 -27.89
N PRO B 733 -16.76 31.60 -28.25
CA PRO B 733 -15.80 32.05 -27.24
C PRO B 733 -16.34 33.25 -26.48
N ALA B 734 -15.73 33.50 -25.32
CA ALA B 734 -16.06 34.67 -24.52
C ALA B 734 -15.92 35.93 -25.36
N GLU B 735 -16.84 36.86 -25.16
CA GLU B 735 -16.81 38.13 -25.86
C GLU B 735 -15.46 38.82 -25.73
N GLU B 736 -14.80 38.67 -24.58
CA GLU B 736 -13.56 39.40 -24.30
C GLU B 736 -12.35 38.83 -25.03
N THR B 737 -12.38 37.54 -25.37
CA THR B 737 -11.18 36.83 -25.83
C THR B 737 -11.42 36.03 -27.11
N PRO B 738 -11.90 36.67 -28.17
CA PRO B 738 -12.16 35.93 -29.41
C PRO B 738 -10.90 35.59 -30.21
N LEU B 739 -9.83 36.36 -30.06
CA LEU B 739 -8.70 36.21 -30.98
C LEU B 739 -7.99 34.88 -30.76
N ILE B 740 -7.74 34.53 -29.51
CA ILE B 740 -7.03 33.27 -29.25
C ILE B 740 -7.93 32.10 -29.58
N ALA B 741 -9.25 32.28 -29.46
CA ALA B 741 -10.20 31.26 -29.90
C ALA B 741 -10.13 31.07 -31.41
N ALA B 742 -10.14 32.16 -32.17
CA ALA B 742 -9.99 32.03 -33.63
C ALA B 742 -8.70 31.29 -33.96
N GLU B 743 -7.64 31.53 -33.19
CA GLU B 743 -6.37 30.87 -33.48
C GLU B 743 -6.45 29.38 -33.16
N GLY B 744 -7.16 29.04 -32.09
CA GLY B 744 -7.41 27.63 -31.80
C GLY B 744 -8.17 26.95 -32.91
N VAL B 745 -9.19 27.62 -33.46
CA VAL B 745 -9.96 27.03 -34.55
C VAL B 745 -9.08 26.87 -35.78
N ARG B 746 -8.22 27.86 -36.09
CA ARG B 746 -7.29 27.70 -37.22
C ARG B 746 -6.44 26.46 -37.04
N ILE B 747 -5.93 26.25 -35.83
CA ILE B 747 -5.00 25.15 -35.62
C ILE B 747 -5.73 23.81 -35.72
N LEU B 748 -6.92 23.72 -35.14
CA LEU B 748 -7.68 22.48 -35.25
C LEU B 748 -8.06 22.19 -36.70
N ARG B 749 -8.45 23.20 -37.46
CA ARG B 749 -8.77 22.98 -38.87
C ARG B 749 -7.53 22.60 -39.66
N GLU B 750 -6.40 23.24 -39.37
CA GLU B 750 -5.15 22.86 -40.02
C GLU B 750 -4.79 21.42 -39.71
N ALA B 751 -5.04 20.97 -38.47
CA ALA B 751 -4.74 19.60 -38.06
C ALA B 751 -5.69 18.58 -38.68
N GLY B 752 -6.74 19.02 -39.37
CA GLY B 752 -7.62 18.10 -40.06
C GLY B 752 -9.07 18.10 -39.63
N ILE B 753 -9.50 18.89 -38.65
CA ILE B 753 -10.92 19.01 -38.33
C ILE B 753 -11.63 19.72 -39.48
N PRO B 754 -12.63 19.11 -40.12
CA PRO B 754 -13.33 19.80 -41.22
C PRO B 754 -14.00 21.08 -40.74
N ALA B 755 -14.03 22.09 -41.63
CA ALA B 755 -14.71 23.34 -41.34
C ALA B 755 -16.15 23.10 -40.91
N SER B 756 -16.82 22.12 -41.51
CA SER B 756 -18.19 21.81 -41.13
C SER B 756 -18.29 21.19 -39.75
N ALA B 757 -17.20 20.60 -39.23
CA ALA B 757 -17.19 20.03 -37.89
C ALA B 757 -16.78 21.03 -36.82
N LEU B 758 -16.28 22.20 -37.19
CA LEU B 758 -15.79 23.15 -36.19
C LEU B 758 -16.01 24.55 -36.73
N GLN B 759 -17.05 25.20 -36.23
CA GLN B 759 -17.42 26.54 -36.63
C GLN B 759 -17.20 27.48 -35.46
N LEU B 760 -16.71 28.68 -35.76
CA LEU B 760 -16.45 29.69 -34.75
C LEU B 760 -17.48 30.80 -34.85
N LEU B 761 -18.13 31.12 -33.74
CA LEU B 761 -19.19 32.13 -33.67
C LEU B 761 -18.82 33.11 -32.57
N PRO B 762 -17.95 34.08 -32.84
CA PRO B 762 -17.65 35.09 -31.83
C PRO B 762 -18.87 35.94 -31.53
N GLY B 763 -18.92 36.47 -30.32
CA GLY B 763 -19.96 37.42 -29.97
C GLY B 763 -20.30 37.34 -28.49
N ASP B 764 -21.42 37.96 -28.15
CA ASP B 764 -21.78 38.11 -26.75
C ASP B 764 -22.77 37.01 -26.36
N GLY B 765 -23.49 37.23 -25.26
CA GLY B 765 -24.41 36.22 -24.76
C GLY B 765 -25.60 35.96 -25.65
N ARG B 766 -25.98 36.94 -26.47
CA ARG B 766 -27.08 36.69 -27.41
C ARG B 766 -26.68 35.63 -28.43
N VAL B 767 -25.42 35.63 -28.85
CA VAL B 767 -24.94 34.60 -29.76
C VAL B 767 -24.96 33.24 -29.07
N GLY B 768 -24.47 33.17 -27.84
CA GLY B 768 -24.52 31.93 -27.10
C GLY B 768 -25.95 31.43 -26.90
N ALA B 769 -26.87 32.34 -26.59
CA ALA B 769 -28.25 31.94 -26.37
C ALA B 769 -28.90 31.44 -27.66
N ALA B 770 -28.56 32.07 -28.79
CA ALA B 770 -29.12 31.61 -30.06
C ALA B 770 -28.61 30.23 -30.41
N LEU B 771 -27.34 29.96 -30.12
CA LEU B 771 -26.79 28.62 -30.34
C LEU B 771 -27.47 27.59 -29.45
N VAL B 772 -27.59 27.88 -28.15
CA VAL B 772 -28.18 26.93 -27.22
C VAL B 772 -29.63 26.61 -27.58
N ALA B 773 -30.38 27.61 -28.05
CA ALA B 773 -31.81 27.46 -28.33
C ALA B 773 -32.08 26.80 -29.68
N ALA B 774 -31.09 26.69 -30.56
CA ALA B 774 -31.33 26.14 -31.89
C ALA B 774 -31.79 24.69 -31.81
N ALA B 775 -32.72 24.33 -32.71
CA ALA B 775 -33.39 23.04 -32.62
C ALA B 775 -32.42 21.87 -32.71
N GLU B 776 -31.38 21.98 -33.55
CA GLU B 776 -30.49 20.84 -33.77
C GLU B 776 -29.39 20.73 -32.70
N THR B 777 -29.33 21.66 -31.76
CA THR B 777 -28.30 21.58 -30.72
C THR B 777 -28.54 20.34 -29.85
N ALA B 778 -27.55 19.46 -29.80
CA ALA B 778 -27.69 18.16 -29.16
C ALA B 778 -26.99 18.08 -27.81
N GLY B 779 -26.27 19.12 -27.42
CA GLY B 779 -25.55 19.13 -26.17
C GLY B 779 -24.86 20.47 -26.05
N VAL B 780 -24.57 20.84 -24.81
CA VAL B 780 -23.92 22.11 -24.52
C VAL B 780 -22.84 21.88 -23.48
N MET B 781 -21.66 22.41 -23.74
CA MET B 781 -20.57 22.43 -22.76
C MET B 781 -20.34 23.89 -22.40
N PHE B 782 -20.47 24.21 -21.11
CA PHE B 782 -20.44 25.58 -20.66
C PHE B 782 -19.48 25.69 -19.48
N THR B 783 -18.62 26.68 -19.54
CA THR B 783 -17.78 27.06 -18.40
C THR B 783 -17.95 28.55 -18.23
N GLY B 784 -18.38 28.96 -17.05
CA GLY B 784 -18.72 30.36 -16.82
C GLY B 784 -19.46 30.54 -15.50
N SER B 785 -20.30 31.56 -15.46
CA SER B 785 -20.97 31.91 -14.22
C SER B 785 -22.12 30.97 -13.94
N THR B 786 -22.45 30.82 -12.65
CA THR B 786 -23.63 30.02 -12.30
C THR B 786 -24.89 30.62 -12.91
N GLU B 787 -24.98 31.96 -12.93
CA GLU B 787 -26.17 32.61 -13.45
C GLU B 787 -26.43 32.23 -14.89
N VAL B 788 -25.41 32.32 -15.74
CA VAL B 788 -25.59 31.97 -17.14
C VAL B 788 -25.84 30.47 -17.29
N ALA B 789 -25.19 29.65 -16.47
CA ALA B 789 -25.41 28.21 -16.53
C ALA B 789 -26.87 27.89 -16.27
N ARG B 790 -27.50 28.54 -15.28
CA ARG B 790 -28.92 28.31 -15.02
C ARG B 790 -29.77 28.74 -16.21
N LEU B 791 -29.41 29.85 -16.85
CA LEU B 791 -30.14 30.30 -18.02
C LEU B 791 -30.08 29.25 -19.14
N ILE B 792 -28.89 28.71 -19.37
CA ILE B 792 -28.72 27.68 -20.40
C ILE B 792 -29.52 26.45 -20.04
N GLN B 793 -29.41 26.01 -18.78
CA GLN B 793 -30.16 24.86 -18.31
C GLN B 793 -31.65 25.04 -18.56
N ALA B 794 -32.16 26.24 -18.32
CA ALA B 794 -33.59 26.50 -18.51
C ALA B 794 -33.96 26.44 -19.99
N GLN B 795 -33.12 27.00 -20.88
CA GLN B 795 -33.44 26.92 -22.29
CA GLN B 795 -33.37 26.92 -22.32
C GLN B 795 -33.43 25.47 -22.77
N LEU B 796 -32.44 24.68 -22.32
CA LEU B 796 -32.35 23.30 -22.77
C LEU B 796 -33.54 22.47 -22.28
N ALA B 797 -34.02 22.75 -21.07
CA ALA B 797 -35.11 21.95 -20.51
C ALA B 797 -36.41 22.12 -21.29
N ASP B 798 -36.52 23.13 -22.14
CA ASP B 798 -37.70 23.26 -22.98
C ASP B 798 -37.70 22.27 -24.13
N ARG B 799 -36.59 21.61 -24.42
CA ARG B 799 -36.44 20.76 -25.59
C ARG B 799 -36.08 19.35 -25.17
N LEU B 800 -36.21 18.42 -26.12
CA LEU B 800 -35.71 17.07 -25.97
C LEU B 800 -34.92 16.72 -27.22
N SER B 801 -34.03 15.73 -27.08
CA SER B 801 -33.30 15.18 -28.21
C SER B 801 -34.29 14.53 -29.16
N PRO B 802 -33.91 14.20 -30.40
CA PRO B 802 -34.85 13.47 -31.26
C PRO B 802 -35.25 12.13 -30.68
N ALA B 803 -34.39 11.53 -29.85
CA ALA B 803 -34.74 10.33 -29.10
C ALA B 803 -35.67 10.61 -27.93
N GLY B 804 -35.98 11.87 -27.65
CA GLY B 804 -36.85 12.19 -26.53
C GLY B 804 -36.16 12.15 -25.20
N ARG B 805 -34.89 12.55 -25.14
CA ARG B 805 -34.15 12.54 -23.89
C ARG B 805 -33.59 13.93 -23.61
N PRO B 806 -33.33 14.26 -22.34
CA PRO B 806 -32.76 15.57 -22.02
C PRO B 806 -31.48 15.85 -22.81
N ILE B 807 -31.34 17.08 -23.26
CA ILE B 807 -30.09 17.52 -23.91
C ILE B 807 -29.02 17.67 -22.86
N PRO B 808 -27.88 16.97 -22.97
CA PRO B 808 -26.86 17.05 -21.92
C PRO B 808 -26.22 18.42 -21.80
N LEU B 809 -25.95 18.82 -20.57
CA LEU B 809 -25.25 20.06 -20.27
C LEU B 809 -24.13 19.72 -19.31
N ILE B 810 -22.90 20.02 -19.72
CA ILE B 810 -21.75 20.04 -18.82
C ILE B 810 -21.53 21.50 -18.48
N ALA B 811 -21.72 21.86 -17.21
CA ALA B 811 -21.58 23.24 -16.78
C ALA B 811 -20.58 23.27 -15.65
N GLU B 812 -19.53 24.05 -15.81
CA GLU B 812 -18.55 24.20 -14.75
C GLU B 812 -18.53 25.67 -14.36
N THR B 813 -18.72 25.91 -13.08
CA THR B 813 -19.07 27.23 -12.58
C THR B 813 -18.07 27.58 -11.48
N GLY B 814 -18.48 28.47 -10.59
CA GLY B 814 -17.54 29.03 -9.64
C GLY B 814 -17.20 28.11 -8.47
N GLY B 815 -16.41 28.67 -7.57
CA GLY B 815 -16.18 28.05 -6.28
C GLY B 815 -15.85 29.12 -5.27
N GLN B 816 -16.23 28.88 -4.02
CA GLN B 816 -15.83 29.76 -2.93
C GLN B 816 -14.72 29.05 -2.14
N ASN B 817 -13.55 29.01 -2.75
CA ASN B 817 -12.55 28.02 -2.37
C ASN B 817 -11.83 28.43 -1.08
N ALA B 818 -11.65 27.46 -0.20
CA ALA B 818 -11.04 27.69 1.11
C ALA B 818 -9.72 26.94 1.23
N MET B 819 -8.85 27.46 2.08
CA MET B 819 -7.68 26.74 2.56
C MET B 819 -7.67 26.81 4.09
N ILE B 820 -7.43 25.68 4.74
CA ILE B 820 -7.33 25.60 6.18
C ILE B 820 -5.87 25.36 6.55
N VAL B 821 -5.38 26.12 7.51
CA VAL B 821 -3.99 26.11 7.94
C VAL B 821 -3.96 25.96 9.46
N ASP B 822 -3.28 24.93 9.95
CA ASP B 822 -3.20 24.77 11.39
C ASP B 822 -1.80 25.16 11.85
N SER B 823 -1.57 25.06 13.17
CA SER B 823 -0.32 25.53 13.75
C SER B 823 0.87 24.62 13.48
N SER B 824 0.68 23.49 12.82
CA SER B 824 1.81 22.67 12.39
C SER B 824 2.35 23.05 11.03
N ALA B 825 1.59 23.82 10.24
CA ALA B 825 2.01 24.14 8.89
C ALA B 825 3.21 25.07 8.94
N LEU B 826 4.05 24.97 7.92
CA LEU B 826 5.23 25.82 7.81
C LEU B 826 4.82 27.17 7.23
N ALA B 827 4.98 28.24 8.01
CA ALA B 827 4.40 29.54 7.65
C ALA B 827 4.90 30.02 6.29
N GLU B 828 6.18 29.86 6.01
CA GLU B 828 6.72 30.34 4.73
C GLU B 828 6.09 29.61 3.54
N GLN B 829 5.85 28.30 3.68
CA GLN B 829 5.22 27.57 2.59
C GLN B 829 3.75 27.96 2.45
N VAL B 830 3.05 28.13 3.57
CA VAL B 830 1.68 28.63 3.52
C VAL B 830 1.62 29.95 2.76
N VAL B 831 2.54 30.87 3.08
CA VAL B 831 2.42 32.21 2.50
C VAL B 831 2.67 32.17 1.00
N GLY B 832 3.66 31.40 0.56
CA GLY B 832 3.88 31.27 -0.87
C GLY B 832 2.69 30.66 -1.58
N ASP B 833 2.11 29.60 -0.99
CA ASP B 833 0.98 28.94 -1.63
C ASP B 833 -0.28 29.80 -1.58
N VAL B 834 -0.43 30.63 -0.55
CA VAL B 834 -1.59 31.51 -0.46
C VAL B 834 -1.46 32.65 -1.47
N ILE B 835 -0.30 33.29 -1.53
CA ILE B 835 -0.09 34.37 -2.49
C ILE B 835 -0.35 33.88 -3.90
N THR B 836 0.20 32.72 -4.24
CA THR B 836 -0.06 32.12 -5.54
C THR B 836 -1.54 31.80 -5.72
N SER B 837 -2.13 31.10 -4.75
CA SER B 837 -3.51 30.63 -4.95
C SER B 837 -4.49 31.78 -5.05
N ALA B 838 -4.28 32.82 -4.25
CA ALA B 838 -5.25 33.91 -4.20
C ALA B 838 -5.06 34.94 -5.32
N PHE B 839 -3.83 35.18 -5.75
CA PHE B 839 -3.53 36.33 -6.59
C PHE B 839 -2.95 36.00 -7.95
N ASP B 840 -2.51 34.76 -8.19
CA ASP B 840 -2.13 34.38 -9.53
C ASP B 840 -3.27 34.65 -10.51
N SER B 841 -2.92 35.16 -11.68
CA SER B 841 -3.91 35.50 -12.72
C SER B 841 -4.95 36.47 -12.20
N ALA B 842 -4.52 37.36 -11.30
CA ALA B 842 -5.38 38.35 -10.65
C ALA B 842 -6.58 37.68 -10.01
N GLY B 843 -6.38 36.46 -9.51
CA GLY B 843 -7.47 35.77 -8.87
C GLY B 843 -8.58 35.36 -9.81
N GLN B 844 -8.32 35.35 -11.11
CA GLN B 844 -9.36 35.03 -12.09
C GLN B 844 -9.35 33.55 -12.47
N ARG B 845 -9.08 32.69 -11.50
CA ARG B 845 -9.20 31.25 -11.66
C ARG B 845 -10.44 30.77 -10.92
N CYS B 846 -11.15 29.81 -11.50
CA CYS B 846 -12.26 29.23 -10.76
C CYS B 846 -11.77 28.59 -9.48
N SER B 847 -10.54 28.11 -9.49
CA SER B 847 -9.89 27.46 -8.38
C SER B 847 -9.25 28.42 -7.38
N ALA B 848 -9.31 29.73 -7.61
CA ALA B 848 -8.52 30.66 -6.81
C ALA B 848 -8.91 30.57 -5.34
N LEU B 849 -7.93 30.81 -4.47
CA LEU B 849 -8.20 30.82 -3.04
C LEU B 849 -8.98 32.07 -2.66
N ARG B 850 -10.17 31.89 -2.10
CA ARG B 850 -11.03 32.99 -1.65
C ARG B 850 -11.06 33.18 -0.14
N VAL B 851 -10.91 32.11 0.64
CA VAL B 851 -11.02 32.19 2.10
C VAL B 851 -9.87 31.40 2.71
N LEU B 852 -8.94 32.10 3.34
CA LEU B 852 -7.89 31.47 4.11
C LEU B 852 -8.33 31.37 5.56
N CYS B 853 -8.31 30.17 6.12
CA CYS B 853 -8.70 29.92 7.49
C CYS B 853 -7.46 29.58 8.30
N LEU B 854 -7.13 30.44 9.26
CA LEU B 854 -5.90 30.34 10.02
C LEU B 854 -6.22 29.97 11.45
N GLN B 855 -5.55 28.94 11.96
CA GLN B 855 -5.71 28.60 13.37
C GLN B 855 -5.27 29.79 14.22
N GLU B 856 -6.05 30.10 15.25
CA GLU B 856 -5.87 31.33 16.01
C GLU B 856 -4.43 31.50 16.50
N ASP B 857 -3.79 30.40 16.92
CA ASP B 857 -2.48 30.47 17.55
C ASP B 857 -1.40 30.95 16.60
N VAL B 858 -1.59 30.79 15.29
CA VAL B 858 -0.59 31.21 14.32
C VAL B 858 -1.10 32.29 13.38
N ALA B 859 -2.33 32.77 13.59
CA ALA B 859 -2.96 33.68 12.64
C ALA B 859 -2.20 35.00 12.49
N ASP B 860 -1.78 35.61 13.60
CA ASP B 860 -1.16 36.92 13.48
C ASP B 860 0.20 36.85 12.79
N ARG B 861 1.01 35.84 13.10
CA ARG B 861 2.29 35.73 12.44
C ARG B 861 2.14 35.47 10.95
N ILE B 862 1.23 34.56 10.58
CA ILE B 862 1.03 34.30 9.16
C ILE B 862 0.48 35.54 8.47
N LEU B 863 -0.44 36.25 9.12
CA LEU B 863 -1.01 37.45 8.48
C LEU B 863 0.07 38.48 8.23
N THR B 864 0.94 38.71 9.22
CA THR B 864 2.05 39.65 9.04
C THR B 864 2.94 39.25 7.88
N MET B 865 3.31 37.97 7.81
CA MET B 865 4.13 37.49 6.71
CA MET B 865 4.13 37.50 6.71
C MET B 865 3.41 37.66 5.38
N LEU B 866 2.12 37.33 5.35
CA LEU B 866 1.33 37.44 4.13
C LEU B 866 1.24 38.88 3.65
N LYS B 867 1.04 39.82 4.57
CA LYS B 867 0.98 41.22 4.18
C LYS B 867 2.34 41.68 3.66
N GLY B 868 3.43 41.26 4.32
CA GLY B 868 4.76 41.63 3.84
C GLY B 868 5.05 41.10 2.45
N ALA B 869 4.63 39.86 2.18
CA ALA B 869 4.82 39.29 0.86
C ALA B 869 3.95 39.97 -0.18
N LEU B 870 2.75 40.38 0.22
CA LEU B 870 1.82 41.03 -0.69
C LEU B 870 2.44 42.28 -1.28
N HIS B 871 3.18 43.03 -0.46
CA HIS B 871 3.75 44.29 -0.92
C HIS B 871 4.99 44.11 -1.77
N GLU B 872 5.46 42.88 -1.98
CA GLU B 872 6.57 42.66 -2.90
C GLU B 872 6.10 42.30 -4.30
N LEU B 873 4.80 42.24 -4.54
CA LEU B 873 4.28 41.90 -5.85
C LEU B 873 4.34 43.09 -6.80
N HIS B 874 4.59 42.80 -8.07
CA HIS B 874 4.59 43.79 -9.13
C HIS B 874 3.31 43.61 -9.95
N ILE B 875 2.48 44.64 -9.98
CA ILE B 875 1.23 44.66 -10.74
C ILE B 875 1.44 45.59 -11.91
N GLY B 876 1.08 45.13 -13.11
CA GLY B 876 1.26 45.98 -14.28
C GLY B 876 0.91 45.24 -15.55
N ARG B 877 1.12 45.93 -16.66
CA ARG B 877 0.89 45.33 -17.97
C ARG B 877 1.79 44.12 -18.14
N THR B 878 1.24 43.01 -18.64
CA THR B 878 1.90 41.72 -18.50
C THR B 878 2.92 41.41 -19.59
N ASP B 879 3.28 42.36 -20.44
CA ASP B 879 4.36 42.14 -21.39
C ASP B 879 5.74 42.44 -20.80
N ARG B 880 5.88 42.31 -19.48
CA ARG B 880 7.15 42.32 -18.78
C ARG B 880 7.24 41.09 -17.90
N LEU B 881 8.36 40.37 -17.98
CA LEU B 881 8.59 39.21 -17.13
C LEU B 881 8.47 39.53 -15.65
N SER B 882 8.84 40.76 -15.26
CA SER B 882 8.85 41.13 -13.86
C SER B 882 7.45 41.30 -13.26
N VAL B 883 6.40 41.28 -14.06
CA VAL B 883 5.05 41.45 -13.54
C VAL B 883 4.54 40.15 -12.94
N ASP B 884 4.08 40.22 -11.70
CA ASP B 884 3.49 39.10 -10.98
C ASP B 884 2.00 39.00 -11.20
N VAL B 885 1.28 40.13 -11.18
CA VAL B 885 -0.17 40.14 -11.26
C VAL B 885 -0.57 41.14 -12.33
N GLY B 886 -1.36 40.69 -13.29
CA GLY B 886 -1.80 41.55 -14.36
C GLY B 886 -3.17 42.13 -14.07
N PRO B 887 -3.81 42.65 -15.12
CA PRO B 887 -5.11 43.31 -14.96
C PRO B 887 -6.23 42.29 -14.79
N VAL B 888 -7.37 42.81 -14.32
CA VAL B 888 -8.60 42.05 -14.47
C VAL B 888 -9.14 42.31 -15.88
N ILE B 889 -10.08 41.48 -16.30
CA ILE B 889 -10.34 41.35 -17.73
C ILE B 889 -11.04 42.59 -18.30
N THR B 890 -11.91 43.24 -17.52
CA THR B 890 -12.71 44.37 -18.02
C THR B 890 -12.90 45.41 -16.93
N SER B 891 -13.34 46.60 -17.35
CA SER B 891 -13.76 47.62 -16.40
CA SER B 891 -13.74 47.61 -16.38
C SER B 891 -14.91 47.12 -15.54
N GLU B 892 -15.83 46.36 -16.14
CA GLU B 892 -16.97 45.86 -15.37
C GLU B 892 -16.51 44.91 -14.29
N ALA B 893 -15.55 44.03 -14.61
CA ALA B 893 -14.97 43.16 -13.59
C ALA B 893 -14.32 44.00 -12.50
N LYS B 894 -13.55 45.00 -12.89
CA LYS B 894 -12.89 45.87 -11.92
C LYS B 894 -13.89 46.51 -10.98
N ASP B 895 -14.96 47.10 -11.52
CA ASP B 895 -15.94 47.78 -10.69
C ASP B 895 -16.69 46.80 -9.79
N ASN B 896 -16.96 45.61 -10.31
CA ASN B 896 -17.63 44.58 -9.53
C ASN B 896 -16.81 44.18 -8.32
N ILE B 897 -15.51 43.94 -8.53
CA ILE B 897 -14.61 43.56 -7.45
C ILE B 897 -14.48 44.71 -6.45
N GLU B 898 -14.18 45.90 -6.95
CA GLU B 898 -13.95 47.04 -6.07
C GLU B 898 -15.18 47.39 -5.26
N LYS B 899 -16.38 47.15 -5.83
CA LYS B 899 -17.60 47.40 -5.07
C LYS B 899 -17.64 46.56 -3.80
N HIS B 900 -17.26 45.28 -3.92
CA HIS B 900 -17.15 44.40 -2.76
C HIS B 900 -16.10 44.90 -1.77
N ILE B 901 -14.93 45.30 -2.28
CA ILE B 901 -13.87 45.73 -1.39
C ILE B 901 -14.33 46.94 -0.58
N GLU B 902 -14.98 47.90 -1.24
CA GLU B 902 -15.45 49.09 -0.54
C GLU B 902 -16.59 48.77 0.41
N ARG B 903 -17.45 47.81 0.07
CA ARG B 903 -18.49 47.42 1.00
C ARG B 903 -17.89 46.81 2.25
N MET B 904 -16.91 45.91 2.08
CA MET B 904 -16.22 45.33 3.23
C MET B 904 -15.54 46.41 4.06
N ARG B 905 -14.84 47.33 3.41
CA ARG B 905 -14.17 48.40 4.14
C ARG B 905 -15.18 49.24 4.90
N GLY B 906 -16.32 49.53 4.29
CA GLY B 906 -17.35 50.34 4.91
C GLY B 906 -18.08 49.65 6.04
N LEU B 907 -17.94 48.33 6.14
CA LEU B 907 -18.45 47.59 7.28
C LEU B 907 -17.43 47.47 8.41
N GLY B 908 -16.23 48.02 8.24
CA GLY B 908 -15.24 48.04 9.29
C GLY B 908 -14.18 46.96 9.19
N ARG B 909 -14.24 46.08 8.19
CA ARG B 909 -13.25 45.02 8.07
C ARG B 909 -11.88 45.60 7.71
N LYS B 910 -10.83 45.00 8.26
CA LYS B 910 -9.47 45.40 7.90
C LYS B 910 -9.19 44.99 6.46
N VAL B 911 -8.66 45.93 5.68
CA VAL B 911 -8.39 45.73 4.27
C VAL B 911 -6.95 46.17 3.99
N GLU B 912 -6.12 45.23 3.56
CA GLU B 912 -4.77 45.52 3.10
C GLU B 912 -4.76 45.47 1.58
N GLN B 913 -4.20 46.51 0.95
CA GLN B 913 -4.01 46.50 -0.50
C GLN B 913 -2.63 47.04 -0.85
N ILE B 914 -2.00 46.44 -1.85
CA ILE B 914 -0.79 47.04 -2.42
C ILE B 914 -1.19 48.29 -3.20
N GLY B 915 -0.34 49.31 -3.15
CA GLY B 915 -0.54 50.49 -3.98
C GLY B 915 -0.15 50.21 -5.43
N LEU B 916 -0.97 50.71 -6.35
CA LEU B 916 -0.74 50.50 -7.78
C LEU B 916 0.08 51.66 -8.36
N ALA B 917 0.99 51.33 -9.26
CA ALA B 917 1.70 52.36 -9.99
C ALA B 917 0.74 53.13 -10.90
N SER B 918 1.08 54.40 -11.18
CA SER B 918 0.24 55.23 -12.02
C SER B 918 0.02 54.64 -13.40
N GLU B 919 1.01 53.88 -13.92
CA GLU B 919 0.89 53.27 -15.24
C GLU B 919 -0.31 52.33 -15.35
N THR B 920 -0.86 51.86 -14.23
CA THR B 920 -2.01 50.98 -14.30
C THR B 920 -3.27 51.70 -14.75
N GLY B 921 -3.27 53.04 -14.72
CA GLY B 921 -4.47 53.80 -15.06
C GLY B 921 -4.96 53.60 -16.49
N VAL B 922 -4.10 53.14 -17.40
CA VAL B 922 -4.54 52.94 -18.79
C VAL B 922 -5.22 51.61 -18.99
N GLY B 923 -5.21 50.75 -17.99
CA GLY B 923 -5.89 49.47 -18.06
C GLY B 923 -6.83 49.27 -16.88
N THR B 924 -7.32 48.06 -16.69
CA THR B 924 -8.30 47.76 -15.66
C THR B 924 -7.63 46.86 -14.62
N PHE B 925 -7.12 47.45 -13.55
CA PHE B 925 -6.38 46.72 -12.52
C PHE B 925 -7.08 46.80 -11.18
N VAL B 926 -7.06 45.70 -10.44
CA VAL B 926 -7.46 45.67 -9.04
C VAL B 926 -6.23 45.23 -8.25
N PRO B 927 -5.82 45.97 -7.22
CA PRO B 927 -4.66 45.56 -6.45
C PRO B 927 -4.98 44.32 -5.63
N PRO B 928 -4.04 43.39 -5.52
CA PRO B 928 -4.21 42.29 -4.57
C PRO B 928 -4.59 42.81 -3.19
N THR B 929 -5.60 42.19 -2.63
CA THR B 929 -6.28 42.70 -1.44
C THR B 929 -6.48 41.57 -0.45
N ILE B 930 -6.27 41.87 0.82
CA ILE B 930 -6.54 40.95 1.92
C ILE B 930 -7.61 41.57 2.79
N ILE B 931 -8.70 40.83 3.03
CA ILE B 931 -9.80 41.31 3.84
C ILE B 931 -9.96 40.35 5.01
N GLU B 932 -9.96 40.88 6.22
CA GLU B 932 -10.11 40.06 7.41
C GLU B 932 -11.59 40.02 7.79
N LEU B 933 -12.15 38.83 7.82
CA LEU B 933 -13.55 38.62 8.15
C LEU B 933 -13.67 38.06 9.55
N GLU B 934 -14.86 38.22 10.14
CA GLU B 934 -15.14 37.58 11.41
C GLU B 934 -15.65 36.15 11.20
N LYS B 935 -16.56 35.96 10.26
CA LYS B 935 -17.15 34.66 10.00
C LYS B 935 -17.12 34.39 8.50
N LEU B 936 -17.06 33.10 8.14
CA LEU B 936 -17.10 32.74 6.73
C LEU B 936 -18.36 33.26 6.06
N SER B 937 -19.47 33.31 6.79
CA SER B 937 -20.75 33.76 6.27
C SER B 937 -20.77 35.25 5.95
N ASP B 938 -19.74 36.00 6.35
CA ASP B 938 -19.63 37.40 5.97
C ASP B 938 -19.36 37.57 4.49
N LEU B 939 -18.78 36.55 3.85
CA LEU B 939 -18.57 36.58 2.41
C LEU B 939 -19.82 36.03 1.75
N GLN B 940 -20.54 36.90 1.02
CA GLN B 940 -21.88 36.59 0.53
C GLN B 940 -21.94 36.27 -0.95
N ARG B 941 -20.86 36.46 -1.71
CA ARG B 941 -20.91 36.22 -3.14
C ARG B 941 -19.50 35.93 -3.64
N GLU B 942 -19.42 35.28 -4.81
CA GLU B 942 -18.12 35.02 -5.40
C GLU B 942 -17.56 36.33 -5.94
N VAL B 943 -16.37 36.69 -5.49
CA VAL B 943 -15.68 37.89 -5.94
C VAL B 943 -14.52 37.43 -6.80
N PHE B 944 -14.67 37.57 -8.12
CA PHE B 944 -13.80 36.91 -9.08
C PHE B 944 -12.61 37.82 -9.41
N GLY B 945 -11.75 37.99 -8.41
CA GLY B 945 -10.62 38.88 -8.54
C GLY B 945 -9.60 38.63 -7.45
N PRO B 946 -8.58 39.49 -7.34
CA PRO B 946 -7.46 39.20 -6.42
C PRO B 946 -7.78 39.61 -5.00
N VAL B 947 -8.74 38.93 -4.40
CA VAL B 947 -9.27 39.36 -3.10
C VAL B 947 -9.29 38.14 -2.18
N LEU B 948 -8.38 38.11 -1.22
CA LEU B 948 -8.27 37.02 -0.25
C LEU B 948 -9.00 37.42 1.01
N HIS B 949 -9.90 36.56 1.47
CA HIS B 949 -10.55 36.77 2.75
C HIS B 949 -9.92 35.85 3.78
N VAL B 950 -9.66 36.40 4.96
CA VAL B 950 -8.98 35.64 6.02
C VAL B 950 -9.92 35.55 7.21
N ILE B 951 -10.08 34.34 7.75
CA ILE B 951 -10.78 34.13 9.00
C ILE B 951 -9.89 33.32 9.93
N ARG B 952 -10.19 33.42 11.21
CA ARG B 952 -9.44 32.70 12.23
C ARG B 952 -10.35 31.69 12.90
N TYR B 953 -9.78 30.57 13.34
CA TYR B 953 -10.57 29.56 14.02
C TYR B 953 -9.78 28.98 15.19
N ARG B 954 -10.52 28.51 16.20
CA ARG B 954 -9.90 27.79 17.29
C ARG B 954 -9.80 26.32 16.90
N ARG B 955 -8.70 25.66 17.32
CA ARG B 955 -8.47 24.28 16.91
C ARG B 955 -9.65 23.38 17.24
N ASP B 956 -10.32 23.63 18.38
CA ASP B 956 -11.44 22.78 18.76
C ASP B 956 -12.63 22.92 17.81
N ASP B 957 -12.71 24.04 17.09
CA ASP B 957 -13.81 24.30 16.18
C ASP B 957 -13.50 23.84 14.76
N LEU B 958 -12.44 23.07 14.56
CA LEU B 958 -12.05 22.69 13.21
C LEU B 958 -13.19 21.97 12.49
N ASP B 959 -13.89 21.07 13.18
CA ASP B 959 -14.96 20.36 12.49
C ASP B 959 -16.10 21.30 12.13
N ARG B 960 -16.43 22.24 13.02
CA ARG B 960 -17.45 23.24 12.71
C ARG B 960 -17.02 24.12 11.56
N LEU B 961 -15.73 24.43 11.48
CA LEU B 961 -15.21 25.20 10.36
C LEU B 961 -15.41 24.47 9.05
N VAL B 962 -15.16 23.15 9.05
CA VAL B 962 -15.39 22.35 7.84
C VAL B 962 -16.86 22.39 7.44
N ASP B 963 -17.76 22.34 8.43
CA ASP B 963 -19.18 22.55 8.15
C ASP B 963 -19.40 23.90 7.48
N ASP B 964 -18.82 24.96 8.04
CA ASP B 964 -19.01 26.30 7.48
C ASP B 964 -18.53 26.37 6.04
N VAL B 965 -17.38 25.74 5.74
CA VAL B 965 -16.91 25.73 4.36
C VAL B 965 -17.89 24.99 3.47
N ASN B 966 -18.33 23.79 3.92
CA ASN B 966 -19.30 23.03 3.14
C ASN B 966 -20.62 23.79 2.99
N ALA B 967 -20.93 24.68 3.93
CA ALA B 967 -22.25 25.30 3.97
C ALA B 967 -22.49 26.28 2.85
N THR B 968 -21.43 26.78 2.20
CA THR B 968 -21.63 27.72 1.11
C THR B 968 -22.37 27.08 -0.06
N GLY B 969 -22.29 25.76 -0.21
CA GLY B 969 -22.86 25.08 -1.35
C GLY B 969 -21.91 24.88 -2.51
N TYR B 970 -20.78 25.57 -2.52
CA TYR B 970 -19.77 25.30 -3.52
C TYR B 970 -18.95 24.08 -3.11
N GLY B 971 -18.10 23.63 -4.02
CA GLY B 971 -17.25 22.49 -3.73
C GLY B 971 -16.28 22.27 -4.85
N LEU B 972 -15.57 23.33 -5.24
CA LEU B 972 -14.59 23.22 -6.32
C LEU B 972 -13.25 22.79 -5.75
N THR B 973 -12.39 23.74 -5.34
CA THR B 973 -11.09 23.42 -4.79
C THR B 973 -11.03 23.70 -3.29
N PHE B 974 -10.15 22.97 -2.60
CA PHE B 974 -9.95 23.11 -1.18
C PHE B 974 -8.51 22.76 -0.84
N GLY B 975 -7.91 23.54 0.06
CA GLY B 975 -6.54 23.33 0.46
C GLY B 975 -6.45 23.07 1.95
N LEU B 976 -5.48 22.24 2.33
CA LEU B 976 -5.20 21.95 3.73
C LEU B 976 -3.69 21.98 3.94
N HIS B 977 -3.23 22.80 4.86
CA HIS B 977 -1.82 22.85 5.23
C HIS B 977 -1.69 22.37 6.67
N THR B 978 -1.04 21.22 6.86
CA THR B 978 -0.83 20.60 8.16
C THR B 978 0.19 19.50 7.96
N ARG B 979 0.94 19.21 9.01
CA ARG B 979 1.84 18.08 9.05
C ARG B 979 1.22 16.87 9.73
N LEU B 980 -0.01 16.98 10.22
CA LEU B 980 -0.56 16.02 11.18
C LEU B 980 -1.55 15.09 10.47
N ASP B 981 -1.24 13.78 10.49
CA ASP B 981 -2.09 12.81 9.81
C ASP B 981 -3.51 12.80 10.35
N GLU B 982 -3.68 12.98 11.67
CA GLU B 982 -5.04 12.98 12.21
C GLU B 982 -5.85 14.14 11.65
N THR B 983 -5.21 15.29 11.50
CA THR B 983 -5.90 16.43 10.92
C THR B 983 -6.21 16.19 9.45
N ILE B 984 -5.27 15.59 8.72
CA ILE B 984 -5.51 15.26 7.31
C ILE B 984 -6.70 14.32 7.19
N ALA B 985 -6.71 13.24 7.99
CA ALA B 985 -7.80 12.27 7.93
C ALA B 985 -9.13 12.93 8.24
N HIS B 986 -9.16 13.72 9.32
CA HIS B 986 -10.38 14.41 9.71
C HIS B 986 -10.87 15.31 8.60
N VAL B 987 -10.02 16.26 8.16
CA VAL B 987 -10.48 17.29 7.24
C VAL B 987 -10.84 16.69 5.88
N THR B 988 -9.98 15.80 5.35
CA THR B 988 -10.27 15.28 4.02
C THR B 988 -11.51 14.39 4.02
N SER B 989 -11.84 13.77 5.14
CA SER B 989 -13.05 12.94 5.15
C SER B 989 -14.32 13.77 5.31
N ARG B 990 -14.22 15.00 5.80
CA ARG B 990 -15.41 15.80 6.09
C ARG B 990 -15.67 16.90 5.07
N ILE B 991 -14.63 17.42 4.43
CA ILE B 991 -14.81 18.44 3.41
C ILE B 991 -15.50 17.84 2.19
N LYS B 992 -16.30 18.65 1.51
CA LYS B 992 -17.01 18.19 0.32
C LYS B 992 -16.55 19.09 -0.83
N ALA B 993 -15.49 18.68 -1.52
CA ALA B 993 -14.99 19.42 -2.66
C ALA B 993 -14.40 18.46 -3.70
N GLY B 994 -14.47 18.86 -4.96
CA GLY B 994 -14.00 18.01 -6.04
C GLY B 994 -12.49 17.94 -6.20
N ASN B 995 -11.77 18.98 -5.78
CA ASN B 995 -10.32 19.02 -5.95
C ASN B 995 -9.68 19.41 -4.63
N LEU B 996 -8.96 18.47 -4.03
CA LEU B 996 -8.34 18.69 -2.73
C LEU B 996 -6.83 18.77 -2.92
N TYR B 997 -6.21 19.67 -2.16
CA TYR B 997 -4.77 19.92 -2.24
C TYR B 997 -4.21 19.98 -0.82
N ILE B 998 -3.20 19.17 -0.55
CA ILE B 998 -2.61 19.08 0.78
CA ILE B 998 -2.60 19.04 0.77
C ILE B 998 -1.18 19.58 0.70
N ASN B 999 -0.89 20.62 1.48
CA ASN B 999 0.48 21.15 1.62
C ASN B 999 1.05 21.65 0.29
N ARG B 1000 0.20 22.25 -0.53
CA ARG B 1000 0.60 22.87 -1.78
C ARG B 1000 -0.44 23.93 -2.14
N ASN B 1001 -0.24 24.60 -3.27
CA ASN B 1001 -1.26 25.57 -3.65
C ASN B 1001 -2.48 24.83 -4.20
N ILE B 1002 -3.58 25.56 -4.42
CA ILE B 1002 -4.83 24.92 -4.82
C ILE B 1002 -5.19 25.20 -6.27
N ILE B 1003 -4.24 25.64 -7.11
CA ILE B 1003 -4.55 26.06 -8.48
C ILE B 1003 -3.76 25.24 -9.51
N GLY B 1004 -4.13 25.45 -10.76
CA GLY B 1004 -3.41 24.84 -11.87
C GLY B 1004 -3.56 23.34 -11.93
N ALA B 1005 -4.79 22.84 -11.75
CA ALA B 1005 -5.05 21.41 -11.92
C ALA B 1005 -4.50 20.93 -13.26
N VAL B 1006 -3.86 19.76 -13.24
CA VAL B 1006 -3.18 19.22 -14.41
C VAL B 1006 -4.04 18.15 -15.05
N VAL B 1007 -4.24 18.27 -16.37
CA VAL B 1007 -5.06 17.32 -17.12
C VAL B 1007 -4.58 15.90 -16.86
N GLY B 1008 -5.52 15.00 -16.55
CA GLY B 1008 -5.22 13.61 -16.32
C GLY B 1008 -4.46 13.29 -15.04
N VAL B 1009 -4.15 14.30 -14.24
CA VAL B 1009 -3.40 14.14 -12.99
C VAL B 1009 -4.21 14.65 -11.81
N GLN B 1010 -4.75 15.87 -11.92
CA GLN B 1010 -5.87 16.34 -11.10
C GLN B 1010 -7.04 16.67 -12.02
N PRO B 1011 -7.79 15.65 -12.47
CA PRO B 1011 -9.04 15.92 -13.18
C PRO B 1011 -9.84 16.97 -12.43
N PHE B 1012 -10.33 17.96 -13.16
CA PHE B 1012 -10.79 19.19 -12.53
C PHE B 1012 -12.29 19.36 -12.63
N GLY B 1013 -12.91 19.67 -11.51
CA GLY B 1013 -14.34 19.96 -11.47
C GLY B 1013 -14.88 19.60 -10.11
N GLY B 1014 -15.94 20.29 -9.72
CA GLY B 1014 -16.51 20.08 -8.39
C GLY B 1014 -17.96 19.69 -8.39
N ARG B 1015 -18.62 19.86 -7.24
CA ARG B 1015 -19.99 19.48 -6.98
C ARG B 1015 -20.77 20.69 -6.50
N GLY B 1016 -22.05 20.49 -6.17
CA GLY B 1016 -22.81 21.60 -5.62
C GLY B 1016 -22.94 22.74 -6.62
N LEU B 1017 -22.75 23.96 -6.14
CA LEU B 1017 -22.85 25.12 -7.03
C LEU B 1017 -21.66 25.22 -7.99
N SER B 1018 -20.71 24.29 -7.93
CA SER B 1018 -19.47 24.41 -8.68
C SER B 1018 -19.51 23.68 -10.03
N GLY B 1019 -20.47 22.79 -10.24
CA GLY B 1019 -20.57 22.16 -11.55
C GLY B 1019 -21.45 20.94 -11.55
N THR B 1020 -21.74 20.49 -12.77
CA THR B 1020 -22.44 19.24 -13.00
C THR B 1020 -21.50 18.06 -13.00
N GLY B 1021 -20.25 18.27 -13.36
CA GLY B 1021 -19.41 17.16 -13.78
C GLY B 1021 -19.86 16.67 -15.15
N PRO B 1022 -19.15 15.68 -15.69
CA PRO B 1022 -17.98 15.02 -15.10
C PRO B 1022 -16.78 15.94 -15.17
N LYS B 1023 -15.70 15.59 -14.48
CA LYS B 1023 -14.51 16.43 -14.48
C LYS B 1023 -13.87 16.48 -15.86
N ALA B 1024 -13.45 17.69 -16.24
CA ALA B 1024 -12.59 17.88 -17.39
C ALA B 1024 -11.19 17.31 -17.10
N GLY B 1025 -10.55 16.85 -18.16
CA GLY B 1025 -9.28 16.15 -18.02
C GLY B 1025 -9.36 14.92 -17.15
N GLY B 1026 -10.54 14.29 -17.08
CA GLY B 1026 -10.72 13.06 -16.35
C GLY B 1026 -11.41 12.01 -17.20
N PRO B 1027 -11.43 10.76 -16.71
CA PRO B 1027 -11.81 9.63 -17.56
C PRO B 1027 -13.30 9.48 -17.82
N LEU B 1028 -14.17 10.22 -17.14
CA LEU B 1028 -15.61 10.15 -17.40
C LEU B 1028 -16.08 11.16 -18.42
N TYR B 1029 -15.22 12.08 -18.82
CA TYR B 1029 -15.65 13.24 -19.59
C TYR B 1029 -16.24 12.84 -20.92
N LEU B 1030 -15.51 12.03 -21.69
CA LEU B 1030 -15.93 11.70 -23.05
C LEU B 1030 -17.27 10.97 -23.05
N GLY B 1031 -17.54 10.17 -22.01
CA GLY B 1031 -18.77 9.40 -21.96
C GLY B 1031 -20.02 10.23 -21.88
N ARG B 1032 -19.90 11.48 -21.44
CA ARG B 1032 -21.04 12.40 -21.42
C ARG B 1032 -21.37 12.90 -22.81
N LEU B 1033 -20.45 12.73 -23.77
CA LEU B 1033 -20.57 13.32 -25.09
C LEU B 1033 -20.99 12.31 -26.13
N VAL B 1034 -21.45 11.13 -25.72
CA VAL B 1034 -21.96 10.11 -26.60
C VAL B 1034 -23.28 9.61 -26.00
N THR B 1035 -24.09 8.96 -26.83
CA THR B 1035 -25.40 8.54 -26.30
C THR B 1035 -25.30 7.28 -25.47
N THR B 1036 -24.25 6.49 -25.68
CA THR B 1036 -24.00 5.27 -24.90
C THR B 1036 -22.58 5.37 -24.35
N ALA B 1037 -22.48 5.51 -23.04
CA ALA B 1037 -21.20 5.78 -22.42
C ALA B 1037 -20.34 4.52 -22.44
N PRO B 1038 -19.05 4.65 -22.73
CA PRO B 1038 -18.17 3.50 -22.65
C PRO B 1038 -17.68 3.30 -21.23
N VAL B 1039 -16.97 2.20 -21.02
CA VAL B 1039 -16.34 1.89 -19.74
C VAL B 1039 -14.95 2.55 -19.76
N PRO B 1040 -14.71 3.57 -18.95
CA PRO B 1040 -13.41 4.25 -18.97
C PRO B 1040 -12.30 3.32 -18.50
N PRO B 1041 -11.05 3.61 -18.83
CA PRO B 1041 -9.95 2.78 -18.33
C PRO B 1041 -9.97 2.76 -16.81
N GLN B 1042 -9.70 1.58 -16.25
CA GLN B 1042 -9.55 1.36 -14.82
C GLN B 1042 -10.82 1.65 -14.03
N HIS B 1043 -11.96 1.75 -14.71
CA HIS B 1043 -13.21 2.21 -14.08
C HIS B 1043 -13.97 0.99 -13.58
N SER B 1044 -13.72 0.62 -12.33
CA SER B 1044 -14.44 -0.48 -11.68
C SER B 1044 -14.14 -0.41 -10.20
N SER B 1045 -14.85 -1.24 -9.44
CA SER B 1045 -14.67 -1.29 -7.99
C SER B 1045 -15.07 -2.66 -7.51
N VAL B 1046 -14.31 -3.20 -6.55
CA VAL B 1046 -14.71 -4.47 -5.95
C VAL B 1046 -15.70 -4.27 -4.81
N HIS B 1047 -15.98 -3.03 -4.42
CA HIS B 1047 -16.90 -2.73 -3.34
C HIS B 1047 -18.35 -2.86 -3.80
N THR B 1048 -19.18 -3.45 -2.96
CA THR B 1048 -20.61 -3.54 -3.21
C THR B 1048 -21.33 -2.79 -2.10
N ASP B 1049 -22.18 -1.86 -2.47
CA ASP B 1049 -22.86 -1.06 -1.46
C ASP B 1049 -23.77 -1.97 -0.62
N PRO B 1050 -23.65 -1.94 0.71
CA PRO B 1050 -24.42 -2.89 1.53
C PRO B 1050 -25.90 -2.59 1.57
N VAL B 1051 -26.30 -1.33 1.39
CA VAL B 1051 -27.73 -1.02 1.33
C VAL B 1051 -28.33 -1.51 0.01
N LEU B 1052 -27.57 -1.38 -1.08
CA LEU B 1052 -27.95 -2.04 -2.33
C LEU B 1052 -28.19 -3.53 -2.08
N LEU B 1053 -27.26 -4.19 -1.38
CA LEU B 1053 -27.42 -5.62 -1.13
C LEU B 1053 -28.69 -5.89 -0.32
N ASP B 1054 -28.98 -5.04 0.67
CA ASP B 1054 -30.18 -5.24 1.46
C ASP B 1054 -31.42 -5.04 0.59
N PHE B 1055 -31.40 -4.04 -0.28
CA PHE B 1055 -32.53 -3.79 -1.18
C PHE B 1055 -32.76 -4.99 -2.09
N ALA B 1056 -31.69 -5.57 -2.63
CA ALA B 1056 -31.80 -6.75 -3.48
C ALA B 1056 -32.46 -7.91 -2.74
N LYS B 1057 -32.08 -8.14 -1.48
CA LYS B 1057 -32.70 -9.21 -0.71
C LYS B 1057 -34.18 -8.94 -0.51
N TRP B 1058 -34.54 -7.68 -0.25
CA TRP B 1058 -35.94 -7.33 -0.08
C TRP B 1058 -36.72 -7.55 -1.37
N LEU B 1059 -36.13 -7.19 -2.51
CA LEU B 1059 -36.74 -7.49 -3.81
C LEU B 1059 -36.95 -8.99 -3.97
N ASP B 1060 -35.92 -9.79 -3.66
CA ASP B 1060 -36.05 -11.24 -3.62
C ASP B 1060 -37.30 -11.67 -2.84
N GLY B 1061 -37.45 -11.13 -1.63
CA GLY B 1061 -38.51 -11.57 -0.74
C GLY B 1061 -39.91 -11.35 -1.29
N LYS B 1062 -40.11 -10.30 -2.08
CA LYS B 1062 -41.41 -10.05 -2.66
C LYS B 1062 -41.53 -10.54 -4.09
N GLY B 1063 -40.54 -11.32 -4.56
CA GLY B 1063 -40.63 -11.95 -5.87
C GLY B 1063 -40.37 -11.05 -7.06
N ALA B 1064 -39.90 -9.82 -6.83
CA ALA B 1064 -39.53 -8.94 -7.95
C ALA B 1064 -38.19 -9.43 -8.52
N ARG B 1065 -38.27 -10.57 -9.20
CA ARG B 1065 -37.05 -11.26 -9.62
C ARG B 1065 -36.27 -10.45 -10.64
N ALA B 1066 -36.96 -9.83 -11.59
CA ALA B 1066 -36.25 -9.04 -12.59
C ALA B 1066 -35.58 -7.84 -11.96
N GLU B 1067 -36.23 -7.23 -10.96
CA GLU B 1067 -35.67 -6.08 -10.27
C GLU B 1067 -34.54 -6.49 -9.31
N ALA B 1068 -34.70 -7.62 -8.62
CA ALA B 1068 -33.61 -8.11 -7.78
C ALA B 1068 -32.35 -8.36 -8.61
N GLU B 1069 -32.51 -8.93 -9.80
CA GLU B 1069 -31.36 -9.16 -10.67
C GLU B 1069 -30.74 -7.85 -11.13
N ALA B 1070 -31.58 -6.88 -11.50
CA ALA B 1070 -31.05 -5.58 -11.89
C ALA B 1070 -30.31 -4.93 -10.74
N ALA B 1071 -30.82 -5.09 -9.51
CA ALA B 1071 -30.17 -4.51 -8.34
C ALA B 1071 -28.76 -5.09 -8.16
N ARG B 1072 -28.64 -6.42 -8.22
CA ARG B 1072 -27.32 -7.02 -8.06
CA ARG B 1072 -27.32 -7.03 -8.06
C ARG B 1072 -26.37 -6.62 -9.19
N ASN B 1073 -26.87 -6.60 -10.42
CA ASN B 1073 -26.00 -6.19 -11.53
C ASN B 1073 -25.52 -4.75 -11.36
N ALA B 1074 -26.39 -3.86 -10.87
CA ALA B 1074 -25.96 -2.48 -10.64
C ALA B 1074 -24.95 -2.43 -9.49
N GLY B 1075 -25.20 -3.20 -8.44
CA GLY B 1075 -24.22 -3.33 -7.36
C GLY B 1075 -22.85 -3.73 -7.88
N SER B 1076 -22.79 -4.64 -8.85
CA SER B 1076 -21.51 -5.02 -9.42
C SER B 1076 -20.98 -3.95 -10.39
N SER B 1077 -21.87 -3.39 -11.23
CA SER B 1077 -21.45 -2.43 -12.25
C SER B 1077 -20.93 -1.13 -11.65
N SER B 1078 -21.45 -0.75 -10.48
CA SER B 1078 -21.06 0.50 -9.86
C SER B 1078 -19.55 0.57 -9.67
N ALA B 1079 -18.98 1.74 -9.97
CA ALA B 1079 -17.59 2.02 -9.68
C ALA B 1079 -17.40 2.77 -8.36
N LEU B 1080 -18.46 2.89 -7.57
CA LEU B 1080 -18.35 3.43 -6.22
C LEU B 1080 -17.24 2.73 -5.45
N GLY B 1081 -16.31 3.52 -4.91
CA GLY B 1081 -15.19 2.99 -4.17
C GLY B 1081 -13.90 2.87 -4.95
N LEU B 1082 -13.94 3.11 -6.25
CA LEU B 1082 -12.72 3.26 -7.04
C LEU B 1082 -11.76 4.17 -6.29
N ASP B 1083 -10.49 3.75 -6.27
CA ASP B 1083 -9.47 4.44 -5.48
C ASP B 1083 -8.15 4.25 -6.21
N LEU B 1084 -7.76 5.22 -7.03
CA LEU B 1084 -6.59 5.10 -7.89
C LEU B 1084 -5.57 6.19 -7.58
N GLU B 1085 -4.29 5.86 -7.83
CA GLU B 1085 -3.24 6.85 -7.90
C GLU B 1085 -2.89 7.09 -9.36
N LEU B 1086 -2.93 8.35 -9.78
CA LEU B 1086 -2.67 8.71 -11.16
C LEU B 1086 -1.20 9.07 -11.35
N PRO B 1087 -0.63 8.71 -12.51
CA PRO B 1087 0.78 9.02 -12.76
C PRO B 1087 1.00 10.51 -12.80
N GLY B 1088 2.12 10.95 -12.23
CA GLY B 1088 2.44 12.35 -12.22
C GLY B 1088 3.87 12.59 -11.79
N PRO B 1089 4.17 13.81 -11.37
CA PRO B 1089 5.54 14.14 -10.96
C PRO B 1089 5.92 13.43 -9.66
N VAL B 1090 7.23 13.30 -9.48
CA VAL B 1090 7.75 12.84 -8.20
C VAL B 1090 7.45 13.87 -7.12
N GLY B 1091 7.48 13.43 -5.86
CA GLY B 1091 7.23 14.35 -4.76
C GLY B 1091 5.78 14.76 -4.62
N GLU B 1092 4.87 14.03 -5.28
CA GLU B 1092 3.45 14.34 -5.21
C GLU B 1092 2.70 13.02 -5.34
N ARG B 1093 1.62 12.88 -4.58
CA ARG B 1093 0.68 11.78 -4.75
C ARG B 1093 -0.63 12.35 -5.27
N ASN B 1094 -1.08 11.86 -6.41
CA ASN B 1094 -2.29 12.34 -7.04
C ASN B 1094 -3.30 11.21 -7.08
N LEU B 1095 -4.39 11.39 -6.36
CA LEU B 1095 -5.36 10.33 -6.12
C LEU B 1095 -6.69 10.69 -6.77
N TYR B 1096 -7.41 9.67 -7.22
CA TYR B 1096 -8.66 9.86 -7.90
C TYR B 1096 -9.60 8.80 -7.36
N THR B 1097 -10.71 9.24 -6.77
CA THR B 1097 -11.64 8.34 -6.10
C THR B 1097 -13.06 8.65 -6.52
N LEU B 1098 -13.92 7.64 -6.44
CA LEU B 1098 -15.33 7.77 -6.77
C LEU B 1098 -16.14 7.53 -5.50
N HIS B 1099 -16.95 8.52 -5.14
CA HIS B 1099 -17.77 8.54 -3.94
C HIS B 1099 -19.24 8.62 -4.33
N ALA B 1100 -20.11 8.40 -3.34
CA ALA B 1100 -21.52 8.70 -3.54
C ALA B 1100 -21.68 10.16 -3.89
N ARG B 1101 -22.73 10.47 -4.67
CA ARG B 1101 -22.99 11.87 -5.01
C ARG B 1101 -23.74 12.59 -3.91
N GLY B 1102 -24.64 11.91 -3.22
CA GLY B 1102 -25.46 12.54 -2.21
C GLY B 1102 -26.87 11.99 -2.24
N ARG B 1103 -27.87 12.86 -2.26
CA ARG B 1103 -29.26 12.42 -2.35
C ARG B 1103 -29.77 12.64 -3.77
N ILE B 1104 -30.26 11.57 -4.39
CA ILE B 1104 -30.73 11.59 -5.77
C ILE B 1104 -32.23 11.80 -5.77
N LEU B 1105 -32.69 12.75 -6.57
CA LEU B 1105 -34.11 12.93 -6.77
C LEU B 1105 -34.62 11.84 -7.70
N LEU B 1106 -35.56 11.04 -7.21
CA LEU B 1106 -36.15 9.97 -7.99
C LEU B 1106 -37.53 10.39 -8.44
N VAL B 1107 -37.76 10.38 -9.75
CA VAL B 1107 -39.08 10.72 -10.27
C VAL B 1107 -39.60 9.52 -11.04
N PRO B 1108 -40.14 8.51 -10.37
CA PRO B 1108 -40.62 7.33 -11.07
C PRO B 1108 -42.02 7.55 -11.61
N ALA B 1109 -42.39 6.68 -12.55
CA ALA B 1109 -43.77 6.57 -13.02
C ALA B 1109 -44.42 5.25 -12.63
N THR B 1110 -43.65 4.18 -12.52
CA THR B 1110 -44.17 2.85 -12.20
C THR B 1110 -43.38 2.25 -11.05
N GLU B 1111 -44.00 1.28 -10.38
CA GLU B 1111 -43.34 0.59 -9.27
C GLU B 1111 -42.03 -0.05 -9.73
N SER B 1112 -42.07 -0.79 -10.84
CA SER B 1112 -40.84 -1.40 -11.33
C SER B 1112 -39.82 -0.34 -11.71
N GLY B 1113 -40.29 0.76 -12.28
CA GLY B 1113 -39.41 1.89 -12.55
C GLY B 1113 -38.75 2.39 -11.28
N LEU B 1114 -39.53 2.55 -10.21
CA LEU B 1114 -38.97 2.98 -8.93
C LEU B 1114 -37.90 2.01 -8.42
N TYR B 1115 -38.18 0.70 -8.49
CA TYR B 1115 -37.19 -0.25 -8.00
C TYR B 1115 -35.89 -0.15 -8.78
N HIS B 1116 -35.98 0.00 -10.10
CA HIS B 1116 -34.79 0.16 -10.91
C HIS B 1116 -34.03 1.44 -10.56
N GLN B 1117 -34.76 2.56 -10.40
CA GLN B 1117 -34.09 3.80 -10.05
C GLN B 1117 -33.41 3.69 -8.69
N LEU B 1118 -34.11 3.09 -7.74
CA LEU B 1118 -33.57 2.93 -6.39
C LEU B 1118 -32.32 2.06 -6.42
N ALA B 1119 -32.37 0.96 -7.18
CA ALA B 1119 -31.21 0.10 -7.32
C ALA B 1119 -30.02 0.89 -7.86
N ALA B 1120 -30.25 1.71 -8.90
CA ALA B 1120 -29.17 2.50 -9.49
C ALA B 1120 -28.57 3.45 -8.46
N ALA B 1121 -29.42 4.14 -7.71
CA ALA B 1121 -28.95 5.12 -6.74
C ALA B 1121 -28.25 4.45 -5.55
N LEU B 1122 -28.80 3.33 -5.06
CA LEU B 1122 -28.22 2.69 -3.88
C LEU B 1122 -26.90 2.03 -4.21
N ALA B 1123 -26.81 1.44 -5.42
CA ALA B 1123 -25.57 0.81 -5.86
C ALA B 1123 -24.43 1.79 -5.93
N THR B 1124 -24.71 3.07 -6.10
CA THR B 1124 -23.68 4.08 -6.16
C THR B 1124 -23.59 4.86 -4.85
N GLY B 1125 -24.15 4.32 -3.77
CA GLY B 1125 -23.92 4.84 -2.44
C GLY B 1125 -24.83 5.97 -2.03
N ASN B 1126 -25.81 6.31 -2.85
CA ASN B 1126 -26.59 7.51 -2.62
C ASN B 1126 -27.80 7.25 -1.72
N SER B 1127 -28.30 8.32 -1.14
CA SER B 1127 -29.67 8.30 -0.63
C SER B 1127 -30.58 8.84 -1.72
N VAL B 1128 -31.89 8.81 -1.49
CA VAL B 1128 -32.86 9.22 -2.49
C VAL B 1128 -33.93 10.10 -1.86
N ALA B 1129 -34.50 10.98 -2.67
CA ALA B 1129 -35.78 11.61 -2.40
C ALA B 1129 -36.74 11.20 -3.49
N ILE B 1130 -37.79 10.47 -3.15
CA ILE B 1130 -38.74 9.97 -4.13
C ILE B 1130 -39.88 10.97 -4.28
N ASP B 1131 -40.21 11.31 -5.52
CA ASP B 1131 -41.34 12.18 -5.81
C ASP B 1131 -42.64 11.64 -5.23
N ALA B 1132 -43.19 12.33 -4.22
CA ALA B 1132 -44.43 11.89 -3.59
C ALA B 1132 -45.59 11.87 -4.58
N ALA B 1133 -45.54 12.71 -5.61
CA ALA B 1133 -46.64 12.73 -6.57
C ALA B 1133 -46.66 11.47 -7.42
N SER B 1134 -45.64 10.62 -7.32
CA SER B 1134 -45.69 9.36 -8.06
C SER B 1134 -46.83 8.48 -7.56
N GLY B 1135 -47.28 8.67 -6.32
CA GLY B 1135 -48.32 7.82 -5.78
C GLY B 1135 -47.86 6.42 -5.49
N LEU B 1136 -46.55 6.20 -5.39
CA LEU B 1136 -45.99 4.86 -5.27
C LEU B 1136 -45.65 4.47 -3.84
N GLN B 1137 -46.20 5.19 -2.87
CA GLN B 1137 -45.76 5.02 -1.48
C GLN B 1137 -45.94 3.58 -1.01
N ALA B 1138 -47.01 2.92 -1.44
CA ALA B 1138 -47.31 1.55 -1.04
C ALA B 1138 -46.31 0.54 -1.60
N SER B 1139 -45.50 0.92 -2.58
CA SER B 1139 -44.58 0.00 -3.21
C SER B 1139 -43.33 -0.27 -2.38
N LEU B 1140 -43.15 0.43 -1.27
CA LEU B 1140 -41.98 0.25 -0.41
C LEU B 1140 -42.39 -0.22 0.97
N LYS B 1141 -43.41 -1.07 1.02
CA LYS B 1141 -43.87 -1.62 2.30
C LYS B 1141 -42.82 -2.56 2.89
N ASN B 1142 -42.58 -2.42 4.19
CA ASN B 1142 -41.68 -3.31 4.94
C ASN B 1142 -40.26 -3.30 4.37
N LEU B 1143 -39.77 -2.12 4.00
CA LEU B 1143 -38.38 -1.97 3.61
C LEU B 1143 -37.49 -2.28 4.81
N PRO B 1144 -36.32 -2.91 4.60
CA PRO B 1144 -35.35 -3.01 5.70
C PRO B 1144 -34.97 -1.62 6.17
N GLN B 1145 -34.73 -1.51 7.49
CA GLN B 1145 -34.36 -0.22 8.08
C GLN B 1145 -33.13 0.38 7.41
N THR B 1146 -32.18 -0.46 6.97
CA THR B 1146 -30.99 0.07 6.32
C THR B 1146 -31.36 0.81 5.05
N VAL B 1147 -32.28 0.26 4.26
CA VAL B 1147 -32.71 0.94 3.05
C VAL B 1147 -33.61 2.12 3.40
N GLY B 1148 -34.57 1.91 4.31
CA GLY B 1148 -35.45 3.00 4.70
C GLY B 1148 -34.71 4.25 5.15
N LEU B 1149 -33.56 4.07 5.80
CA LEU B 1149 -32.75 5.21 6.25
C LEU B 1149 -32.20 6.01 5.08
N ARG B 1150 -32.13 5.44 3.88
CA ARG B 1150 -31.68 6.18 2.72
C ARG B 1150 -32.80 6.78 1.91
N VAL B 1151 -34.06 6.53 2.29
CA VAL B 1151 -35.21 6.86 1.48
C VAL B 1151 -35.99 7.98 2.15
N SER B 1152 -36.25 9.04 1.40
CA SER B 1152 -37.20 10.05 1.79
C SER B 1152 -38.19 10.26 0.65
N TRP B 1153 -39.36 10.78 1.01
CA TRP B 1153 -40.36 11.18 0.04
C TRP B 1153 -40.46 12.70 0.03
N SER B 1154 -40.55 13.28 -1.16
CA SER B 1154 -40.61 14.72 -1.29
C SER B 1154 -41.91 15.13 -1.96
N LYS B 1155 -42.65 16.00 -1.29
CA LYS B 1155 -43.76 16.73 -1.88
C LYS B 1155 -43.36 18.16 -2.22
N ASP B 1156 -42.07 18.47 -2.12
CA ASP B 1156 -41.60 19.83 -2.36
C ASP B 1156 -40.12 19.75 -2.72
N TRP B 1157 -39.85 19.50 -4.01
CA TRP B 1157 -38.47 19.22 -4.43
C TRP B 1157 -37.55 20.38 -4.09
N ALA B 1158 -38.00 21.62 -4.34
CA ALA B 1158 -37.13 22.77 -4.12
C ALA B 1158 -36.81 22.96 -2.64
N ALA B 1159 -37.77 22.66 -1.76
CA ALA B 1159 -37.49 22.82 -0.34
C ALA B 1159 -36.64 21.68 0.21
N ASP B 1160 -36.74 20.49 -0.39
CA ASP B 1160 -36.09 19.30 0.16
C ASP B 1160 -34.69 19.07 -0.38
N GLY B 1161 -34.25 19.84 -1.38
CA GLY B 1161 -32.90 19.77 -1.85
C GLY B 1161 -31.88 20.27 -0.84
N PRO B 1162 -30.63 20.48 -1.29
CA PRO B 1162 -30.13 20.25 -2.65
C PRO B 1162 -30.03 18.77 -2.93
N PHE B 1163 -30.28 18.37 -4.17
CA PHE B 1163 -30.04 17.01 -4.61
C PHE B 1163 -28.73 16.97 -5.38
N ALA B 1164 -28.28 15.75 -5.67
CA ALA B 1164 -27.02 15.55 -6.37
C ALA B 1164 -27.23 14.94 -7.75
N GLY B 1165 -28.48 14.79 -8.16
CA GLY B 1165 -28.80 14.25 -9.47
C GLY B 1165 -30.25 13.83 -9.48
N ALA B 1166 -30.71 13.41 -10.66
CA ALA B 1166 -32.10 12.99 -10.79
C ALA B 1166 -32.21 11.84 -11.77
N LEU B 1167 -33.10 10.89 -11.44
CA LEU B 1167 -33.51 9.83 -12.33
C LEU B 1167 -35.00 9.99 -12.60
N VAL B 1168 -35.38 10.00 -13.88
CA VAL B 1168 -36.74 10.31 -14.30
C VAL B 1168 -37.25 9.18 -15.19
N GLU B 1169 -38.48 8.74 -14.93
CA GLU B 1169 -39.19 7.75 -15.73
C GLU B 1169 -40.43 8.39 -16.33
N GLY B 1170 -40.60 8.24 -17.64
CA GLY B 1170 -41.82 8.73 -18.25
C GLY B 1170 -41.73 8.75 -19.76
N ASP B 1171 -42.87 9.10 -20.38
CA ASP B 1171 -42.89 9.32 -21.81
C ASP B 1171 -42.26 10.70 -22.10
N ALA B 1172 -42.22 11.06 -23.39
CA ALA B 1172 -41.48 12.27 -23.77
C ALA B 1172 -42.09 13.52 -23.15
N GLU B 1173 -43.43 13.62 -23.10
CA GLU B 1173 -44.05 14.78 -22.49
C GLU B 1173 -43.75 14.85 -21.00
N ARG B 1174 -43.74 13.70 -20.32
CA ARG B 1174 -43.47 13.70 -18.88
C ARG B 1174 -42.03 14.08 -18.58
N ILE B 1175 -41.08 13.55 -19.37
CA ILE B 1175 -39.67 13.87 -19.18
C ILE B 1175 -39.45 15.37 -19.35
N ARG B 1176 -40.06 15.98 -20.38
CA ARG B 1176 -39.88 17.40 -20.62
C ARG B 1176 -40.39 18.21 -19.44
N ALA B 1177 -41.57 17.85 -18.93
CA ALA B 1177 -42.16 18.60 -17.81
C ALA B 1177 -41.31 18.46 -16.56
N VAL B 1178 -40.83 17.24 -16.28
CA VAL B 1178 -39.97 17.04 -15.11
C VAL B 1178 -38.65 17.76 -15.30
N ASN B 1179 -38.08 17.68 -16.49
CA ASN B 1179 -36.83 18.38 -16.78
C ASN B 1179 -36.97 19.89 -16.58
N LYS B 1180 -38.10 20.47 -17.01
CA LYS B 1180 -38.30 21.91 -16.80
C LYS B 1180 -38.39 22.23 -15.32
N ALA B 1181 -39.13 21.42 -14.56
CA ALA B 1181 -39.23 21.63 -13.11
C ALA B 1181 -37.88 21.52 -12.43
N ILE B 1182 -37.07 20.53 -12.81
CA ILE B 1182 -35.74 20.40 -12.22
C ILE B 1182 -34.87 21.61 -12.57
N ALA B 1183 -35.01 22.12 -13.79
CA ALA B 1183 -34.22 23.28 -14.18
C ALA B 1183 -34.57 24.49 -13.34
N ALA B 1184 -35.78 24.54 -12.77
CA ALA B 1184 -36.18 25.65 -11.92
C ALA B 1184 -35.81 25.46 -10.46
N LEU B 1185 -35.20 24.34 -10.10
CA LEU B 1185 -34.86 24.12 -8.70
C LEU B 1185 -33.71 25.04 -8.28
N PRO B 1186 -33.78 25.63 -7.08
CA PRO B 1186 -32.66 26.43 -6.59
C PRO B 1186 -31.46 25.55 -6.35
N GLY B 1187 -30.29 26.20 -6.28
CA GLY B 1187 -29.08 25.50 -5.93
C GLY B 1187 -28.38 24.88 -7.13
N PRO B 1188 -27.87 23.66 -6.96
CA PRO B 1188 -27.02 23.07 -8.00
C PRO B 1188 -27.81 22.64 -9.23
N LEU B 1189 -27.14 22.67 -10.38
CA LEU B 1189 -27.72 22.16 -11.62
C LEU B 1189 -27.67 20.65 -11.58
N LEU B 1190 -28.83 20.01 -11.57
CA LEU B 1190 -28.88 18.57 -11.46
C LEU B 1190 -28.54 17.90 -12.80
N LEU B 1191 -27.68 16.88 -12.73
CA LEU B 1191 -27.48 15.99 -13.87
C LEU B 1191 -28.68 15.04 -13.93
N VAL B 1192 -29.49 15.17 -14.96
CA VAL B 1192 -30.74 14.44 -15.08
C VAL B 1192 -30.57 13.31 -16.06
N GLN B 1193 -31.09 12.13 -15.70
CA GLN B 1193 -31.15 10.97 -16.56
C GLN B 1193 -32.59 10.52 -16.66
N ALA B 1194 -33.07 10.29 -17.86
CA ALA B 1194 -34.46 9.97 -18.08
C ALA B 1194 -34.58 8.71 -18.93
N ALA B 1195 -35.64 7.95 -18.70
CA ALA B 1195 -35.90 6.76 -19.49
C ALA B 1195 -37.41 6.51 -19.51
N SER B 1196 -37.88 5.88 -20.59
CA SER B 1196 -39.24 5.40 -20.63
C SER B 1196 -39.36 4.13 -19.80
N SER B 1197 -40.59 3.81 -19.41
CA SER B 1197 -40.83 2.53 -18.74
C SER B 1197 -40.37 1.39 -19.62
N GLY B 1198 -40.58 1.50 -20.94
CA GLY B 1198 -40.15 0.44 -21.83
C GLY B 1198 -38.63 0.34 -21.91
N GLU B 1199 -37.94 1.48 -21.91
CA GLU B 1199 -36.48 1.45 -21.94
C GLU B 1199 -35.94 0.82 -20.66
N ILE B 1200 -36.55 1.12 -19.51
CA ILE B 1200 -36.13 0.50 -18.26
C ILE B 1200 -36.30 -1.01 -18.34
N ALA B 1201 -37.41 -1.47 -18.93
CA ALA B 1201 -37.66 -2.91 -18.99
C ALA B 1201 -36.67 -3.62 -19.90
N ARG B 1202 -36.30 -2.99 -21.03
CA ARG B 1202 -35.53 -3.66 -22.05
C ARG B 1202 -34.04 -3.32 -22.02
N ASN B 1203 -33.63 -2.22 -21.42
CA ASN B 1203 -32.22 -1.81 -21.44
C ASN B 1203 -31.62 -1.77 -20.05
N PRO B 1204 -30.72 -2.69 -19.71
CA PRO B 1204 -30.08 -2.65 -18.39
C PRO B 1204 -29.27 -1.40 -18.12
N ASP B 1205 -28.82 -0.70 -19.16
CA ASP B 1205 -28.11 0.57 -18.98
C ASP B 1205 -29.01 1.77 -19.26
N ALA B 1206 -30.33 1.61 -19.07
CA ALA B 1206 -31.24 2.73 -19.23
C ALA B 1206 -30.77 3.92 -18.42
N TYR B 1207 -30.29 3.67 -17.20
CA TYR B 1207 -29.61 4.68 -16.40
C TYR B 1207 -28.13 4.35 -16.33
N CYS B 1208 -27.30 5.37 -16.41
CA CYS B 1208 -25.86 5.20 -16.43
C CYS B 1208 -25.28 5.47 -15.04
N LEU B 1209 -24.58 4.48 -14.46
CA LEU B 1209 -24.05 4.68 -13.12
C LEU B 1209 -22.87 5.63 -13.08
N ASN B 1210 -22.27 5.97 -14.23
CA ASN B 1210 -21.15 6.92 -14.26
C ASN B 1210 -21.55 8.26 -13.63
N TRP B 1211 -22.80 8.66 -13.80
CA TRP B 1211 -23.26 9.97 -13.38
C TRP B 1211 -23.89 9.97 -12.00
N LEU B 1212 -23.93 8.82 -11.33
CA LEU B 1212 -24.44 8.72 -9.98
C LEU B 1212 -23.33 8.61 -8.94
N VAL B 1213 -22.08 8.84 -9.34
CA VAL B 1213 -20.97 8.91 -8.40
C VAL B 1213 -20.32 10.26 -8.55
N GLU B 1214 -19.55 10.64 -7.54
CA GLU B 1214 -18.84 11.91 -7.52
C GLU B 1214 -17.36 11.64 -7.59
N GLU B 1215 -16.70 12.30 -8.55
CA GLU B 1215 -15.26 12.21 -8.68
C GLU B 1215 -14.58 13.15 -7.70
N VAL B 1216 -13.56 12.65 -7.03
CA VAL B 1216 -12.78 13.46 -6.10
C VAL B 1216 -11.32 13.30 -6.46
N SER B 1217 -10.66 14.43 -6.70
CA SER B 1217 -9.22 14.46 -6.93
C SER B 1217 -8.54 14.99 -5.69
N ALA B 1218 -7.46 14.34 -5.28
CA ALA B 1218 -6.66 14.83 -4.15
C ALA B 1218 -5.19 14.82 -4.56
N SER B 1219 -4.54 15.96 -4.35
CA SER B 1219 -3.13 16.11 -4.69
C SER B 1219 -2.36 16.41 -3.41
N ILE B 1220 -1.43 15.54 -3.06
CA ILE B 1220 -0.70 15.65 -1.79
C ILE B 1220 0.75 15.91 -2.12
N ASN B 1221 1.27 17.03 -1.62
CA ASN B 1221 2.68 17.36 -1.80
C ASN B 1221 3.49 16.54 -0.82
N THR B 1222 4.17 15.50 -1.30
CA THR B 1222 4.96 14.66 -0.41
C THR B 1222 6.41 15.10 -0.29
N ALA B 1223 6.77 16.22 -0.89
CA ALA B 1223 8.09 16.78 -0.66
C ALA B 1223 8.05 17.64 0.61
PA FAD C . 16.43 -22.09 -13.96
PA FAD C . 16.40 -22.08 -13.94
O1A FAD C . 15.98 -20.62 -14.14
O1A FAD C . 16.02 -20.58 -14.09
O2A FAD C . 17.81 -22.41 -14.26
O2A FAD C . 17.77 -22.47 -14.22
O5B FAD C . 16.33 -22.67 -12.59
O5B FAD C . 16.25 -22.71 -12.60
C5B FAD C . 15.25 -22.26 -11.75
C5B FAD C . 15.28 -22.19 -11.71
C4B FAD C . 15.17 -23.09 -10.47
C4B FAD C . 15.18 -23.06 -10.45
O4B FAD C . 15.98 -22.56 -9.46
O4B FAD C . 16.03 -22.61 -9.44
C3B FAD C . 13.81 -23.18 -9.86
C3B FAD C . 13.82 -23.06 -9.86
O3B FAD C . 12.96 -24.08 -10.48
O3B FAD C . 12.93 -23.91 -10.48
C2B FAD C . 14.14 -23.65 -8.50
C2B FAD C . 14.10 -23.55 -8.49
O2B FAD C . 14.35 -25.01 -8.48
O2B FAD C . 14.16 -24.92 -8.44
C1B FAD C . 15.43 -22.97 -8.22
C1B FAD C . 15.43 -22.97 -8.21
N9A FAD C . 15.33 -21.79 -7.42
N9A FAD C . 15.38 -21.77 -7.41
C8A FAD C . 14.62 -20.64 -7.76
C8A FAD C . 14.71 -20.61 -7.75
N7A FAD C . 14.76 -19.74 -6.79
N7A FAD C . 14.86 -19.70 -6.78
C5A FAD C . 15.58 -20.26 -5.79
C5A FAD C . 15.63 -20.25 -5.77
C6A FAD C . 16.06 -19.78 -4.58
C6A FAD C . 16.10 -19.79 -4.55
N6A FAD C . 15.70 -18.44 -4.17
N6A FAD C . 15.78 -18.45 -4.12
N1A FAD C . 16.86 -20.55 -3.82
N1A FAD C . 16.85 -20.59 -3.76
C2A FAD C . 17.20 -21.81 -4.20
C2A FAD C . 17.16 -21.86 -4.15
N3A FAD C . 16.75 -22.31 -5.38
N3A FAD C . 16.72 -22.35 -5.34
C4A FAD C . 15.95 -21.57 -6.17
C4A FAD C . 15.97 -21.57 -6.15
N1 FAD C . 10.89 -30.56 -10.52
N1 FAD C . 10.23 -30.64 -10.69
C2 FAD C . 10.40 -31.36 -9.45
C2 FAD C . 10.09 -31.49 -9.54
O2 FAD C . 10.45 -30.81 -8.24
O2 FAD C . 10.02 -30.91 -8.33
N3 FAD C . 9.89 -32.63 -9.68
N3 FAD C . 9.95 -32.86 -9.70
C4 FAD C . 9.85 -33.15 -10.96
C4 FAD C . 10.03 -33.43 -10.96
O4 FAD C . 9.34 -34.40 -11.17
O4 FAD C . 9.88 -34.78 -11.08
C4X FAD C . 10.41 -32.36 -12.10
C4X FAD C . 10.37 -32.58 -12.14
N5 FAD C . 10.46 -32.85 -13.40
N5 FAD C . 10.64 -33.12 -13.41
C5X FAD C . 11.01 -32.06 -14.41
C5X FAD C . 10.98 -32.27 -14.48
C6 FAD C . 11.06 -32.53 -15.74
C6 FAD C . 11.23 -32.81 -15.75
C7 FAD C . 11.61 -31.73 -16.73
C7 FAD C . 11.57 -31.97 -16.81
C7M FAD C . 11.69 -32.22 -18.14
C7M FAD C . 11.86 -32.57 -18.16
C8 FAD C . 12.11 -30.46 -16.45
C8 FAD C . 11.66 -30.60 -16.63
C8M FAD C . 12.70 -29.62 -17.55
C8M FAD C . 12.03 -29.70 -17.77
C9 FAD C . 12.07 -29.97 -15.15
C9 FAD C . 11.41 -30.06 -15.38
C9A FAD C . 11.52 -30.77 -14.15
C9A FAD C . 11.07 -30.89 -14.30
N10 FAD C . 11.46 -30.27 -12.81
N10 FAD C . 10.81 -30.33 -13.02
C10 FAD C . 10.92 -31.05 -11.80
C10 FAD C . 10.47 -31.16 -11.94
C1' FAD C . 12.02 -28.93 -12.49
C1' FAD C . 10.90 -28.87 -12.82
C2' FAD C . 11.01 -27.80 -12.43
C2' FAD C . 12.34 -28.40 -12.65
O2' FAD C . 9.80 -28.17 -12.95
O2' FAD C . 12.82 -28.66 -11.40
C3' FAD C . 11.58 -26.63 -13.24
C3' FAD C . 12.37 -26.91 -12.97
O3' FAD C . 11.43 -26.90 -14.57
O3' FAD C . 12.22 -26.74 -14.32
C4' FAD C . 13.06 -26.39 -12.99
C4' FAD C . 13.66 -26.26 -12.54
O4' FAD C . 13.30 -26.33 -11.63
O4' FAD C . 13.55 -25.89 -11.21
C5' FAD C . 13.58 -25.14 -13.71
C5' FAD C . 14.05 -25.09 -13.43
O5' FAD C . 14.99 -25.23 -13.68
O5' FAD C . 15.43 -25.25 -13.67
P FAD C . 15.98 -24.72 -14.83
P FAD C . 16.16 -24.61 -14.95
O1P FAD C . 17.44 -25.30 -14.87
O1P FAD C . 17.65 -25.02 -15.27
O2P FAD C . 15.07 -24.97 -16.09
O2P FAD C . 15.04 -24.94 -16.01
O3P FAD C . 15.74 -23.11 -14.80
O3P FAD C . 15.74 -23.05 -14.81
C1 PGE D . -10.06 -1.13 9.63
O1 PGE D . -10.29 -0.78 8.30
C2 PGE D . -11.34 -1.07 10.41
O2 PGE D . -11.77 0.27 10.47
C3 PGE D . -12.96 0.46 11.20
C4 PGE D . -13.37 1.91 11.18
O4 PGE D . -12.41 4.45 7.89
C6 PGE D . -12.46 4.41 9.29
C5 PGE D . -13.73 3.68 9.69
O3 PGE D . -13.37 2.34 9.85
C QNC E . -18.75 -30.41 39.97
O QNC E . -18.51 -30.20 41.17
N1 QNC E . -19.79 -29.52 37.98
C2 QNC E . -19.62 -29.37 39.26
C3 QNC E . -20.23 -28.32 39.99
C4 QNC E . -21.02 -27.42 39.34
C5 QNC E . -22.00 -26.67 37.19
C6 QNC E . -22.14 -26.86 35.85
C7 QNC E . -21.50 -27.94 35.20
C8 QNC E . -20.72 -28.83 35.91
C4A QNC E . -21.20 -27.56 37.95
C8A QNC E . -20.56 -28.64 37.30
O2 QNC E . -18.39 -31.35 39.25
C QNC F . -14.24 -26.21 35.76
O QNC F . -14.75 -27.17 35.14
N1 QNC F . -16.42 -25.37 36.51
C2 QNC F . -15.15 -25.15 36.41
C3 QNC F . -14.57 -23.94 36.86
C4 QNC F . -15.33 -22.97 37.43
C5 QNC F . -17.56 -22.24 38.17
C6 QNC F . -18.89 -22.54 38.27
C7 QNC F . -19.40 -23.76 37.79
C8 QNC F . -18.58 -24.69 37.21
C4A QNC F . -16.70 -23.19 37.57
C8A QNC F . -17.21 -24.42 37.09
O2 QNC F . -13.03 -26.01 35.95
C1 PGE G . 15.60 -11.80 18.93
O1 PGE G . 16.98 -11.60 19.05
C2 PGE G . 15.12 -12.63 20.10
O2 PGE G . 14.79 -11.76 21.16
C3 PGE G . 14.04 -12.33 22.21
C4 PGE G . 13.71 -11.35 23.31
O4 PGE G . 14.72 -7.56 25.15
C6 PGE G . 15.34 -8.64 24.49
C5 PGE G . 14.67 -9.92 24.92
O3 PGE G . 14.90 -10.87 23.91
C1 PEG H . 17.64 -17.53 26.35
O1 PEG H . 18.79 -17.02 25.73
C2 PEG H . 16.91 -16.40 27.03
O2 PEG H . 15.77 -16.88 27.69
C3 PEG H . 15.74 -16.56 29.05
C4 PEG H . 15.87 -15.07 29.25
O4 PEG H . 15.56 -14.75 30.59
C1 PGE I . 12.79 -35.28 20.01
O1 PGE I . 13.24 -36.37 20.82
C2 PGE I . 13.93 -34.54 19.35
O2 PGE I . 14.72 -35.43 18.59
C3 PGE I . 15.03 -35.05 17.27
C4 PGE I . 16.30 -35.61 16.65
O4 PGE I . 17.25 -32.84 13.92
C6 PGE I . 16.78 -34.06 13.38
C5 PGE I . 16.97 -35.19 14.38
O3 PGE I . 16.77 -34.70 15.68
C FMT J . -0.51 1.95 14.10
O1 FMT J . 0.21 2.64 13.35
O2 FMT J . -1.74 2.03 14.30
C1 PEG K . 4.06 -26.87 13.66
O1 PEG K . 3.96 -27.74 14.78
C2 PEG K . 2.76 -26.15 13.42
O2 PEG K . 2.25 -25.72 14.66
C3 PEG K . 2.29 -24.32 14.83
C4 PEG K . 2.20 -23.97 16.30
O4 PEG K . 1.31 -22.89 16.46
C1 PGE L . -17.63 -6.71 10.32
O1 PGE L . -16.94 -5.66 10.95
C2 PGE L . -16.97 -7.05 9.02
O2 PGE L . -15.93 -8.01 9.19
C3 PGE L . -14.63 -7.45 9.23
C4 PGE L . -13.60 -8.18 8.40
O4 PGE L . -10.88 -5.15 7.62
C6 PGE L . -11.02 -6.29 8.47
C5 PGE L . -11.51 -7.45 7.62
O3 PGE L . -12.92 -7.31 7.53
C FMT M . 13.73 -29.95 11.93
O1 FMT M . 13.80 -29.20 12.92
O2 FMT M . 14.33 -31.02 11.75
C1 PEG N . -22.10 -1.48 14.12
O1 PEG N . -22.33 -2.77 14.63
C2 PEG N . -22.28 -0.45 15.21
O2 PEG N . -22.52 0.83 14.65
C3 PEG N . -23.64 0.84 13.80
C4 PEG N . -24.27 2.21 13.73
O4 PEG N . -25.63 2.11 13.37
C1 PEG O . -32.53 -8.30 32.81
O1 PEG O . -31.54 -9.07 33.44
C2 PEG O . -32.87 -7.08 33.63
O2 PEG O . -33.82 -6.30 32.94
C3 PEG O . -34.23 -5.17 33.67
C4 PEG O . -35.17 -4.33 32.83
O4 PEG O . -34.53 -4.02 31.60
C1 PEG P . -1.32 -25.90 5.53
O1 PEG P . -2.26 -26.61 4.77
C2 PEG P . -1.75 -25.89 6.97
O2 PEG P . -1.23 -24.78 7.64
C3 PEG P . -2.11 -24.24 8.59
C4 PEG P . -2.38 -25.23 9.69
O4 PEG P . -3.22 -24.66 10.67
S SO4 Q . -7.68 -1.17 -17.76
O1 SO4 Q . -8.16 0.16 -18.23
O2 SO4 Q . -8.10 -2.24 -18.72
O3 SO4 Q . -6.20 -1.17 -17.65
O4 SO4 Q . -8.29 -1.47 -16.44
S SO4 R . -32.04 21.31 26.34
O1 SO4 R . -32.55 21.50 24.95
O2 SO4 R . -31.26 20.03 26.43
O3 SO4 R . -31.16 22.46 26.70
O4 SO4 R . -33.19 21.22 27.28
S SO4 S . -7.47 -23.29 17.40
O1 SO4 S . -7.40 -21.95 16.72
O2 SO4 S . -7.41 -24.40 16.41
O3 SO4 S . -6.29 -23.43 18.31
O4 SO4 S . -8.75 -23.38 18.18
S SO4 T . 26.37 -9.20 -24.25
O1 SO4 T . 24.89 -9.31 -24.10
O2 SO4 T . 26.79 -9.77 -25.57
O3 SO4 T . 26.75 -7.75 -24.19
O4 SO4 T . 27.04 -9.93 -23.12
S SO4 U . -25.50 -21.43 -8.70
O1 SO4 U . -25.14 -20.66 -9.93
O2 SO4 U . -26.63 -22.37 -9.01
O3 SO4 U . -24.33 -22.25 -8.25
O4 SO4 U . -25.92 -20.45 -7.66
MG MG V . -18.83 -31.47 37.23
PA FAD W . 27.81 11.98 -1.35
PA FAD W . 27.73 11.87 -1.37
O1A FAD W . 26.98 10.86 -0.65
O1A FAD W . 27.08 10.60 -0.76
O2A FAD W . 28.96 11.54 -2.11
O2A FAD W . 29.00 11.71 -2.06
O5B FAD W . 27.11 12.72 -2.44
O5B FAD W . 27.02 12.60 -2.43
C5B FAD W . 25.70 12.91 -2.32
C5B FAD W . 25.63 12.87 -2.28
C4B FAD W . 25.20 13.87 -3.40
C4B FAD W . 25.19 13.84 -3.36
O4B FAD W . 25.03 13.23 -4.63
O4B FAD W . 25.01 13.19 -4.58
C3B FAD W . 23.87 14.49 -3.10
C3B FAD W . 23.90 14.51 -3.06
O3B FAD W . 23.90 15.50 -2.16
O3B FAD W . 24.03 15.61 -2.26
C2B FAD W . 23.50 15.02 -4.44
C2B FAD W . 23.41 14.90 -4.40
O2B FAD W . 24.18 16.19 -4.74
O2B FAD W . 23.86 16.16 -4.76
C1B FAD W . 24.02 13.93 -5.32
C1B FAD W . 24.01 13.87 -5.28
N9A FAD W . 23.04 12.96 -5.74
N9A FAD W . 23.05 12.90 -5.74
C8A FAD W . 22.27 12.13 -4.94
C8A FAD W . 22.34 12.02 -4.94
N7A FAD W . 21.47 11.37 -5.72
N7A FAD W . 21.55 11.26 -5.70
C5A FAD W . 21.70 11.68 -7.05
C5A FAD W . 21.72 11.62 -7.04
C6A FAD W . 21.19 11.23 -8.25
C6A FAD W . 21.18 11.18 -8.24
N6A FAD W . 20.21 10.19 -8.27
N6A FAD W . 20.21 10.12 -8.24
N1A FAD W . 21.63 11.75 -9.41
N1A FAD W . 21.56 11.76 -9.39
C2A FAD W . 22.58 12.73 -9.43
C2A FAD W . 22.48 12.75 -9.43
N3A FAD W . 23.10 13.19 -8.27
N3A FAD W . 23.03 13.20 -8.26
C4A FAD W . 22.69 12.69 -7.09
C4A FAD W . 22.68 12.67 -7.08
N1 FAD W . 25.22 22.26 -1.73
N1 FAD W . 24.78 22.58 -1.08
C2 FAD W . 24.58 23.32 -2.43
C2 FAD W . 24.37 23.53 -2.09
O2 FAD W . 23.66 22.97 -3.35
O2 FAD W . 23.36 23.20 -2.91
N3 FAD W . 24.88 24.65 -2.18
N3 FAD W . 24.93 24.78 -2.13
C4 FAD W . 25.83 24.98 -1.21
C4 FAD W . 25.97 25.12 -1.27
O4 FAD W . 26.14 26.28 -0.98
O4 FAD W . 26.51 26.37 -1.35
C4X FAD W . 26.55 23.90 -0.49
C4X FAD W . 26.57 24.08 -0.37
N5 FAD W . 27.56 24.15 0.46
N5 FAD W . 27.73 24.29 0.36
C5X FAD W . 28.22 23.08 1.07
C5X FAD W . 28.25 23.27 1.17
C6 FAD W . 29.23 23.31 2.02
C6 FAD W . 29.41 23.49 1.92
C7 FAD W . 29.88 22.24 2.63
C7 FAD W . 29.94 22.47 2.71
C7M FAD W . 30.98 22.48 3.62
C7M FAD W . 31.20 22.75 3.49
C8 FAD W . 29.54 20.94 2.32
C8 FAD W . 29.32 21.24 2.78
C8M FAD W . 30.25 19.79 2.98
C8M FAD W . 29.86 20.14 3.64
C9 FAD W . 28.54 20.69 1.38
C9 FAD W . 28.16 21.01 2.04
C9A FAD W . 27.88 21.75 0.76
C9A FAD W . 27.63 22.02 1.24
N10 FAD W . 26.85 21.47 -0.18
N10 FAD W . 26.44 21.78 0.49
C10 FAD W . 26.21 22.54 -0.82
C10 FAD W . 25.92 22.80 -0.33
C1' FAD W . 26.53 20.08 -0.55
C1' FAD W . 25.77 20.47 0.55
C2' FAD W . 25.28 19.45 0.04
C2' FAD W . 26.35 19.55 -0.50
O2' FAD W . 24.92 20.12 1.18
O2' FAD W . 25.81 19.86 -1.72
C3' FAD W . 25.64 18.02 0.41
C3' FAD W . 26.08 18.10 -0.15
O3' FAD W . 26.35 18.05 1.60
O3' FAD W . 26.57 17.82 1.11
C4' FAD W . 26.55 17.32 -0.58
C4' FAD W . 26.73 17.18 -1.15
O4' FAD W . 26.03 17.35 -1.85
O4' FAD W . 25.92 17.08 -2.26
C5' FAD W . 26.82 15.88 -0.12
C5' FAD W . 27.07 15.81 -0.58
O5' FAD W . 27.81 15.40 -1.01
O5' FAD W . 28.16 15.32 -1.31
P FAD W . 29.05 14.47 -0.62
P FAD W . 29.12 14.17 -0.76
O1P FAD W . 30.30 14.65 -1.54
O1P FAD W . 30.47 13.85 -1.51
O2P FAD W . 29.21 14.83 0.90
O2P FAD W . 29.18 14.70 0.73
O3P FAD W . 28.41 12.99 -0.42
O3P FAD W . 28.08 12.97 -0.44
C1 PGE X . -16.55 1.66 2.06
O1 PGE X . -15.54 0.85 1.53
C2 PGE X . -17.34 2.30 0.94
O2 PGE X . -16.54 3.23 0.26
C3 PGE X . -17.17 3.99 -0.74
C4 PGE X . -16.45 5.26 -1.10
O4 PGE X . -12.29 5.34 -0.68
C6 PGE X . -12.90 5.64 -1.91
C5 PGE X . -14.32 6.11 -1.67
O3 PGE X . -15.15 4.98 -1.55
C1 PGE Y . -0.62 6.33 -30.46
O1 PGE Y . -1.26 5.06 -30.43
C2 PGE Y . -0.08 6.58 -29.09
O2 PGE Y . 0.41 7.90 -28.94
C3 PGE Y . 0.57 8.34 -27.62
C4 PGE Y . 1.91 8.99 -27.31
O4 PGE Y . 5.11 6.16 -26.56
C6 PGE Y . 5.11 7.57 -26.46
C5 PGE Y . 3.70 8.04 -26.10
O3 PGE Y . 2.93 8.03 -27.28
C QNC Z . 48.63 28.63 -6.12
O QNC Z . 48.83 27.58 -5.50
N1 QNC Z . 48.54 29.78 -3.96
C2 QNC Z . 48.43 29.89 -5.27
C3 QNC Z . 48.13 31.14 -5.88
C4 QNC Z . 47.95 32.25 -5.10
C5 QNC Z . 47.91 33.21 -2.80
C6 QNC Z . 48.05 33.04 -1.44
C7 QNC Z . 48.36 31.76 -0.92
C8 QNC Z . 48.51 30.69 -1.77
C4A QNC Z . 48.07 32.13 -3.69
C8A QNC Z . 48.38 30.85 -3.17
O2 QNC Z . 48.61 28.74 -7.35
C QNC AA . -21.37 34.00 -23.35
O QNC AA . -20.83 35.10 -23.13
N1 QNC AA . -23.55 32.87 -23.38
C2 QNC AA . -22.82 33.85 -22.89
C3 QNC AA . -23.34 34.80 -21.96
C4 QNC AA . -24.63 34.70 -21.57
C5 QNC AA . -26.78 33.50 -21.70
C6 QNC AA . -27.51 32.45 -22.23
C7 QNC AA . -26.91 31.55 -23.14
C8 QNC AA . -25.60 31.69 -23.51
C4A QNC AA . -25.44 33.67 -22.07
C8A QNC AA . -24.83 32.75 -22.99
O2 QNC AA . -20.86 33.04 -23.93
C1 PEG BA . 1.06 25.98 -10.53
O1 PEG BA . 0.35 27.20 -10.62
C2 PEG BA . 0.53 25.13 -9.40
O2 PEG BA . 1.27 23.94 -9.28
C3 PEG BA . 2.18 23.89 -8.19
C4 PEG BA . 3.59 24.24 -8.63
O4 PEG BA . 4.21 25.07 -7.68
C1 PEG CA . 0.31 23.36 -17.30
O1 PEG CA . -1.03 23.60 -16.89
C2 PEG CA . 1.24 23.51 -16.13
O2 PEG CA . 2.43 24.14 -16.57
C3 PEG CA . 3.28 24.55 -15.53
C4 PEG CA . 4.61 24.93 -16.11
O4 PEG CA . 4.41 25.74 -17.25
O1 PG4 DA . -24.87 46.78 -5.31
C1 PG4 DA . -25.77 45.74 -4.99
C2 PG4 DA . -25.04 44.41 -4.83
O2 PG4 DA . -25.07 43.67 -6.03
C3 PG4 DA . -24.24 42.53 -6.03
C4 PG4 DA . -23.03 42.66 -6.93
O3 PG4 DA . -23.36 42.70 -8.32
C5 PG4 DA . -22.35 43.23 -9.16
C6 PG4 DA . -22.92 44.17 -10.19
O4 PG4 DA . -22.31 45.44 -10.12
C7 PG4 DA . -23.17 46.52 -10.40
C8 PG4 DA . -22.68 47.86 -9.88
O5 PG4 DA . -23.37 48.29 -8.72
C1 PEG EA . -43.05 19.12 -6.74
O1 PEG EA . -42.42 19.95 -5.76
C2 PEG EA . -43.20 19.87 -8.06
O2 PEG EA . -41.94 19.99 -8.67
C3 PEG EA . -41.66 21.27 -9.21
C4 PEG EA . -40.30 21.82 -8.79
O4 PEG EA . -39.91 22.95 -9.58
C1 PEG FA . 15.89 25.72 -25.70
O1 PEG FA . 16.35 24.86 -24.68
C2 PEG FA . 16.65 27.02 -25.62
O2 PEG FA . 15.79 28.10 -25.89
C3 PEG FA . 16.17 28.85 -27.02
C4 PEG FA . 15.01 29.05 -27.96
O4 PEG FA . 13.79 29.12 -27.25
C1 PEG GA . -26.88 8.01 3.38
O1 PEG GA . -27.56 9.03 4.10
C2 PEG GA . -25.61 8.53 2.76
O2 PEG GA . -25.86 9.09 1.48
C3 PEG GA . -24.69 9.45 0.78
C4 PEG GA . -24.14 10.75 1.32
O4 PEG GA . -22.94 11.08 0.66
C FMT HA . 34.97 22.89 -21.12
O1 FMT HA . 35.88 23.72 -21.17
O2 FMT HA . 34.41 22.43 -20.11
C FMT IA . 13.74 23.88 -21.23
O1 FMT IA . 14.58 24.62 -21.76
O2 FMT IA . 13.10 22.97 -21.78
C FMT JA . -43.67 18.04 -11.74
O1 FMT JA . -44.02 17.91 -12.94
O2 FMT JA . -44.16 17.50 -10.73
S SO4 KA . 5.13 24.84 -37.81
O1 SO4 KA . 4.13 24.52 -38.87
O2 SO4 KA . 5.78 23.56 -37.36
O3 SO4 KA . 6.19 25.76 -38.35
O4 SO4 KA . 4.43 25.47 -36.64
S SO4 LA . 5.16 1.58 18.55
O1 SO4 LA . 4.04 2.21 17.83
O2 SO4 LA . 6.12 1.07 17.54
O3 SO4 LA . 5.86 2.59 19.40
O4 SO4 LA . 4.65 0.50 19.42
S SO4 MA . -7.13 26.26 -12.31
O1 SO4 MA . -8.49 26.85 -12.44
O2 SO4 MA . -6.50 26.10 -13.66
O3 SO4 MA . -6.27 27.15 -11.49
O4 SO4 MA . -7.24 24.91 -11.66
S SO4 NA . 35.81 -5.13 2.58
O1 SO4 NA . 35.78 -4.62 1.18
O2 SO4 NA . 35.80 -6.64 2.54
O3 SO4 NA . 37.04 -4.66 3.28
O4 SO4 NA . 34.61 -4.64 3.36
S SO4 OA . -6.08 27.65 19.22
O1 SO4 OA . -5.19 28.00 18.07
O2 SO4 OA . -7.22 26.80 18.77
O3 SO4 OA . -5.29 26.88 20.25
O4 SO4 OA . -6.61 28.91 19.84
S SO4 PA . 10.41 41.51 12.60
O1 SO4 PA . 9.55 41.44 11.38
O2 SO4 PA . 11.85 41.36 12.21
O3 SO4 PA . 10.17 42.83 13.27
O4 SO4 PA . 10.05 40.42 13.56
#